data_2VUS
#
_entry.id   2VUS
#
_cell.length_a   228.788
_cell.length_b   228.788
_cell.length_c   222.296
_cell.angle_alpha   90.00
_cell.angle_beta   90.00
_cell.angle_gamma   120.00
#
_symmetry.space_group_name_H-M   'H 3'
#
loop_
_entity.id
_entity.type
_entity.pdbx_description
1 polymer 'NITROGEN METABOLITE REPRESSION REGULATOR NMRA'
2 polymer 'NITROGEN REGULATORY PROTEIN AREA'
3 non-polymer 'SULFATE ION'
4 non-polymer 'CHLORIDE ION'
5 non-polymer 'ZINC ION'
6 water water
#
loop_
_entity_poly.entity_id
_entity_poly.type
_entity_poly.pdbx_seq_one_letter_code
_entity_poly.pdbx_strand_id
1 'polypeptide(L)'
;MAQQKKTIAVVNATGRQAASLIRVAAAVGHHVRAQVHSLKGLIAEELQAIPNVTLFQGPLLNNVPLMDTLFEGAHLAFIN
TTSQAGDEIAIGKDLADAAKRAGTIQHYIYSSMPDHSLYGPWPAVPMWAPKFTVENYVRQLGLPSTFVYAGIYNNNFTSL
PYPLFQMELMPDGTFEWHAPFDPDIPLPWLDAEHDVGPALLQIFKDGPQKWNGHRIALTFETLSPVQVCAAFSRALNRRV
TYVQVPKVEIKVNIPVGYREQLEAIEVVFGEHKAPYFPLPEFSRPAAGSPKGLGPANGKGAGAGMMQGPGGVISQRVTDE
ARKLWSGWRDMEEYAREVFPIEEEANGLDWML
;
A,B,C,D,E,F,G,H
2 'polypeptide(L)' PTTCTNCFTQTTPLWRRNPEGQPLCNACGLFLKLHGVVRPLSL I,J,K,L,M,N,O,P
#
# COMPACT_ATOMS: atom_id res chain seq x y z
N GLN A 3 -5.46 -3.78 26.93
CA GLN A 3 -4.76 -3.79 28.26
C GLN A 3 -3.45 -4.57 28.19
N GLN A 4 -3.53 -5.88 28.38
CA GLN A 4 -2.36 -6.74 28.35
C GLN A 4 -1.79 -6.86 26.93
N LYS A 5 -0.46 -6.88 26.82
CA LYS A 5 0.21 -7.00 25.54
C LYS A 5 -0.04 -8.41 25.01
N LYS A 6 -0.39 -8.51 23.73
CA LYS A 6 -0.68 -9.80 23.14
C LYS A 6 0.44 -10.28 22.22
N THR A 7 0.30 -11.51 21.71
CA THR A 7 1.26 -12.08 20.79
C THR A 7 0.72 -11.81 19.40
N ILE A 8 1.56 -11.19 18.57
CA ILE A 8 1.19 -10.81 17.22
C ILE A 8 1.93 -11.61 16.16
N ALA A 9 1.18 -12.09 15.18
CA ALA A 9 1.76 -12.88 14.09
C ALA A 9 1.86 -11.98 12.86
N VAL A 10 2.99 -12.02 12.20
CA VAL A 10 3.25 -11.19 11.04
C VAL A 10 4.04 -12.01 10.01
N VAL A 11 3.91 -11.66 8.73
CA VAL A 11 4.67 -12.32 7.67
C VAL A 11 5.45 -11.24 6.92
N ASN A 12 6.43 -11.64 6.14
CA ASN A 12 7.22 -10.67 5.38
C ASN A 12 7.78 -9.61 6.34
N ALA A 13 8.37 -10.09 7.43
CA ALA A 13 8.92 -9.22 8.48
C ALA A 13 9.84 -8.09 8.01
N THR A 14 10.62 -8.34 6.95
CA THR A 14 11.54 -7.31 6.45
C THR A 14 10.83 -6.22 5.64
N GLY A 15 9.61 -6.52 5.22
CA GLY A 15 8.84 -5.54 4.46
C GLY A 15 8.59 -4.32 5.31
N ARG A 16 8.46 -3.17 4.67
CA ARG A 16 8.25 -1.91 5.36
C ARG A 16 7.07 -1.82 6.32
N GLN A 17 5.92 -2.38 5.97
CA GLN A 17 4.77 -2.31 6.87
C GLN A 17 5.02 -3.13 8.15
N ALA A 18 5.47 -4.38 7.97
CA ALA A 18 5.75 -5.28 9.08
C ALA A 18 6.87 -4.82 10.01
N ALA A 19 8.00 -4.46 9.42
CA ALA A 19 9.15 -4.01 10.18
C ALA A 19 8.74 -2.89 11.11
N SER A 20 7.92 -1.98 10.58
CA SER A 20 7.45 -0.84 11.34
C SER A 20 6.68 -1.32 12.57
N LEU A 21 5.75 -2.24 12.33
CA LEU A 21 4.96 -2.79 13.42
C LEU A 21 5.81 -3.57 14.41
N ILE A 22 6.72 -4.39 13.90
CA ILE A 22 7.55 -5.20 14.78
C ILE A 22 8.41 -4.40 15.72
N ARG A 23 9.08 -3.37 15.23
CA ARG A 23 9.93 -2.56 16.09
C ARG A 23 9.08 -1.96 17.21
N VAL A 24 8.00 -1.30 16.81
CA VAL A 24 7.09 -0.66 17.74
C VAL A 24 6.47 -1.65 18.72
N ALA A 25 5.84 -2.71 18.22
CA ALA A 25 5.19 -3.71 19.07
C ALA A 25 6.15 -4.38 20.05
N ALA A 26 7.29 -4.85 19.55
CA ALA A 26 8.26 -5.50 20.43
C ALA A 26 8.62 -4.54 21.55
N ALA A 27 8.91 -3.30 21.17
CA ALA A 27 9.29 -2.23 22.11
C ALA A 27 8.29 -2.03 23.24
N VAL A 28 7.00 -1.91 22.92
CA VAL A 28 6.01 -1.69 23.98
C VAL A 28 5.71 -2.95 24.81
N GLY A 29 6.21 -4.11 24.38
CA GLY A 29 5.98 -5.31 25.18
C GLY A 29 5.31 -6.52 24.56
N HIS A 30 4.80 -6.39 23.34
CA HIS A 30 4.13 -7.49 22.67
C HIS A 30 5.15 -8.51 22.19
N HIS A 31 4.74 -9.77 22.10
CA HIS A 31 5.60 -10.82 21.59
C HIS A 31 5.28 -10.96 20.11
N VAL A 32 6.31 -11.05 19.29
CA VAL A 32 6.11 -11.13 17.85
C VAL A 32 6.57 -12.45 17.27
N ARG A 33 5.72 -13.02 16.43
CA ARG A 33 6.01 -14.27 15.72
C ARG A 33 5.97 -13.83 14.27
N ALA A 34 7.12 -13.83 13.62
CA ALA A 34 7.16 -13.40 12.24
C ALA A 34 7.81 -14.38 11.28
N GLN A 35 7.42 -14.29 10.02
CA GLN A 35 7.97 -15.12 8.95
C GLN A 35 8.86 -14.29 8.05
N VAL A 36 10.06 -14.79 7.78
CA VAL A 36 10.97 -14.10 6.88
C VAL A 36 11.40 -15.10 5.81
N HIS A 37 11.79 -14.57 4.66
CA HIS A 37 12.21 -15.43 3.56
C HIS A 37 13.64 -15.85 3.77
N SER A 38 14.41 -14.95 4.37
CA SER A 38 15.83 -15.18 4.62
C SER A 38 16.32 -14.47 5.86
N LEU A 39 17.19 -15.13 6.61
CA LEU A 39 17.76 -14.55 7.82
C LEU A 39 18.92 -13.63 7.46
N LYS A 40 19.30 -13.64 6.19
CA LYS A 40 20.40 -12.80 5.72
C LYS A 40 19.88 -11.42 5.34
N GLY A 41 20.56 -10.38 5.81
CA GLY A 41 20.15 -9.04 5.48
C GLY A 41 20.15 -8.16 6.72
N LEU A 42 20.34 -6.86 6.52
CA LEU A 42 20.37 -5.93 7.64
C LEU A 42 19.11 -6.02 8.48
N ILE A 43 17.98 -5.67 7.88
CA ILE A 43 16.71 -5.70 8.59
C ILE A 43 16.52 -7.03 9.31
N ALA A 44 16.67 -8.12 8.57
CA ALA A 44 16.52 -9.46 9.12
C ALA A 44 17.34 -9.59 10.41
N GLU A 45 18.65 -9.36 10.31
CA GLU A 45 19.52 -9.46 11.47
C GLU A 45 19.02 -8.56 12.59
N GLU A 46 18.53 -7.38 12.22
CA GLU A 46 18.00 -6.41 13.19
C GLU A 46 16.80 -7.02 13.90
N LEU A 47 15.81 -7.45 13.10
CA LEU A 47 14.60 -8.06 13.64
C LEU A 47 14.98 -9.21 14.54
N GLN A 48 16.18 -9.74 14.32
CA GLN A 48 16.66 -10.85 15.11
C GLN A 48 17.23 -10.33 16.43
N ALA A 49 17.75 -9.11 16.40
CA ALA A 49 18.34 -8.49 17.56
C ALA A 49 17.33 -7.99 18.58
N ILE A 50 16.07 -7.87 18.17
CA ILE A 50 15.04 -7.41 19.09
C ILE A 50 14.58 -8.60 19.93
N PRO A 51 14.64 -8.47 21.28
CA PRO A 51 14.28 -9.48 22.29
C PRO A 51 13.05 -10.36 22.14
N ASN A 52 11.86 -9.83 22.32
CA ASN A 52 10.67 -10.68 22.22
C ASN A 52 10.17 -10.99 20.81
N VAL A 53 11.11 -11.12 19.87
CA VAL A 53 10.77 -11.40 18.47
C VAL A 53 11.23 -12.80 18.03
N THR A 54 10.29 -13.63 17.59
CA THR A 54 10.65 -14.95 17.13
C THR A 54 10.46 -15.05 15.62
N LEU A 55 11.51 -15.47 14.92
CA LEU A 55 11.44 -15.60 13.48
C LEU A 55 11.38 -17.03 12.97
N PHE A 56 10.70 -17.19 11.85
CA PHE A 56 10.58 -18.48 11.21
C PHE A 56 10.99 -18.31 9.76
N GLN A 57 12.15 -18.86 9.43
CA GLN A 57 12.64 -18.72 8.07
C GLN A 57 12.08 -19.80 7.16
N GLY A 58 11.41 -19.34 6.11
CA GLY A 58 10.82 -20.26 5.16
C GLY A 58 9.89 -19.52 4.21
N PRO A 59 9.49 -20.17 3.10
CA PRO A 59 8.59 -19.53 2.14
C PRO A 59 7.14 -19.63 2.62
N LEU A 60 6.27 -18.81 2.03
CA LEU A 60 4.85 -18.79 2.39
C LEU A 60 4.01 -19.65 1.44
N LEU A 61 4.38 -19.72 0.17
CA LEU A 61 3.63 -20.51 -0.81
C LEU A 61 3.62 -22.02 -0.57
N ASN A 62 2.43 -22.59 -0.47
CA ASN A 62 2.27 -24.02 -0.23
C ASN A 62 2.94 -24.54 1.04
N ASN A 63 3.18 -23.64 1.98
CA ASN A 63 3.82 -24.03 3.22
C ASN A 63 2.90 -23.82 4.40
N VAL A 64 1.82 -24.57 4.43
CA VAL A 64 0.88 -24.44 5.53
C VAL A 64 1.53 -24.73 6.90
N PRO A 65 2.59 -25.58 6.95
CA PRO A 65 3.20 -25.85 8.26
C PRO A 65 3.79 -24.59 8.91
N LEU A 66 4.44 -23.75 8.11
CA LEU A 66 5.02 -22.51 8.64
C LEU A 66 3.91 -21.69 9.26
N MET A 67 2.81 -21.64 8.53
CA MET A 67 1.65 -20.87 8.96
C MET A 67 1.06 -21.35 10.28
N ASP A 68 0.93 -22.67 10.43
CA ASP A 68 0.39 -23.23 11.66
C ASP A 68 1.25 -22.80 12.84
N THR A 69 2.55 -22.99 12.70
CA THR A 69 3.49 -22.63 13.74
C THR A 69 3.39 -21.14 14.04
N LEU A 70 3.32 -20.34 13.00
CA LEU A 70 3.26 -18.89 13.13
C LEU A 70 2.13 -18.41 14.03
N PHE A 71 0.93 -18.98 13.87
CA PHE A 71 -0.22 -18.56 14.66
C PHE A 71 -0.40 -19.24 16.02
N GLU A 72 0.54 -20.10 16.41
CA GLU A 72 0.45 -20.78 17.69
C GLU A 72 0.56 -19.79 18.84
N GLY A 73 -0.51 -19.66 19.62
CA GLY A 73 -0.52 -18.75 20.74
C GLY A 73 -0.69 -17.31 20.36
N ALA A 74 -1.01 -17.06 19.09
CA ALA A 74 -1.19 -15.70 18.59
C ALA A 74 -2.60 -15.19 18.85
N HIS A 75 -2.69 -13.96 19.33
CA HIS A 75 -3.98 -13.33 19.62
C HIS A 75 -4.27 -12.30 18.53
N LEU A 76 -3.21 -11.75 17.96
CA LEU A 76 -3.32 -10.73 16.92
C LEU A 76 -2.47 -11.08 15.70
N ALA A 77 -2.82 -10.47 14.57
CA ALA A 77 -2.05 -10.71 13.36
C ALA A 77 -2.18 -9.60 12.33
N PHE A 78 -1.05 -9.19 11.79
CA PHE A 78 -1.02 -8.17 10.74
C PHE A 78 -0.42 -8.90 9.56
N ILE A 79 -1.20 -9.00 8.49
CA ILE A 79 -0.80 -9.71 7.28
C ILE A 79 -0.69 -8.82 6.04
N ASN A 80 0.51 -8.81 5.47
CA ASN A 80 0.79 -8.03 4.27
C ASN A 80 1.71 -8.89 3.41
N THR A 81 1.14 -9.55 2.42
CA THR A 81 1.91 -10.40 1.52
C THR A 81 2.43 -9.65 0.31
N THR A 82 3.39 -10.27 -0.37
CA THR A 82 3.97 -9.69 -1.57
C THR A 82 3.70 -10.64 -2.73
N SER A 83 3.54 -10.07 -3.91
CA SER A 83 3.27 -10.84 -5.12
C SER A 83 4.48 -11.69 -5.50
N GLN A 84 5.64 -11.34 -4.93
CA GLN A 84 6.89 -12.04 -5.21
C GLN A 84 6.94 -13.44 -4.59
N ALA A 85 6.37 -13.57 -3.41
CA ALA A 85 6.36 -14.84 -2.72
C ALA A 85 5.55 -15.87 -3.51
N GLY A 86 4.96 -15.41 -4.61
CA GLY A 86 4.14 -16.30 -5.43
C GLY A 86 2.73 -15.78 -5.50
N ASP A 87 1.78 -16.65 -5.84
CA ASP A 87 0.39 -16.26 -5.94
C ASP A 87 -0.18 -15.75 -4.60
N GLU A 88 -0.49 -14.46 -4.56
CA GLU A 88 -1.02 -13.82 -3.37
C GLU A 88 -2.35 -14.35 -2.89
N ILE A 89 -3.28 -14.62 -3.81
CA ILE A 89 -4.57 -15.13 -3.39
C ILE A 89 -4.47 -16.47 -2.66
N ALA A 90 -3.72 -17.42 -3.21
CA ALA A 90 -3.57 -18.73 -2.56
C ALA A 90 -2.83 -18.62 -1.23
N ILE A 91 -1.78 -17.81 -1.21
CA ILE A 91 -1.00 -17.60 0.01
C ILE A 91 -1.89 -16.91 1.04
N GLY A 92 -2.55 -15.84 0.59
CA GLY A 92 -3.44 -15.08 1.44
C GLY A 92 -4.62 -15.86 2.00
N LYS A 93 -5.01 -16.94 1.33
CA LYS A 93 -6.11 -17.79 1.78
C LYS A 93 -5.61 -18.85 2.74
N ASP A 94 -4.39 -19.35 2.54
CA ASP A 94 -3.84 -20.33 3.44
C ASP A 94 -3.59 -19.70 4.80
N LEU A 95 -3.09 -18.48 4.80
CA LEU A 95 -2.84 -17.77 6.04
C LEU A 95 -4.14 -17.60 6.83
N ALA A 96 -5.19 -17.20 6.11
CA ALA A 96 -6.49 -17.00 6.75
C ALA A 96 -7.02 -18.30 7.32
N ASP A 97 -6.79 -19.41 6.61
CA ASP A 97 -7.26 -20.70 7.12
C ASP A 97 -6.50 -21.11 8.37
N ALA A 98 -5.19 -20.87 8.36
CA ALA A 98 -4.35 -21.19 9.50
C ALA A 98 -4.80 -20.37 10.71
N ALA A 99 -4.95 -19.06 10.48
CA ALA A 99 -5.37 -18.16 11.54
C ALA A 99 -6.66 -18.67 12.19
N LYS A 100 -7.63 -19.07 11.39
CA LYS A 100 -8.89 -19.56 11.94
C LYS A 100 -8.70 -20.89 12.65
N ARG A 101 -7.86 -21.77 12.08
CA ARG A 101 -7.62 -23.07 12.70
C ARG A 101 -6.92 -22.92 14.04
N ALA A 102 -6.15 -21.85 14.21
CA ALA A 102 -5.46 -21.63 15.47
C ALA A 102 -6.51 -21.30 16.56
N GLY A 103 -7.61 -20.70 16.11
CA GLY A 103 -8.70 -20.34 17.01
C GLY A 103 -8.43 -19.31 18.10
N THR A 104 -7.24 -18.73 18.12
CA THR A 104 -6.93 -17.75 19.16
C THR A 104 -6.85 -16.32 18.68
N ILE A 105 -6.96 -16.12 17.37
CA ILE A 105 -6.89 -14.79 16.80
C ILE A 105 -8.14 -13.97 17.16
N GLN A 106 -7.93 -12.83 17.79
CA GLN A 106 -9.01 -11.92 18.19
C GLN A 106 -9.17 -10.77 17.18
N HIS A 107 -8.08 -10.42 16.52
CA HIS A 107 -8.11 -9.33 15.55
C HIS A 107 -7.13 -9.67 14.45
N TYR A 108 -7.63 -9.82 13.23
CA TYR A 108 -6.80 -10.14 12.09
C TYR A 108 -6.77 -8.99 11.10
N ILE A 109 -5.69 -8.22 11.09
CA ILE A 109 -5.57 -7.10 10.16
C ILE A 109 -4.86 -7.51 8.87
N TYR A 110 -5.52 -7.34 7.73
CA TYR A 110 -4.94 -7.68 6.44
C TYR A 110 -4.71 -6.38 5.67
N SER A 111 -3.57 -6.28 5.00
CA SER A 111 -3.27 -5.08 4.22
C SER A 111 -3.81 -5.34 2.82
N SER A 112 -4.89 -4.67 2.47
CA SER A 112 -5.55 -4.86 1.18
C SER A 112 -5.36 -3.71 0.20
N MET A 113 -5.66 -3.99 -1.07
CA MET A 113 -5.52 -3.01 -2.13
C MET A 113 -6.69 -3.14 -3.10
N PRO A 114 -7.11 -2.02 -3.69
CA PRO A 114 -8.23 -2.04 -4.64
C PRO A 114 -7.99 -2.92 -5.86
N ASP A 115 -9.05 -3.07 -6.64
CA ASP A 115 -9.06 -3.81 -7.89
C ASP A 115 -9.76 -2.79 -8.75
N HIS A 116 -8.97 -2.00 -9.48
CA HIS A 116 -9.52 -0.91 -10.31
C HIS A 116 -10.58 -1.31 -11.34
N SER A 117 -10.43 -2.47 -11.98
CA SER A 117 -11.39 -2.94 -12.97
C SER A 117 -12.82 -3.02 -12.41
N LEU A 118 -12.95 -2.99 -11.09
CA LEU A 118 -14.26 -3.07 -10.49
C LEU A 118 -14.91 -1.70 -10.45
N TYR A 119 -14.22 -0.68 -10.97
CA TYR A 119 -14.77 0.67 -10.94
C TYR A 119 -14.63 1.48 -12.24
N GLY A 120 -14.28 0.80 -13.33
CA GLY A 120 -14.13 1.48 -14.60
C GLY A 120 -13.46 0.58 -15.63
N PRO A 121 -13.39 0.98 -16.91
CA PRO A 121 -12.76 0.13 -17.93
C PRO A 121 -11.28 -0.08 -17.62
N TRP A 122 -10.88 0.41 -16.46
CA TRP A 122 -9.50 0.30 -16.02
C TRP A 122 -9.16 -1.16 -15.76
N PRO A 123 -7.91 -1.54 -16.01
CA PRO A 123 -7.50 -2.92 -15.78
C PRO A 123 -7.26 -3.14 -14.29
N ALA A 124 -6.74 -4.30 -13.94
CA ALA A 124 -6.46 -4.61 -12.55
C ALA A 124 -4.97 -4.46 -12.34
N VAL A 125 -4.57 -3.72 -11.31
CA VAL A 125 -3.16 -3.56 -11.04
C VAL A 125 -2.81 -4.89 -10.35
N PRO A 126 -2.05 -5.74 -11.06
CA PRO A 126 -1.60 -7.07 -10.61
C PRO A 126 -1.12 -7.23 -9.20
N MET A 127 -0.35 -6.28 -8.71
CA MET A 127 0.18 -6.38 -7.35
C MET A 127 -0.82 -5.84 -6.34
N TRP A 128 -1.95 -5.37 -6.83
CA TRP A 128 -2.99 -4.83 -5.96
C TRP A 128 -4.30 -5.61 -5.95
N ALA A 129 -4.82 -5.89 -7.14
CA ALA A 129 -6.11 -6.57 -7.31
C ALA A 129 -6.38 -7.82 -6.46
N PRO A 130 -5.45 -8.79 -6.46
CA PRO A 130 -5.61 -10.03 -5.69
C PRO A 130 -5.82 -9.82 -4.19
N LYS A 131 -5.28 -8.73 -3.66
CA LYS A 131 -5.44 -8.46 -2.23
C LYS A 131 -6.91 -8.27 -1.88
N PHE A 132 -7.71 -7.87 -2.86
CA PHE A 132 -9.13 -7.66 -2.63
C PHE A 132 -9.85 -9.01 -2.52
N THR A 133 -9.37 -10.00 -3.27
CA THR A 133 -9.97 -11.33 -3.22
C THR A 133 -9.68 -11.96 -1.86
N VAL A 134 -8.46 -11.78 -1.37
CA VAL A 134 -8.08 -12.33 -0.08
C VAL A 134 -8.89 -11.65 1.01
N GLU A 135 -9.13 -10.35 0.84
CA GLU A 135 -9.92 -9.61 1.82
C GLU A 135 -11.29 -10.23 1.98
N ASN A 136 -11.97 -10.47 0.86
CA ASN A 136 -13.29 -11.06 0.87
C ASN A 136 -13.26 -12.43 1.52
N TYR A 137 -12.18 -13.18 1.28
CA TYR A 137 -12.07 -14.51 1.84
C TYR A 137 -11.85 -14.43 3.34
N VAL A 138 -11.12 -13.41 3.78
CA VAL A 138 -10.92 -13.25 5.22
C VAL A 138 -12.30 -13.07 5.84
N ARG A 139 -13.09 -12.19 5.25
CA ARG A 139 -14.43 -11.90 5.72
C ARG A 139 -15.30 -13.15 5.70
N GLN A 140 -15.14 -13.95 4.67
CA GLN A 140 -15.90 -15.17 4.48
C GLN A 140 -15.70 -16.17 5.63
N LEU A 141 -14.48 -16.23 6.17
CA LEU A 141 -14.19 -17.17 7.25
C LEU A 141 -14.77 -16.73 8.59
N GLY A 142 -15.14 -15.45 8.68
CA GLY A 142 -15.69 -14.94 9.92
C GLY A 142 -14.63 -14.44 10.90
N LEU A 143 -13.40 -14.33 10.42
CA LEU A 143 -12.32 -13.84 11.27
C LEU A 143 -12.55 -12.38 11.70
N PRO A 144 -12.43 -12.11 12.99
CA PRO A 144 -12.62 -10.71 13.39
C PRO A 144 -11.49 -9.94 12.70
N SER A 145 -11.87 -9.12 11.71
CA SER A 145 -10.85 -8.40 10.94
C SER A 145 -11.04 -6.91 10.70
N THR A 146 -10.01 -6.34 10.11
CA THR A 146 -9.94 -4.94 9.75
C THR A 146 -9.02 -4.88 8.53
N PHE A 147 -9.37 -4.06 7.56
CA PHE A 147 -8.58 -3.98 6.36
C PHE A 147 -7.92 -2.61 6.17
N VAL A 148 -6.60 -2.62 6.07
CA VAL A 148 -5.86 -1.38 5.89
C VAL A 148 -5.38 -1.27 4.44
N TYR A 149 -5.53 -0.06 3.89
CA TYR A 149 -5.14 0.26 2.52
C TYR A 149 -4.07 1.31 2.63
N ALA A 150 -2.83 0.92 2.33
CA ALA A 150 -1.69 1.79 2.44
C ALA A 150 -1.55 2.82 1.33
N GLY A 151 -1.25 4.06 1.72
CA GLY A 151 -1.02 5.10 0.76
C GLY A 151 0.39 4.88 0.27
N ILE A 152 0.76 5.51 -0.83
CA ILE A 152 2.10 5.37 -1.43
C ILE A 152 3.18 5.74 -0.42
N TYR A 153 4.20 4.91 -0.33
CA TYR A 153 5.30 5.15 0.62
C TYR A 153 6.11 6.41 0.32
N ASN A 154 6.41 7.19 1.36
CA ASN A 154 7.20 8.40 1.20
C ASN A 154 8.61 8.01 0.80
N ASN A 155 9.11 6.94 1.42
CA ASN A 155 10.47 6.50 1.16
C ASN A 155 10.66 5.65 -0.09
N ASN A 156 9.75 5.78 -1.05
CA ASN A 156 9.90 5.04 -2.30
C ASN A 156 10.89 5.89 -3.08
N PHE A 157 10.86 7.19 -2.79
CA PHE A 157 11.73 8.13 -3.44
C PHE A 157 13.20 7.83 -3.21
N THR A 158 14.00 8.05 -4.25
CA THR A 158 15.44 7.85 -4.22
C THR A 158 15.98 8.49 -5.49
N SER A 159 17.25 8.83 -5.49
CA SER A 159 17.86 9.46 -6.66
C SER A 159 18.32 8.33 -7.58
N LEU A 160 18.45 7.14 -7.01
CA LEU A 160 18.88 5.98 -7.78
C LEU A 160 17.86 5.71 -8.89
N PRO A 161 18.31 5.10 -10.00
CA PRO A 161 17.51 4.76 -11.17
C PRO A 161 16.48 3.65 -10.93
N TYR A 162 15.70 3.77 -9.88
CA TYR A 162 14.67 2.79 -9.60
C TYR A 162 13.38 3.36 -10.18
N PRO A 163 12.55 2.50 -10.77
CA PRO A 163 11.27 2.85 -11.40
C PRO A 163 10.21 3.62 -10.63
N LEU A 164 9.50 4.47 -11.37
CA LEU A 164 8.38 5.23 -10.86
C LEU A 164 8.57 6.36 -9.85
N PHE A 165 9.47 6.16 -8.90
CA PHE A 165 9.67 7.20 -7.88
C PHE A 165 11.09 7.72 -7.74
N GLN A 166 11.75 7.97 -8.86
CA GLN A 166 13.12 8.47 -8.85
C GLN A 166 13.23 9.98 -8.71
N MET A 167 14.08 10.40 -7.77
CA MET A 167 14.37 11.80 -7.57
C MET A 167 15.78 11.95 -8.16
N GLU A 168 15.88 11.75 -9.47
CA GLU A 168 17.17 11.84 -10.14
C GLU A 168 17.84 13.19 -9.89
N LEU A 169 19.15 13.14 -9.70
CA LEU A 169 19.93 14.34 -9.46
C LEU A 169 20.51 14.81 -10.79
N MET A 170 19.83 15.75 -11.42
CA MET A 170 20.28 16.30 -12.70
C MET A 170 21.68 16.89 -12.56
N PRO A 171 22.27 17.34 -13.68
CA PRO A 171 23.62 17.91 -13.56
C PRO A 171 23.58 19.31 -12.95
N ASP A 172 22.57 20.08 -13.32
CA ASP A 172 22.42 21.46 -12.83
C ASP A 172 22.12 21.56 -11.34
N GLY A 173 22.46 20.51 -10.60
CA GLY A 173 22.22 20.52 -9.16
C GLY A 173 20.75 20.63 -8.76
N THR A 174 19.88 20.00 -9.55
CA THR A 174 18.45 20.03 -9.26
C THR A 174 17.90 18.63 -9.32
N PHE A 175 16.65 18.48 -8.88
CA PHE A 175 16.00 17.18 -8.90
C PHE A 175 14.75 17.24 -9.75
N GLU A 176 14.59 16.21 -10.58
CA GLU A 176 13.43 16.08 -11.44
C GLU A 176 12.82 14.72 -11.13
N TRP A 177 11.49 14.66 -11.16
CA TRP A 177 10.79 13.41 -10.90
C TRP A 177 9.82 13.06 -12.04
N HIS A 178 10.13 11.96 -12.73
CA HIS A 178 9.36 11.47 -13.87
C HIS A 178 8.32 10.43 -13.45
N ALA A 179 7.04 10.71 -13.75
CA ALA A 179 5.95 9.79 -13.43
C ALA A 179 4.69 10.02 -14.27
N PRO A 180 3.84 8.97 -14.37
CA PRO A 180 2.58 8.98 -15.13
C PRO A 180 1.48 9.76 -14.43
N PHE A 181 1.49 9.74 -13.10
CA PHE A 181 0.48 10.43 -12.30
C PHE A 181 0.25 11.88 -12.74
N ASP A 182 -1.01 12.26 -12.83
CA ASP A 182 -1.36 13.63 -13.22
C ASP A 182 -0.67 14.60 -12.27
N PRO A 183 -0.10 15.68 -12.82
CA PRO A 183 0.58 16.66 -11.97
C PRO A 183 -0.28 17.34 -10.90
N ASP A 184 -1.56 17.53 -11.19
CA ASP A 184 -2.43 18.23 -10.26
C ASP A 184 -3.37 17.35 -9.44
N ILE A 185 -3.26 16.05 -9.61
CA ILE A 185 -4.11 15.12 -8.91
C ILE A 185 -3.57 14.60 -7.56
N PRO A 186 -4.18 15.05 -6.44
CA PRO A 186 -3.74 14.62 -5.11
C PRO A 186 -3.64 13.09 -5.00
N LEU A 187 -2.54 12.60 -4.46
CA LEU A 187 -2.38 11.18 -4.26
C LEU A 187 -2.22 10.89 -2.77
N PRO A 188 -2.58 9.68 -2.33
CA PRO A 188 -2.48 9.32 -0.91
C PRO A 188 -1.09 8.84 -0.53
N TRP A 189 -0.45 9.55 0.39
CA TRP A 189 0.90 9.17 0.82
C TRP A 189 0.91 8.53 2.21
N LEU A 190 2.02 7.86 2.52
CA LEU A 190 2.19 7.18 3.79
C LEU A 190 3.67 7.04 4.12
N ASP A 191 4.03 7.33 5.36
CA ASP A 191 5.41 7.18 5.79
C ASP A 191 5.47 5.82 6.49
N ALA A 192 5.83 4.78 5.73
CA ALA A 192 5.90 3.41 6.23
C ALA A 192 6.61 3.20 7.57
N GLU A 193 7.89 3.53 7.59
CA GLU A 193 8.71 3.36 8.78
C GLU A 193 8.18 4.08 10.00
N HIS A 194 7.85 5.35 9.83
CA HIS A 194 7.40 6.23 10.90
C HIS A 194 5.96 6.07 11.35
N ASP A 195 5.04 5.76 10.44
CA ASP A 195 3.65 5.69 10.87
C ASP A 195 2.85 4.41 10.74
N VAL A 196 3.35 3.38 10.07
CA VAL A 196 2.55 2.16 9.96
C VAL A 196 2.47 1.49 11.33
N GLY A 197 3.62 1.37 11.99
CA GLY A 197 3.65 0.75 13.30
C GLY A 197 2.66 1.32 14.28
N PRO A 198 2.82 2.60 14.67
CA PRO A 198 1.89 3.21 15.62
C PRO A 198 0.42 3.09 15.26
N ALA A 199 0.09 3.28 13.99
CA ALA A 199 -1.31 3.19 13.56
C ALA A 199 -1.87 1.80 13.79
N LEU A 200 -1.12 0.78 13.39
CA LEU A 200 -1.55 -0.59 13.58
C LEU A 200 -1.77 -0.88 15.06
N LEU A 201 -0.87 -0.39 15.90
CA LEU A 201 -0.96 -0.58 17.34
C LEU A 201 -2.29 -0.04 17.85
N GLN A 202 -2.62 1.17 17.41
CA GLN A 202 -3.83 1.82 17.85
C GLN A 202 -5.05 1.03 17.41
N ILE A 203 -5.00 0.45 16.22
CA ILE A 203 -6.11 -0.34 15.70
C ILE A 203 -6.30 -1.56 16.59
N PHE A 204 -5.19 -2.17 16.99
CA PHE A 204 -5.23 -3.35 17.86
C PHE A 204 -5.75 -2.94 19.24
N LYS A 205 -5.26 -1.81 19.74
CA LYS A 205 -5.68 -1.32 21.04
C LYS A 205 -7.18 -1.07 21.04
N ASP A 206 -7.72 -0.68 19.89
CA ASP A 206 -9.15 -0.43 19.77
C ASP A 206 -9.90 -1.75 19.74
N GLY A 207 -9.35 -2.71 18.99
CA GLY A 207 -9.96 -4.02 18.91
C GLY A 207 -11.04 -4.14 17.85
N PRO A 208 -11.48 -5.37 17.54
CA PRO A 208 -12.51 -5.57 16.54
C PRO A 208 -13.86 -5.01 16.98
N GLN A 209 -13.97 -4.73 18.28
CA GLN A 209 -15.21 -4.18 18.81
C GLN A 209 -15.47 -2.80 18.22
N LYS A 210 -14.45 -2.30 17.52
CA LYS A 210 -14.50 -0.97 16.90
C LYS A 210 -14.24 -1.03 15.40
N TRP A 211 -13.26 -1.84 15.03
CA TRP A 211 -12.81 -1.96 13.64
C TRP A 211 -13.19 -3.19 12.85
N ASN A 212 -13.84 -4.15 13.50
CA ASN A 212 -14.21 -5.38 12.81
C ASN A 212 -15.05 -5.13 11.56
N GLY A 213 -14.52 -5.53 10.40
CA GLY A 213 -15.22 -5.35 9.15
C GLY A 213 -14.91 -4.05 8.42
N HIS A 214 -14.21 -3.15 9.08
CA HIS A 214 -13.87 -1.86 8.50
C HIS A 214 -12.67 -1.86 7.58
N ARG A 215 -12.66 -0.88 6.69
CA ARG A 215 -11.58 -0.66 5.74
C ARG A 215 -11.03 0.68 6.18
N ILE A 216 -9.71 0.75 6.33
CA ILE A 216 -9.08 1.99 6.78
C ILE A 216 -8.03 2.40 5.78
N ALA A 217 -8.16 3.61 5.27
CA ALA A 217 -7.18 4.13 4.33
C ALA A 217 -5.99 4.57 5.18
N LEU A 218 -4.89 3.82 5.09
CA LEU A 218 -3.68 4.13 5.85
C LEU A 218 -2.86 5.16 5.11
N THR A 219 -3.36 6.39 5.14
CA THR A 219 -2.70 7.50 4.48
C THR A 219 -2.89 8.70 5.40
N PHE A 220 -1.81 9.44 5.65
CA PHE A 220 -1.93 10.58 6.55
C PHE A 220 -1.90 11.96 5.90
N GLU A 221 -1.73 12.00 4.58
CA GLU A 221 -1.73 13.24 3.83
C GLU A 221 -1.80 12.96 2.35
N THR A 222 -2.55 13.78 1.64
CA THR A 222 -2.69 13.64 0.20
C THR A 222 -2.11 14.83 -0.55
N LEU A 223 -1.06 14.57 -1.31
CA LEU A 223 -0.41 15.62 -2.08
C LEU A 223 -0.34 15.25 -3.55
N SER A 224 -0.43 16.28 -4.41
CA SER A 224 -0.35 16.06 -5.83
C SER A 224 1.14 16.05 -6.14
N PRO A 225 1.53 15.42 -7.26
CA PRO A 225 2.94 15.38 -7.63
C PRO A 225 3.61 16.75 -7.51
N VAL A 226 2.95 17.79 -8.00
CA VAL A 226 3.52 19.12 -7.92
C VAL A 226 3.80 19.48 -6.47
N GLN A 227 2.84 19.14 -5.60
CA GLN A 227 2.97 19.42 -4.18
C GLN A 227 4.11 18.60 -3.55
N VAL A 228 4.25 17.35 -3.97
CA VAL A 228 5.32 16.53 -3.41
C VAL A 228 6.65 17.15 -3.72
N CYS A 229 6.80 17.63 -4.95
CA CYS A 229 8.04 18.27 -5.35
C CYS A 229 8.23 19.61 -4.66
N ALA A 230 7.14 20.29 -4.38
CA ALA A 230 7.20 21.56 -3.66
C ALA A 230 7.68 21.28 -2.24
N ALA A 231 7.41 20.06 -1.77
CA ALA A 231 7.80 19.61 -0.44
C ALA A 231 9.30 19.47 -0.39
N PHE A 232 9.85 18.76 -1.37
CA PHE A 232 11.29 18.54 -1.47
C PHE A 232 12.05 19.84 -1.73
N SER A 233 11.56 20.62 -2.70
CA SER A 233 12.17 21.88 -3.09
C SER A 233 12.21 22.92 -1.97
N ARG A 234 11.19 22.87 -1.11
CA ARG A 234 11.10 23.78 0.02
C ARG A 234 11.77 23.18 1.24
N ALA A 235 12.17 21.92 1.14
CA ALA A 235 12.82 21.24 2.25
C ALA A 235 14.29 20.91 2.05
N LEU A 236 14.88 21.28 0.91
CA LEU A 236 16.30 21.00 0.66
C LEU A 236 17.09 22.12 0.01
N ASN A 237 16.48 23.30 -0.12
CA ASN A 237 17.15 24.45 -0.75
C ASN A 237 17.32 24.27 -2.25
N ARG A 238 17.05 23.07 -2.75
CA ARG A 238 17.18 22.77 -4.17
C ARG A 238 15.90 23.08 -4.96
N ARG A 239 16.01 23.02 -6.28
CA ARG A 239 14.89 23.28 -7.17
C ARG A 239 14.38 21.91 -7.61
N VAL A 240 13.10 21.62 -7.37
CA VAL A 240 12.54 20.33 -7.76
C VAL A 240 11.29 20.50 -8.62
N THR A 241 11.30 19.83 -9.77
CA THR A 241 10.20 19.93 -10.71
C THR A 241 9.61 18.56 -11.05
N TYR A 242 8.32 18.55 -11.39
CA TYR A 242 7.64 17.32 -11.75
C TYR A 242 7.40 17.31 -13.24
N VAL A 243 7.68 16.18 -13.86
CA VAL A 243 7.48 16.01 -15.29
C VAL A 243 6.59 14.81 -15.53
N GLN A 244 5.41 15.05 -16.06
CA GLN A 244 4.46 13.98 -16.35
C GLN A 244 4.86 13.25 -17.62
N VAL A 245 5.11 11.96 -17.52
CA VAL A 245 5.48 11.17 -18.68
C VAL A 245 4.41 10.09 -18.88
N PRO A 246 4.03 9.86 -20.14
CA PRO A 246 3.00 8.85 -20.46
C PRO A 246 3.40 7.43 -20.09
N LYS A 247 4.71 7.16 -20.01
CA LYS A 247 5.18 5.84 -19.68
C LYS A 247 6.23 5.86 -18.58
N VAL A 248 6.26 4.81 -17.78
CA VAL A 248 7.22 4.67 -16.67
C VAL A 248 8.60 4.30 -17.21
N GLU A 249 9.68 4.85 -16.62
CA GLU A 249 11.05 4.58 -17.07
C GLU A 249 11.81 3.50 -16.32
N ILE A 250 12.05 2.36 -16.97
CA ILE A 250 12.77 1.26 -16.33
C ILE A 250 14.25 1.32 -16.71
N LYS A 251 15.08 1.80 -15.79
CA LYS A 251 16.50 1.94 -16.05
C LYS A 251 17.35 0.86 -15.41
N VAL A 252 16.72 -0.21 -14.95
CA VAL A 252 17.46 -1.30 -14.31
C VAL A 252 16.76 -2.65 -14.42
N ASN A 253 17.53 -3.68 -14.74
CA ASN A 253 16.99 -5.02 -14.88
C ASN A 253 16.15 -5.46 -13.69
N ILE A 254 14.84 -5.28 -13.81
CA ILE A 254 13.89 -5.64 -12.77
C ILE A 254 13.18 -6.95 -13.12
N PRO A 255 12.37 -7.49 -12.21
CA PRO A 255 11.64 -8.74 -12.44
C PRO A 255 10.39 -8.54 -13.30
N VAL A 256 9.89 -9.64 -13.85
CA VAL A 256 8.71 -9.62 -14.70
C VAL A 256 7.54 -8.94 -13.97
N GLY A 257 7.05 -9.62 -12.93
CA GLY A 257 5.94 -9.07 -12.17
C GLY A 257 5.96 -7.57 -12.02
N TYR A 258 7.11 -7.03 -11.60
CA TYR A 258 7.24 -5.62 -11.37
C TYR A 258 7.02 -4.73 -12.60
N ARG A 259 7.30 -5.27 -13.80
CA ARG A 259 7.10 -4.51 -15.04
C ARG A 259 5.60 -4.32 -15.29
N GLU A 260 4.94 -5.45 -15.54
CA GLU A 260 3.50 -5.54 -15.78
C GLU A 260 2.74 -4.63 -14.83
N GLN A 261 3.19 -4.60 -13.58
CA GLN A 261 2.62 -3.78 -12.53
C GLN A 261 2.70 -2.31 -12.94
N LEU A 262 3.89 -1.92 -13.40
CA LEU A 262 4.13 -0.54 -13.82
C LEU A 262 3.32 -0.17 -15.06
N GLU A 263 3.21 -1.10 -15.99
CA GLU A 263 2.46 -0.87 -17.22
C GLU A 263 1.00 -0.57 -16.86
N ALA A 264 0.47 -1.31 -15.89
CA ALA A 264 -0.90 -1.15 -15.43
C ALA A 264 -1.10 0.25 -14.85
N ILE A 265 -0.10 0.68 -14.09
CA ILE A 265 -0.09 1.98 -13.45
C ILE A 265 -0.16 3.07 -14.51
N GLU A 266 0.66 2.94 -15.55
CA GLU A 266 0.70 3.91 -16.63
C GLU A 266 -0.70 4.11 -17.20
N VAL A 267 -1.37 3.00 -17.46
CA VAL A 267 -2.73 3.04 -18.01
C VAL A 267 -3.74 3.60 -17.03
N VAL A 268 -3.74 3.08 -15.81
CA VAL A 268 -4.68 3.51 -14.78
C VAL A 268 -4.58 4.97 -14.35
N PHE A 269 -3.37 5.44 -14.04
CA PHE A 269 -3.20 6.82 -13.59
C PHE A 269 -2.77 7.76 -14.70
N GLY A 270 -1.96 7.25 -15.63
CA GLY A 270 -1.49 8.09 -16.72
C GLY A 270 -2.51 8.28 -17.83
N GLU A 271 -3.10 7.17 -18.26
CA GLU A 271 -4.08 7.17 -19.35
C GLU A 271 -5.54 7.36 -18.94
N HIS A 272 -5.91 6.98 -17.72
CA HIS A 272 -7.29 7.10 -17.25
C HIS A 272 -7.46 8.10 -16.12
N LYS A 273 -6.35 8.52 -15.51
CA LYS A 273 -6.40 9.46 -14.41
C LYS A 273 -7.43 8.92 -13.42
N ALA A 274 -7.24 7.65 -13.05
CA ALA A 274 -8.11 6.95 -12.11
C ALA A 274 -7.55 7.06 -10.70
N PRO A 275 -8.40 7.46 -9.73
CA PRO A 275 -8.00 7.61 -8.32
C PRO A 275 -7.35 6.37 -7.68
N TYR A 276 -6.25 6.60 -6.96
CA TYR A 276 -5.51 5.53 -6.29
C TYR A 276 -6.46 4.58 -5.58
N PHE A 277 -7.34 5.14 -4.76
CA PHE A 277 -8.35 4.38 -4.01
C PHE A 277 -9.72 4.58 -4.66
N PRO A 278 -10.02 3.81 -5.72
CA PRO A 278 -11.30 3.91 -6.43
C PRO A 278 -12.56 3.50 -5.65
N LEU A 279 -12.39 2.97 -4.44
CA LEU A 279 -13.54 2.57 -3.63
C LEU A 279 -14.31 3.82 -3.24
N PRO A 280 -15.64 3.79 -3.35
CA PRO A 280 -16.46 4.94 -2.98
C PRO A 280 -16.14 5.57 -1.61
N GLU A 281 -16.00 4.75 -0.58
CA GLU A 281 -15.69 5.25 0.76
C GLU A 281 -14.41 6.05 0.79
N PHE A 282 -13.61 5.89 -0.26
CA PHE A 282 -12.34 6.57 -0.34
C PHE A 282 -12.34 7.66 -1.39
N SER A 283 -13.53 8.01 -1.85
CA SER A 283 -13.71 9.06 -2.86
C SER A 283 -14.52 10.23 -2.28
N ARG A 316 -12.69 13.85 4.85
CA ARG A 316 -11.50 13.57 4.05
C ARG A 316 -10.96 12.15 4.30
N VAL A 317 -10.40 11.56 3.25
CA VAL A 317 -9.85 10.20 3.30
C VAL A 317 -8.83 9.96 4.41
N THR A 318 -8.03 10.97 4.68
CA THR A 318 -6.99 10.88 5.69
C THR A 318 -7.50 10.97 7.13
N ASP A 319 -8.77 11.34 7.28
CA ASP A 319 -9.39 11.49 8.59
C ASP A 319 -9.23 10.34 9.59
N GLU A 320 -9.69 9.15 9.24
CA GLU A 320 -9.58 8.01 10.13
C GLU A 320 -8.14 7.75 10.58
N ALA A 321 -7.20 7.85 9.65
CA ALA A 321 -5.79 7.61 9.97
C ALA A 321 -5.25 8.57 11.03
N ARG A 322 -5.40 9.86 10.78
CA ARG A 322 -4.92 10.90 11.70
C ARG A 322 -5.51 10.87 13.12
N LYS A 323 -6.65 10.22 13.27
CA LYS A 323 -7.32 10.08 14.56
C LYS A 323 -6.64 8.88 15.24
N LEU A 324 -6.40 7.83 14.46
CA LEU A 324 -5.72 6.64 14.92
C LEU A 324 -4.31 6.97 15.44
N TRP A 325 -3.64 7.89 14.77
CA TRP A 325 -2.29 8.28 15.13
C TRP A 325 -2.02 9.68 14.61
N SER A 326 -1.80 10.63 15.51
CA SER A 326 -1.57 12.00 15.10
C SER A 326 -0.09 12.41 15.00
N GLY A 327 0.80 11.51 15.42
CA GLY A 327 2.23 11.81 15.35
C GLY A 327 2.81 11.46 13.99
N TRP A 328 2.06 11.75 12.93
CA TRP A 328 2.49 11.41 11.60
C TRP A 328 3.56 12.33 11.02
N ARG A 329 4.35 11.78 10.10
CA ARG A 329 5.43 12.50 9.44
C ARG A 329 5.04 12.80 8.01
N ASP A 330 4.88 14.08 7.70
CA ASP A 330 4.47 14.47 6.36
C ASP A 330 5.64 14.47 5.38
N MET A 331 5.35 14.81 4.14
CA MET A 331 6.39 14.84 3.11
C MET A 331 7.49 15.88 3.36
N GLU A 332 7.16 16.97 4.03
CA GLU A 332 8.18 17.97 4.32
C GLU A 332 9.21 17.45 5.30
N GLU A 333 8.75 16.86 6.40
CA GLU A 333 9.67 16.32 7.41
C GLU A 333 10.44 15.13 6.83
N TYR A 334 9.73 14.29 6.10
CA TYR A 334 10.40 13.16 5.51
C TYR A 334 11.54 13.62 4.60
N ALA A 335 11.24 14.61 3.77
CA ALA A 335 12.19 15.16 2.80
C ALA A 335 13.38 15.89 3.41
N ARG A 336 13.12 16.65 4.46
CA ARG A 336 14.18 17.41 5.10
C ARG A 336 14.96 16.62 6.16
N GLU A 337 14.32 15.61 6.75
CA GLU A 337 14.95 14.85 7.82
C GLU A 337 15.38 13.45 7.48
N VAL A 338 14.74 12.83 6.51
CA VAL A 338 15.09 11.45 6.18
C VAL A 338 15.71 11.27 4.81
N PHE A 339 15.10 11.89 3.80
CA PHE A 339 15.61 11.75 2.45
C PHE A 339 17.13 11.89 2.40
N PRO A 340 17.67 13.03 2.90
CA PRO A 340 19.11 13.23 2.88
C PRO A 340 19.91 12.12 3.55
N ILE A 341 19.33 11.51 4.57
CA ILE A 341 20.03 10.45 5.27
C ILE A 341 20.04 9.13 4.52
N GLU A 342 18.90 8.76 3.96
CA GLU A 342 18.77 7.50 3.22
C GLU A 342 19.67 7.49 1.98
N GLU A 343 19.78 8.64 1.33
CA GLU A 343 20.62 8.82 0.16
C GLU A 343 22.07 8.54 0.53
N GLU A 344 22.54 9.22 1.57
CA GLU A 344 23.90 9.10 2.06
C GLU A 344 24.29 7.64 2.33
N ALA A 345 23.61 7.03 3.30
CA ALA A 345 23.88 5.64 3.64
C ALA A 345 23.76 4.78 2.39
N ASN A 346 23.03 5.29 1.41
CA ASN A 346 22.82 4.59 0.15
C ASN A 346 24.01 4.78 -0.79
N GLY A 347 24.93 5.67 -0.41
CA GLY A 347 26.11 5.91 -1.22
C GLY A 347 26.17 7.21 -1.99
N LEU A 348 25.63 8.28 -1.44
CA LEU A 348 25.66 9.56 -2.12
C LEU A 348 26.14 10.67 -1.19
N ASP A 349 26.81 11.66 -1.77
CA ASP A 349 27.34 12.78 -1.00
C ASP A 349 26.83 14.11 -1.50
N TRP A 350 25.81 14.07 -2.34
CA TRP A 350 25.23 15.30 -2.87
C TRP A 350 24.85 16.27 -1.77
N MET A 351 24.48 15.74 -0.60
CA MET A 351 24.07 16.55 0.54
C MET A 351 25.24 17.20 1.28
N LEU A 352 26.31 16.44 1.48
CA LEU A 352 27.50 16.94 2.17
C LEU A 352 27.89 18.33 1.68
N GLN B 3 45.88 51.60 10.18
CA GLN B 3 46.40 51.23 11.52
C GLN B 3 45.56 51.84 12.65
N GLN B 4 45.56 53.18 12.72
CA GLN B 4 44.82 53.92 13.74
C GLN B 4 43.36 54.14 13.40
N LYS B 5 42.48 54.00 14.40
CA LYS B 5 41.06 54.24 14.18
C LYS B 5 40.95 55.73 13.84
N LYS B 6 40.22 56.04 12.78
CA LYS B 6 40.07 57.42 12.36
C LYS B 6 38.70 57.97 12.75
N THR B 7 38.48 59.26 12.45
CA THR B 7 37.19 59.90 12.71
C THR B 7 36.46 59.89 11.38
N ILE B 8 35.27 59.29 11.40
CA ILE B 8 34.44 59.13 10.22
C ILE B 8 33.21 60.04 10.22
N ALA B 9 32.99 60.71 9.10
CA ALA B 9 31.86 61.62 8.93
C ALA B 9 30.78 60.89 8.13
N VAL B 10 29.54 60.98 8.59
CA VAL B 10 28.42 60.31 7.95
C VAL B 10 27.19 61.19 8.00
N VAL B 11 26.27 61.00 7.05
CA VAL B 11 25.02 61.77 7.02
C VAL B 11 23.85 60.78 7.00
N ASN B 12 22.66 61.23 7.34
CA ASN B 12 21.49 60.35 7.35
C ASN B 12 21.79 59.13 8.22
N ALA B 13 22.30 59.41 9.42
CA ALA B 13 22.68 58.38 10.38
C ALA B 13 21.67 57.27 10.64
N THR B 14 20.39 57.61 10.62
CA THR B 14 19.36 56.63 10.88
C THR B 14 19.09 55.73 9.67
N GLY B 15 19.59 56.13 8.50
CA GLY B 15 19.42 55.33 7.30
C GLY B 15 20.11 54.00 7.49
N ARG B 16 19.65 52.98 6.78
CA ARG B 16 20.22 51.64 6.93
C ARG B 16 21.70 51.50 6.64
N GLN B 17 22.19 52.15 5.60
CA GLN B 17 23.62 52.06 5.27
C GLN B 17 24.51 52.68 6.34
N ALA B 18 24.14 53.88 6.79
CA ALA B 18 24.91 54.59 7.80
C ALA B 18 24.85 53.98 9.20
N ALA B 19 23.66 53.59 9.65
CA ALA B 19 23.52 52.99 10.96
C ALA B 19 24.40 51.74 11.04
N SER B 20 24.43 50.98 9.96
CA SER B 20 25.24 49.78 9.93
C SER B 20 26.67 50.16 10.25
N LEU B 21 27.20 51.09 9.45
CA LEU B 21 28.57 51.54 9.62
C LEU B 21 28.83 52.15 10.99
N ILE B 22 27.90 52.97 11.48
CA ILE B 22 28.10 53.60 12.79
C ILE B 22 28.22 52.57 13.91
N ARG B 23 27.28 51.64 13.99
CA ARG B 23 27.36 50.64 15.05
C ARG B 23 28.73 49.96 15.01
N VAL B 24 29.08 49.42 13.85
CA VAL B 24 30.35 48.71 13.71
C VAL B 24 31.54 49.61 14.00
N ALA B 25 31.65 50.72 13.29
CA ALA B 25 32.76 51.63 13.46
C ALA B 25 32.94 52.08 14.91
N ALA B 26 31.88 52.59 15.53
CA ALA B 26 31.98 53.05 16.92
C ALA B 26 32.48 51.91 17.81
N ALA B 27 31.96 50.72 17.56
CA ALA B 27 32.34 49.52 18.31
C ALA B 27 33.83 49.21 18.26
N VAL B 28 34.42 49.23 17.06
CA VAL B 28 35.83 48.92 16.94
C VAL B 28 36.75 50.05 17.40
N GLY B 29 36.20 51.23 17.65
CA GLY B 29 37.03 52.31 18.15
C GLY B 29 37.13 53.61 17.37
N HIS B 30 36.44 53.71 16.24
CA HIS B 30 36.47 54.94 15.46
C HIS B 30 35.50 55.96 16.06
N HIS B 31 35.80 57.24 15.88
CA HIS B 31 34.92 58.31 16.36
C HIS B 31 34.02 58.63 15.20
N VAL B 32 32.74 58.82 15.49
CA VAL B 32 31.78 59.12 14.42
C VAL B 32 31.11 60.46 14.57
N ARG B 33 31.09 61.20 13.47
CA ARG B 33 30.44 62.50 13.41
C ARG B 33 29.33 62.24 12.41
N ALA B 34 28.09 62.33 12.86
CA ALA B 34 26.98 62.06 11.98
C ALA B 34 25.84 63.07 12.04
N GLN B 35 25.21 63.26 10.89
CA GLN B 35 24.08 64.17 10.75
C GLN B 35 22.76 63.40 10.76
N VAL B 36 21.81 63.88 11.56
CA VAL B 36 20.50 63.28 11.60
C VAL B 36 19.49 64.41 11.40
N HIS B 37 18.32 64.05 10.87
CA HIS B 37 17.28 65.03 10.63
C HIS B 37 16.50 65.31 11.92
N SER B 38 16.42 64.30 12.78
CA SER B 38 15.70 64.43 14.05
C SER B 38 16.24 63.49 15.11
N LEU B 39 16.38 64.00 16.33
CA LEU B 39 16.88 63.19 17.43
C LEU B 39 15.79 62.32 18.01
N LYS B 40 14.59 62.44 17.46
CA LYS B 40 13.45 61.64 17.90
C LYS B 40 13.36 60.38 17.07
N GLY B 41 13.25 59.23 17.73
CA GLY B 41 13.16 57.96 17.03
C GLY B 41 14.06 56.91 17.66
N LEU B 42 13.66 55.66 17.57
CA LEU B 42 14.44 54.57 18.16
C LEU B 42 15.90 54.65 17.74
N ILE B 43 16.14 54.42 16.45
CA ILE B 43 17.48 54.45 15.87
C ILE B 43 18.28 55.66 16.37
N ALA B 44 17.70 56.85 16.20
CA ALA B 44 18.34 58.08 16.63
C ALA B 44 18.79 57.99 18.09
N GLU B 45 17.84 57.69 18.97
CA GLU B 45 18.16 57.58 20.39
C GLU B 45 19.25 56.52 20.62
N GLU B 46 19.22 55.45 19.84
CA GLU B 46 20.22 54.39 19.95
C GLU B 46 21.58 54.92 19.57
N LEU B 47 21.65 55.48 18.37
CA LEU B 47 22.89 56.03 17.85
C LEU B 47 23.47 57.05 18.83
N GLN B 48 22.63 57.95 19.34
CA GLN B 48 23.13 58.96 20.27
C GLN B 48 23.69 58.33 21.54
N ALA B 49 23.19 57.16 21.87
CA ALA B 49 23.67 56.48 23.07
C ALA B 49 25.11 56.02 22.85
N ILE B 50 25.37 55.39 21.71
CA ILE B 50 26.71 54.89 21.41
C ILE B 50 27.79 55.91 21.82
N PRO B 51 28.71 55.50 22.71
CA PRO B 51 29.81 56.30 23.24
C PRO B 51 30.52 57.32 22.37
N ASN B 52 31.36 56.87 21.45
CA ASN B 52 32.09 57.81 20.64
C ASN B 52 31.41 58.33 19.37
N VAL B 53 30.10 58.51 19.46
CA VAL B 53 29.31 59.00 18.34
C VAL B 53 28.74 60.38 18.64
N THR B 54 29.07 61.35 17.78
CA THR B 54 28.57 62.72 17.92
C THR B 54 27.51 62.96 16.87
N LEU B 55 26.37 63.49 17.28
CA LEU B 55 25.29 63.78 16.34
C LEU B 55 25.00 65.27 16.18
N PHE B 56 24.69 65.64 14.95
CA PHE B 56 24.36 67.02 14.61
C PHE B 56 22.97 67.00 14.03
N GLN B 57 22.02 67.59 14.74
CA GLN B 57 20.65 67.57 14.26
C GLN B 57 20.34 68.80 13.42
N GLY B 58 20.01 68.54 12.15
CA GLY B 58 19.68 69.61 11.24
C GLY B 58 19.53 69.09 9.82
N PRO B 59 18.96 69.89 8.92
CA PRO B 59 18.79 69.46 7.53
C PRO B 59 20.09 69.58 6.73
N LEU B 60 20.15 68.91 5.58
CA LEU B 60 21.34 68.95 4.73
C LEU B 60 21.18 69.97 3.61
N LEU B 61 19.95 70.16 3.14
CA LEU B 61 19.68 71.11 2.04
C LEU B 61 20.05 72.55 2.38
N ASN B 62 20.83 73.16 1.48
CA ASN B 62 21.29 74.55 1.62
C ASN B 62 21.61 74.82 3.08
N ASN B 63 22.51 74.01 3.63
CA ASN B 63 22.92 74.09 5.02
C ASN B 63 24.42 73.74 5.12
N VAL B 64 25.25 74.68 4.69
CA VAL B 64 26.68 74.48 4.70
C VAL B 64 27.32 74.51 6.10
N PRO B 65 26.80 75.33 7.01
CA PRO B 65 27.39 75.34 8.36
C PRO B 65 27.44 73.94 8.99
N LEU B 66 26.38 73.16 8.76
CA LEU B 66 26.28 71.81 9.32
C LEU B 66 27.35 70.92 8.76
N MET B 67 27.55 71.06 7.45
CA MET B 67 28.54 70.26 6.74
C MET B 67 29.97 70.59 7.16
N ASP B 68 30.27 71.86 7.35
CA ASP B 68 31.61 72.25 7.77
C ASP B 68 31.93 71.63 9.12
N THR B 69 31.00 71.77 10.06
CA THR B 69 31.16 71.19 11.39
C THR B 69 31.33 69.67 11.29
N LEU B 70 30.50 69.05 10.47
CA LEU B 70 30.55 67.61 10.30
C LEU B 70 31.93 67.07 9.96
N PHE B 71 32.62 67.72 9.01
CA PHE B 71 33.94 67.31 8.54
C PHE B 71 35.14 67.76 9.39
N GLU B 72 34.88 68.49 10.46
CA GLU B 72 35.96 68.97 11.34
C GLU B 72 36.71 67.82 11.97
N GLY B 73 37.98 67.66 11.63
CA GLY B 73 38.79 66.59 12.20
C GLY B 73 38.46 65.23 11.65
N ALA B 74 37.71 65.19 10.56
CA ALA B 74 37.34 63.92 9.95
C ALA B 74 38.42 63.49 8.97
N HIS B 75 38.74 62.19 9.00
CA HIS B 75 39.76 61.62 8.13
C HIS B 75 39.05 60.78 7.07
N LEU B 76 37.90 60.22 7.46
CA LEU B 76 37.09 59.37 6.59
C LEU B 76 35.64 59.84 6.50
N ALA B 77 34.97 59.46 5.42
CA ALA B 77 33.58 59.83 5.27
C ALA B 77 32.83 58.84 4.41
N PHE B 78 31.63 58.48 4.83
CA PHE B 78 30.76 57.60 4.08
C PHE B 78 29.53 58.46 3.90
N ILE B 79 29.20 58.75 2.64
CA ILE B 79 28.05 59.61 2.33
C ILE B 79 26.99 58.91 1.48
N ASN B 80 25.76 58.95 1.98
CA ASN B 80 24.62 58.38 1.31
C ASN B 80 23.48 59.36 1.51
N THR B 81 23.06 60.01 0.44
CA THR B 81 21.96 60.99 0.52
C THR B 81 20.63 60.41 0.08
N THR B 82 19.55 61.09 0.44
CA THR B 82 18.20 60.65 0.06
C THR B 82 17.47 61.78 -0.65
N SER B 83 16.49 61.43 -1.48
CA SER B 83 15.73 62.42 -2.22
C SER B 83 14.79 63.18 -1.29
N GLN B 84 14.50 62.58 -0.14
CA GLN B 84 13.60 63.18 0.85
C GLN B 84 14.17 64.45 1.45
N ALA B 85 15.49 64.47 1.59
CA ALA B 85 16.20 65.61 2.17
C ALA B 85 16.26 66.82 1.24
N GLY B 86 15.77 66.65 0.01
CA GLY B 86 15.80 67.73 -0.95
C GLY B 86 16.67 67.35 -2.14
N ASP B 87 16.99 68.31 -2.99
CA ASP B 87 17.80 68.02 -4.17
C ASP B 87 19.12 67.30 -3.88
N GLU B 88 19.14 66.02 -4.24
CA GLU B 88 20.31 65.17 -4.04
C GLU B 88 21.53 65.65 -4.82
N ILE B 89 21.34 66.47 -5.83
CA ILE B 89 22.48 66.96 -6.58
C ILE B 89 23.14 68.06 -5.75
N ALA B 90 22.35 69.06 -5.39
CA ALA B 90 22.83 70.21 -4.62
C ALA B 90 23.43 69.83 -3.27
N ILE B 91 22.82 68.88 -2.58
CA ILE B 91 23.34 68.48 -1.28
C ILE B 91 24.62 67.68 -1.46
N GLY B 92 24.57 66.74 -2.40
CA GLY B 92 25.71 65.90 -2.68
C GLY B 92 26.93 66.73 -3.07
N LYS B 93 26.72 67.84 -3.76
CA LYS B 93 27.83 68.69 -4.16
C LYS B 93 28.33 69.56 -3.04
N ASP B 94 27.42 70.01 -2.17
CA ASP B 94 27.79 70.82 -1.01
C ASP B 94 28.65 69.98 -0.06
N LEU B 95 28.24 68.73 0.15
CA LEU B 95 28.99 67.83 1.02
C LEU B 95 30.40 67.63 0.51
N ALA B 96 30.51 67.43 -0.80
CA ALA B 96 31.81 67.21 -1.45
C ALA B 96 32.69 68.44 -1.28
N ASP B 97 32.09 69.61 -1.43
CA ASP B 97 32.86 70.84 -1.28
C ASP B 97 33.37 70.99 0.15
N ALA B 98 32.49 70.72 1.11
CA ALA B 98 32.84 70.83 2.51
C ALA B 98 33.95 69.85 2.87
N ALA B 99 33.85 68.63 2.35
CA ALA B 99 34.85 67.61 2.63
C ALA B 99 36.22 68.06 2.11
N LYS B 100 36.25 68.66 0.93
CA LYS B 100 37.50 69.12 0.36
C LYS B 100 38.03 70.31 1.14
N ARG B 101 37.13 71.21 1.51
CA ARG B 101 37.50 72.41 2.26
C ARG B 101 38.07 72.07 3.64
N ALA B 102 37.66 70.92 4.19
CA ALA B 102 38.16 70.50 5.49
C ALA B 102 39.62 70.06 5.33
N GLY B 103 39.96 69.63 4.12
CA GLY B 103 41.31 69.19 3.81
C GLY B 103 41.89 68.03 4.60
N THR B 104 41.08 67.33 5.39
CA THR B 104 41.60 66.23 6.19
C THR B 104 41.05 64.87 5.79
N ILE B 105 40.18 64.86 4.79
CA ILE B 105 39.59 63.62 4.34
C ILE B 105 40.60 62.85 3.48
N GLN B 106 40.86 61.62 3.89
CA GLN B 106 41.81 60.73 3.21
C GLN B 106 41.09 59.71 2.35
N HIS B 107 39.83 59.45 2.65
CA HIS B 107 39.05 58.47 1.90
C HIS B 107 37.57 58.86 1.99
N TYR B 108 37.00 59.26 0.86
CA TYR B 108 35.61 59.69 0.79
C TYR B 108 34.78 58.67 0.03
N ILE B 109 33.97 57.90 0.75
CA ILE B 109 33.12 56.89 0.10
C ILE B 109 31.73 57.46 -0.13
N TYR B 110 31.28 57.44 -1.38
CA TYR B 110 29.95 57.93 -1.70
C TYR B 110 29.10 56.76 -2.20
N SER B 111 27.87 56.67 -1.73
CA SER B 111 26.97 55.60 -2.17
C SER B 111 26.28 56.12 -3.44
N SER B 112 26.65 55.55 -4.58
CA SER B 112 26.09 55.98 -5.86
C SER B 112 25.13 54.97 -6.46
N MET B 113 24.36 55.42 -7.45
CA MET B 113 23.40 54.57 -8.14
C MET B 113 23.41 54.92 -9.62
N PRO B 114 23.19 53.90 -10.47
CA PRO B 114 23.16 54.06 -11.92
C PRO B 114 22.11 55.03 -12.43
N ASP B 115 22.29 55.45 -13.68
CA ASP B 115 21.36 56.34 -14.36
C ASP B 115 21.00 55.51 -15.59
N HIS B 116 19.85 54.83 -15.54
CA HIS B 116 19.49 53.97 -16.65
C HIS B 116 19.31 54.66 -18.00
N SER B 117 18.85 55.91 -18.01
CA SER B 117 18.65 56.60 -19.28
C SER B 117 19.95 56.64 -20.08
N LEU B 118 21.07 56.46 -19.40
CA LEU B 118 22.39 56.49 -20.01
C LEU B 118 22.80 55.20 -20.75
N TYR B 119 22.04 54.12 -20.58
CA TYR B 119 22.38 52.84 -21.23
C TYR B 119 21.32 52.29 -22.19
N GLY B 120 20.09 52.77 -22.06
CA GLY B 120 19.02 52.31 -22.93
C GLY B 120 17.93 53.36 -23.06
N PRO B 121 16.91 53.11 -23.91
CA PRO B 121 15.81 54.05 -24.11
C PRO B 121 14.95 54.09 -22.85
N TRP B 122 15.61 53.90 -21.71
CA TRP B 122 14.98 53.85 -20.40
C TRP B 122 14.90 55.19 -19.68
N PRO B 123 13.90 55.35 -18.80
CA PRO B 123 13.76 56.62 -18.07
C PRO B 123 14.88 56.66 -17.05
N ALA B 124 14.86 57.68 -16.20
CA ALA B 124 15.88 57.78 -15.19
C ALA B 124 15.24 57.58 -13.83
N VAL B 125 15.59 56.49 -13.16
CA VAL B 125 15.06 56.22 -11.84
C VAL B 125 15.42 57.48 -11.03
N PRO B 126 14.42 58.33 -10.72
CA PRO B 126 14.56 59.58 -10.00
C PRO B 126 15.42 59.65 -8.75
N MET B 127 15.44 58.61 -7.95
CA MET B 127 16.24 58.62 -6.72
C MET B 127 17.60 57.96 -6.92
N TRP B 128 17.86 57.52 -8.15
CA TRP B 128 19.12 56.87 -8.47
C TRP B 128 19.98 57.75 -9.38
N ALA B 129 19.48 57.94 -10.60
CA ALA B 129 20.17 58.72 -11.62
C ALA B 129 20.99 59.91 -11.09
N PRO B 130 20.40 60.71 -10.19
CA PRO B 130 21.10 61.86 -9.62
C PRO B 130 22.37 61.57 -8.84
N LYS B 131 22.42 60.43 -8.19
CA LYS B 131 23.61 60.11 -7.42
C LYS B 131 24.81 60.10 -8.33
N PHE B 132 24.63 59.58 -9.55
CA PHE B 132 25.69 59.48 -10.55
C PHE B 132 26.34 60.82 -10.89
N THR B 133 25.54 61.87 -10.88
CA THR B 133 26.02 63.20 -11.16
C THR B 133 26.91 63.65 -10.02
N VAL B 134 26.53 63.29 -8.80
CA VAL B 134 27.31 63.64 -7.62
C VAL B 134 28.61 62.86 -7.65
N GLU B 135 28.55 61.61 -8.08
CA GLU B 135 29.75 60.78 -8.17
C GLU B 135 30.78 61.50 -9.03
N ASN B 136 30.38 61.91 -10.22
CA ASN B 136 31.27 62.59 -11.13
C ASN B 136 31.84 63.85 -10.50
N TYR B 137 31.02 64.56 -9.74
CA TYR B 137 31.48 65.78 -9.11
C TYR B 137 32.53 65.43 -8.06
N VAL B 138 32.26 64.39 -7.28
CA VAL B 138 33.21 63.99 -6.26
C VAL B 138 34.59 63.75 -6.95
N ARG B 139 34.59 63.03 -8.06
CA ARG B 139 35.84 62.78 -8.79
C ARG B 139 36.43 64.09 -9.33
N GLN B 140 35.56 64.99 -9.77
CA GLN B 140 36.01 66.26 -10.32
C GLN B 140 36.82 67.08 -9.30
N LEU B 141 36.47 66.99 -8.02
CA LEU B 141 37.17 67.75 -6.98
C LEU B 141 38.53 67.15 -6.65
N GLY B 142 38.74 65.90 -7.02
CA GLY B 142 40.01 65.25 -6.74
C GLY B 142 40.04 64.55 -5.39
N LEU B 143 38.87 64.43 -4.76
CA LEU B 143 38.79 63.79 -3.47
C LEU B 143 39.14 62.30 -3.54
N PRO B 144 40.07 61.83 -2.69
CA PRO B 144 40.38 60.40 -2.77
C PRO B 144 39.07 59.70 -2.44
N SER B 145 38.52 59.00 -3.42
CA SER B 145 37.22 58.37 -3.26
C SER B 145 37.05 56.94 -3.73
N THR B 146 35.87 56.42 -3.47
CA THR B 146 35.47 55.08 -3.83
C THR B 146 33.95 55.11 -3.86
N PHE B 147 33.37 54.47 -4.86
CA PHE B 147 31.93 54.49 -5.02
C PHE B 147 31.28 53.12 -4.82
N VAL B 148 30.36 53.04 -3.85
CA VAL B 148 29.68 51.78 -3.58
C VAL B 148 28.25 51.80 -4.12
N TYR B 149 27.92 50.78 -4.89
CA TYR B 149 26.59 50.63 -5.48
C TYR B 149 25.90 49.55 -4.67
N ALA B 150 24.84 49.93 -3.96
CA ALA B 150 24.11 49.00 -3.12
C ALA B 150 23.09 48.11 -3.80
N GLY B 151 23.06 46.85 -3.37
CA GLY B 151 22.13 45.87 -3.89
C GLY B 151 20.81 46.10 -3.19
N ILE B 152 19.73 45.51 -3.69
CA ILE B 152 18.41 45.71 -3.06
C ILE B 152 18.49 45.14 -1.65
N TYR B 153 17.97 45.90 -0.68
CA TYR B 153 18.01 45.48 0.72
C TYR B 153 17.17 44.23 0.99
N ASN B 154 17.71 43.31 1.77
CA ASN B 154 16.99 42.07 2.13
C ASN B 154 15.80 42.42 3.00
N ASN B 155 16.01 43.39 3.88
CA ASN B 155 14.99 43.81 4.83
C ASN B 155 13.95 44.78 4.28
N ASN B 156 13.85 44.88 2.95
CA ASN B 156 12.83 45.73 2.36
C ASN B 156 11.53 44.95 2.52
N PHE B 157 11.68 43.64 2.53
CA PHE B 157 10.55 42.74 2.67
C PHE B 157 9.80 42.88 3.98
N THR B 158 8.48 42.82 3.89
CA THR B 158 7.58 42.94 5.03
C THR B 158 6.20 42.50 4.56
N SER B 159 5.38 41.96 5.46
CA SER B 159 4.06 41.54 5.03
C SER B 159 3.12 42.74 5.07
N LEU B 160 3.59 43.85 5.64
CA LEU B 160 2.81 45.08 5.68
C LEU B 160 2.64 45.54 4.25
N PRO B 161 1.54 46.28 3.96
CA PRO B 161 1.17 46.82 2.64
C PRO B 161 2.09 47.93 2.11
N TYR B 162 3.39 47.75 2.25
CA TYR B 162 4.31 48.75 1.74
C TYR B 162 4.67 48.35 0.31
N PRO B 163 4.82 49.32 -0.59
CA PRO B 163 5.14 49.13 -2.00
C PRO B 163 6.37 48.32 -2.42
N LEU B 164 6.20 47.62 -3.55
CA LEU B 164 7.24 46.83 -4.20
C LEU B 164 7.79 45.57 -3.55
N PHE B 165 7.99 45.59 -2.24
CA PHE B 165 8.55 44.42 -1.56
C PHE B 165 7.67 43.81 -0.46
N GLN B 166 6.36 43.69 -0.70
CA GLN B 166 5.51 43.09 0.33
C GLN B 166 5.46 41.58 0.25
N MET B 167 5.92 40.94 1.31
CA MET B 167 5.90 39.48 1.42
C MET B 167 4.53 39.23 2.07
N GLU B 168 3.49 39.40 1.28
CA GLU B 168 2.11 39.23 1.74
C GLU B 168 1.70 37.85 2.25
N LEU B 169 1.18 37.83 3.46
CA LEU B 169 0.69 36.61 4.08
C LEU B 169 -0.77 36.44 3.65
N MET B 170 -1.03 35.42 2.85
CA MET B 170 -2.38 35.16 2.38
C MET B 170 -3.21 34.48 3.47
N PRO B 171 -4.54 34.60 3.37
CA PRO B 171 -5.48 34.01 4.34
C PRO B 171 -5.19 32.57 4.72
N ASP B 172 -4.77 31.75 3.76
CA ASP B 172 -4.50 30.34 4.04
C ASP B 172 -3.16 30.03 4.69
N GLY B 173 -2.29 31.03 4.84
CA GLY B 173 -1.00 30.79 5.47
C GLY B 173 0.19 30.83 4.53
N THR B 174 -0.08 30.89 3.22
CA THR B 174 1.01 30.96 2.24
C THR B 174 1.41 32.41 2.02
N PHE B 175 2.62 32.63 1.53
CA PHE B 175 3.10 33.98 1.28
C PHE B 175 3.15 34.22 -0.20
N GLU B 176 2.89 35.46 -0.59
CA GLU B 176 2.93 35.80 -2.01
C GLU B 176 3.62 37.15 -2.23
N TRP B 177 4.61 37.16 -3.12
CA TRP B 177 5.33 38.38 -3.43
C TRP B 177 5.01 38.87 -4.85
N HIS B 178 4.42 40.05 -4.94
CA HIS B 178 4.07 40.66 -6.23
C HIS B 178 4.96 41.86 -6.55
N ALA B 179 5.63 41.81 -7.71
CA ALA B 179 6.50 42.89 -8.13
C ALA B 179 6.64 42.91 -9.65
N PRO B 180 7.06 44.05 -10.21
CA PRO B 180 7.22 44.11 -11.66
C PRO B 180 8.47 43.42 -12.20
N PHE B 181 9.41 43.07 -11.31
CA PHE B 181 10.63 42.40 -11.76
C PHE B 181 10.31 41.06 -12.43
N ASP B 182 11.05 40.74 -13.47
CA ASP B 182 10.84 39.48 -14.16
C ASP B 182 11.09 38.39 -13.11
N PRO B 183 10.43 37.24 -13.24
CA PRO B 183 10.60 36.13 -12.30
C PRO B 183 11.97 35.47 -12.27
N ASP B 184 12.57 35.28 -13.45
CA ASP B 184 13.83 34.58 -13.53
C ASP B 184 15.12 35.38 -13.56
N ILE B 185 15.03 36.67 -13.84
CA ILE B 185 16.22 37.51 -13.91
C ILE B 185 16.84 37.79 -12.55
N PRO B 186 18.05 37.25 -12.31
CA PRO B 186 18.74 37.47 -11.04
C PRO B 186 18.86 38.96 -10.70
N LEU B 187 18.63 39.30 -9.44
CA LEU B 187 18.71 40.68 -8.96
C LEU B 187 19.80 40.75 -7.91
N PRO B 188 20.46 41.91 -7.77
CA PRO B 188 21.52 42.03 -6.76
C PRO B 188 20.93 42.40 -5.39
N TRP B 189 21.18 41.55 -4.39
CA TRP B 189 20.68 41.81 -3.05
C TRP B 189 21.76 42.18 -2.04
N LEU B 190 21.35 42.79 -0.95
CA LEU B 190 22.27 43.20 0.11
C LEU B 190 21.58 43.26 1.46
N ASP B 191 22.24 42.72 2.48
CA ASP B 191 21.68 42.75 3.83
C ASP B 191 22.27 44.00 4.50
N ALA B 192 21.54 45.11 4.39
CA ALA B 192 21.98 46.38 4.95
C ALA B 192 22.56 46.33 6.35
N GLU B 193 21.73 45.97 7.33
CA GLU B 193 22.19 45.95 8.71
C GLU B 193 23.39 45.05 8.97
N HIS B 194 23.34 43.85 8.43
CA HIS B 194 24.39 42.85 8.62
C HIS B 194 25.70 43.06 7.88
N ASP B 195 25.64 43.49 6.62
CA ASP B 195 26.86 43.63 5.84
C ASP B 195 27.34 44.98 5.29
N VAL B 196 26.57 46.04 5.44
CA VAL B 196 27.08 47.29 4.91
C VAL B 196 28.21 47.79 5.80
N GLY B 197 28.01 47.70 7.12
CA GLY B 197 29.03 48.15 8.05
C GLY B 197 30.39 47.49 7.83
N PRO B 198 30.49 46.15 8.02
CA PRO B 198 31.75 45.44 7.83
C PRO B 198 32.45 45.68 6.49
N ALA B 199 31.66 45.78 5.41
CA ALA B 199 32.23 46.00 4.08
C ALA B 199 32.85 47.39 3.97
N LEU B 200 32.16 48.41 4.48
CA LEU B 200 32.72 49.75 4.40
C LEU B 200 33.98 49.83 5.25
N LEU B 201 34.00 49.13 6.38
CA LEU B 201 35.17 49.17 7.26
C LEU B 201 36.39 48.61 6.54
N GLN B 202 36.17 47.53 5.81
CA GLN B 202 37.25 46.89 5.07
C GLN B 202 37.73 47.77 3.91
N ILE B 203 36.84 48.56 3.33
CA ILE B 203 37.23 49.45 2.24
C ILE B 203 38.13 50.55 2.81
N PHE B 204 37.75 51.04 4.00
CA PHE B 204 38.51 52.08 4.68
C PHE B 204 39.88 51.51 5.10
N LYS B 205 39.87 50.30 5.65
CA LYS B 205 41.09 49.61 6.07
C LYS B 205 42.02 49.52 4.87
N ASP B 206 41.50 49.02 3.75
CA ASP B 206 42.28 48.88 2.52
C ASP B 206 42.76 50.25 2.05
N GLY B 207 41.96 51.27 2.33
CA GLY B 207 42.31 52.63 1.97
C GLY B 207 42.24 52.97 0.50
N PRO B 208 42.56 54.23 0.12
CA PRO B 208 42.57 54.78 -1.24
C PRO B 208 43.60 54.13 -2.15
N GLN B 209 44.75 53.82 -1.58
CA GLN B 209 45.82 53.21 -2.35
C GLN B 209 45.34 51.98 -3.09
N LYS B 210 44.19 51.46 -2.67
CA LYS B 210 43.59 50.27 -3.29
C LYS B 210 42.29 50.57 -4.02
N TRP B 211 41.41 51.38 -3.40
CA TRP B 211 40.09 51.69 -3.96
C TRP B 211 39.82 53.04 -4.59
N ASN B 212 40.78 53.95 -4.51
CA ASN B 212 40.61 55.28 -5.08
C ASN B 212 40.15 55.24 -6.53
N GLY B 213 38.97 55.80 -6.80
CA GLY B 213 38.44 55.84 -8.16
C GLY B 213 37.58 54.64 -8.55
N HIS B 214 37.57 53.63 -7.71
CA HIS B 214 36.81 52.43 -8.00
C HIS B 214 35.33 52.49 -7.65
N ARG B 215 34.59 51.63 -8.33
CA ARG B 215 33.17 51.49 -8.13
C ARG B 215 33.07 50.07 -7.61
N ILE B 216 32.31 49.89 -6.54
CA ILE B 216 32.17 48.58 -5.96
C ILE B 216 30.70 48.24 -5.81
N ALA B 217 30.31 47.14 -6.43
CA ALA B 217 28.94 46.68 -6.32
C ALA B 217 28.78 46.10 -4.92
N LEU B 218 28.02 46.78 -4.06
CA LEU B 218 27.82 46.30 -2.71
C LEU B 218 26.66 45.33 -2.67
N THR B 219 26.91 44.15 -3.23
CA THR B 219 25.91 43.09 -3.27
C THR B 219 26.68 41.82 -2.97
N PHE B 220 26.09 40.94 -2.17
CA PHE B 220 26.75 39.71 -1.79
C PHE B 220 26.13 38.45 -2.39
N GLU B 221 25.02 38.61 -3.08
CA GLU B 221 24.35 37.47 -3.70
C GLU B 221 23.32 37.96 -4.68
N THR B 222 23.19 37.27 -5.81
CA THR B 222 22.19 37.63 -6.81
C THR B 222 21.16 36.52 -6.97
N LEU B 223 19.93 36.83 -6.64
CA LEU B 223 18.82 35.88 -6.73
C LEU B 223 17.72 36.41 -7.62
N SER B 224 17.04 35.52 -8.33
CA SER B 224 15.93 35.96 -9.16
C SER B 224 14.75 35.96 -8.19
N PRO B 225 13.67 36.66 -8.54
CA PRO B 225 12.48 36.69 -7.67
C PRO B 225 11.98 35.30 -7.27
N VAL B 226 12.04 34.35 -8.21
CA VAL B 226 11.60 33.00 -7.91
C VAL B 226 12.52 32.39 -6.87
N GLN B 227 13.81 32.69 -6.96
CA GLN B 227 14.77 32.19 -6.00
C GLN B 227 14.54 32.83 -4.63
N VAL B 228 14.30 34.15 -4.61
CA VAL B 228 14.08 34.81 -3.31
C VAL B 228 12.93 34.14 -2.60
N CYS B 229 11.87 33.85 -3.35
CA CYS B 229 10.70 33.19 -2.77
C CYS B 229 11.05 31.77 -2.31
N ALA B 230 11.94 31.13 -3.05
CA ALA B 230 12.38 29.79 -2.71
C ALA B 230 13.06 29.83 -1.33
N ALA B 231 14.03 30.74 -1.19
CA ALA B 231 14.77 30.90 0.05
C ALA B 231 13.85 31.15 1.24
N PHE B 232 12.76 31.87 1.01
CA PHE B 232 11.81 32.13 2.08
C PHE B 232 11.09 30.85 2.47
N SER B 233 10.70 30.07 1.46
CA SER B 233 10.01 28.81 1.69
C SER B 233 10.80 27.97 2.69
N ARG B 234 12.09 27.81 2.42
CA ARG B 234 12.97 27.02 3.26
C ARG B 234 12.95 27.50 4.70
N ALA B 235 13.10 28.80 4.88
CA ALA B 235 13.13 29.40 6.21
C ALA B 235 11.81 29.35 6.97
N LEU B 236 10.80 30.05 6.45
CA LEU B 236 9.50 30.12 7.10
C LEU B 236 8.71 28.82 7.11
N ASN B 237 9.25 27.79 6.47
CA ASN B 237 8.59 26.49 6.38
C ASN B 237 7.21 26.69 5.77
N ARG B 238 7.17 27.42 4.66
CA ARG B 238 5.90 27.71 3.98
C ARG B 238 6.00 27.76 2.47
N ARG B 239 4.85 27.97 1.86
CA ARG B 239 4.73 28.08 0.41
C ARG B 239 4.89 29.56 0.09
N VAL B 240 5.86 29.88 -0.77
CA VAL B 240 6.09 31.26 -1.17
C VAL B 240 6.12 31.31 -2.70
N THR B 241 5.20 32.08 -3.27
CA THR B 241 5.10 32.19 -4.72
C THR B 241 5.36 33.61 -5.21
N TYR B 242 5.95 33.72 -6.40
CA TYR B 242 6.18 35.04 -6.99
C TYR B 242 5.15 35.29 -8.06
N VAL B 243 4.64 36.51 -8.12
CA VAL B 243 3.68 36.87 -9.14
C VAL B 243 4.15 38.15 -9.80
N GLN B 244 4.51 38.06 -11.07
CA GLN B 244 4.97 39.23 -11.81
C GLN B 244 3.77 40.07 -12.21
N VAL B 245 3.80 41.33 -11.82
CA VAL B 245 2.73 42.26 -12.12
C VAL B 245 3.33 43.39 -12.94
N PRO B 246 2.62 43.85 -13.98
CA PRO B 246 3.12 44.94 -14.83
C PRO B 246 3.29 46.25 -14.08
N LYS B 247 2.48 46.47 -13.06
CA LYS B 247 2.56 47.71 -12.28
C LYS B 247 2.66 47.49 -10.78
N VAL B 248 3.41 48.36 -10.11
CA VAL B 248 3.60 48.27 -8.67
C VAL B 248 2.34 48.61 -7.89
N GLU B 249 1.95 47.72 -6.97
CA GLU B 249 0.75 47.90 -6.12
C GLU B 249 1.01 48.89 -4.98
N ILE B 250 0.20 49.93 -4.87
CA ILE B 250 0.40 50.90 -3.81
C ILE B 250 -0.73 50.83 -2.79
N LYS B 251 -0.66 49.84 -1.91
CA LYS B 251 -1.67 49.62 -0.89
C LYS B 251 -1.68 50.62 0.24
N VAL B 252 -1.01 51.75 0.05
CA VAL B 252 -0.94 52.76 1.10
C VAL B 252 -0.67 54.14 0.55
N ASN B 253 -1.03 55.14 1.33
CA ASN B 253 -0.82 56.54 0.95
C ASN B 253 0.62 56.95 1.22
N ILE B 254 1.36 57.15 0.13
CA ILE B 254 2.77 57.50 0.17
C ILE B 254 3.07 58.89 -0.41
N PRO B 255 4.33 59.33 -0.33
CA PRO B 255 4.75 60.62 -0.88
C PRO B 255 4.83 60.52 -2.40
N VAL B 256 4.55 61.61 -3.09
CA VAL B 256 4.58 61.62 -4.55
C VAL B 256 5.95 61.25 -5.14
N GLY B 257 7.01 61.83 -4.58
CA GLY B 257 8.35 61.54 -5.05
C GLY B 257 8.64 60.06 -5.16
N TYR B 258 8.10 59.29 -4.21
CA TYR B 258 8.28 57.84 -4.17
C TYR B 258 7.43 57.18 -5.26
N ARG B 259 6.29 57.78 -5.57
CA ARG B 259 5.39 57.24 -6.60
C ARG B 259 6.18 57.14 -7.90
N GLU B 260 6.64 58.30 -8.34
CA GLU B 260 7.42 58.48 -9.56
C GLU B 260 8.56 57.47 -9.66
N GLN B 261 9.22 57.27 -8.53
CA GLN B 261 10.32 56.32 -8.43
C GLN B 261 9.82 54.95 -8.84
N LEU B 262 8.71 54.55 -8.23
CA LEU B 262 8.09 53.26 -8.49
C LEU B 262 7.61 53.09 -9.94
N GLU B 263 7.10 54.16 -10.53
CA GLU B 263 6.63 54.12 -11.90
C GLU B 263 7.82 53.88 -12.84
N ALA B 264 8.96 54.50 -12.51
CA ALA B 264 10.17 54.34 -13.32
C ALA B 264 10.62 52.89 -13.27
N ILE B 265 10.56 52.32 -12.08
CA ILE B 265 10.98 50.94 -11.89
C ILE B 265 10.10 49.99 -12.67
N GLU B 266 8.81 50.28 -12.75
CA GLU B 266 7.87 49.44 -13.50
C GLU B 266 8.31 49.39 -14.96
N VAL B 267 8.65 50.56 -15.49
CA VAL B 267 9.08 50.68 -16.88
C VAL B 267 10.44 49.99 -17.10
N VAL B 268 11.43 50.37 -16.29
CA VAL B 268 12.79 49.84 -16.40
C VAL B 268 12.96 48.34 -16.21
N PHE B 269 12.32 47.78 -15.20
CA PHE B 269 12.47 46.35 -14.94
C PHE B 269 11.29 45.54 -15.45
N GLY B 270 10.10 46.12 -15.34
CA GLY B 270 8.91 45.42 -15.79
C GLY B 270 8.74 45.42 -17.30
N GLU B 271 8.60 46.62 -17.86
CA GLU B 271 8.45 46.77 -19.29
C GLU B 271 9.75 46.52 -20.05
N HIS B 272 10.79 47.29 -19.73
CA HIS B 272 12.09 47.17 -20.41
C HIS B 272 13.01 46.03 -19.97
N LYS B 273 12.65 45.34 -18.88
CA LYS B 273 13.46 44.25 -18.35
C LYS B 273 14.94 44.61 -18.39
N ALA B 274 15.31 45.73 -17.80
CA ALA B 274 16.71 46.19 -17.80
C ALA B 274 17.47 45.90 -16.51
N PRO B 275 18.81 45.83 -16.61
CA PRO B 275 19.74 45.57 -15.51
C PRO B 275 19.70 46.60 -14.38
N TYR B 276 19.58 46.13 -13.14
CA TYR B 276 19.57 47.00 -11.97
C TYR B 276 20.86 47.83 -11.98
N PHE B 277 21.98 47.16 -12.26
CA PHE B 277 23.29 47.81 -12.36
C PHE B 277 23.73 47.71 -13.83
N PRO B 278 23.18 48.57 -14.71
CA PRO B 278 23.50 48.61 -16.15
C PRO B 278 24.90 49.07 -16.60
N LEU B 279 25.78 49.40 -15.65
CA LEU B 279 27.14 49.81 -15.99
C LEU B 279 27.87 48.60 -16.55
N PRO B 280 28.46 48.71 -17.76
CA PRO B 280 29.18 47.61 -18.40
C PRO B 280 29.99 46.72 -17.45
N GLU B 281 30.62 47.31 -16.45
CA GLU B 281 31.41 46.57 -15.48
C GLU B 281 30.54 45.70 -14.60
N PHE B 282 29.41 46.27 -14.18
CA PHE B 282 28.46 45.57 -13.31
C PHE B 282 27.51 44.71 -14.15
N SER B 283 27.69 44.76 -15.47
CA SER B 283 26.86 44.01 -16.41
C SER B 283 27.61 42.89 -17.11
N ARG B 316 31.50 37.34 -11.84
CA ARG B 316 30.31 37.81 -11.14
C ARG B 316 30.51 39.08 -10.31
N VAL B 317 29.43 39.79 -10.12
CA VAL B 317 29.44 41.04 -9.36
C VAL B 317 29.67 40.85 -7.87
N THR B 318 29.24 39.73 -7.32
CA THR B 318 29.41 39.50 -5.89
C THR B 318 30.87 39.38 -5.53
N ASP B 319 31.71 39.28 -6.56
CA ASP B 319 33.16 39.15 -6.41
C ASP B 319 33.84 40.05 -5.38
N GLU B 320 34.10 41.31 -5.74
CA GLU B 320 34.78 42.22 -4.82
C GLU B 320 34.09 42.35 -3.45
N ALA B 321 32.77 42.38 -3.44
CA ALA B 321 32.05 42.48 -2.19
C ALA B 321 32.50 41.34 -1.27
N ARG B 322 32.25 40.11 -1.68
CA ARG B 322 32.63 38.93 -0.90
C ARG B 322 34.10 38.84 -0.48
N LYS B 323 34.98 39.47 -1.24
CA LYS B 323 36.40 39.48 -0.92
C LYS B 323 36.63 40.54 0.19
N LEU B 324 35.86 41.63 0.14
CA LEU B 324 35.94 42.71 1.13
C LEU B 324 35.36 42.26 2.48
N TRP B 325 34.34 41.42 2.42
CA TRP B 325 33.70 40.91 3.62
C TRP B 325 33.09 39.56 3.25
N SER B 326 33.63 38.49 3.82
CA SER B 326 33.11 37.16 3.54
C SER B 326 32.19 36.67 4.64
N GLY B 327 31.84 37.57 5.57
CA GLY B 327 30.95 37.19 6.66
C GLY B 327 29.52 37.64 6.35
N TRP B 328 29.17 37.62 5.06
CA TRP B 328 27.86 38.07 4.64
C TRP B 328 26.70 37.16 5.00
N ARG B 329 25.50 37.72 4.91
CA ARG B 329 24.26 37.02 5.21
C ARG B 329 23.38 36.94 3.96
N ASP B 330 22.99 35.71 3.61
CA ASP B 330 22.15 35.47 2.43
C ASP B 330 20.67 35.61 2.74
N MET B 331 19.86 35.47 1.70
CA MET B 331 18.42 35.58 1.84
C MET B 331 17.81 34.50 2.71
N GLU B 332 18.45 33.36 2.79
CA GLU B 332 17.89 32.28 3.62
C GLU B 332 18.04 32.58 5.11
N GLU B 333 19.21 33.05 5.51
CA GLU B 333 19.47 33.36 6.91
C GLU B 333 18.61 34.54 7.32
N TYR B 334 18.50 35.52 6.43
CA TYR B 334 17.67 36.67 6.75
C TYR B 334 16.23 36.24 6.96
N ALA B 335 15.67 35.53 5.99
CA ALA B 335 14.30 35.07 6.06
C ALA B 335 14.08 34.26 7.33
N ARG B 336 15.02 33.36 7.59
CA ARG B 336 14.93 32.48 8.75
C ARG B 336 15.23 33.09 10.11
N GLU B 337 16.23 33.98 10.17
CA GLU B 337 16.61 34.55 11.46
C GLU B 337 16.09 35.95 11.77
N VAL B 338 15.93 36.77 10.74
CA VAL B 338 15.48 38.15 10.95
C VAL B 338 14.02 38.44 10.61
N PHE B 339 13.66 38.22 9.36
CA PHE B 339 12.28 38.46 8.90
C PHE B 339 11.20 38.17 9.95
N PRO B 340 11.21 36.96 10.56
CA PRO B 340 10.20 36.61 11.55
C PRO B 340 10.20 37.52 12.77
N ILE B 341 11.37 38.03 13.14
CA ILE B 341 11.49 38.92 14.29
C ILE B 341 11.07 40.34 13.90
N GLU B 342 11.52 40.81 12.74
CA GLU B 342 11.14 42.15 12.30
C GLU B 342 9.61 42.17 12.16
N GLU B 343 9.07 41.18 11.46
CA GLU B 343 7.62 41.09 11.28
C GLU B 343 6.90 41.15 12.64
N GLU B 344 7.43 40.43 13.62
CA GLU B 344 6.85 40.41 14.96
C GLU B 344 7.01 41.78 15.61
N ALA B 345 8.20 42.36 15.50
CA ALA B 345 8.44 43.69 16.07
C ALA B 345 7.36 44.63 15.52
N ASN B 346 6.93 44.35 14.29
CA ASN B 346 5.92 45.17 13.63
C ASN B 346 4.47 44.76 13.97
N GLY B 347 4.31 44.07 15.10
CA GLY B 347 2.99 43.67 15.58
C GLY B 347 2.26 42.51 14.91
N LEU B 348 2.98 41.65 14.20
CA LEU B 348 2.34 40.52 13.51
C LEU B 348 2.34 39.24 14.36
N ASP B 349 1.40 38.35 14.07
CA ASP B 349 1.22 37.09 14.81
C ASP B 349 1.78 35.78 14.25
N TRP B 350 1.50 35.53 12.98
CA TRP B 350 1.89 34.30 12.30
C TRP B 350 3.13 33.53 12.78
N MET B 351 4.12 34.22 13.34
CA MET B 351 5.33 33.55 13.80
C MET B 351 5.15 32.90 15.17
N LEU B 352 4.21 33.42 15.95
CA LEU B 352 3.93 32.93 17.29
C LEU B 352 3.00 31.72 17.26
N GLN C 3 0.94 -31.35 17.44
CA GLN C 3 0.67 -30.37 16.34
C GLN C 3 1.03 -28.96 16.79
N GLN C 4 1.33 -28.82 18.08
CA GLN C 4 1.73 -27.53 18.64
C GLN C 4 3.18 -27.72 19.08
N LYS C 5 4.05 -26.76 18.76
CA LYS C 5 5.45 -26.89 19.16
C LYS C 5 5.56 -26.89 20.68
N LYS C 6 6.25 -27.87 21.24
CA LYS C 6 6.40 -28.00 22.68
C LYS C 6 7.73 -27.49 23.23
N THR C 7 7.87 -27.53 24.55
CA THR C 7 9.09 -27.12 25.19
C THR C 7 9.92 -28.38 25.43
N ILE C 8 11.12 -28.41 24.88
CA ILE C 8 11.98 -29.59 25.04
C ILE C 8 13.13 -29.31 25.97
N ALA C 9 13.42 -30.30 26.82
CA ALA C 9 14.52 -30.21 27.77
C ALA C 9 15.64 -31.15 27.33
N VAL C 10 16.86 -30.64 27.31
CA VAL C 10 18.01 -31.45 26.92
C VAL C 10 19.19 -31.10 27.79
N VAL C 11 20.18 -31.99 27.81
CA VAL C 11 21.39 -31.80 28.60
C VAL C 11 22.59 -31.92 27.67
N ASN C 12 23.78 -31.55 28.15
CA ASN C 12 24.97 -31.61 27.30
C ASN C 12 24.69 -31.00 25.94
N ALA C 13 24.18 -29.77 25.96
CA ALA C 13 23.80 -29.04 24.75
C ALA C 13 24.86 -28.96 23.67
N THR C 14 26.12 -28.83 24.07
CA THR C 14 27.18 -28.73 23.09
C THR C 14 27.53 -30.07 22.45
N GLY C 15 27.06 -31.16 23.04
CA GLY C 15 27.31 -32.48 22.48
C GLY C 15 26.65 -32.59 21.12
N ARG C 16 27.23 -33.38 20.23
CA ARG C 16 26.70 -33.52 18.88
C ARG C 16 25.23 -33.92 18.73
N GLN C 17 24.73 -34.84 19.55
CA GLN C 17 23.34 -35.24 19.43
C GLN C 17 22.39 -34.10 19.80
N ALA C 18 22.65 -33.44 20.92
CA ALA C 18 21.79 -32.37 21.39
C ALA C 18 21.85 -31.11 20.52
N ALA C 19 23.06 -30.70 20.15
CA ALA C 19 23.22 -29.51 19.32
C ALA C 19 22.41 -29.69 18.04
N SER C 20 22.44 -30.88 17.48
CA SER C 20 21.69 -31.14 16.27
C SER C 20 20.22 -30.87 16.53
N LEU C 21 19.68 -31.47 17.58
CA LEU C 21 18.28 -31.29 17.93
C LEU C 21 17.93 -29.86 18.28
N ILE C 22 18.82 -29.18 19.02
CA ILE C 22 18.55 -27.80 19.40
C ILE C 22 18.45 -26.85 18.20
N ARG C 23 19.39 -26.95 17.26
CA ARG C 23 19.35 -26.07 16.09
C ARG C 23 18.03 -26.29 15.33
N VAL C 24 17.75 -27.56 15.07
CA VAL C 24 16.54 -27.99 14.37
C VAL C 24 15.29 -27.49 15.09
N ALA C 25 15.11 -27.99 16.31
CA ALA C 25 13.95 -27.67 17.14
C ALA C 25 13.70 -26.19 17.29
N ALA C 26 14.70 -25.44 17.73
CA ALA C 26 14.53 -24.00 17.91
C ALA C 26 14.07 -23.35 16.60
N ALA C 27 14.66 -23.77 15.48
CA ALA C 27 14.30 -23.25 14.16
C ALA C 27 12.82 -23.46 13.83
N VAL C 28 12.33 -24.68 14.02
CA VAL C 28 10.93 -24.96 13.72
C VAL C 28 9.94 -24.28 14.67
N GLY C 29 10.43 -23.77 15.80
CA GLY C 29 9.52 -23.11 16.72
C GLY C 29 9.37 -23.65 18.14
N HIS C 30 10.10 -24.71 18.48
CA HIS C 30 10.03 -25.27 19.82
C HIS C 30 10.88 -24.43 20.75
N HIS C 31 10.55 -24.44 22.03
CA HIS C 31 11.31 -23.73 23.04
C HIS C 31 12.27 -24.76 23.61
N VAL C 32 13.53 -24.38 23.79
CA VAL C 32 14.50 -25.31 24.32
C VAL C 32 15.10 -24.90 25.65
N ARG C 33 15.11 -25.85 26.60
CA ARG C 33 15.70 -25.64 27.92
C ARG C 33 16.86 -26.62 27.95
N ALA C 34 18.09 -26.12 27.90
CA ALA C 34 19.24 -27.00 27.88
C ALA C 34 20.26 -26.71 28.95
N GLN C 35 20.98 -27.76 29.34
CA GLN C 35 22.05 -27.65 30.33
C GLN C 35 23.38 -27.71 29.61
N VAL C 36 24.30 -26.84 30.00
CA VAL C 36 25.66 -26.82 29.43
C VAL C 36 26.62 -26.78 30.61
N HIS C 37 27.81 -27.33 30.41
CA HIS C 37 28.80 -27.35 31.45
C HIS C 37 29.50 -25.99 31.55
N SER C 38 29.65 -25.33 30.40
CA SER C 38 30.27 -24.01 30.39
C SER C 38 29.73 -23.18 29.24
N LEU C 39 29.55 -21.88 29.48
CA LEU C 39 29.06 -20.97 28.45
C LEU C 39 30.17 -20.57 27.50
N LYS C 40 31.39 -20.98 27.81
CA LYS C 40 32.53 -20.66 26.98
C LYS C 40 32.78 -21.71 25.91
N GLY C 41 32.85 -21.25 24.67
CA GLY C 41 33.06 -22.16 23.55
C GLY C 41 32.20 -21.78 22.36
N LEU C 42 32.68 -22.10 21.18
CA LEU C 42 31.96 -21.80 19.95
C LEU C 42 30.49 -22.23 20.05
N ILE C 43 30.29 -23.54 20.05
CA ILE C 43 28.96 -24.13 20.12
C ILE C 43 28.09 -23.49 21.19
N ALA C 44 28.64 -23.36 22.38
CA ALA C 44 27.92 -22.77 23.50
C ALA C 44 27.42 -21.38 23.11
N GLU C 45 28.35 -20.53 22.71
CA GLU C 45 27.99 -19.17 22.32
C GLU C 45 26.94 -19.17 21.19
N GLU C 46 27.05 -20.13 20.28
CA GLU C 46 26.10 -20.24 19.19
C GLU C 46 24.72 -20.61 19.74
N LEU C 47 24.65 -21.75 20.41
CA LEU C 47 23.39 -22.21 20.96
C LEU C 47 22.70 -21.11 21.77
N GLN C 48 23.41 -20.52 22.72
CA GLN C 48 22.83 -19.47 23.54
C GLN C 48 22.29 -18.32 22.70
N ALA C 49 22.87 -18.16 21.51
CA ALA C 49 22.45 -17.10 20.61
C ALA C 49 21.12 -17.38 19.94
N ILE C 50 20.80 -18.65 19.76
CA ILE C 50 19.53 -19.03 19.13
C ILE C 50 18.36 -18.52 19.99
N PRO C 51 17.48 -17.73 19.38
CA PRO C 51 16.30 -17.12 20.00
C PRO C 51 15.62 -17.82 21.16
N ASN C 52 14.79 -18.82 20.84
CA ASN C 52 14.03 -19.51 21.87
C ASN C 52 14.76 -20.60 22.65
N VAL C 53 16.04 -20.39 22.89
CA VAL C 53 16.84 -21.36 23.62
C VAL C 53 17.30 -20.78 24.95
N THR C 54 16.98 -21.48 26.03
CA THR C 54 17.40 -21.04 27.36
C THR C 54 18.45 -22.03 27.89
N LEU C 55 19.59 -21.48 28.33
CA LEU C 55 20.66 -22.31 28.86
C LEU C 55 20.82 -22.19 30.36
N PHE C 56 21.26 -23.29 30.97
CA PHE C 56 21.47 -23.37 32.41
C PHE C 56 22.88 -23.92 32.58
N GLN C 57 23.80 -23.05 32.99
CA GLN C 57 25.18 -23.46 33.17
C GLN C 57 25.46 -24.04 34.53
N GLY C 58 25.83 -25.31 34.54
CA GLY C 58 26.13 -25.99 35.79
C GLY C 58 26.42 -27.46 35.51
N PRO C 59 26.88 -28.21 36.52
CA PRO C 59 27.18 -29.64 36.37
C PRO C 59 25.88 -30.42 36.48
N LEU C 60 25.91 -31.71 36.13
CA LEU C 60 24.73 -32.56 36.21
C LEU C 60 24.87 -33.47 37.42
N LEU C 61 26.11 -33.76 37.78
CA LEU C 61 26.42 -34.63 38.90
C LEU C 61 26.03 -33.98 40.21
N ASN C 62 25.16 -34.63 40.96
CA ASN C 62 24.71 -34.09 42.24
C ASN C 62 24.26 -32.66 42.06
N ASN C 63 23.33 -32.44 41.12
CA ASN C 63 22.81 -31.11 40.84
C ASN C 63 21.33 -31.23 40.52
N VAL C 64 20.55 -31.51 41.55
CA VAL C 64 19.13 -31.66 41.40
C VAL C 64 18.45 -30.31 41.23
N PRO C 65 18.98 -29.24 41.86
CA PRO C 65 18.29 -27.98 41.64
C PRO C 65 18.26 -27.66 40.15
N LEU C 66 19.38 -27.92 39.47
CA LEU C 66 19.45 -27.64 38.03
C LEU C 66 18.48 -28.49 37.21
N MET C 67 18.35 -29.77 37.54
CA MET C 67 17.42 -30.65 36.81
C MET C 67 15.96 -30.26 36.99
N ASP C 68 15.59 -29.86 38.21
CA ASP C 68 14.22 -29.44 38.47
C ASP C 68 13.89 -28.25 37.61
N THR C 69 14.80 -27.27 37.60
CA THR C 69 14.58 -26.08 36.81
C THR C 69 14.49 -26.44 35.33
N LEU C 70 15.38 -27.34 34.89
CA LEU C 70 15.43 -27.78 33.50
C LEU C 70 14.10 -28.25 32.96
N PHE C 71 13.41 -29.09 33.73
CA PHE C 71 12.14 -29.68 33.34
C PHE C 71 10.89 -28.83 33.60
N GLU C 72 11.06 -27.62 34.11
CA GLU C 72 9.92 -26.75 34.39
C GLU C 72 9.21 -26.36 33.10
N GLY C 73 7.94 -26.76 32.97
CA GLY C 73 7.17 -26.44 31.78
C GLY C 73 7.62 -27.21 30.54
N ALA C 74 8.36 -28.28 30.75
CA ALA C 74 8.84 -29.08 29.64
C ALA C 74 7.85 -30.21 29.34
N HIS C 75 7.56 -30.39 28.05
CA HIS C 75 6.63 -31.43 27.62
C HIS C 75 7.44 -32.57 27.02
N LEU C 76 8.59 -32.24 26.45
CA LEU C 76 9.45 -33.22 25.80
C LEU C 76 10.88 -33.15 26.30
N ALA C 77 11.60 -34.26 26.21
CA ALA C 77 12.99 -34.29 26.63
C ALA C 77 13.81 -35.27 25.84
N PHE C 78 15.04 -34.85 25.52
CA PHE C 78 15.98 -35.69 24.80
C PHE C 78 17.20 -35.69 25.69
N ILE C 79 17.48 -36.85 26.31
CA ILE C 79 18.60 -36.97 27.22
C ILE C 79 19.70 -37.89 26.73
N ASN C 80 20.90 -37.35 26.70
CA ASN C 80 22.07 -38.08 26.28
C ASN C 80 23.15 -37.66 27.26
N THR C 81 23.48 -38.56 28.18
CA THR C 81 24.50 -38.30 29.18
C THR C 81 25.89 -38.77 28.76
N THR C 82 26.92 -38.33 29.48
CA THR C 82 28.28 -38.73 29.18
C THR C 82 28.99 -39.23 30.44
N SER C 83 30.05 -40.00 30.25
CA SER C 83 30.80 -40.53 31.38
C SER C 83 31.80 -39.49 31.89
N GLN C 84 32.14 -38.54 31.03
CA GLN C 84 33.09 -37.50 31.41
C GLN C 84 32.54 -36.67 32.58
N ALA C 85 31.22 -36.66 32.69
CA ALA C 85 30.54 -35.93 33.75
C ALA C 85 30.89 -36.56 35.10
N GLY C 86 30.93 -37.89 35.12
CA GLY C 86 31.20 -38.65 36.31
C GLY C 86 30.30 -39.85 36.19
N ASP C 87 29.72 -40.30 37.29
CA ASP C 87 28.84 -41.47 37.25
C ASP C 87 27.56 -41.25 36.42
N GLU C 88 27.54 -41.72 35.17
CA GLU C 88 26.35 -41.55 34.32
C GLU C 88 25.10 -42.10 34.99
N ILE C 89 25.20 -43.32 35.52
CA ILE C 89 24.05 -43.95 36.18
C ILE C 89 23.33 -42.98 37.10
N ALA C 90 24.03 -42.46 38.12
CA ALA C 90 23.43 -41.52 39.06
C ALA C 90 22.82 -40.31 38.37
N ILE C 91 23.56 -39.76 37.42
CA ILE C 91 23.09 -38.60 36.67
C ILE C 91 21.84 -38.96 35.87
N GLY C 92 21.85 -40.11 35.20
CA GLY C 92 20.70 -40.54 34.42
C GLY C 92 19.49 -40.84 35.28
N LYS C 93 19.71 -41.35 36.48
CA LYS C 93 18.61 -41.67 37.39
C LYS C 93 18.00 -40.38 37.93
N ASP C 94 18.86 -39.44 38.30
CA ASP C 94 18.42 -38.16 38.84
C ASP C 94 17.58 -37.41 37.81
N LEU C 95 18.02 -37.46 36.56
CA LEU C 95 17.29 -36.78 35.48
C LEU C 95 15.92 -37.40 35.31
N ALA C 96 15.85 -38.72 35.33
CA ALA C 96 14.59 -39.41 35.18
C ALA C 96 13.66 -39.09 36.35
N ASP C 97 14.21 -38.94 37.55
CA ASP C 97 13.38 -38.61 38.71
C ASP C 97 12.81 -37.20 38.59
N ALA C 98 13.65 -36.28 38.13
CA ALA C 98 13.23 -34.90 37.97
C ALA C 98 12.16 -34.80 36.90
N ALA C 99 12.36 -35.49 35.78
CA ALA C 99 11.39 -35.46 34.70
C ALA C 99 10.02 -35.95 35.20
N LYS C 100 10.03 -37.02 35.99
CA LYS C 100 8.78 -37.57 36.53
C LYS C 100 8.16 -36.58 37.52
N ARG C 101 8.99 -36.00 38.38
CA ARG C 101 8.51 -35.05 39.37
C ARG C 101 7.88 -33.82 38.73
N ALA C 102 8.37 -33.45 37.55
CA ALA C 102 7.85 -32.29 36.85
C ALA C 102 6.42 -32.58 36.39
N GLY C 103 6.15 -33.86 36.17
CA GLY C 103 4.84 -34.31 35.75
C GLY C 103 4.29 -33.81 34.43
N THR C 104 5.09 -33.06 33.68
CA THR C 104 4.63 -32.51 32.41
C THR C 104 5.25 -33.15 31.17
N ILE C 105 6.13 -34.11 31.38
CA ILE C 105 6.80 -34.78 30.28
C ILE C 105 5.88 -35.79 29.62
N GLN C 106 5.65 -35.61 28.32
CA GLN C 106 4.79 -36.51 27.55
C GLN C 106 5.60 -37.51 26.74
N HIS C 107 6.86 -37.19 26.46
CA HIS C 107 7.73 -38.08 25.69
C HIS C 107 9.17 -37.85 26.12
N TYR C 108 9.75 -38.86 26.76
CA TYR C 108 11.11 -38.79 27.26
C TYR C 108 12.03 -39.69 26.42
N ILE C 109 12.86 -39.08 25.59
CA ILE C 109 13.79 -39.84 24.75
C ILE C 109 15.16 -39.91 25.41
N TYR C 110 15.66 -41.12 25.62
CA TYR C 110 16.97 -41.26 26.22
C TYR C 110 17.88 -41.97 25.23
N SER C 111 19.10 -41.46 25.08
CA SER C 111 20.04 -42.09 24.16
C SER C 111 20.74 -43.20 24.94
N SER C 112 20.46 -44.44 24.54
CA SER C 112 20.99 -45.62 25.21
C SER C 112 22.06 -46.33 24.37
N MET C 113 22.66 -47.36 24.97
CA MET C 113 23.68 -48.15 24.32
C MET C 113 23.70 -49.54 24.93
N PRO C 114 24.24 -50.53 24.20
CA PRO C 114 24.30 -51.90 24.71
C PRO C 114 25.36 -52.12 25.77
N ASP C 115 25.26 -53.27 26.44
CA ASP C 115 26.21 -53.73 27.46
C ASP C 115 26.56 -55.10 26.90
N HIS C 116 27.63 -55.17 26.13
CA HIS C 116 28.02 -56.42 25.50
C HIS C 116 28.18 -57.65 26.39
N SER C 117 28.40 -57.44 27.68
CA SER C 117 28.58 -58.59 28.57
C SER C 117 27.27 -59.37 28.68
N LEU C 118 26.18 -58.73 28.30
CA LEU C 118 24.85 -59.31 28.39
C LEU C 118 24.36 -60.03 27.15
N TYR C 119 25.27 -60.36 26.23
CA TYR C 119 24.88 -61.03 25.00
C TYR C 119 25.95 -61.97 24.44
N GLY C 120 27.02 -62.17 25.20
CA GLY C 120 28.08 -63.02 24.74
C GLY C 120 29.30 -62.97 25.65
N PRO C 121 30.27 -63.85 25.46
CA PRO C 121 31.49 -63.92 26.27
C PRO C 121 32.33 -62.67 26.03
N TRP C 122 31.73 -61.51 26.27
CA TRP C 122 32.43 -60.26 26.03
C TRP C 122 32.42 -59.34 27.23
N PRO C 123 33.31 -58.34 27.22
CA PRO C 123 33.41 -57.36 28.31
C PRO C 123 32.42 -56.21 28.14
N ALA C 124 31.97 -55.65 29.25
CA ALA C 124 31.04 -54.54 29.16
C ALA C 124 31.86 -53.35 28.69
N VAL C 125 31.40 -52.63 27.67
CA VAL C 125 32.17 -51.46 27.25
C VAL C 125 31.75 -50.27 28.12
N PRO C 126 32.69 -49.75 28.91
CA PRO C 126 32.59 -48.63 29.85
C PRO C 126 31.58 -47.51 29.61
N MET C 127 31.81 -46.72 28.58
CA MET C 127 30.94 -45.60 28.33
C MET C 127 29.64 -45.99 27.66
N TRP C 128 29.37 -47.29 27.62
CA TRP C 128 28.15 -47.77 27.01
C TRP C 128 27.22 -48.47 28.00
N ALA C 129 27.65 -49.64 28.47
CA ALA C 129 26.88 -50.44 29.41
C ALA C 129 26.08 -49.69 30.47
N PRO C 130 26.67 -48.63 31.08
CA PRO C 130 25.90 -47.92 32.11
C PRO C 130 24.63 -47.26 31.59
N LYS C 131 24.57 -47.02 30.29
CA LYS C 131 23.40 -46.37 29.70
C LYS C 131 22.17 -47.27 29.78
N PHE C 132 22.40 -48.58 29.63
CA PHE C 132 21.33 -49.56 29.67
C PHE C 132 20.64 -49.55 31.03
N THR C 133 21.45 -49.46 32.07
CA THR C 133 20.89 -49.44 33.39
C THR C 133 19.94 -48.26 33.50
N VAL C 134 20.33 -47.10 32.97
CA VAL C 134 19.48 -45.92 33.05
C VAL C 134 18.22 -46.12 32.18
N GLU C 135 18.35 -46.84 31.08
CA GLU C 135 17.21 -47.10 30.21
C GLU C 135 16.16 -47.88 31.02
N ASN C 136 16.59 -48.93 31.70
CA ASN C 136 15.69 -49.74 32.50
C ASN C 136 15.05 -48.87 33.56
N TYR C 137 15.85 -48.01 34.17
CA TYR C 137 15.33 -47.14 35.21
C TYR C 137 14.26 -46.20 34.67
N VAL C 138 14.48 -45.68 33.47
CA VAL C 138 13.50 -44.80 32.85
C VAL C 138 12.19 -45.58 32.76
N ARG C 139 12.26 -46.78 32.19
CA ARG C 139 11.08 -47.63 32.03
C ARG C 139 10.43 -47.94 33.39
N GLN C 140 11.25 -48.16 34.40
CA GLN C 140 10.77 -48.47 35.75
C GLN C 140 9.91 -47.34 36.35
N LEU C 141 10.18 -46.09 35.98
CA LEU C 141 9.42 -44.96 36.51
C LEU C 141 8.07 -44.79 35.82
N GLY C 142 7.92 -45.43 34.66
CA GLY C 142 6.68 -45.33 33.91
C GLY C 142 6.63 -44.12 33.00
N LEU C 143 7.79 -43.49 32.78
CA LEU C 143 7.86 -42.34 31.89
C LEU C 143 7.60 -42.70 30.44
N PRO C 144 6.72 -41.96 29.76
CA PRO C 144 6.45 -42.26 28.36
C PRO C 144 7.79 -42.09 27.67
N SER C 145 8.39 -43.17 27.23
CA SER C 145 9.72 -43.08 26.63
C SER C 145 10.04 -43.86 25.36
N THR C 146 11.16 -43.50 24.77
CA THR C 146 11.65 -44.14 23.56
C THR C 146 13.17 -44.11 23.70
N PHE C 147 13.82 -45.16 23.23
CA PHE C 147 15.27 -45.21 23.37
C PHE C 147 16.01 -45.32 22.04
N VAL C 148 16.76 -44.27 21.72
CA VAL C 148 17.54 -44.25 20.49
C VAL C 148 18.99 -44.76 20.73
N TYR C 149 19.47 -45.65 19.86
CA TYR C 149 20.82 -46.20 19.96
C TYR C 149 21.65 -45.64 18.81
N ALA C 150 22.67 -44.85 19.14
CA ALA C 150 23.49 -44.20 18.13
C ALA C 150 24.57 -45.04 17.44
N GLY C 151 24.62 -44.93 16.11
CA GLY C 151 25.65 -45.60 15.35
C GLY C 151 26.89 -44.73 15.44
N ILE C 152 28.03 -45.20 14.95
CA ILE C 152 29.28 -44.43 15.01
C ILE C 152 29.16 -43.15 14.17
N TYR C 153 29.51 -42.01 14.76
CA TYR C 153 29.43 -40.71 14.09
C TYR C 153 30.32 -40.63 12.86
N ASN C 154 29.82 -40.05 11.77
CA ASN C 154 30.62 -39.90 10.55
C ASN C 154 31.73 -38.89 10.78
N ASN C 155 31.44 -37.87 11.57
CA ASN C 155 32.42 -36.83 11.82
C ASN C 155 33.40 -37.15 12.94
N ASN C 156 33.53 -38.43 13.29
CA ASN C 156 34.53 -38.76 14.31
C ASN C 156 35.86 -38.68 13.55
N PHE C 157 35.80 -39.01 12.26
CA PHE C 157 36.97 -38.98 11.39
C PHE C 157 37.66 -37.62 11.37
N THR C 158 38.98 -37.67 11.36
CA THR C 158 39.85 -36.48 11.32
C THR C 158 41.25 -36.97 11.02
N SER C 159 42.06 -36.14 10.36
CA SER C 159 43.43 -36.55 10.06
C SER C 159 44.30 -36.30 11.29
N LEU C 160 43.75 -35.56 12.25
CA LEU C 160 44.46 -35.27 13.50
C LEU C 160 44.64 -36.56 14.27
N PRO C 161 45.75 -36.68 15.01
CA PRO C 161 46.09 -37.85 15.79
C PRO C 161 45.15 -38.19 16.95
N TYR C 162 43.84 -38.17 16.70
CA TYR C 162 42.88 -38.53 17.73
C TYR C 162 42.62 -40.03 17.59
N PRO C 163 42.45 -40.73 18.71
CA PRO C 163 42.22 -42.17 18.71
C PRO C 163 41.02 -42.78 17.97
N LEU C 164 41.26 -44.00 17.50
CA LEU C 164 40.29 -44.85 16.80
C LEU C 164 39.73 -44.45 15.44
N PHE C 165 39.50 -43.16 15.21
CA PHE C 165 38.94 -42.75 13.91
C PHE C 165 39.81 -41.79 13.11
N GLN C 166 41.12 -41.95 13.16
CA GLN C 166 42.00 -41.05 12.41
C GLN C 166 42.10 -41.41 10.94
N MET C 167 41.53 -40.57 10.10
CA MET C 167 41.62 -40.78 8.68
C MET C 167 42.91 -40.04 8.32
N GLU C 168 44.03 -40.65 8.73
CA GLU C 168 45.39 -40.15 8.56
C GLU C 168 45.88 -39.94 7.13
N LEU C 169 46.47 -38.77 6.91
CA LEU C 169 47.05 -38.42 5.61
C LEU C 169 48.55 -38.76 5.64
N MET C 170 48.93 -39.77 4.87
CA MET C 170 50.32 -40.19 4.81
C MET C 170 51.19 -39.21 4.03
N PRO C 171 52.52 -39.39 4.09
CA PRO C 171 53.42 -38.50 3.36
C PRO C 171 53.11 -38.49 1.86
N ASP C 172 52.64 -39.62 1.34
CA ASP C 172 52.33 -39.74 -0.09
C ASP C 172 50.98 -39.18 -0.55
N GLY C 173 50.36 -38.33 0.27
CA GLY C 173 49.07 -37.76 -0.09
C GLY C 173 47.92 -38.76 -0.08
N THR C 174 48.20 -39.94 0.46
CA THR C 174 47.23 -41.01 0.57
C THR C 174 46.67 -40.99 1.99
N PHE C 175 45.59 -41.72 2.19
CA PHE C 175 44.97 -41.79 3.50
C PHE C 175 44.96 -43.23 3.97
N GLU C 176 45.09 -43.40 5.27
CA GLU C 176 45.09 -44.72 5.84
C GLU C 176 44.30 -44.73 7.16
N TRP C 177 43.35 -45.66 7.28
CA TRP C 177 42.56 -45.78 8.49
C TRP C 177 42.92 -47.06 9.26
N HIS C 178 43.50 -46.90 10.45
CA HIS C 178 43.87 -48.07 11.27
C HIS C 178 42.92 -48.20 12.46
N ALA C 179 42.39 -49.40 12.66
CA ALA C 179 41.48 -49.65 13.76
C ALA C 179 41.35 -51.16 14.00
N PRO C 180 40.81 -51.57 15.15
CA PRO C 180 40.65 -53.00 15.45
C PRO C 180 39.45 -53.73 14.81
N PHE C 181 38.51 -52.97 14.23
CA PHE C 181 37.33 -53.56 13.59
C PHE C 181 37.68 -54.42 12.36
N ASP C 182 36.95 -55.52 12.17
CA ASP C 182 37.20 -56.38 11.01
C ASP C 182 36.87 -55.52 9.78
N PRO C 183 37.78 -55.47 8.81
CA PRO C 183 37.57 -54.67 7.58
C PRO C 183 36.32 -54.91 6.74
N ASP C 184 35.83 -56.15 6.72
CA ASP C 184 34.66 -56.45 5.90
C ASP C 184 33.33 -56.48 6.63
N ILE C 185 33.36 -56.45 7.95
CA ILE C 185 32.13 -56.46 8.72
C ILE C 185 31.50 -55.08 8.74
N PRO C 186 30.21 -55.00 8.38
CA PRO C 186 29.49 -53.73 8.37
C PRO C 186 29.23 -53.17 9.76
N LEU C 187 29.48 -51.87 9.90
CA LEU C 187 29.28 -51.15 11.15
C LEU C 187 28.14 -50.18 10.95
N PRO C 188 27.49 -49.76 12.03
CA PRO C 188 26.38 -48.81 11.94
C PRO C 188 26.89 -47.37 12.02
N TRP C 189 26.61 -46.57 11.01
CA TRP C 189 27.08 -45.19 11.02
C TRP C 189 25.95 -44.15 11.14
N LEU C 190 26.30 -42.97 11.62
CA LEU C 190 25.33 -41.89 11.79
C LEU C 190 25.98 -40.53 11.59
N ASP C 191 25.30 -39.64 10.86
CA ASP C 191 25.81 -38.29 10.69
C ASP C 191 25.10 -37.46 11.76
N ALA C 192 25.79 -37.28 12.89
CA ALA C 192 25.26 -36.54 14.02
C ALA C 192 24.64 -35.19 13.71
N GLU C 193 25.44 -34.28 13.17
CA GLU C 193 24.95 -32.94 12.89
C GLU C 193 23.83 -32.85 11.85
N HIS C 194 23.92 -33.68 10.82
CA HIS C 194 22.94 -33.66 9.74
C HIS C 194 21.66 -34.48 9.96
N ASP C 195 21.74 -35.57 10.73
CA ASP C 195 20.57 -36.42 10.91
C ASP C 195 20.00 -36.70 12.31
N VAL C 196 20.71 -36.33 13.36
CA VAL C 196 20.17 -36.60 14.70
C VAL C 196 18.96 -35.72 14.94
N GLY C 197 19.12 -34.42 14.68
CA GLY C 197 18.03 -33.48 14.88
C GLY C 197 16.74 -33.86 14.20
N PRO C 198 16.71 -33.90 12.85
CA PRO C 198 15.47 -34.27 12.17
C PRO C 198 14.83 -35.60 12.58
N ALA C 199 15.64 -36.61 12.89
CA ALA C 199 15.09 -37.89 13.31
C ALA C 199 14.37 -37.77 14.65
N LEU C 200 15.02 -37.12 15.61
CA LEU C 200 14.42 -36.95 16.92
C LEU C 200 13.12 -36.16 16.80
N LEU C 201 13.11 -35.15 15.94
CA LEU C 201 11.91 -34.34 15.74
C LEU C 201 10.74 -35.22 15.26
N GLN C 202 11.04 -36.12 14.33
CA GLN C 202 10.03 -37.01 13.79
C GLN C 202 9.49 -37.94 14.87
N ILE C 203 10.37 -38.38 15.75
CA ILE C 203 9.98 -39.28 16.83
C ILE C 203 9.03 -38.55 17.77
N PHE C 204 9.31 -37.28 18.05
CA PHE C 204 8.46 -36.47 18.92
C PHE C 204 7.13 -36.19 18.22
N LYS C 205 7.18 -35.92 16.93
CA LYS C 205 5.98 -35.63 16.15
C LYS C 205 5.07 -36.85 16.14
N ASP C 206 5.65 -38.04 15.92
CA ASP C 206 4.88 -39.28 15.91
C ASP C 206 4.25 -39.56 17.27
N GLY C 207 4.93 -39.14 18.33
CA GLY C 207 4.39 -39.31 19.66
C GLY C 207 4.64 -40.63 20.38
N PRO C 208 4.32 -40.68 21.68
CA PRO C 208 4.49 -41.87 22.50
C PRO C 208 3.53 -43.02 22.15
N GLN C 209 2.43 -42.70 21.49
CA GLN C 209 1.48 -43.75 21.12
C GLN C 209 1.97 -44.50 19.90
N LYS C 210 3.23 -44.27 19.53
CA LYS C 210 3.82 -44.94 18.39
C LYS C 210 5.22 -45.40 18.74
N TRP C 211 5.86 -44.69 19.67
CA TRP C 211 7.22 -45.03 20.04
C TRP C 211 7.46 -45.39 21.50
N ASN C 212 6.44 -45.22 22.35
CA ASN C 212 6.63 -45.55 23.74
C ASN C 212 7.17 -46.98 23.89
N GLY C 213 8.17 -47.15 24.74
CA GLY C 213 8.76 -48.45 24.98
C GLY C 213 9.57 -49.04 23.84
N HIS C 214 9.79 -48.26 22.78
CA HIS C 214 10.57 -48.72 21.62
C HIS C 214 12.04 -48.35 21.70
N ARG C 215 12.86 -49.17 21.05
CA ARG C 215 14.29 -48.95 20.93
C ARG C 215 14.49 -48.69 19.44
N ILE C 216 15.16 -47.60 19.13
CA ILE C 216 15.38 -47.24 17.73
C ILE C 216 16.86 -47.12 17.42
N ALA C 217 17.33 -47.92 16.47
CA ALA C 217 18.73 -47.85 16.09
C ALA C 217 18.87 -46.58 15.25
N LEU C 218 19.52 -45.57 15.81
CA LEU C 218 19.72 -44.31 15.09
C LEU C 218 20.93 -44.43 14.16
N THR C 219 20.75 -45.20 13.09
CA THR C 219 21.79 -45.42 12.10
C THR C 219 21.14 -45.41 10.73
N PHE C 220 21.69 -44.65 9.80
CA PHE C 220 21.09 -44.55 8.47
C PHE C 220 21.82 -45.31 7.37
N GLU C 221 22.90 -46.00 7.73
CA GLU C 221 23.65 -46.77 6.75
C GLU C 221 24.70 -47.61 7.47
N THR C 222 24.90 -48.84 7.00
CA THR C 222 25.91 -49.71 7.59
C THR C 222 27.00 -50.02 6.58
N LEU C 223 28.22 -49.58 6.87
CA LEU C 223 29.36 -49.80 5.99
C LEU C 223 30.50 -50.49 6.73
N SER C 224 31.19 -51.39 6.04
CA SER C 224 32.33 -52.06 6.64
C SER C 224 33.48 -51.06 6.52
N PRO C 225 34.53 -51.22 7.35
CA PRO C 225 35.67 -50.30 7.27
C PRO C 225 36.19 -50.16 5.83
N VAL C 226 36.27 -51.27 5.09
CA VAL C 226 36.74 -51.20 3.72
C VAL C 226 35.82 -50.30 2.89
N GLN C 227 34.52 -50.42 3.13
CA GLN C 227 33.55 -49.60 2.42
C GLN C 227 33.69 -48.12 2.83
N VAL C 228 33.89 -47.86 4.12
CA VAL C 228 34.04 -46.49 4.58
C VAL C 228 35.19 -45.84 3.82
N CYS C 229 36.30 -46.56 3.72
CA CYS C 229 37.46 -46.07 2.99
C CYS C 229 37.13 -45.85 1.53
N ALA C 230 36.39 -46.79 0.95
CA ALA C 230 36.00 -46.68 -0.45
C ALA C 230 35.26 -45.37 -0.64
N ALA C 231 34.41 -45.04 0.32
CA ALA C 231 33.63 -43.81 0.25
C ALA C 231 34.49 -42.55 0.27
N PHE C 232 35.58 -42.55 1.04
CA PHE C 232 36.46 -41.37 1.11
C PHE C 232 37.29 -41.20 -0.15
N SER C 233 37.70 -42.30 -0.77
CA SER C 233 38.47 -42.22 -2.00
C SER C 233 37.64 -41.48 -3.04
N ARG C 234 36.41 -41.96 -3.21
CA ARG C 234 35.46 -41.38 -4.16
C ARG C 234 35.19 -39.92 -3.86
N ALA C 235 35.04 -39.58 -2.59
CA ALA C 235 34.75 -38.20 -2.21
C ALA C 235 35.97 -37.29 -2.31
N LEU C 236 37.12 -37.75 -1.84
CA LEU C 236 38.33 -36.94 -1.88
C LEU C 236 39.24 -37.16 -3.09
N ASN C 237 38.88 -38.10 -3.96
CA ASN C 237 39.69 -38.38 -5.15
C ASN C 237 41.07 -38.83 -4.73
N ARG C 238 41.14 -39.73 -3.76
CA ARG C 238 42.43 -40.22 -3.29
C ARG C 238 42.43 -41.69 -2.91
N ARG C 239 43.63 -42.26 -2.86
CA ARG C 239 43.81 -43.64 -2.48
C ARG C 239 43.60 -43.68 -0.97
N VAL C 240 42.63 -44.48 -0.52
CA VAL C 240 42.32 -44.62 0.90
C VAL C 240 42.33 -46.12 1.22
N THR C 241 43.04 -46.51 2.27
CA THR C 241 43.11 -47.92 2.63
C THR C 241 42.89 -48.14 4.11
N TYR C 242 42.29 -49.29 4.43
CA TYR C 242 42.02 -49.64 5.81
C TYR C 242 43.04 -50.65 6.28
N VAL C 243 43.54 -50.46 7.50
CA VAL C 243 44.49 -51.40 8.06
C VAL C 243 44.01 -51.79 9.44
N GLN C 244 43.69 -53.08 9.58
CA GLN C 244 43.21 -53.60 10.86
C GLN C 244 44.37 -53.82 11.83
N VAL C 245 44.29 -53.16 12.98
CA VAL C 245 45.31 -53.29 14.01
C VAL C 245 44.65 -53.90 15.22
N PRO C 246 45.36 -54.80 15.92
CA PRO C 246 44.80 -55.45 17.10
C PRO C 246 44.55 -54.46 18.25
N LYS C 247 45.33 -53.40 18.31
CA LYS C 247 45.16 -52.42 19.38
C LYS C 247 44.96 -51.02 18.84
N VAL C 248 44.23 -50.21 19.60
CA VAL C 248 43.96 -48.84 19.20
C VAL C 248 45.15 -47.93 19.47
N GLU C 249 45.75 -47.42 18.39
CA GLU C 249 46.88 -46.53 18.47
C GLU C 249 46.49 -45.26 19.22
N ILE C 250 47.20 -44.92 20.29
CA ILE C 250 46.88 -43.73 21.04
C ILE C 250 48.02 -42.73 20.86
N LYS C 251 47.95 -42.00 19.76
CA LYS C 251 48.95 -41.00 19.40
C LYS C 251 48.99 -39.78 20.31
N VAL C 252 48.05 -39.68 21.25
CA VAL C 252 48.03 -38.51 22.11
C VAL C 252 47.65 -38.84 23.55
N ASN C 253 47.75 -37.82 24.40
CA ASN C 253 47.43 -37.93 25.82
C ASN C 253 45.93 -37.83 26.02
N ILE C 254 45.34 -38.89 26.56
CA ILE C 254 43.90 -38.96 26.80
C ILE C 254 43.56 -39.25 28.27
N PRO C 255 42.29 -39.03 28.65
CA PRO C 255 41.86 -39.29 30.03
C PRO C 255 41.72 -40.80 30.18
N VAL C 256 42.36 -41.38 31.19
CA VAL C 256 42.30 -42.83 31.40
C VAL C 256 40.91 -43.43 31.15
N GLY C 257 39.86 -42.66 31.41
CA GLY C 257 38.52 -43.16 31.17
C GLY C 257 38.35 -43.54 29.71
N TYR C 258 38.93 -42.73 28.82
CA TYR C 258 38.87 -42.97 27.39
C TYR C 258 39.80 -44.14 26.98
N ARG C 259 40.90 -44.30 27.70
CA ARG C 259 41.84 -45.39 27.41
C ARG C 259 41.12 -46.71 27.67
N GLU C 260 40.45 -46.79 28.81
CA GLU C 260 39.70 -47.99 29.19
C GLU C 260 38.61 -48.30 28.19
N GLN C 261 37.89 -47.27 27.76
CA GLN C 261 36.83 -47.44 26.78
C GLN C 261 37.43 -48.01 25.50
N LEU C 262 38.56 -47.45 25.08
CA LEU C 262 39.21 -47.93 23.86
C LEU C 262 39.71 -49.37 24.02
N GLU C 263 40.23 -49.70 25.20
CA GLU C 263 40.72 -51.06 25.41
C GLU C 263 39.56 -52.05 25.28
N ALA C 264 38.40 -51.68 25.81
CA ALA C 264 37.23 -52.55 25.73
C ALA C 264 36.88 -52.79 24.27
N ILE C 265 36.89 -51.71 23.50
CA ILE C 265 36.57 -51.79 22.10
C ILE C 265 37.52 -52.73 21.38
N GLU C 266 38.81 -52.69 21.70
CA GLU C 266 39.80 -53.56 21.06
C GLU C 266 39.40 -55.01 21.29
N VAL C 267 39.03 -55.31 22.53
CA VAL C 267 38.62 -56.64 22.90
C VAL C 267 37.32 -57.06 22.21
N VAL C 268 36.29 -56.23 22.34
CA VAL C 268 34.96 -56.50 21.78
C VAL C 268 34.86 -56.59 20.25
N PHE C 269 35.50 -55.67 19.55
CA PHE C 269 35.42 -55.67 18.09
C PHE C 269 36.66 -56.26 17.42
N GLY C 270 37.80 -56.06 18.05
CA GLY C 270 39.06 -56.56 17.51
C GLY C 270 39.27 -58.04 17.77
N GLU C 271 39.23 -58.43 19.05
CA GLU C 271 39.41 -59.83 19.44
C GLU C 271 38.17 -60.69 19.18
N HIS C 272 37.07 -60.31 19.82
CA HIS C 272 35.83 -61.06 19.70
C HIS C 272 35.00 -60.83 18.44
N LYS C 273 35.20 -59.70 17.78
CA LYS C 273 34.44 -59.37 16.57
C LYS C 273 32.92 -59.41 16.81
N ALA C 274 32.47 -58.86 17.93
CA ALA C 274 31.05 -58.85 18.28
C ALA C 274 30.32 -57.66 17.67
N PRO C 275 28.99 -57.78 17.49
CA PRO C 275 28.19 -56.70 16.91
C PRO C 275 28.27 -55.41 17.68
N TYR C 276 28.13 -54.30 16.97
CA TYR C 276 28.15 -52.99 17.63
C TYR C 276 26.90 -52.97 18.50
N PHE C 277 25.77 -53.27 17.86
CA PHE C 277 24.47 -53.34 18.49
C PHE C 277 24.11 -54.82 18.55
N PRO C 278 24.55 -55.53 19.61
CA PRO C 278 24.26 -56.96 19.78
C PRO C 278 22.87 -57.29 20.31
N LEU C 279 21.87 -56.51 19.91
CA LEU C 279 20.52 -56.78 20.38
C LEU C 279 19.67 -57.45 19.29
N PRO C 280 18.84 -58.42 19.69
CA PRO C 280 17.99 -59.14 18.75
C PRO C 280 17.36 -58.26 17.68
N GLU C 281 16.63 -57.23 18.11
CA GLU C 281 15.98 -56.35 17.16
C GLU C 281 16.92 -55.60 16.22
N PHE C 282 18.19 -55.46 16.63
CA PHE C 282 19.15 -54.73 15.81
C PHE C 282 20.13 -55.66 15.07
N SER C 283 19.75 -56.94 15.01
CA SER C 283 20.57 -57.95 14.34
C SER C 283 19.73 -58.69 13.29
N ARG C 316 16.52 -55.02 7.74
CA ARG C 316 17.70 -54.17 7.90
C ARG C 316 17.56 -53.17 9.06
N VAL C 317 18.62 -53.06 9.86
CA VAL C 317 18.60 -52.16 11.00
C VAL C 317 18.45 -50.66 10.67
N THR C 318 18.72 -50.29 9.44
CA THR C 318 18.58 -48.88 9.05
C THR C 318 17.15 -48.53 8.67
N ASP C 319 16.28 -49.53 8.61
CA ASP C 319 14.90 -49.31 8.21
C ASP C 319 14.09 -48.30 9.01
N GLU C 320 14.08 -48.43 10.33
CA GLU C 320 13.29 -47.49 11.12
C GLU C 320 13.80 -46.08 10.97
N ALA C 321 15.10 -45.90 11.05
CA ALA C 321 15.68 -44.56 10.91
C ALA C 321 15.31 -43.91 9.57
N ARG C 322 15.58 -44.60 8.47
CA ARG C 322 15.26 -44.04 7.16
C ARG C 322 13.78 -43.70 7.05
N LYS C 323 12.93 -44.56 7.61
CA LYS C 323 11.49 -44.30 7.59
C LYS C 323 11.22 -43.02 8.39
N LEU C 324 11.94 -42.85 9.51
CA LEU C 324 11.81 -41.66 10.36
C LEU C 324 12.29 -40.41 9.66
N TRP C 325 13.41 -40.52 8.96
CA TRP C 325 13.99 -39.38 8.24
C TRP C 325 14.74 -39.93 7.03
N SER C 326 14.29 -39.57 5.84
CA SER C 326 14.90 -40.05 4.61
C SER C 326 15.79 -39.01 3.93
N GLY C 327 16.10 -37.94 4.64
CA GLY C 327 16.96 -36.91 4.10
C GLY C 327 18.33 -37.05 4.71
N TRP C 328 18.71 -38.29 5.04
CA TRP C 328 20.01 -38.58 5.66
C TRP C 328 21.24 -38.35 4.78
N ARG C 329 22.40 -38.23 5.41
CA ARG C 329 23.65 -37.99 4.71
C ARG C 329 24.56 -39.19 4.86
N ASP C 330 24.96 -39.78 3.73
CA ASP C 330 25.83 -40.96 3.75
C ASP C 330 27.29 -40.60 3.98
N MET C 331 28.15 -41.61 4.00
CA MET C 331 29.56 -41.40 4.24
C MET C 331 30.26 -40.69 3.10
N GLU C 332 29.76 -40.88 1.88
CA GLU C 332 30.39 -40.26 0.72
C GLU C 332 30.13 -38.75 0.71
N GLU C 333 28.87 -38.38 0.94
CA GLU C 333 28.48 -36.98 0.95
C GLU C 333 29.19 -36.26 2.10
N TYR C 334 29.42 -36.97 3.19
CA TYR C 334 30.10 -36.35 4.32
C TYR C 334 31.56 -36.11 3.96
N ALA C 335 32.23 -37.16 3.46
CA ALA C 335 33.64 -37.06 3.11
C ALA C 335 33.92 -35.99 2.08
N ARG C 336 32.97 -35.79 1.17
CA ARG C 336 33.15 -34.81 0.11
C ARG C 336 32.75 -33.39 0.50
N GLU C 337 31.60 -33.26 1.15
CA GLU C 337 31.06 -31.96 1.54
C GLU C 337 31.40 -31.43 2.92
N VAL C 338 31.69 -32.31 3.87
CA VAL C 338 31.98 -31.85 5.23
C VAL C 338 33.41 -32.07 5.69
N PHE C 339 33.93 -33.26 5.47
CA PHE C 339 35.28 -33.59 5.91
C PHE C 339 36.33 -32.52 5.55
N PRO C 340 36.36 -32.08 4.27
CA PRO C 340 37.35 -31.05 3.91
C PRO C 340 37.18 -29.73 4.65
N ILE C 341 35.94 -29.43 5.05
CA ILE C 341 35.67 -28.19 5.74
C ILE C 341 36.07 -28.21 7.22
N GLU C 342 35.89 -29.35 7.88
CA GLU C 342 36.25 -29.48 9.29
C GLU C 342 37.78 -29.52 9.38
N GLU C 343 38.39 -30.21 8.42
CA GLU C 343 39.83 -30.37 8.34
C GLU C 343 40.53 -29.03 8.26
N GLU C 344 39.97 -28.12 7.46
CA GLU C 344 40.55 -26.79 7.30
C GLU C 344 40.39 -26.01 8.61
N ALA C 345 39.16 -26.03 9.15
CA ALA C 345 38.89 -25.35 10.39
C ALA C 345 39.79 -25.92 11.49
N ASN C 346 40.26 -27.15 11.30
CA ASN C 346 41.13 -27.75 12.30
C ASN C 346 42.59 -27.41 12.04
N GLY C 347 42.82 -26.42 11.18
CA GLY C 347 44.18 -26.00 10.87
C GLY C 347 44.87 -26.72 9.73
N LEU C 348 44.33 -27.84 9.27
CA LEU C 348 44.94 -28.61 8.19
C LEU C 348 44.83 -27.87 6.86
N ASP C 349 45.73 -28.17 5.94
CA ASP C 349 45.71 -27.49 4.65
C ASP C 349 45.84 -28.40 3.43
N TRP C 350 45.85 -29.72 3.63
CA TRP C 350 46.02 -30.62 2.49
C TRP C 350 45.01 -30.44 1.37
N MET C 351 43.91 -29.75 1.66
CA MET C 351 42.86 -29.54 0.66
C MET C 351 42.96 -28.22 -0.13
N LEU C 352 44.10 -27.56 -0.07
CA LEU C 352 44.28 -26.30 -0.79
C LEU C 352 45.11 -26.52 -2.06
N GLN D 3 9.32 -23.02 44.51
CA GLN D 3 9.78 -24.23 43.74
C GLN D 3 9.89 -23.94 42.26
N GLN D 4 8.96 -23.12 41.75
CA GLN D 4 8.93 -22.77 40.34
C GLN D 4 9.50 -21.38 40.08
N LYS D 5 10.35 -21.27 39.06
CA LYS D 5 10.96 -20.00 38.67
C LYS D 5 9.85 -19.06 38.22
N LYS D 6 9.81 -17.86 38.78
CA LYS D 6 8.76 -16.90 38.45
C LYS D 6 9.23 -15.72 37.61
N THR D 7 8.28 -14.89 37.20
CA THR D 7 8.62 -13.70 36.43
C THR D 7 8.74 -12.54 37.41
N ILE D 8 9.92 -11.91 37.43
CA ILE D 8 10.23 -10.81 38.33
C ILE D 8 10.22 -9.47 37.61
N ALA D 9 9.62 -8.49 38.25
CA ALA D 9 9.56 -7.14 37.71
C ALA D 9 10.54 -6.27 38.51
N VAL D 10 11.33 -5.46 37.81
CA VAL D 10 12.29 -4.59 38.48
C VAL D 10 12.44 -3.30 37.71
N VAL D 11 12.80 -2.22 38.40
CA VAL D 11 13.00 -0.93 37.76
C VAL D 11 14.44 -0.51 37.96
N ASN D 12 14.86 0.57 37.30
CA ASN D 12 16.25 1.04 37.43
C ASN D 12 17.19 -0.15 37.27
N ALA D 13 16.98 -0.91 36.21
CA ALA D 13 17.79 -2.10 35.93
C ALA D 13 19.32 -1.92 35.99
N THR D 14 19.81 -0.77 35.55
CA THR D 14 21.24 -0.55 35.57
C THR D 14 21.78 -0.19 36.96
N GLY D 15 20.87 0.08 37.89
CA GLY D 15 21.30 0.40 39.25
C GLY D 15 21.95 -0.84 39.85
N ARG D 16 22.84 -0.65 40.81
CA ARG D 16 23.54 -1.77 41.44
C ARG D 16 22.69 -2.87 42.06
N GLN D 17 21.67 -2.50 42.82
CA GLN D 17 20.82 -3.52 43.43
C GLN D 17 20.12 -4.39 42.38
N ALA D 18 19.48 -3.75 41.41
CA ALA D 18 18.75 -4.46 40.36
C ALA D 18 19.62 -5.32 39.45
N ALA D 19 20.69 -4.73 38.92
CA ALA D 19 21.57 -5.47 38.03
C ALA D 19 22.06 -6.75 38.72
N SER D 20 22.35 -6.66 40.00
CA SER D 20 22.79 -7.80 40.78
C SER D 20 21.72 -8.88 40.70
N LEU D 21 20.48 -8.50 41.01
CA LEU D 21 19.37 -9.43 40.99
C LEU D 21 19.11 -9.97 39.59
N ILE D 22 19.15 -9.09 38.59
CA ILE D 22 18.87 -9.53 37.22
C ILE D 22 19.84 -10.57 36.72
N ARG D 23 21.14 -10.35 36.89
CA ARG D 23 22.11 -11.33 36.43
C ARG D 23 21.86 -12.69 37.08
N VAL D 24 21.73 -12.69 38.40
CA VAL D 24 21.50 -13.94 39.11
C VAL D 24 20.18 -14.57 38.76
N ALA D 25 19.10 -13.81 38.84
CA ALA D 25 17.78 -14.33 38.55
C ALA D 25 17.68 -14.92 37.15
N ALA D 26 18.10 -14.15 36.15
CA ALA D 26 18.06 -14.61 34.76
C ALA D 26 18.80 -15.92 34.63
N ALA D 27 19.99 -15.96 35.21
CA ALA D 27 20.86 -17.13 35.20
C ALA D 27 20.24 -18.40 35.75
N VAL D 28 19.51 -18.28 36.85
CA VAL D 28 18.91 -19.45 37.45
C VAL D 28 17.63 -19.88 36.74
N GLY D 29 17.10 -19.02 35.87
CA GLY D 29 15.91 -19.40 35.12
C GLY D 29 14.66 -18.53 35.22
N HIS D 30 14.70 -17.48 36.00
CA HIS D 30 13.56 -16.59 36.14
C HIS D 30 13.50 -15.67 34.93
N HIS D 31 12.30 -15.20 34.59
CA HIS D 31 12.11 -14.25 33.49
C HIS D 31 12.10 -12.87 34.14
N VAL D 32 12.81 -11.93 33.54
CA VAL D 32 12.87 -10.59 34.11
C VAL D 32 12.24 -9.52 33.21
N ARG D 33 11.43 -8.68 33.83
CA ARG D 33 10.77 -7.56 33.16
C ARG D 33 11.34 -6.35 33.86
N ALA D 34 12.22 -5.62 33.19
CA ALA D 34 12.87 -4.49 33.80
C ALA D 34 12.73 -3.17 33.06
N GLN D 35 12.69 -2.08 33.82
CA GLN D 35 12.60 -0.76 33.24
C GLN D 35 13.97 -0.11 33.31
N VAL D 36 14.34 0.57 32.23
CA VAL D 36 15.61 1.28 32.14
C VAL D 36 15.34 2.66 31.60
N HIS D 37 16.15 3.64 31.98
CA HIS D 37 15.97 4.99 31.52
C HIS D 37 16.51 5.16 30.11
N SER D 38 17.57 4.42 29.81
CA SER D 38 18.18 4.46 28.48
C SER D 38 18.82 3.12 28.12
N LEU D 39 18.73 2.75 26.85
CA LEU D 39 19.32 1.51 26.39
C LEU D 39 20.78 1.71 26.04
N LYS D 40 21.25 2.93 26.24
CA LYS D 40 22.64 3.29 25.96
C LYS D 40 23.49 3.13 27.22
N GLY D 41 24.56 2.38 27.14
CA GLY D 41 25.43 2.17 28.28
C GLY D 41 25.88 0.73 28.38
N LEU D 42 27.02 0.51 29.02
CA LEU D 42 27.55 -0.84 29.17
C LEU D 42 26.51 -1.75 29.81
N ILE D 43 26.21 -1.49 31.08
CA ILE D 43 25.25 -2.30 31.82
C ILE D 43 23.98 -2.55 31.02
N ALA D 44 23.39 -1.49 30.50
CA ALA D 44 22.17 -1.60 29.72
C ALA D 44 22.34 -2.62 28.60
N GLU D 45 23.35 -2.42 27.77
CA GLU D 45 23.61 -3.32 26.66
C GLU D 45 23.83 -4.75 27.16
N GLU D 46 24.45 -4.88 28.32
CA GLU D 46 24.70 -6.20 28.92
C GLU D 46 23.38 -6.86 29.33
N LEU D 47 22.66 -6.21 30.24
CA LEU D 47 21.40 -6.76 30.72
C LEU D 47 20.45 -7.06 29.57
N GLN D 48 20.48 -6.21 28.56
CA GLN D 48 19.61 -6.41 27.40
C GLN D 48 20.07 -7.62 26.61
N ALA D 49 21.26 -8.11 26.92
CA ALA D 49 21.81 -9.27 26.25
C ALA D 49 21.32 -10.55 26.93
N ILE D 50 21.23 -10.52 28.26
CA ILE D 50 20.78 -11.68 29.00
C ILE D 50 19.50 -12.24 28.37
N PRO D 51 19.52 -13.51 27.96
CA PRO D 51 18.39 -14.19 27.33
C PRO D 51 16.97 -13.88 27.81
N ASN D 52 16.60 -14.39 28.98
CA ASN D 52 15.23 -14.18 29.45
C ASN D 52 14.95 -12.85 30.14
N VAL D 53 15.56 -11.78 29.64
CA VAL D 53 15.38 -10.46 30.20
C VAL D 53 14.71 -9.55 29.18
N THR D 54 13.59 -8.95 29.57
CA THR D 54 12.88 -8.01 28.70
C THR D 54 13.01 -6.61 29.30
N LEU D 55 13.43 -5.66 28.47
CA LEU D 55 13.58 -4.28 28.92
C LEU D 55 12.55 -3.35 28.33
N PHE D 56 12.19 -2.34 29.11
CA PHE D 56 11.24 -1.33 28.69
C PHE D 56 11.92 0.00 28.95
N GLN D 57 12.22 0.68 27.86
CA GLN D 57 12.90 1.96 27.90
C GLN D 57 11.93 3.11 28.07
N GLY D 58 12.04 3.82 29.19
CA GLY D 58 11.16 4.95 29.44
C GLY D 58 11.30 5.45 30.86
N PRO D 59 10.80 6.65 31.16
CA PRO D 59 10.88 7.23 32.51
C PRO D 59 9.83 6.61 33.43
N LEU D 60 10.03 6.73 34.75
CA LEU D 60 9.10 6.19 35.73
C LEU D 60 8.11 7.25 36.16
N LEU D 61 8.60 8.49 36.23
CA LEU D 61 7.77 9.62 36.63
C LEU D 61 6.59 9.82 35.69
N ASN D 62 5.37 9.73 36.23
CA ASN D 62 4.16 9.92 35.42
C ASN D 62 4.25 9.09 34.14
N ASN D 63 4.07 7.78 34.28
CA ASN D 63 4.12 6.86 33.16
C ASN D 63 3.52 5.52 33.60
N VAL D 64 2.25 5.59 33.99
CA VAL D 64 1.50 4.43 34.45
C VAL D 64 1.49 3.31 33.40
N PRO D 65 1.39 3.67 32.10
CA PRO D 65 1.38 2.63 31.07
C PRO D 65 2.60 1.73 31.13
N LEU D 66 3.79 2.32 31.31
CA LEU D 66 4.99 1.52 31.37
C LEU D 66 4.90 0.58 32.58
N MET D 67 4.50 1.13 33.73
CA MET D 67 4.34 0.35 34.95
C MET D 67 3.36 -0.81 34.76
N ASP D 68 2.23 -0.51 34.12
CA ASP D 68 1.21 -1.52 33.84
C ASP D 68 1.81 -2.67 33.04
N THR D 69 2.55 -2.30 31.99
CA THR D 69 3.19 -3.29 31.14
C THR D 69 4.26 -4.06 31.92
N LEU D 70 4.99 -3.35 32.77
CA LEU D 70 6.03 -3.97 33.56
C LEU D 70 5.53 -5.17 34.35
N PHE D 71 4.45 -4.97 35.10
CA PHE D 71 3.87 -5.99 35.95
C PHE D 71 2.98 -7.06 35.27
N GLU D 72 2.86 -7.01 33.95
CA GLU D 72 2.04 -8.01 33.26
C GLU D 72 2.65 -9.41 33.39
N GLY D 73 1.92 -10.32 34.02
CA GLY D 73 2.41 -11.67 34.19
C GLY D 73 3.52 -11.81 35.23
N ALA D 74 3.73 -10.75 36.00
CA ALA D 74 4.76 -10.77 37.02
C ALA D 74 4.21 -11.37 38.32
N HIS D 75 5.00 -12.24 38.94
CA HIS D 75 4.60 -12.88 40.19
C HIS D 75 5.44 -12.28 41.33
N LEU D 76 6.60 -11.74 40.97
CA LEU D 76 7.52 -11.15 41.94
C LEU D 76 8.01 -9.78 41.49
N ALA D 77 8.47 -8.98 42.44
CA ALA D 77 8.99 -7.68 42.09
C ALA D 77 9.96 -7.14 43.12
N PHE D 78 11.06 -6.59 42.62
CA PHE D 78 12.05 -5.97 43.49
C PHE D 78 12.10 -4.54 43.00
N ILE D 79 11.69 -3.62 43.88
CA ILE D 79 11.64 -2.21 43.54
C ILE D 79 12.57 -1.31 44.36
N ASN D 80 13.39 -0.57 43.64
CA ASN D 80 14.35 0.34 44.25
C ASN D 80 14.32 1.54 43.33
N THR D 81 13.93 2.68 43.87
CA THR D 81 13.83 3.88 43.08
C THR D 81 14.94 4.88 43.35
N THR D 82 14.92 5.96 42.58
CA THR D 82 15.91 7.02 42.72
C THR D 82 15.22 8.36 42.65
N SER D 83 15.82 9.31 43.35
CA SER D 83 15.33 10.68 43.44
C SER D 83 15.60 11.42 42.13
N GLN D 84 16.70 11.06 41.48
CA GLN D 84 17.09 11.70 40.23
C GLN D 84 15.97 11.62 39.19
N ALA D 85 15.34 10.46 39.12
CA ALA D 85 14.25 10.22 38.17
C ALA D 85 13.05 11.16 38.36
N GLY D 86 12.98 11.81 39.52
CA GLY D 86 11.87 12.71 39.83
C GLY D 86 11.43 12.55 41.27
N ASP D 87 10.12 12.40 41.51
CA ASP D 87 9.61 12.21 42.87
C ASP D 87 9.52 10.72 43.24
N GLU D 88 10.38 10.28 44.14
CA GLU D 88 10.40 8.89 44.57
C GLU D 88 9.06 8.44 45.13
N ILE D 89 8.41 9.33 45.85
CA ILE D 89 7.15 9.00 46.46
C ILE D 89 6.03 8.81 45.44
N ALA D 90 5.83 9.77 44.54
CA ALA D 90 4.78 9.62 43.53
C ALA D 90 5.02 8.36 42.72
N ILE D 91 6.29 8.14 42.37
CA ILE D 91 6.68 6.99 41.60
C ILE D 91 6.63 5.70 42.41
N GLY D 92 6.99 5.79 43.69
CA GLY D 92 6.95 4.60 44.53
C GLY D 92 5.49 4.21 44.71
N LYS D 93 4.61 5.21 44.78
CA LYS D 93 3.21 4.93 44.98
C LYS D 93 2.53 4.44 43.71
N ASP D 94 2.95 4.98 42.56
CA ASP D 94 2.38 4.56 41.29
C ASP D 94 2.77 3.12 41.00
N LEU D 95 4.01 2.76 41.32
CA LEU D 95 4.47 1.39 41.11
C LEU D 95 3.67 0.43 41.99
N ALA D 96 3.41 0.84 43.23
CA ALA D 96 2.67 -0.01 44.15
C ALA D 96 1.23 -0.19 43.68
N ASP D 97 0.67 0.85 43.09
CA ASP D 97 -0.70 0.80 42.58
C ASP D 97 -0.78 -0.16 41.40
N ALA D 98 0.20 -0.06 40.51
CA ALA D 98 0.25 -0.91 39.32
C ALA D 98 0.45 -2.36 39.71
N ALA D 99 1.32 -2.60 40.69
CA ALA D 99 1.58 -3.95 41.13
C ALA D 99 0.31 -4.59 41.69
N LYS D 100 -0.48 -3.81 42.41
CA LYS D 100 -1.72 -4.31 42.99
C LYS D 100 -2.78 -4.51 41.91
N ARG D 101 -2.80 -3.59 40.95
CA ARG D 101 -3.76 -3.67 39.86
C ARG D 101 -3.50 -4.87 38.94
N ALA D 102 -2.24 -5.31 38.88
CA ALA D 102 -1.87 -6.46 38.06
C ALA D 102 -2.45 -7.72 38.71
N GLY D 103 -2.59 -7.66 40.04
CA GLY D 103 -3.16 -8.75 40.80
C GLY D 103 -2.41 -10.08 40.80
N THR D 104 -1.22 -10.14 40.21
CA THR D 104 -0.47 -11.40 40.19
C THR D 104 0.76 -11.42 41.06
N ILE D 105 1.08 -10.30 41.67
CA ILE D 105 2.24 -10.21 42.52
C ILE D 105 2.04 -10.96 43.83
N GLN D 106 2.92 -11.91 44.08
CA GLN D 106 2.86 -12.73 45.30
C GLN D 106 3.82 -12.24 46.36
N HIS D 107 4.89 -11.58 45.91
CA HIS D 107 5.88 -11.05 46.83
C HIS D 107 6.54 -9.78 46.26
N TYR D 108 6.21 -8.65 46.88
CA TYR D 108 6.71 -7.35 46.47
C TYR D 108 7.80 -6.87 47.42
N ILE D 109 9.05 -6.88 46.96
CA ILE D 109 10.15 -6.42 47.78
C ILE D 109 10.48 -4.99 47.39
N TYR D 110 10.50 -4.09 48.39
CA TYR D 110 10.83 -2.70 48.16
C TYR D 110 12.08 -2.33 48.96
N SER D 111 13.00 -1.64 48.32
CA SER D 111 14.23 -1.26 48.99
C SER D 111 13.97 0.07 49.69
N SER D 112 13.87 0.02 51.01
CA SER D 112 13.57 1.23 51.77
C SER D 112 14.73 1.75 52.61
N MET D 113 14.62 3.01 53.02
CA MET D 113 15.64 3.64 53.86
C MET D 113 15.01 4.32 55.05
N PRO D 114 15.76 4.45 56.15
CA PRO D 114 15.24 5.10 57.36
C PRO D 114 15.06 6.59 57.26
N ASP D 115 14.34 7.12 58.25
CA ASP D 115 14.08 8.55 58.35
C ASP D 115 14.68 8.95 59.68
N HIS D 116 15.64 9.87 59.66
CA HIS D 116 16.30 10.25 60.89
C HIS D 116 15.55 11.25 61.75
N SER D 117 14.70 12.06 61.14
CA SER D 117 13.95 13.05 61.90
C SER D 117 12.89 12.39 62.76
N LEU D 118 12.69 11.09 62.55
CA LEU D 118 11.71 10.34 63.32
C LEU D 118 12.30 9.73 64.60
N TYR D 119 13.62 9.65 64.70
CA TYR D 119 14.24 9.05 65.88
C TYR D 119 15.12 10.00 66.69
N GLY D 120 15.24 11.24 66.20
CA GLY D 120 16.05 12.21 66.93
C GLY D 120 15.91 13.61 66.39
N PRO D 121 16.54 14.60 67.05
CA PRO D 121 16.51 16.02 66.65
C PRO D 121 17.27 16.20 65.35
N TRP D 122 17.67 15.06 64.79
CA TRP D 122 18.41 15.01 63.54
C TRP D 122 17.51 15.34 62.37
N PRO D 123 18.09 15.81 61.25
CA PRO D 123 17.31 16.15 60.07
C PRO D 123 17.08 14.91 59.23
N ALA D 124 16.35 15.05 58.13
CA ALA D 124 16.05 13.94 57.25
C ALA D 124 16.97 13.92 56.04
N VAL D 125 17.60 12.77 55.79
CA VAL D 125 18.48 12.64 54.64
C VAL D 125 17.51 12.53 53.46
N PRO D 126 17.45 13.57 52.63
CA PRO D 126 16.59 13.72 51.44
C PRO D 126 16.41 12.54 50.49
N MET D 127 17.43 11.71 50.35
CA MET D 127 17.35 10.56 49.46
C MET D 127 17.07 9.29 50.26
N TRP D 128 16.73 9.45 51.53
CA TRP D 128 16.43 8.33 52.40
C TRP D 128 15.00 8.35 52.92
N ALA D 129 14.65 9.43 53.60
CA ALA D 129 13.31 9.60 54.18
C ALA D 129 12.15 9.32 53.23
N PRO D 130 12.23 9.78 51.97
CA PRO D 130 11.16 9.57 50.98
C PRO D 130 10.72 8.11 50.86
N LYS D 131 11.70 7.21 50.86
CA LYS D 131 11.44 5.78 50.74
C LYS D 131 10.52 5.22 51.82
N PHE D 132 10.76 5.63 53.07
CA PHE D 132 9.96 5.15 54.19
C PHE D 132 8.46 5.39 53.95
N THR D 133 8.14 6.55 53.38
CA THR D 133 6.76 6.91 53.08
C THR D 133 6.17 5.91 52.09
N VAL D 134 6.96 5.49 51.11
CA VAL D 134 6.51 4.54 50.11
C VAL D 134 6.37 3.17 50.74
N GLU D 135 7.21 2.88 51.73
CA GLU D 135 7.15 1.61 52.43
C GLU D 135 5.75 1.50 53.06
N ASN D 136 5.38 2.52 53.82
CA ASN D 136 4.10 2.54 54.51
C ASN D 136 2.98 2.33 53.51
N TYR D 137 3.06 3.03 52.38
CA TYR D 137 2.04 2.95 51.35
C TYR D 137 1.94 1.53 50.80
N VAL D 138 3.08 0.89 50.59
CA VAL D 138 3.08 -0.47 50.11
C VAL D 138 2.26 -1.31 51.09
N ARG D 139 2.54 -1.16 52.39
CA ARG D 139 1.82 -1.88 53.44
C ARG D 139 0.33 -1.54 53.43
N GLN D 140 0.03 -0.28 53.18
CA GLN D 140 -1.34 0.15 53.15
C GLN D 140 -2.18 -0.58 52.10
N LEU D 141 -1.60 -0.83 50.92
CA LEU D 141 -2.33 -1.50 49.85
C LEU D 141 -2.59 -2.98 50.14
N GLY D 142 -1.85 -3.55 51.07
CA GLY D 142 -2.02 -4.95 51.41
C GLY D 142 -1.17 -5.88 50.54
N LEU D 143 -0.23 -5.30 49.82
CA LEU D 143 0.66 -6.09 48.98
C LEU D 143 1.56 -7.02 49.81
N PRO D 144 1.64 -8.31 49.44
CA PRO D 144 2.50 -9.20 50.21
C PRO D 144 3.89 -8.61 50.00
N SER D 145 4.48 -8.08 51.06
CA SER D 145 5.76 -7.42 50.91
C SER D 145 6.82 -7.69 51.96
N THR D 146 8.03 -7.24 51.66
CA THR D 146 9.20 -7.36 52.52
C THR D 146 10.07 -6.15 52.21
N PHE D 147 10.65 -5.54 53.23
CA PHE D 147 11.46 -4.35 52.99
C PHE D 147 12.95 -4.52 53.30
N VAL D 148 13.77 -4.32 52.28
CA VAL D 148 15.21 -4.41 52.43
C VAL D 148 15.84 -3.02 52.60
N TYR D 149 16.77 -2.92 53.55
CA TYR D 149 17.51 -1.68 53.84
C TYR D 149 18.98 -1.94 53.53
N ALA D 150 19.48 -1.31 52.48
CA ALA D 150 20.88 -1.49 52.07
C ALA D 150 21.94 -0.80 52.90
N GLY D 151 23.02 -1.52 53.18
CA GLY D 151 24.12 -0.95 53.92
C GLY D 151 24.92 -0.18 52.88
N ILE D 152 25.91 0.59 53.32
CA ILE D 152 26.73 1.35 52.37
C ILE D 152 27.44 0.40 51.41
N TYR D 153 27.39 0.72 50.12
CA TYR D 153 28.01 -0.10 49.08
C TYR D 153 29.55 -0.16 49.20
N ASN D 154 30.11 -1.37 49.14
CA ASN D 154 31.57 -1.55 49.21
C ASN D 154 32.23 -0.84 48.05
N ASN D 155 31.61 -0.97 46.87
CA ASN D 155 32.15 -0.38 45.65
C ASN D 155 31.87 1.11 45.47
N ASN D 156 31.53 1.80 46.54
CA ASN D 156 31.31 3.25 46.44
C ASN D 156 32.70 3.84 46.36
N PHE D 157 33.64 3.13 47.00
CA PHE D 157 35.03 3.55 47.04
C PHE D 157 35.67 3.64 45.66
N THR D 158 36.49 4.67 45.49
CA THR D 158 37.21 4.92 44.25
C THR D 158 38.26 5.95 44.57
N SER D 159 39.36 5.97 43.81
CA SER D 159 40.41 6.96 44.05
C SER D 159 40.01 8.24 43.34
N LEU D 160 39.06 8.12 42.43
CA LEU D 160 38.56 9.28 41.69
C LEU D 160 37.95 10.27 42.68
N PRO D 161 37.98 11.57 42.35
CA PRO D 161 37.45 12.67 43.17
C PRO D 161 35.93 12.70 43.39
N TYR D 162 35.32 11.54 43.55
CA TYR D 162 33.89 11.48 43.78
C TYR D 162 33.65 11.70 45.28
N PRO D 163 32.54 12.36 45.64
CA PRO D 163 32.18 12.67 47.02
C PRO D 163 31.99 11.53 48.01
N LEU D 164 32.31 11.84 49.26
CA LEU D 164 32.17 10.96 50.44
C LEU D 164 32.94 9.66 50.54
N PHE D 165 33.12 8.94 49.44
CA PHE D 165 33.86 7.67 49.52
C PHE D 165 35.11 7.60 48.66
N GLN D 166 35.91 8.67 48.68
CA GLN D 166 37.13 8.70 47.89
C GLN D 166 38.31 8.06 48.61
N MET D 167 38.65 6.85 48.20
CA MET D 167 39.79 6.14 48.78
C MET D 167 40.92 6.76 47.95
N GLU D 168 41.38 7.91 48.43
CA GLU D 168 42.40 8.70 47.77
C GLU D 168 43.87 8.24 47.88
N LEU D 169 44.56 8.28 46.74
CA LEU D 169 45.97 7.90 46.67
C LEU D 169 46.90 9.10 46.83
N MET D 170 47.46 9.23 48.02
CA MET D 170 48.38 10.32 48.34
C MET D 170 49.71 10.08 47.63
N PRO D 171 50.44 11.16 47.28
CA PRO D 171 51.73 11.10 46.57
C PRO D 171 52.74 10.08 47.11
N ASP D 172 52.81 9.90 48.42
CA ASP D 172 53.75 8.94 48.99
C ASP D 172 53.33 7.53 48.61
N GLY D 173 52.34 7.42 47.74
CA GLY D 173 51.86 6.12 47.29
C GLY D 173 50.80 5.52 48.20
N THR D 174 50.62 6.08 49.39
CA THR D 174 49.62 5.56 50.34
C THR D 174 48.21 6.08 50.08
N PHE D 175 47.24 5.42 50.70
CA PHE D 175 45.85 5.83 50.56
C PHE D 175 45.39 6.47 51.86
N GLU D 176 44.37 7.30 51.71
CA GLU D 176 43.82 8.02 52.84
C GLU D 176 42.37 8.38 52.46
N TRP D 177 41.44 8.06 53.35
CA TRP D 177 40.04 8.34 53.09
C TRP D 177 39.52 9.45 54.00
N HIS D 178 38.79 10.39 53.40
CA HIS D 178 38.23 11.53 54.13
C HIS D 178 36.70 11.48 54.21
N ALA D 179 36.17 11.37 55.42
CA ALA D 179 34.72 11.31 55.64
C ALA D 179 34.33 11.74 57.06
N PRO D 180 33.08 12.23 57.22
CA PRO D 180 32.50 12.72 58.49
C PRO D 180 32.23 11.67 59.57
N PHE D 181 32.05 10.42 59.16
CA PHE D 181 31.78 9.35 60.11
C PHE D 181 32.84 9.21 61.18
N ASP D 182 32.42 9.01 62.42
CA ASP D 182 33.37 8.83 63.51
C ASP D 182 34.27 7.67 63.13
N PRO D 183 35.57 7.81 63.36
CA PRO D 183 36.49 6.73 63.00
C PRO D 183 36.18 5.35 63.57
N ASP D 184 35.61 5.30 64.78
CA ASP D 184 35.35 4.02 65.42
C ASP D 184 33.93 3.52 65.50
N ILE D 185 32.97 4.32 65.06
CA ILE D 185 31.59 3.85 65.11
C ILE D 185 31.29 3.00 63.88
N PRO D 186 31.06 1.70 64.11
CA PRO D 186 30.75 0.72 63.06
C PRO D 186 29.62 1.16 62.16
N LEU D 187 29.81 0.96 60.87
CA LEU D 187 28.82 1.31 59.85
C LEU D 187 28.39 0.01 59.16
N PRO D 188 27.18 -0.02 58.60
CA PRO D 188 26.72 -1.22 57.90
C PRO D 188 27.14 -1.20 56.43
N TRP D 189 27.89 -2.21 56.00
CA TRP D 189 28.32 -2.26 54.60
C TRP D 189 27.63 -3.37 53.82
N LEU D 190 27.69 -3.26 52.49
CA LEU D 190 27.06 -4.21 51.59
C LEU D 190 27.78 -4.27 50.25
N ASP D 191 28.06 -5.48 49.77
CA ASP D 191 28.70 -5.62 48.47
C ASP D 191 27.61 -5.80 47.42
N ALA D 192 27.11 -4.69 46.90
CA ALA D 192 26.03 -4.69 45.91
C ALA D 192 26.06 -5.76 44.83
N GLU D 193 27.09 -5.72 43.99
CA GLU D 193 27.22 -6.65 42.90
C GLU D 193 27.29 -8.12 43.30
N HIS D 194 28.02 -8.39 44.37
CA HIS D 194 28.25 -9.76 44.83
C HIS D 194 27.16 -10.35 45.72
N ASP D 195 26.51 -9.53 46.53
CA ASP D 195 25.51 -10.07 47.47
C ASP D 195 24.04 -9.65 47.41
N VAL D 196 23.71 -8.60 46.67
CA VAL D 196 22.31 -8.19 46.60
C VAL D 196 21.47 -9.22 45.86
N GLY D 197 22.00 -9.73 44.75
CA GLY D 197 21.26 -10.70 43.98
C GLY D 197 20.92 -11.94 44.80
N PRO D 198 21.95 -12.70 45.21
CA PRO D 198 21.75 -13.92 46.01
C PRO D 198 20.77 -13.76 47.18
N ALA D 199 20.90 -12.67 47.92
CA ALA D 199 20.04 -12.41 49.07
C ALA D 199 18.60 -12.26 48.65
N LEU D 200 18.36 -11.42 47.65
CA LEU D 200 16.99 -11.22 47.19
C LEU D 200 16.38 -12.53 46.74
N LEU D 201 17.16 -13.35 46.05
CA LEU D 201 16.66 -14.63 45.57
C LEU D 201 16.20 -15.51 46.72
N GLN D 202 16.97 -15.51 47.80
CA GLN D 202 16.64 -16.34 48.94
C GLN D 202 15.40 -15.83 49.67
N ILE D 203 15.16 -14.52 49.58
CA ILE D 203 14.00 -13.92 50.22
C ILE D 203 12.77 -14.40 49.43
N PHE D 204 12.88 -14.35 48.10
CA PHE D 204 11.82 -14.80 47.21
C PHE D 204 11.54 -16.28 47.40
N LYS D 205 12.62 -17.08 47.45
CA LYS D 205 12.50 -18.51 47.65
C LYS D 205 11.80 -18.77 48.99
N ASP D 206 12.21 -18.03 50.02
CA ASP D 206 11.59 -18.17 51.34
C ASP D 206 10.10 -17.78 51.23
N GLY D 207 9.81 -16.79 50.38
CA GLY D 207 8.44 -16.36 50.15
C GLY D 207 7.85 -15.47 51.22
N PRO D 208 6.68 -14.85 50.98
CA PRO D 208 6.03 -13.97 51.96
C PRO D 208 5.50 -14.70 53.19
N GLN D 209 5.57 -16.02 53.17
CA GLN D 209 5.10 -16.81 54.32
C GLN D 209 6.06 -16.60 55.46
N LYS D 210 7.28 -16.22 55.10
CA LYS D 210 8.33 -16.01 56.06
C LYS D 210 8.64 -14.54 56.23
N TRP D 211 8.63 -13.81 55.13
CA TRP D 211 9.02 -12.40 55.16
C TRP D 211 7.98 -11.31 55.04
N ASN D 212 6.74 -11.68 54.74
CA ASN D 212 5.69 -10.68 54.60
C ASN D 212 5.66 -9.74 55.80
N GLY D 213 5.78 -8.44 55.53
CA GLY D 213 5.75 -7.43 56.58
C GLY D 213 7.08 -7.12 57.22
N HIS D 214 8.07 -7.96 57.00
CA HIS D 214 9.37 -7.73 57.60
C HIS D 214 10.29 -6.71 56.95
N ARG D 215 11.21 -6.22 57.77
CA ARG D 215 12.22 -5.28 57.33
C ARG D 215 13.48 -6.09 57.52
N ILE D 216 14.34 -6.06 56.51
CA ILE D 216 15.58 -6.80 56.56
C ILE D 216 16.75 -5.88 56.28
N ALA D 217 17.68 -5.83 57.22
CA ALA D 217 18.86 -5.00 57.05
C ALA D 217 19.80 -5.72 56.08
N LEU D 218 19.86 -5.26 54.84
CA LEU D 218 20.73 -5.88 53.85
C LEU D 218 22.18 -5.46 54.03
N THR D 219 22.78 -5.96 55.09
CA THR D 219 24.17 -5.67 55.41
C THR D 219 24.80 -6.96 55.88
N PHE D 220 25.99 -7.27 55.41
CA PHE D 220 26.62 -8.51 55.82
C PHE D 220 27.83 -8.35 56.73
N GLU D 221 28.16 -7.11 57.07
CA GLU D 221 29.28 -6.84 57.96
C GLU D 221 29.26 -5.38 58.34
N THR D 222 29.61 -5.11 59.59
CA THR D 222 29.65 -3.76 60.09
C THR D 222 31.08 -3.41 60.48
N LEU D 223 31.64 -2.40 59.81
CA LEU D 223 33.01 -1.96 60.08
C LEU D 223 33.02 -0.47 60.35
N SER D 224 33.94 -0.05 61.21
CA SER D 224 34.11 1.36 61.54
C SER D 224 35.08 1.88 60.47
N PRO D 225 35.02 3.19 60.16
CA PRO D 225 35.92 3.75 59.16
C PRO D 225 37.38 3.32 59.34
N VAL D 226 37.83 3.25 60.58
CA VAL D 226 39.19 2.82 60.87
C VAL D 226 39.37 1.40 60.37
N GLN D 227 38.37 0.57 60.65
CA GLN D 227 38.43 -0.83 60.23
C GLN D 227 38.38 -0.98 58.72
N VAL D 228 37.58 -0.14 58.06
CA VAL D 228 37.46 -0.18 56.61
C VAL D 228 38.84 0.05 56.02
N CYS D 229 39.54 1.05 56.54
CA CYS D 229 40.87 1.35 56.05
C CYS D 229 41.87 0.27 56.41
N ALA D 230 41.67 -0.37 57.55
CA ALA D 230 42.55 -1.44 57.95
C ALA D 230 42.44 -2.59 56.95
N ALA D 231 41.22 -2.87 56.49
CA ALA D 231 41.00 -3.95 55.54
C ALA D 231 41.61 -3.68 54.15
N PHE D 232 41.70 -2.41 53.77
CA PHE D 232 42.28 -2.05 52.49
C PHE D 232 43.80 -2.24 52.50
N SER D 233 44.42 -1.96 53.63
CA SER D 233 45.86 -2.12 53.72
C SER D 233 46.24 -3.60 53.59
N ARG D 234 45.45 -4.48 54.20
CA ARG D 234 45.72 -5.92 54.11
C ARG D 234 45.60 -6.32 52.66
N ALA D 235 44.64 -5.72 51.98
CA ALA D 235 44.37 -6.02 50.59
C ALA D 235 45.42 -5.45 49.63
N LEU D 236 45.52 -4.13 49.61
CA LEU D 236 46.44 -3.45 48.72
C LEU D 236 47.90 -3.48 49.18
N ASN D 237 48.16 -3.97 50.39
CA ASN D 237 49.51 -4.01 50.92
C ASN D 237 50.10 -2.59 50.94
N ARG D 238 49.25 -1.63 51.26
CA ARG D 238 49.62 -0.22 51.36
C ARG D 238 48.98 0.35 52.62
N ARG D 239 49.52 1.44 53.14
CA ARG D 239 48.98 2.05 54.36
C ARG D 239 47.81 2.96 54.07
N VAL D 240 46.66 2.65 54.67
CA VAL D 240 45.49 3.47 54.48
C VAL D 240 45.12 4.10 55.82
N THR D 241 44.84 5.40 55.81
CA THR D 241 44.45 6.08 57.03
C THR D 241 43.13 6.82 56.85
N TYR D 242 42.37 6.90 57.93
CA TYR D 242 41.08 7.57 57.89
C TYR D 242 41.20 8.95 58.52
N VAL D 243 40.58 9.92 57.87
CA VAL D 243 40.61 11.31 58.33
C VAL D 243 39.16 11.77 58.49
N GLN D 244 38.75 12.06 59.71
CA GLN D 244 37.40 12.53 59.94
C GLN D 244 37.34 14.03 59.67
N VAL D 245 36.48 14.42 58.74
CA VAL D 245 36.34 15.81 58.41
C VAL D 245 34.88 16.23 58.67
N PRO D 246 34.68 17.42 59.24
CA PRO D 246 33.34 17.92 59.54
C PRO D 246 32.44 18.07 58.34
N LYS D 247 33.01 18.33 57.17
CA LYS D 247 32.20 18.50 55.97
C LYS D 247 32.67 17.62 54.82
N VAL D 248 31.73 17.20 53.98
CA VAL D 248 32.04 16.35 52.85
C VAL D 248 32.79 17.11 51.77
N GLU D 249 34.11 16.89 51.75
CA GLU D 249 34.98 17.51 50.76
C GLU D 249 34.35 17.14 49.43
N ILE D 250 33.94 18.16 48.69
CA ILE D 250 33.31 17.94 47.40
C ILE D 250 34.22 18.39 46.26
N LYS D 251 35.33 17.67 46.11
CA LYS D 251 36.35 17.93 45.10
C LYS D 251 35.84 18.04 43.67
N VAL D 252 34.54 17.88 43.47
CA VAL D 252 33.97 17.95 42.13
C VAL D 252 32.60 18.59 42.10
N ASN D 253 32.18 18.95 40.89
CA ASN D 253 30.88 19.57 40.69
C ASN D 253 29.79 18.51 40.75
N ILE D 254 28.86 18.68 41.68
CA ILE D 254 27.77 17.71 41.82
C ILE D 254 26.43 18.42 41.83
N PRO D 255 25.34 17.66 41.64
CA PRO D 255 24.03 18.30 41.64
C PRO D 255 23.72 18.67 43.09
N VAL D 256 23.02 19.78 43.27
CA VAL D 256 22.68 20.24 44.59
C VAL D 256 21.86 19.16 45.29
N GLY D 257 21.07 18.43 44.51
CA GLY D 257 20.28 17.35 45.09
C GLY D 257 21.20 16.46 45.90
N TYR D 258 22.32 16.10 45.30
CA TYR D 258 23.30 15.25 45.97
C TYR D 258 24.00 16.05 47.06
N ARG D 259 24.26 17.32 46.77
CA ARG D 259 24.95 18.16 47.74
C ARG D 259 24.06 18.26 48.97
N GLU D 260 22.76 18.42 48.74
CA GLU D 260 21.81 18.49 49.85
C GLU D 260 21.81 17.16 50.61
N GLN D 261 21.90 16.07 49.87
CA GLN D 261 21.95 14.75 50.49
C GLN D 261 23.23 14.70 51.32
N LEU D 262 24.34 15.10 50.71
CA LEU D 262 25.63 15.10 51.39
C LEU D 262 25.66 16.00 52.62
N GLU D 263 25.02 17.16 52.52
CA GLU D 263 24.97 18.10 53.64
C GLU D 263 24.23 17.48 54.81
N ALA D 264 23.15 16.74 54.51
CA ALA D 264 22.37 16.09 55.54
C ALA D 264 23.25 15.05 56.25
N ILE D 265 24.00 14.28 55.46
CA ILE D 265 24.87 13.26 56.00
C ILE D 265 25.90 13.87 56.93
N GLU D 266 26.42 15.04 56.57
CA GLU D 266 27.42 15.73 57.39
C GLU D 266 26.83 15.99 58.77
N VAL D 267 25.58 16.45 58.78
CA VAL D 267 24.89 16.78 60.01
C VAL D 267 24.54 15.52 60.81
N VAL D 268 23.89 14.58 60.15
CA VAL D 268 23.45 13.35 60.81
C VAL D 268 24.52 12.41 61.36
N PHE D 269 25.62 12.22 60.63
CA PHE D 269 26.68 11.32 61.12
C PHE D 269 27.91 12.06 61.59
N GLY D 270 28.14 13.25 61.04
CA GLY D 270 29.30 14.02 61.44
C GLY D 270 29.06 14.86 62.69
N GLU D 271 27.80 15.12 62.99
CA GLU D 271 27.46 15.97 64.13
C GLU D 271 26.73 15.27 65.27
N HIS D 272 25.60 14.65 64.97
CA HIS D 272 24.80 13.97 65.99
C HIS D 272 25.23 12.56 66.36
N LYS D 273 26.08 11.97 65.52
CA LYS D 273 26.60 10.61 65.74
C LYS D 273 25.49 9.56 65.67
N ALA D 274 24.44 9.84 64.88
CA ALA D 274 23.29 8.95 64.74
C ALA D 274 23.55 7.67 63.97
N PRO D 275 22.88 6.58 64.37
CA PRO D 275 23.00 5.25 63.75
C PRO D 275 22.61 5.30 62.28
N TYR D 276 23.24 4.47 61.46
CA TYR D 276 22.88 4.45 60.04
C TYR D 276 21.46 3.89 59.98
N PHE D 277 21.26 2.77 60.66
CA PHE D 277 19.94 2.17 60.73
C PHE D 277 19.51 2.45 62.18
N PRO D 278 18.87 3.62 62.40
CA PRO D 278 18.39 4.05 63.72
C PRO D 278 17.13 3.34 64.26
N LEU D 279 16.45 2.59 63.40
CA LEU D 279 15.24 1.88 63.82
C LEU D 279 15.59 0.92 64.95
N PRO D 280 14.78 0.91 66.01
CA PRO D 280 14.96 0.05 67.19
C PRO D 280 15.27 -1.38 66.85
N GLU D 281 14.68 -1.89 65.78
CA GLU D 281 14.93 -3.25 65.36
C GLU D 281 16.35 -3.34 64.82
N PHE D 282 16.86 -2.21 64.34
CA PHE D 282 18.19 -2.14 63.78
C PHE D 282 19.13 -1.46 64.79
N SER D 283 18.59 -1.20 65.98
CA SER D 283 19.32 -0.55 67.07
C SER D 283 20.57 -1.31 67.45
N ARG D 316 23.21 -8.57 66.59
CA ARG D 316 23.73 -7.70 65.54
C ARG D 316 22.75 -7.58 64.37
N VAL D 317 22.92 -6.55 63.54
CA VAL D 317 22.02 -6.35 62.42
C VAL D 317 22.38 -7.18 61.18
N THR D 318 23.49 -7.90 61.24
CA THR D 318 23.91 -8.71 60.10
C THR D 318 23.42 -10.15 60.16
N ASP D 319 22.86 -10.51 61.31
CA ASP D 319 22.36 -11.86 61.50
C ASP D 319 21.47 -12.33 60.34
N GLU D 320 20.28 -11.76 60.22
CA GLU D 320 19.35 -12.14 59.17
C GLU D 320 19.98 -12.25 57.78
N ALA D 321 20.70 -11.22 57.38
CA ALA D 321 21.33 -11.22 56.06
C ALA D 321 22.19 -12.47 55.93
N ARG D 322 23.19 -12.60 56.78
CA ARG D 322 24.09 -13.75 56.75
C ARG D 322 23.38 -15.09 56.73
N LYS D 323 22.18 -15.14 57.29
CA LYS D 323 21.39 -16.38 57.31
C LYS D 323 20.75 -16.58 55.93
N LEU D 324 20.39 -15.47 55.29
CA LEU D 324 19.77 -15.53 53.96
C LEU D 324 20.81 -15.86 52.88
N TRP D 325 22.04 -15.42 53.09
CA TRP D 325 23.13 -15.67 52.14
C TRP D 325 24.49 -15.55 52.81
N SER D 326 25.07 -16.71 53.11
CA SER D 326 26.37 -16.80 53.78
C SER D 326 27.57 -16.70 52.83
N GLY D 327 27.29 -16.49 51.54
CA GLY D 327 28.38 -16.37 50.58
C GLY D 327 28.83 -14.94 50.36
N TRP D 328 28.49 -14.06 51.30
CA TRP D 328 28.84 -12.64 51.21
C TRP D 328 30.31 -12.30 51.08
N ARG D 329 30.58 -11.15 50.49
CA ARG D 329 31.94 -10.67 50.26
C ARG D 329 32.20 -9.47 51.17
N ASP D 330 33.26 -9.57 51.98
CA ASP D 330 33.64 -8.52 52.92
C ASP D 330 34.50 -7.45 52.27
N MET D 331 34.84 -6.43 53.05
CA MET D 331 35.65 -5.33 52.57
C MET D 331 37.03 -5.78 52.15
N GLU D 332 37.66 -6.64 52.93
CA GLU D 332 38.98 -7.08 52.53
C GLU D 332 38.94 -7.64 51.11
N GLU D 333 38.15 -8.69 50.90
CA GLU D 333 38.03 -9.32 49.59
C GLU D 333 37.73 -8.31 48.48
N TYR D 334 36.77 -7.42 48.74
CA TYR D 334 36.43 -6.42 47.74
C TYR D 334 37.65 -5.58 47.37
N ALA D 335 38.27 -4.99 48.40
CA ALA D 335 39.44 -4.15 48.22
C ALA D 335 40.49 -4.88 47.43
N ARG D 336 40.76 -6.13 47.84
CA ARG D 336 41.78 -6.92 47.17
C ARG D 336 41.40 -7.40 45.79
N GLU D 337 40.27 -8.10 45.70
CA GLU D 337 39.85 -8.66 44.44
C GLU D 337 39.13 -7.76 43.43
N VAL D 338 38.44 -6.72 43.89
CA VAL D 338 37.69 -5.89 42.97
C VAL D 338 38.19 -4.46 42.75
N PHE D 339 38.48 -3.77 43.85
CA PHE D 339 38.94 -2.39 43.79
C PHE D 339 39.97 -2.12 42.68
N PRO D 340 41.15 -2.77 42.75
CA PRO D 340 42.21 -2.57 41.76
C PRO D 340 41.71 -2.70 40.34
N ILE D 341 40.77 -3.61 40.12
CA ILE D 341 40.26 -3.81 38.79
C ILE D 341 39.34 -2.66 38.43
N GLU D 342 38.41 -2.38 39.32
CA GLU D 342 37.46 -1.31 39.11
C GLU D 342 38.24 -0.03 38.86
N GLU D 343 39.33 0.15 39.61
CA GLU D 343 40.17 1.32 39.46
C GLU D 343 40.80 1.29 38.07
N GLU D 344 41.43 0.17 37.73
CA GLU D 344 42.07 0.03 36.44
C GLU D 344 41.08 0.36 35.34
N ALA D 345 39.91 -0.27 35.39
CA ALA D 345 38.86 -0.06 34.40
C ALA D 345 38.49 1.40 34.22
N ASN D 346 38.67 2.19 35.28
CA ASN D 346 38.37 3.61 35.22
C ASN D 346 39.66 4.38 34.93
N GLY D 347 40.51 3.76 34.12
CA GLY D 347 41.77 4.37 33.73
C GLY D 347 42.71 4.82 34.82
N LEU D 348 43.22 3.89 35.62
CA LEU D 348 44.17 4.22 36.67
C LEU D 348 45.40 3.37 36.49
N ASP D 349 46.53 3.78 37.07
CA ASP D 349 47.77 3.05 36.88
C ASP D 349 48.45 2.42 38.09
N TRP D 350 48.39 3.08 39.24
CA TRP D 350 49.06 2.58 40.43
C TRP D 350 49.12 1.06 40.57
N MET D 351 48.08 0.35 40.14
CA MET D 351 48.08 -1.11 40.26
C MET D 351 48.90 -1.79 39.17
N LEU D 352 48.96 -1.19 37.99
CA LEU D 352 49.73 -1.75 36.88
C LEU D 352 51.21 -1.41 37.06
N GLN E 3 -37.14 -13.85 -57.48
CA GLN E 3 -36.60 -14.97 -58.30
C GLN E 3 -36.42 -14.62 -59.76
N GLN E 4 -37.52 -14.47 -60.49
CA GLN E 4 -37.44 -14.11 -61.90
C GLN E 4 -36.90 -12.70 -62.06
N LYS E 5 -35.93 -12.54 -62.97
CA LYS E 5 -35.33 -11.22 -63.25
C LYS E 5 -36.45 -10.31 -63.73
N LYS E 6 -36.62 -9.19 -63.05
CA LYS E 6 -37.68 -8.25 -63.38
C LYS E 6 -37.20 -7.00 -64.11
N THR E 7 -38.14 -6.24 -64.67
CA THR E 7 -37.78 -5.01 -65.38
C THR E 7 -37.66 -3.90 -64.35
N ILE E 8 -36.53 -3.22 -64.39
CA ILE E 8 -36.25 -2.14 -63.45
C ILE E 8 -36.26 -0.81 -64.15
N ALA E 9 -36.85 0.19 -63.48
CA ALA E 9 -36.90 1.53 -64.01
C ALA E 9 -35.98 2.42 -63.17
N VAL E 10 -35.15 3.21 -63.83
CA VAL E 10 -34.23 4.11 -63.14
C VAL E 10 -34.11 5.42 -63.91
N VAL E 11 -33.68 6.47 -63.22
CA VAL E 11 -33.49 7.76 -63.84
C VAL E 11 -32.05 8.16 -63.63
N ASN E 12 -31.63 9.27 -64.25
CA ASN E 12 -30.26 9.74 -64.16
C ASN E 12 -29.32 8.55 -64.25
N ALA E 13 -29.45 7.83 -65.35
CA ALA E 13 -28.64 6.64 -65.63
C ALA E 13 -27.14 6.83 -65.52
N THR E 14 -26.64 8.00 -65.90
CA THR E 14 -25.20 8.23 -65.86
C THR E 14 -24.71 8.55 -64.46
N GLY E 15 -25.64 8.81 -63.54
CA GLY E 15 -25.23 9.09 -62.18
C GLY E 15 -24.61 7.85 -61.58
N ARG E 16 -23.68 8.03 -60.64
CA ARG E 16 -22.99 6.90 -60.03
C ARG E 16 -23.86 5.80 -59.40
N GLN E 17 -24.90 6.17 -58.66
CA GLN E 17 -25.75 5.15 -58.04
C GLN E 17 -26.45 4.28 -59.11
N ALA E 18 -27.04 4.93 -60.11
CA ALA E 18 -27.74 4.24 -61.16
C ALA E 18 -26.85 3.37 -62.04
N ALA E 19 -25.79 3.98 -62.54
CA ALA E 19 -24.85 3.29 -63.40
C ALA E 19 -24.41 1.99 -62.78
N SER E 20 -24.16 2.04 -61.48
CA SER E 20 -23.72 0.86 -60.77
C SER E 20 -24.81 -0.23 -60.79
N LEU E 21 -26.05 0.18 -60.60
CA LEU E 21 -27.14 -0.77 -60.62
C LEU E 21 -27.36 -1.27 -62.03
N ILE E 22 -27.33 -0.36 -62.99
CA ILE E 22 -27.59 -0.77 -64.37
C ILE E 22 -26.61 -1.82 -64.88
N ARG E 23 -25.31 -1.59 -64.67
CA ARG E 23 -24.30 -2.54 -65.12
C ARG E 23 -24.55 -3.91 -64.50
N VAL E 24 -24.73 -3.94 -63.19
CA VAL E 24 -24.95 -5.22 -62.51
C VAL E 24 -26.29 -5.86 -62.87
N ALA E 25 -27.36 -5.09 -62.84
CA ALA E 25 -28.69 -5.63 -63.15
C ALA E 25 -28.76 -6.19 -64.56
N ALA E 26 -28.31 -5.41 -65.53
CA ALA E 26 -28.34 -5.86 -66.91
C ALA E 26 -27.55 -7.16 -67.05
N ALA E 27 -26.38 -7.19 -66.45
CA ALA E 27 -25.53 -8.38 -66.51
C ALA E 27 -26.21 -9.64 -65.96
N VAL E 28 -26.87 -9.52 -64.81
CA VAL E 28 -27.52 -10.69 -64.23
C VAL E 28 -28.82 -11.09 -64.95
N GLY E 29 -29.27 -10.27 -65.90
CA GLY E 29 -30.46 -10.65 -66.65
C GLY E 29 -31.74 -9.83 -66.50
N HIS E 30 -31.66 -8.72 -65.78
CA HIS E 30 -32.81 -7.87 -65.60
C HIS E 30 -32.87 -6.94 -66.82
N HIS E 31 -34.07 -6.47 -67.15
CA HIS E 31 -34.25 -5.52 -68.25
C HIS E 31 -34.26 -4.16 -67.58
N VAL E 32 -33.59 -3.19 -68.20
CA VAL E 32 -33.54 -1.86 -67.62
C VAL E 32 -34.18 -0.83 -68.51
N ARG E 33 -34.96 0.05 -67.88
CA ARG E 33 -35.60 1.15 -68.55
C ARG E 33 -35.02 2.35 -67.80
N ALA E 34 -34.20 3.15 -68.49
CA ALA E 34 -33.57 4.28 -67.83
C ALA E 34 -33.70 5.60 -68.56
N GLN E 35 -33.74 6.67 -67.78
CA GLN E 35 -33.81 8.01 -68.32
C GLN E 35 -32.41 8.64 -68.24
N VAL E 36 -32.03 9.34 -69.30
CA VAL E 36 -30.75 10.05 -69.39
C VAL E 36 -31.06 11.44 -69.90
N HIS E 37 -30.26 12.41 -69.50
CA HIS E 37 -30.48 13.77 -69.96
C HIS E 37 -29.88 13.95 -71.35
N SER E 38 -28.83 13.20 -71.65
CA SER E 38 -28.23 13.27 -72.97
C SER E 38 -27.55 11.96 -73.33
N LEU E 39 -27.63 11.62 -74.61
CA LEU E 39 -27.04 10.39 -75.13
C LEU E 39 -25.55 10.59 -75.43
N LYS E 40 -25.07 11.81 -75.21
CA LYS E 40 -23.67 12.13 -75.44
C LYS E 40 -22.88 11.96 -74.16
N GLY E 41 -21.77 11.25 -74.24
CA GLY E 41 -20.94 11.03 -73.06
C GLY E 41 -20.46 9.60 -73.00
N LEU E 42 -19.34 9.38 -72.32
CA LEU E 42 -18.80 8.03 -72.21
C LEU E 42 -19.83 7.08 -71.60
N ILE E 43 -20.18 7.34 -70.34
CA ILE E 43 -21.15 6.52 -69.60
C ILE E 43 -22.42 6.27 -70.42
N ALA E 44 -23.00 7.33 -70.95
CA ALA E 44 -24.22 7.23 -71.73
C ALA E 44 -24.05 6.24 -72.87
N GLU E 45 -22.99 6.44 -73.65
CA GLU E 45 -22.67 5.58 -74.78
C GLU E 45 -22.52 4.13 -74.27
N GLU E 46 -21.83 3.97 -73.14
CA GLU E 46 -21.64 2.63 -72.60
C GLU E 46 -22.97 1.99 -72.17
N LEU E 47 -23.73 2.67 -71.30
CA LEU E 47 -25.02 2.13 -70.84
C LEU E 47 -25.87 1.77 -72.05
N GLN E 48 -25.70 2.54 -73.11
CA GLN E 48 -26.43 2.34 -74.36
C GLN E 48 -26.04 1.00 -74.98
N ALA E 49 -24.75 0.69 -74.96
CA ALA E 49 -24.26 -0.54 -75.53
C ALA E 49 -24.88 -1.77 -74.86
N ILE E 50 -24.75 -1.86 -73.53
CA ILE E 50 -25.28 -2.99 -72.78
C ILE E 50 -26.63 -3.42 -73.34
N PRO E 51 -26.74 -4.68 -73.76
CA PRO E 51 -27.90 -5.33 -74.35
C PRO E 51 -29.31 -5.03 -73.86
N ASN E 52 -29.70 -5.59 -72.72
CA ASN E 52 -31.06 -5.39 -72.24
C ASN E 52 -31.39 -4.06 -71.57
N VAL E 53 -30.75 -2.99 -72.02
CA VAL E 53 -30.99 -1.68 -71.46
C VAL E 53 -31.61 -0.75 -72.46
N THR E 54 -32.75 -0.17 -72.09
CA THR E 54 -33.45 0.76 -72.97
C THR E 54 -33.38 2.15 -72.36
N LEU E 55 -32.91 3.12 -73.16
CA LEU E 55 -32.76 4.50 -72.73
C LEU E 55 -33.86 5.43 -73.26
N PHE E 56 -34.14 6.47 -72.50
CA PHE E 56 -35.14 7.45 -72.90
C PHE E 56 -34.55 8.84 -72.67
N GLN E 57 -34.09 9.46 -73.74
CA GLN E 57 -33.45 10.77 -73.68
C GLN E 57 -34.47 11.88 -73.49
N GLY E 58 -34.37 12.60 -72.37
CA GLY E 58 -35.28 13.68 -72.08
C GLY E 58 -35.13 14.20 -70.67
N PRO E 59 -35.69 15.37 -70.37
CA PRO E 59 -35.61 15.95 -69.04
C PRO E 59 -36.61 15.27 -68.11
N LEU E 60 -36.46 15.47 -66.80
CA LEU E 60 -37.39 14.88 -65.83
C LEU E 60 -38.39 15.92 -65.36
N LEU E 61 -38.07 17.19 -65.57
CA LEU E 61 -38.92 18.28 -65.14
C LEU E 61 -40.08 18.54 -66.12
N ASN E 62 -41.30 18.51 -65.59
CA ASN E 62 -42.52 18.73 -66.36
C ASN E 62 -42.57 17.82 -67.57
N ASN E 63 -42.34 16.53 -67.34
CA ASN E 63 -42.33 15.57 -68.43
C ASN E 63 -42.91 14.23 -68.00
N VAL E 64 -44.19 14.24 -67.62
CA VAL E 64 -44.88 13.03 -67.18
C VAL E 64 -45.01 11.99 -68.30
N PRO E 65 -44.90 12.42 -69.57
CA PRO E 65 -45.03 11.39 -70.61
C PRO E 65 -43.84 10.44 -70.56
N LEU E 66 -42.64 10.99 -70.42
CA LEU E 66 -41.47 10.14 -70.34
C LEU E 66 -41.60 9.23 -69.12
N MET E 67 -41.94 9.80 -67.96
CA MET E 67 -42.10 9.00 -66.74
C MET E 67 -43.08 7.86 -66.96
N ASP E 68 -44.18 8.15 -67.64
CA ASP E 68 -45.19 7.15 -67.93
C ASP E 68 -44.58 6.03 -68.76
N THR E 69 -43.83 6.42 -69.78
CA THR E 69 -43.19 5.42 -70.62
C THR E 69 -42.22 4.62 -69.77
N LEU E 70 -41.41 5.34 -69.00
CA LEU E 70 -40.41 4.73 -68.14
C LEU E 70 -40.92 3.53 -67.36
N PHE E 71 -42.01 3.72 -66.64
CA PHE E 71 -42.59 2.67 -65.80
C PHE E 71 -43.42 1.59 -66.51
N GLU E 72 -43.58 1.70 -67.81
CA GLU E 72 -44.36 0.71 -68.55
C GLU E 72 -43.73 -0.68 -68.47
N GLY E 73 -44.46 -1.61 -67.84
CA GLY E 73 -43.97 -2.97 -67.71
C GLY E 73 -42.90 -3.12 -66.65
N ALA E 74 -42.72 -2.08 -65.85
CA ALA E 74 -41.71 -2.11 -64.81
C ALA E 74 -42.26 -2.72 -63.53
N HIS E 75 -41.46 -3.59 -62.92
CA HIS E 75 -41.84 -4.28 -61.68
C HIS E 75 -41.04 -3.69 -60.53
N LEU E 76 -39.87 -3.13 -60.86
CA LEU E 76 -39.01 -2.53 -59.84
C LEU E 76 -38.51 -1.17 -60.28
N ALA E 77 -38.06 -0.38 -59.31
CA ALA E 77 -37.54 0.93 -59.62
C ALA E 77 -36.53 1.41 -58.59
N PHE E 78 -35.50 2.08 -59.07
CA PHE E 78 -34.51 2.68 -58.19
C PHE E 78 -34.45 4.12 -58.64
N ILE E 79 -34.87 5.02 -57.77
CA ILE E 79 -34.92 6.43 -58.10
C ILE E 79 -33.95 7.29 -57.30
N ASN E 80 -33.12 8.01 -58.06
CA ASN E 80 -32.12 8.94 -57.56
C ASN E 80 -32.34 10.25 -58.30
N THR E 81 -32.90 11.25 -57.62
CA THR E 81 -33.16 12.53 -58.25
C THR E 81 -32.08 13.53 -57.87
N THR E 82 -32.09 14.70 -58.51
CA THR E 82 -31.10 15.71 -58.21
C THR E 82 -31.68 17.11 -58.36
N SER E 83 -30.91 18.10 -57.92
CA SER E 83 -31.31 19.49 -57.99
C SER E 83 -30.86 20.09 -59.32
N GLN E 84 -29.98 19.37 -60.02
CA GLN E 84 -29.45 19.81 -61.31
C GLN E 84 -30.56 20.01 -62.34
N ALA E 85 -31.45 19.03 -62.45
CA ALA E 85 -32.56 19.06 -63.40
C ALA E 85 -33.57 20.18 -63.12
N GLY E 86 -33.73 20.51 -61.85
CA GLY E 86 -34.68 21.54 -61.46
C GLY E 86 -35.14 21.23 -60.06
N ASP E 87 -36.45 21.38 -59.80
CA ASP E 87 -36.94 21.09 -58.47
C ASP E 87 -37.06 19.58 -58.22
N GLU E 88 -36.34 19.11 -57.22
CA GLU E 88 -36.33 17.70 -56.87
C GLU E 88 -37.67 17.20 -56.37
N ILE E 89 -38.28 17.96 -55.46
CA ILE E 89 -39.55 17.55 -54.89
C ILE E 89 -40.67 17.38 -55.92
N ALA E 90 -40.67 18.22 -56.95
CA ALA E 90 -41.71 18.13 -57.99
C ALA E 90 -41.39 16.93 -58.88
N ILE E 91 -40.15 16.84 -59.30
CA ILE E 91 -39.73 15.73 -60.13
C ILE E 91 -39.98 14.45 -59.34
N GLY E 92 -39.53 14.42 -58.09
CA GLY E 92 -39.71 13.27 -57.21
C GLY E 92 -41.16 12.86 -57.01
N LYS E 93 -42.06 13.83 -56.89
CA LYS E 93 -43.47 13.52 -56.72
C LYS E 93 -44.07 13.00 -58.02
N ASP E 94 -43.69 13.60 -59.14
CA ASP E 94 -44.22 13.16 -60.43
C ASP E 94 -43.80 11.72 -60.70
N LEU E 95 -42.58 11.36 -60.35
CA LEU E 95 -42.09 10.00 -60.56
C LEU E 95 -42.93 9.04 -59.73
N ALA E 96 -43.15 9.41 -58.47
CA ALA E 96 -43.92 8.58 -57.57
C ALA E 96 -45.36 8.39 -58.08
N ASP E 97 -45.92 9.44 -58.69
CA ASP E 97 -47.29 9.36 -59.22
C ASP E 97 -47.33 8.41 -60.41
N ALA E 98 -46.34 8.52 -61.28
CA ALA E 98 -46.27 7.68 -62.47
C ALA E 98 -46.12 6.24 -62.03
N ALA E 99 -45.17 6.01 -61.13
CA ALA E 99 -44.93 4.67 -60.62
C ALA E 99 -46.23 4.02 -60.18
N LYS E 100 -47.01 4.76 -59.39
CA LYS E 100 -48.28 4.26 -58.89
C LYS E 100 -49.29 4.06 -60.01
N ARG E 101 -49.35 5.00 -60.94
CA ARG E 101 -50.29 4.90 -62.07
C ARG E 101 -49.97 3.70 -62.96
N ALA E 102 -48.71 3.28 -62.99
CA ALA E 102 -48.35 2.13 -63.82
C ALA E 102 -48.94 0.88 -63.17
N GLY E 103 -49.08 0.93 -61.86
CA GLY E 103 -49.66 -0.17 -61.12
C GLY E 103 -48.91 -1.48 -61.08
N THR E 104 -47.74 -1.55 -61.72
CA THR E 104 -46.99 -2.80 -61.72
C THR E 104 -45.70 -2.80 -60.87
N ILE E 105 -45.47 -1.70 -60.16
CA ILE E 105 -44.29 -1.61 -59.32
C ILE E 105 -44.48 -2.34 -58.00
N GLN E 106 -43.64 -3.35 -57.77
CA GLN E 106 -43.71 -4.15 -56.56
C GLN E 106 -42.74 -3.64 -55.49
N HIS E 107 -41.66 -3.02 -55.92
CA HIS E 107 -40.66 -2.52 -54.98
C HIS E 107 -40.10 -1.23 -55.54
N TYR E 108 -40.35 -0.13 -54.84
CA TYR E 108 -39.88 1.19 -55.27
C TYR E 108 -38.82 1.69 -54.32
N ILE E 109 -37.57 1.69 -54.76
CA ILE E 109 -36.48 2.17 -53.91
C ILE E 109 -36.12 3.60 -54.29
N TYR E 110 -36.16 4.49 -53.31
CA TYR E 110 -35.82 5.89 -53.51
C TYR E 110 -34.61 6.28 -52.65
N SER E 111 -33.63 6.91 -53.28
CA SER E 111 -32.42 7.32 -52.58
C SER E 111 -32.70 8.64 -51.85
N SER E 112 -32.84 8.58 -50.53
CA SER E 112 -33.12 9.79 -49.76
C SER E 112 -31.96 10.29 -48.89
N MET E 113 -32.16 11.46 -48.28
CA MET E 113 -31.17 12.09 -47.44
C MET E 113 -31.88 12.82 -46.30
N PRO E 114 -31.10 13.25 -45.29
CA PRO E 114 -31.65 13.96 -44.14
C PRO E 114 -31.94 15.45 -44.38
N ASP E 115 -32.86 15.97 -43.57
CA ASP E 115 -33.20 17.38 -43.57
C ASP E 115 -32.69 17.75 -42.17
N HIS E 116 -31.41 18.08 -42.11
CA HIS E 116 -30.76 18.40 -40.83
C HIS E 116 -31.49 19.34 -39.88
N SER E 117 -32.26 20.28 -40.43
CA SER E 117 -32.99 21.25 -39.62
C SER E 117 -33.99 20.62 -38.63
N LEU E 118 -34.37 19.37 -38.90
CA LEU E 118 -35.32 18.63 -38.08
C LEU E 118 -34.75 17.85 -36.91
N TYR E 119 -33.43 17.76 -36.81
CA TYR E 119 -32.83 16.96 -35.74
C TYR E 119 -31.97 17.80 -34.81
N GLY E 120 -31.87 19.08 -35.12
CA GLY E 120 -31.08 19.99 -34.32
C GLY E 120 -31.11 21.39 -34.88
N PRO E 121 -30.57 22.37 -34.16
CA PRO E 121 -30.51 23.79 -34.54
C PRO E 121 -29.53 23.97 -35.68
N TRP E 122 -29.81 23.32 -36.79
CA TRP E 122 -28.92 23.38 -37.93
C TRP E 122 -29.63 23.73 -39.22
N PRO E 123 -28.88 24.19 -40.22
CA PRO E 123 -29.52 24.52 -41.49
C PRO E 123 -29.75 23.23 -42.26
N ALA E 124 -30.72 23.27 -43.18
CA ALA E 124 -31.02 22.13 -44.02
C ALA E 124 -29.99 22.16 -45.12
N VAL E 125 -29.54 20.99 -45.54
CA VAL E 125 -28.55 20.98 -46.61
C VAL E 125 -29.36 20.83 -47.89
N PRO E 126 -29.54 21.95 -48.62
CA PRO E 126 -30.26 22.16 -49.89
C PRO E 126 -30.37 21.03 -50.90
N MET E 127 -29.32 20.26 -51.07
CA MET E 127 -29.38 19.17 -52.03
C MET E 127 -29.73 17.87 -51.33
N TRP E 128 -29.92 17.93 -50.03
CA TRP E 128 -30.28 16.75 -49.24
C TRP E 128 -31.74 16.82 -48.78
N ALA E 129 -32.01 17.62 -47.76
CA ALA E 129 -33.35 17.77 -47.17
C ALA E 129 -34.55 17.54 -48.08
N PRO E 130 -34.59 18.19 -49.26
CA PRO E 130 -35.71 18.03 -50.18
C PRO E 130 -36.12 16.59 -50.43
N LYS E 131 -35.12 15.72 -50.58
CA LYS E 131 -35.38 14.29 -50.83
C LYS E 131 -36.27 13.68 -49.76
N PHE E 132 -36.13 14.17 -48.54
CA PHE E 132 -36.92 13.67 -47.43
C PHE E 132 -38.40 13.91 -47.66
N THR E 133 -38.72 15.06 -48.26
CA THR E 133 -40.11 15.40 -48.59
C THR E 133 -40.63 14.39 -49.61
N VAL E 134 -39.76 14.01 -50.54
CA VAL E 134 -40.10 13.03 -51.58
C VAL E 134 -40.31 11.65 -50.94
N GLU E 135 -39.50 11.36 -49.93
CA GLU E 135 -39.57 10.09 -49.21
C GLU E 135 -40.96 9.93 -48.58
N ASN E 136 -41.40 10.95 -47.85
CA ASN E 136 -42.70 10.92 -47.20
C ASN E 136 -43.82 10.85 -48.22
N TYR E 137 -43.63 11.48 -49.36
CA TYR E 137 -44.65 11.44 -50.40
C TYR E 137 -44.75 10.03 -50.97
N VAL E 138 -43.60 9.39 -51.13
CA VAL E 138 -43.54 8.01 -51.62
C VAL E 138 -44.38 7.14 -50.69
N ARG E 139 -44.18 7.33 -49.39
CA ARG E 139 -44.89 6.59 -48.34
C ARG E 139 -46.38 6.88 -48.40
N GLN E 140 -46.69 8.15 -48.62
CA GLN E 140 -48.07 8.63 -48.69
C GLN E 140 -48.90 7.99 -49.81
N LEU E 141 -48.26 7.57 -50.89
CA LEU E 141 -48.98 6.96 -52.00
C LEU E 141 -49.23 5.48 -51.77
N GLY E 142 -48.55 4.92 -50.76
CA GLY E 142 -48.72 3.52 -50.45
C GLY E 142 -47.82 2.61 -51.28
N LEU E 143 -46.89 3.20 -52.02
CA LEU E 143 -45.97 2.43 -52.86
C LEU E 143 -45.08 1.52 -52.04
N PRO E 144 -45.03 0.21 -52.40
CA PRO E 144 -44.17 -0.70 -51.65
C PRO E 144 -42.74 -0.15 -51.82
N SER E 145 -42.20 0.45 -50.76
CA SER E 145 -40.89 1.07 -50.86
C SER E 145 -39.85 0.84 -49.78
N THR E 146 -38.62 1.24 -50.10
CA THR E 146 -37.47 1.15 -49.20
C THR E 146 -36.64 2.37 -49.51
N PHE E 147 -36.04 2.97 -48.50
CA PHE E 147 -35.25 4.18 -48.71
C PHE E 147 -33.76 4.05 -48.32
N VAL E 148 -32.88 4.29 -49.29
CA VAL E 148 -31.44 4.17 -49.06
C VAL E 148 -30.69 5.50 -48.93
N TYR E 149 -29.99 5.64 -47.80
CA TYR E 149 -29.20 6.83 -47.51
C TYR E 149 -27.74 6.62 -47.87
N ALA E 150 -27.31 7.18 -48.99
CA ALA E 150 -25.93 7.04 -49.45
C ALA E 150 -24.91 7.83 -48.65
N GLY E 151 -23.83 7.15 -48.26
CA GLY E 151 -22.77 7.83 -47.54
C GLY E 151 -21.87 8.55 -48.55
N ILE E 152 -20.85 9.27 -48.07
CA ILE E 152 -19.92 9.97 -48.95
C ILE E 152 -19.23 9.01 -49.94
N TYR E 153 -19.31 9.32 -51.23
CA TYR E 153 -18.68 8.49 -52.25
C TYR E 153 -17.16 8.46 -52.09
N ASN E 154 -16.56 7.27 -52.20
CA ASN E 154 -15.10 7.14 -52.08
C ASN E 154 -14.43 7.84 -53.26
N ASN E 155 -15.02 7.70 -54.45
CA ASN E 155 -14.45 8.30 -55.64
C ASN E 155 -14.71 9.81 -55.84
N ASN E 156 -15.11 10.49 -54.77
CA ASN E 156 -15.33 11.94 -54.81
C ASN E 156 -13.93 12.52 -54.87
N PHE E 157 -13.02 11.80 -54.23
CA PHE E 157 -11.64 12.23 -54.16
C PHE E 157 -10.96 12.31 -55.51
N THR E 158 -10.14 13.36 -55.66
CA THR E 158 -9.41 13.59 -56.88
C THR E 158 -8.35 14.61 -56.49
N SER E 159 -7.29 14.73 -57.28
CA SER E 159 -6.25 15.71 -56.98
C SER E 159 -6.64 17.01 -57.69
N LEU E 160 -7.54 16.90 -58.67
CA LEU E 160 -8.00 18.07 -59.39
C LEU E 160 -8.64 19.04 -58.39
N PRO E 161 -8.62 20.34 -58.70
CA PRO E 161 -9.18 21.38 -57.83
C PRO E 161 -10.71 21.44 -57.68
N TYR E 162 -11.32 20.27 -57.53
CA TYR E 162 -12.77 20.18 -57.34
C TYR E 162 -13.03 20.41 -55.85
N PRO E 163 -14.14 21.08 -55.50
CA PRO E 163 -14.48 21.36 -54.11
C PRO E 163 -14.68 20.20 -53.13
N LEU E 164 -14.42 20.53 -51.87
CA LEU E 164 -14.58 19.64 -50.73
C LEU E 164 -13.79 18.34 -50.63
N PHE E 165 -13.59 17.62 -51.73
CA PHE E 165 -12.88 16.35 -51.66
C PHE E 165 -11.62 16.28 -52.50
N GLN E 166 -10.64 17.10 -52.13
CA GLN E 166 -9.36 17.13 -52.84
C GLN E 166 -8.22 16.49 -52.03
N MET E 167 -7.59 15.50 -52.65
CA MET E 167 -6.46 14.82 -52.07
C MET E 167 -5.34 15.52 -52.83
N GLU E 168 -5.07 16.75 -52.44
CA GLU E 168 -4.09 17.58 -53.10
C GLU E 168 -2.68 17.03 -53.05
N LEU E 169 -2.02 17.11 -54.20
CA LEU E 169 -0.65 16.68 -54.37
C LEU E 169 0.19 17.89 -54.04
N MET E 170 0.91 17.84 -52.93
CA MET E 170 1.76 18.96 -52.51
C MET E 170 3.11 18.88 -53.19
N PRO E 171 3.67 20.04 -53.58
CA PRO E 171 4.98 20.07 -54.26
C PRO E 171 6.03 19.13 -53.65
N ASP E 172 6.00 18.95 -52.33
CA ASP E 172 6.97 18.08 -51.67
C ASP E 172 6.65 16.59 -51.87
N GLY E 173 5.68 16.29 -52.74
CA GLY E 173 5.31 14.91 -53.00
C GLY E 173 4.22 14.36 -52.09
N THR E 174 3.96 15.05 -50.98
CA THR E 174 2.94 14.59 -50.04
C THR E 174 1.54 15.00 -50.49
N PHE E 175 0.54 14.31 -49.97
CA PHE E 175 -0.86 14.59 -50.28
C PHE E 175 -1.53 15.25 -49.08
N GLU E 176 -2.36 16.26 -49.32
CA GLU E 176 -3.06 16.95 -48.23
C GLU E 176 -4.53 17.21 -48.54
N TRP E 177 -5.41 16.75 -47.65
CA TRP E 177 -6.86 16.94 -47.83
C TRP E 177 -7.43 17.87 -46.77
N HIS E 178 -7.88 19.04 -47.22
CA HIS E 178 -8.46 20.06 -46.35
C HIS E 178 -9.97 20.05 -46.47
N ALA E 179 -10.67 20.11 -45.33
CA ALA E 179 -12.13 20.12 -45.31
C ALA E 179 -12.62 20.53 -43.92
N PRO E 180 -13.86 21.04 -43.84
CA PRO E 180 -14.51 21.50 -42.60
C PRO E 180 -14.73 20.47 -41.50
N PHE E 181 -14.83 19.20 -41.90
CA PHE E 181 -15.06 18.09 -40.98
C PHE E 181 -14.05 17.96 -39.84
N ASP E 182 -14.55 17.85 -38.61
CA ASP E 182 -13.64 17.67 -37.49
C ASP E 182 -12.78 16.50 -37.92
N PRO E 183 -11.49 16.50 -37.56
CA PRO E 183 -10.61 15.40 -37.93
C PRO E 183 -10.89 13.98 -37.41
N ASP E 184 -11.44 13.89 -36.20
CA ASP E 184 -11.70 12.58 -35.59
C ASP E 184 -13.16 12.08 -35.52
N ILE E 185 -14.09 12.80 -36.15
CA ILE E 185 -15.46 12.32 -36.15
C ILE E 185 -15.70 11.45 -37.37
N PRO E 186 -15.90 10.15 -37.15
CA PRO E 186 -16.14 9.20 -38.24
C PRO E 186 -17.27 9.61 -39.17
N LEU E 187 -17.04 9.46 -40.45
CA LEU E 187 -18.03 9.79 -41.46
C LEU E 187 -18.42 8.51 -42.21
N PRO E 188 -19.65 8.45 -42.73
CA PRO E 188 -20.11 7.28 -43.47
C PRO E 188 -19.63 7.33 -44.92
N TRP E 189 -18.93 6.29 -45.35
CA TRP E 189 -18.43 6.27 -46.72
C TRP E 189 -19.07 5.17 -47.56
N LEU E 190 -19.00 5.32 -48.88
CA LEU E 190 -19.60 4.37 -49.80
C LEU E 190 -18.93 4.32 -51.18
N ASP E 191 -18.55 3.13 -51.61
CA ASP E 191 -17.95 3.03 -52.94
C ASP E 191 -19.08 2.85 -53.95
N ALA E 192 -19.46 3.95 -54.58
CA ALA E 192 -20.55 3.98 -55.56
C ALA E 192 -20.48 2.85 -56.58
N GLU E 193 -19.51 2.96 -57.46
CA GLU E 193 -19.35 2.00 -58.54
C GLU E 193 -19.30 0.55 -58.11
N HIS E 194 -18.51 0.27 -57.07
CA HIS E 194 -18.31 -1.09 -56.63
C HIS E 194 -19.41 -1.70 -55.77
N ASP E 195 -20.06 -0.90 -54.93
CA ASP E 195 -21.06 -1.46 -54.05
C ASP E 195 -22.54 -1.07 -54.13
N VAL E 196 -22.86 0.02 -54.83
CA VAL E 196 -24.27 0.42 -54.88
C VAL E 196 -25.12 -0.55 -55.71
N GLY E 197 -24.55 -1.07 -56.79
CA GLY E 197 -25.29 -2.01 -57.62
C GLY E 197 -25.63 -3.30 -56.90
N PRO E 198 -24.63 -4.01 -56.38
CA PRO E 198 -24.84 -5.26 -55.65
C PRO E 198 -25.84 -5.09 -54.49
N ALA E 199 -25.65 -4.06 -53.66
CA ALA E 199 -26.54 -3.83 -52.52
C ALA E 199 -28.00 -3.68 -52.95
N LEU E 200 -28.24 -2.83 -53.94
CA LEU E 200 -29.59 -2.62 -54.42
C LEU E 200 -30.21 -3.93 -54.94
N LEU E 201 -29.40 -4.74 -55.63
CA LEU E 201 -29.91 -6.02 -56.14
C LEU E 201 -30.38 -6.92 -55.00
N GLN E 202 -29.60 -6.94 -53.93
CA GLN E 202 -29.91 -7.74 -52.77
C GLN E 202 -31.20 -7.27 -52.10
N ILE E 203 -31.42 -5.96 -52.12
CA ILE E 203 -32.62 -5.40 -51.54
C ILE E 203 -33.83 -5.82 -52.35
N PHE E 204 -33.71 -5.80 -53.67
CA PHE E 204 -34.80 -6.21 -54.54
C PHE E 204 -35.04 -7.71 -54.41
N LYS E 205 -33.96 -8.47 -54.33
CA LYS E 205 -34.02 -9.91 -54.20
C LYS E 205 -34.76 -10.27 -52.91
N ASP E 206 -34.43 -9.56 -51.84
CA ASP E 206 -35.04 -9.77 -50.53
C ASP E 206 -36.52 -9.43 -50.60
N GLY E 207 -36.85 -8.50 -51.47
CA GLY E 207 -38.25 -8.12 -51.64
C GLY E 207 -38.73 -7.08 -50.66
N PRO E 208 -39.89 -6.45 -50.93
CA PRO E 208 -40.48 -5.43 -50.09
C PRO E 208 -41.00 -6.02 -48.78
N GLN E 209 -41.32 -7.31 -48.81
CA GLN E 209 -41.83 -8.01 -47.64
C GLN E 209 -40.82 -7.94 -46.51
N LYS E 210 -39.58 -7.65 -46.86
CA LYS E 210 -38.51 -7.56 -45.89
C LYS E 210 -38.10 -6.11 -45.65
N TRP E 211 -38.10 -5.32 -46.72
CA TRP E 211 -37.67 -3.93 -46.63
C TRP E 211 -38.71 -2.83 -46.80
N ASN E 212 -39.96 -3.20 -47.03
CA ASN E 212 -40.98 -2.18 -47.22
C ASN E 212 -40.98 -1.25 -46.01
N GLY E 213 -40.97 0.06 -46.27
CA GLY E 213 -40.98 1.04 -45.22
C GLY E 213 -39.68 1.22 -44.44
N HIS E 214 -38.64 0.52 -44.84
CA HIS E 214 -37.35 0.63 -44.16
C HIS E 214 -36.43 1.70 -44.73
N ARG E 215 -35.56 2.22 -43.87
CA ARG E 215 -34.56 3.18 -44.28
C ARG E 215 -33.27 2.39 -44.10
N ILE E 216 -32.41 2.40 -45.11
CA ILE E 216 -31.16 1.68 -45.00
C ILE E 216 -30.01 2.60 -45.30
N ALA E 217 -29.10 2.69 -44.35
CA ALA E 217 -27.93 3.53 -44.51
C ALA E 217 -27.01 2.76 -45.46
N LEU E 218 -26.82 3.29 -46.66
CA LEU E 218 -26.00 2.65 -47.66
C LEU E 218 -24.53 3.05 -47.51
N THR E 219 -23.94 2.60 -46.41
CA THR E 219 -22.55 2.88 -46.11
C THR E 219 -21.90 1.64 -45.52
N PHE E 220 -20.78 1.25 -46.10
CA PHE E 220 -20.09 0.04 -45.70
C PHE E 220 -18.96 0.20 -44.68
N GLU E 221 -18.55 1.43 -44.41
CA GLU E 221 -17.51 1.67 -43.43
C GLU E 221 -17.52 3.15 -43.04
N THR E 222 -17.22 3.40 -41.76
CA THR E 222 -17.18 4.76 -41.24
C THR E 222 -15.77 5.12 -40.84
N LEU E 223 -15.21 6.13 -41.50
CA LEU E 223 -13.85 6.59 -41.25
C LEU E 223 -13.83 8.06 -40.95
N SER E 224 -12.94 8.47 -40.05
CA SER E 224 -12.78 9.87 -39.71
C SER E 224 -11.83 10.41 -40.78
N PRO E 225 -11.83 11.73 -41.01
CA PRO E 225 -10.95 12.31 -42.01
C PRO E 225 -9.51 11.81 -41.82
N VAL E 226 -9.04 11.83 -40.58
CA VAL E 226 -7.69 11.37 -40.26
C VAL E 226 -7.50 9.96 -40.77
N GLN E 227 -8.49 9.11 -40.53
CA GLN E 227 -8.43 7.72 -40.96
C GLN E 227 -8.50 7.56 -42.48
N VAL E 228 -9.24 8.44 -43.13
CA VAL E 228 -9.35 8.37 -44.58
C VAL E 228 -7.98 8.68 -45.18
N CYS E 229 -7.28 9.63 -44.58
CA CYS E 229 -5.96 9.99 -45.06
C CYS E 229 -4.98 8.85 -44.75
N ALA E 230 -5.15 8.25 -43.59
CA ALA E 230 -4.31 7.13 -43.18
C ALA E 230 -4.42 6.03 -44.23
N ALA E 231 -5.66 5.73 -44.61
CA ALA E 231 -5.91 4.71 -45.62
C ALA E 231 -5.17 5.07 -46.89
N PHE E 232 -5.28 6.34 -47.30
CA PHE E 232 -4.59 6.79 -48.50
C PHE E 232 -3.09 6.66 -48.22
N SER E 233 -2.69 6.92 -46.97
CA SER E 233 -1.30 6.83 -46.59
C SER E 233 -0.70 5.46 -46.91
N ARG E 234 -1.27 4.41 -46.33
CA ARG E 234 -0.80 3.05 -46.58
C ARG E 234 -0.82 2.74 -48.09
N ALA E 235 -2.02 2.72 -48.65
CA ALA E 235 -2.23 2.41 -50.06
C ALA E 235 -1.36 3.15 -51.05
N LEU E 236 -0.72 4.22 -50.61
CA LEU E 236 0.08 5.02 -51.52
C LEU E 236 1.54 5.17 -51.13
N ASN E 237 1.84 4.83 -49.88
CA ASN E 237 3.19 4.99 -49.33
C ASN E 237 3.56 6.42 -49.68
N ARG E 238 2.80 7.33 -49.09
CA ARG E 238 2.95 8.76 -49.29
C ARG E 238 2.49 9.36 -47.98
N ARG E 239 2.81 10.62 -47.75
CA ARG E 239 2.37 11.25 -46.52
C ARG E 239 1.06 11.97 -46.81
N VAL E 240 -0.03 11.44 -46.29
CA VAL E 240 -1.33 12.06 -46.49
C VAL E 240 -1.80 12.68 -45.19
N THR E 241 -1.94 14.01 -45.20
CA THR E 241 -2.35 14.75 -44.01
C THR E 241 -3.70 15.42 -44.21
N TYR E 242 -4.48 15.50 -43.13
CA TYR E 242 -5.78 16.12 -43.16
C TYR E 242 -5.75 17.50 -42.48
N VAL E 243 -6.23 18.53 -43.18
CA VAL E 243 -6.27 19.85 -42.58
C VAL E 243 -7.70 20.36 -42.53
N GLN E 244 -8.16 20.61 -41.31
CA GLN E 244 -9.52 21.12 -41.09
C GLN E 244 -9.61 22.62 -41.35
N VAL E 245 -10.39 23.00 -42.35
CA VAL E 245 -10.57 24.40 -42.69
C VAL E 245 -12.03 24.80 -42.44
N PRO E 246 -12.24 25.98 -41.83
CA PRO E 246 -13.57 26.52 -41.52
C PRO E 246 -14.49 26.64 -42.74
N LYS E 247 -13.90 26.91 -43.90
CA LYS E 247 -14.69 27.05 -45.11
C LYS E 247 -14.18 26.22 -46.29
N VAL E 248 -15.13 25.76 -47.11
CA VAL E 248 -14.81 24.94 -48.27
C VAL E 248 -14.04 25.77 -49.27
N GLU E 249 -12.79 25.40 -49.47
CA GLU E 249 -11.93 26.09 -50.41
C GLU E 249 -12.48 25.92 -51.83
N ILE E 250 -13.23 26.91 -52.27
CA ILE E 250 -13.80 26.92 -53.61
C ILE E 250 -12.71 27.37 -54.58
N LYS E 251 -11.82 26.45 -54.97
CA LYS E 251 -10.73 26.80 -55.87
C LYS E 251 -11.09 26.72 -57.35
N VAL E 252 -12.36 26.82 -57.68
CA VAL E 252 -12.78 26.75 -59.06
C VAL E 252 -14.22 27.26 -59.16
N ASN E 253 -14.60 27.83 -60.30
CA ASN E 253 -15.96 28.35 -60.44
C ASN E 253 -17.03 27.28 -60.29
N ILE E 254 -18.12 27.65 -59.61
CA ILE E 254 -19.22 26.73 -59.36
C ILE E 254 -20.58 27.40 -59.47
N PRO E 255 -21.63 26.62 -59.76
CA PRO E 255 -22.98 27.17 -59.86
C PRO E 255 -23.37 27.61 -58.44
N VAL E 256 -24.14 28.70 -58.31
CA VAL E 256 -24.52 29.17 -56.97
C VAL E 256 -25.17 28.04 -56.19
N GLY E 257 -25.91 27.18 -56.91
CA GLY E 257 -26.58 26.06 -56.27
C GLY E 257 -25.61 25.19 -55.48
N TYR E 258 -24.47 24.86 -56.07
CA TYR E 258 -23.46 24.04 -55.41
C TYR E 258 -22.80 24.83 -54.29
N ARG E 259 -22.44 26.07 -54.61
CA ARG E 259 -21.80 26.93 -53.62
C ARG E 259 -22.67 26.99 -52.36
N GLU E 260 -23.99 27.05 -52.52
CA GLU E 260 -24.89 27.10 -51.37
C GLU E 260 -24.94 25.77 -50.64
N GLN E 261 -24.83 24.68 -51.41
CA GLN E 261 -24.80 23.34 -50.82
C GLN E 261 -23.54 23.26 -49.97
N LEU E 262 -22.42 23.72 -50.51
CA LEU E 262 -21.16 23.68 -49.79
C LEU E 262 -21.15 24.60 -48.57
N GLU E 263 -21.84 25.73 -48.69
CA GLU E 263 -21.91 26.67 -47.57
C GLU E 263 -22.67 26.06 -46.39
N ALA E 264 -23.70 25.26 -46.70
CA ALA E 264 -24.47 24.62 -45.64
C ALA E 264 -23.62 23.53 -44.99
N ILE E 265 -22.82 22.84 -45.80
CA ILE E 265 -21.96 21.79 -45.27
C ILE E 265 -21.01 22.42 -44.25
N GLU E 266 -20.41 23.55 -44.63
CA GLU E 266 -19.47 24.28 -43.76
C GLU E 266 -20.09 24.53 -42.39
N VAL E 267 -21.33 24.98 -42.42
CA VAL E 267 -22.05 25.28 -41.20
C VAL E 267 -22.40 24.02 -40.43
N VAL E 268 -23.05 23.08 -41.11
CA VAL E 268 -23.47 21.82 -40.49
C VAL E 268 -22.41 20.91 -39.91
N PHE E 269 -21.31 20.71 -40.63
CA PHE E 269 -20.24 19.84 -40.17
C PHE E 269 -19.06 20.62 -39.60
N GLY E 270 -18.77 21.76 -40.20
CA GLY E 270 -17.66 22.57 -39.75
C GLY E 270 -17.91 23.32 -38.45
N GLU E 271 -19.10 23.90 -38.29
CA GLU E 271 -19.39 24.65 -37.08
C GLU E 271 -20.05 23.82 -35.99
N HIS E 272 -21.21 23.27 -36.33
CA HIS E 272 -22.02 22.50 -35.39
C HIS E 272 -21.60 21.07 -35.12
N LYS E 273 -20.68 20.55 -35.92
CA LYS E 273 -20.22 19.18 -35.74
C LYS E 273 -21.40 18.20 -35.67
N ALA E 274 -22.34 18.35 -36.60
CA ALA E 274 -23.51 17.48 -36.63
C ALA E 274 -23.22 16.19 -37.40
N PRO E 275 -23.80 15.07 -36.93
CA PRO E 275 -23.59 13.77 -37.58
C PRO E 275 -24.05 13.78 -39.04
N TYR E 276 -23.40 13.00 -39.89
CA TYR E 276 -23.77 12.93 -41.29
C TYR E 276 -25.22 12.44 -41.49
N PHE E 277 -25.63 11.47 -40.68
CA PHE E 277 -27.00 10.94 -40.72
C PHE E 277 -27.56 11.12 -39.31
N PRO E 278 -28.19 12.27 -39.04
CA PRO E 278 -28.76 12.51 -37.71
C PRO E 278 -30.08 11.79 -37.35
N LEU E 279 -30.34 10.63 -37.92
CA LEU E 279 -31.58 9.89 -37.64
C LEU E 279 -31.43 8.88 -36.51
N PRO E 280 -32.50 8.70 -35.71
CA PRO E 280 -32.51 7.76 -34.59
C PRO E 280 -31.92 6.40 -34.94
N GLU E 281 -32.30 5.87 -36.11
CA GLU E 281 -31.81 4.56 -36.55
C GLU E 281 -30.37 4.54 -37.01
N PHE E 282 -29.83 5.69 -37.39
CA PHE E 282 -28.47 5.78 -37.88
C PHE E 282 -27.49 6.36 -36.88
N SER E 283 -27.87 6.37 -35.61
CA SER E 283 -27.00 6.89 -34.55
C SER E 283 -27.00 6.02 -33.31
N ARG E 316 -23.32 -0.52 -35.25
CA ARG E 316 -22.98 0.56 -36.15
C ARG E 316 -23.94 0.65 -37.31
N VAL E 317 -23.86 1.77 -38.00
CA VAL E 317 -24.74 2.09 -39.13
C VAL E 317 -24.41 1.28 -40.38
N THR E 318 -23.28 0.58 -40.34
CA THR E 318 -22.85 -0.20 -41.50
C THR E 318 -23.30 -1.66 -41.44
N ASP E 319 -23.94 -2.05 -40.35
CA ASP E 319 -24.38 -3.43 -40.19
C ASP E 319 -25.35 -3.94 -41.27
N GLU E 320 -26.47 -3.27 -41.47
CA GLU E 320 -27.45 -3.68 -42.49
C GLU E 320 -26.90 -3.74 -43.91
N ALA E 321 -26.03 -2.79 -44.25
CA ALA E 321 -25.43 -2.74 -45.57
C ALA E 321 -24.49 -3.92 -45.78
N ARG E 322 -23.61 -4.14 -44.79
CA ARG E 322 -22.68 -5.25 -44.87
C ARG E 322 -23.42 -6.57 -44.90
N LYS E 323 -24.57 -6.63 -44.22
CA LYS E 323 -25.36 -7.86 -44.24
C LYS E 323 -25.93 -8.05 -45.64
N LEU E 324 -26.34 -6.95 -46.26
CA LEU E 324 -26.87 -6.98 -47.62
C LEU E 324 -25.83 -7.35 -48.68
N TRP E 325 -24.61 -6.90 -48.46
CA TRP E 325 -23.53 -7.12 -49.41
C TRP E 325 -22.20 -7.05 -48.67
N SER E 326 -21.50 -8.19 -48.60
CA SER E 326 -20.22 -8.22 -47.89
C SER E 326 -18.96 -8.09 -48.77
N GLY E 327 -19.14 -8.04 -50.09
CA GLY E 327 -17.99 -7.91 -50.97
C GLY E 327 -17.71 -6.46 -51.33
N TRP E 328 -17.92 -5.57 -50.36
CA TRP E 328 -17.71 -4.15 -50.56
C TRP E 328 -16.25 -3.70 -50.58
N ARG E 329 -16.01 -2.54 -51.20
CA ARG E 329 -14.66 -2.00 -51.30
C ARG E 329 -14.38 -0.85 -50.33
N ASP E 330 -13.46 -1.10 -49.41
CA ASP E 330 -13.08 -0.12 -48.38
C ASP E 330 -12.22 1.00 -48.99
N MET E 331 -12.02 2.07 -48.23
CA MET E 331 -11.25 3.21 -48.71
C MET E 331 -9.82 2.92 -49.19
N GLU E 332 -9.10 2.08 -48.46
CA GLU E 332 -7.72 1.71 -48.78
C GLU E 332 -7.61 1.05 -50.14
N GLU E 333 -8.46 0.06 -50.38
CA GLU E 333 -8.48 -0.63 -51.65
C GLU E 333 -8.87 0.35 -52.74
N TYR E 334 -9.76 1.28 -52.41
CA TYR E 334 -10.17 2.27 -53.39
C TYR E 334 -8.99 3.16 -53.77
N ALA E 335 -8.34 3.71 -52.74
CA ALA E 335 -7.19 4.60 -52.94
C ALA E 335 -6.08 3.87 -53.66
N ARG E 336 -5.81 2.64 -53.24
CA ARG E 336 -4.73 1.84 -53.80
C ARG E 336 -5.02 1.15 -55.14
N GLU E 337 -6.28 0.80 -55.43
CA GLU E 337 -6.60 0.11 -56.68
C GLU E 337 -7.41 0.92 -57.69
N VAL E 338 -7.97 2.05 -57.29
CA VAL E 338 -8.78 2.81 -58.23
C VAL E 338 -8.33 4.26 -58.38
N PHE E 339 -8.04 4.91 -57.28
CA PHE E 339 -7.60 6.31 -57.28
C PHE E 339 -6.56 6.58 -58.37
N PRO E 340 -5.38 5.91 -58.30
CA PRO E 340 -4.33 6.10 -59.29
C PRO E 340 -4.84 6.04 -60.71
N ILE E 341 -5.78 5.13 -60.96
CA ILE E 341 -6.34 4.95 -62.28
C ILE E 341 -7.21 6.13 -62.68
N GLU E 342 -8.04 6.59 -61.76
CA GLU E 342 -8.92 7.72 -62.04
C GLU E 342 -8.04 8.97 -62.20
N GLU E 343 -6.97 9.01 -61.41
CA GLU E 343 -6.04 10.13 -61.46
C GLU E 343 -5.37 10.05 -62.82
N GLU E 344 -5.00 8.83 -63.20
CA GLU E 344 -4.36 8.58 -64.49
C GLU E 344 -5.26 9.09 -65.62
N ALA E 345 -6.42 8.45 -65.76
CA ALA E 345 -7.37 8.81 -66.80
C ALA E 345 -7.84 10.26 -66.74
N ASN E 346 -7.51 10.95 -65.66
CA ASN E 346 -7.90 12.35 -65.51
C ASN E 346 -6.87 13.29 -66.09
N GLY E 347 -5.59 12.89 -66.01
CA GLY E 347 -4.53 13.72 -66.54
C GLY E 347 -3.37 13.92 -65.59
N LEU E 348 -3.22 13.01 -64.64
CA LEU E 348 -2.13 13.12 -63.67
C LEU E 348 -1.17 11.96 -63.80
N ASP E 349 0.12 12.27 -63.78
CA ASP E 349 1.13 11.22 -63.89
C ASP E 349 1.92 11.03 -62.61
N TRP E 350 1.54 11.76 -61.56
CA TRP E 350 2.25 11.66 -60.29
C TRP E 350 2.47 10.22 -59.83
N MET E 351 1.73 9.27 -60.40
CA MET E 351 1.87 7.87 -60.02
C MET E 351 2.90 7.15 -60.90
N LEU E 352 2.70 7.23 -62.21
CA LEU E 352 3.60 6.58 -63.16
C LEU E 352 4.97 7.24 -63.15
N GLN F 3 54.67 -22.90 -38.78
CA GLN F 3 53.45 -22.43 -38.07
C GLN F 3 52.22 -22.41 -38.98
N GLN F 4 52.43 -22.69 -40.26
CA GLN F 4 51.34 -22.73 -41.21
C GLN F 4 50.73 -24.13 -41.09
N LYS F 5 49.41 -24.23 -41.30
CA LYS F 5 48.74 -25.52 -41.22
C LYS F 5 49.10 -26.29 -42.49
N LYS F 6 49.46 -27.56 -42.32
CA LYS F 6 49.86 -28.39 -43.44
C LYS F 6 48.91 -29.55 -43.73
N THR F 7 49.10 -30.18 -44.89
CA THR F 7 48.26 -31.31 -45.26
C THR F 7 48.84 -32.56 -44.64
N ILE F 8 48.00 -33.31 -43.94
CA ILE F 8 48.43 -34.52 -43.26
C ILE F 8 47.81 -35.75 -43.89
N ALA F 9 48.65 -36.76 -44.11
CA ALA F 9 48.19 -38.03 -44.68
C ALA F 9 48.12 -39.05 -43.54
N VAL F 10 47.01 -39.79 -43.48
CA VAL F 10 46.84 -40.80 -42.45
C VAL F 10 46.06 -41.99 -42.99
N VAL F 11 46.32 -43.18 -42.45
CA VAL F 11 45.65 -44.40 -42.87
C VAL F 11 44.86 -44.94 -41.69
N ASN F 12 43.97 -45.90 -41.95
CA ASN F 12 43.14 -46.48 -40.90
C ASN F 12 42.52 -45.37 -40.09
N ALA F 13 41.86 -44.46 -40.79
CA ALA F 13 41.23 -43.29 -40.17
C ALA F 13 40.23 -43.57 -39.04
N THR F 14 39.61 -44.75 -39.04
CA THR F 14 38.64 -45.05 -37.99
C THR F 14 39.34 -45.60 -36.76
N GLY F 15 40.61 -45.94 -36.89
CA GLY F 15 41.38 -46.46 -35.77
C GLY F 15 41.51 -45.35 -34.74
N ARG F 16 41.62 -45.73 -33.48
CA ARG F 16 41.69 -44.74 -32.41
C ARG F 16 42.81 -43.72 -32.49
N GLN F 17 44.02 -44.13 -32.86
CA GLN F 17 45.11 -43.17 -32.95
C GLN F 17 44.84 -42.11 -34.03
N ALA F 18 44.42 -42.56 -35.21
CA ALA F 18 44.14 -41.66 -36.34
C ALA F 18 42.96 -40.74 -36.14
N ALA F 19 41.83 -41.32 -35.72
CA ALA F 19 40.63 -40.53 -35.51
C ALA F 19 40.93 -39.39 -34.54
N SER F 20 41.73 -39.68 -33.52
CA SER F 20 42.10 -38.67 -32.53
C SER F 20 42.75 -37.51 -33.29
N LEU F 21 43.81 -37.83 -34.02
CA LEU F 21 44.54 -36.84 -34.79
C LEU F 21 43.63 -36.11 -35.77
N ILE F 22 42.83 -36.86 -36.52
CA ILE F 22 41.98 -36.23 -37.52
C ILE F 22 41.03 -35.19 -36.95
N ARG F 23 40.33 -35.53 -35.88
CA ARG F 23 39.38 -34.58 -35.30
C ARG F 23 40.10 -33.33 -34.82
N VAL F 24 41.25 -33.50 -34.19
CA VAL F 24 42.02 -32.38 -33.69
C VAL F 24 42.63 -31.55 -34.82
N ALA F 25 43.33 -32.21 -35.74
CA ALA F 25 43.99 -31.54 -36.86
C ALA F 25 43.01 -30.79 -37.74
N ALA F 26 41.94 -31.46 -38.17
CA ALA F 26 40.95 -30.81 -39.02
C ALA F 26 40.45 -29.55 -38.33
N ALA F 27 40.14 -29.67 -37.05
CA ALA F 27 39.64 -28.58 -36.23
C ALA F 27 40.55 -27.36 -36.20
N VAL F 28 41.85 -27.57 -36.02
CA VAL F 28 42.74 -26.44 -35.96
C VAL F 28 43.03 -25.82 -37.32
N GLY F 29 42.68 -26.55 -38.40
CA GLY F 29 42.89 -25.98 -39.72
C GLY F 29 43.73 -26.74 -40.72
N HIS F 30 44.20 -27.93 -40.35
CA HIS F 30 44.99 -28.72 -41.27
C HIS F 30 44.05 -29.47 -42.21
N HIS F 31 44.56 -29.81 -43.41
CA HIS F 31 43.78 -30.57 -44.38
C HIS F 31 44.20 -32.01 -44.20
N VAL F 32 43.22 -32.91 -44.13
CA VAL F 32 43.53 -34.32 -43.93
C VAL F 32 43.18 -35.19 -45.12
N ARG F 33 44.11 -36.07 -45.47
CA ARG F 33 43.92 -37.05 -46.53
C ARG F 33 44.03 -38.35 -45.76
N ALA F 34 42.94 -39.10 -45.72
CA ALA F 34 42.91 -40.35 -44.97
C ALA F 34 42.37 -41.53 -45.75
N GLN F 35 42.87 -42.71 -45.40
CA GLN F 35 42.43 -43.93 -46.03
C GLN F 35 41.54 -44.67 -45.04
N VAL F 36 40.45 -45.22 -45.53
CA VAL F 36 39.51 -45.98 -44.71
C VAL F 36 39.21 -47.25 -45.47
N HIS F 37 38.90 -48.31 -44.73
CA HIS F 37 38.59 -49.57 -45.39
C HIS F 37 37.16 -49.52 -45.88
N SER F 38 36.29 -48.88 -45.11
CA SER F 38 34.89 -48.78 -45.50
C SER F 38 34.26 -47.46 -45.04
N LEU F 39 33.40 -46.91 -45.88
CA LEU F 39 32.70 -45.66 -45.54
C LEU F 39 31.51 -45.92 -44.65
N LYS F 40 31.25 -47.19 -44.37
CA LYS F 40 30.13 -47.57 -43.52
C LYS F 40 30.61 -47.62 -42.08
N GLY F 41 29.86 -46.99 -41.18
CA GLY F 41 30.23 -46.98 -39.77
C GLY F 41 30.09 -45.61 -39.16
N LEU F 42 29.85 -45.57 -37.85
CA LEU F 42 29.70 -44.29 -37.17
C LEU F 42 30.92 -43.40 -37.42
N ILE F 43 32.06 -43.82 -36.89
CA ILE F 43 33.30 -43.06 -37.05
C ILE F 43 33.53 -42.60 -38.49
N ALA F 44 33.43 -43.55 -39.41
CA ALA F 44 33.62 -43.27 -40.83
C ALA F 44 32.73 -42.11 -41.26
N GLU F 45 31.42 -42.25 -41.04
CA GLU F 45 30.47 -41.21 -41.41
C GLU F 45 30.86 -39.88 -40.75
N GLU F 46 31.31 -39.98 -39.50
CA GLU F 46 31.74 -38.84 -38.71
C GLU F 46 32.86 -38.09 -39.43
N LEU F 47 33.95 -38.79 -39.74
CA LEU F 47 35.09 -38.17 -40.42
C LEU F 47 34.69 -37.63 -41.77
N GLN F 48 33.56 -38.13 -42.27
CA GLN F 48 33.03 -37.67 -43.55
C GLN F 48 32.51 -36.27 -43.25
N ALA F 49 31.79 -36.16 -42.15
CA ALA F 49 31.20 -34.90 -41.73
C ALA F 49 32.21 -33.76 -41.56
N ILE F 50 33.39 -34.06 -41.03
CA ILE F 50 34.38 -33.01 -40.84
C ILE F 50 34.82 -32.40 -42.18
N PRO F 51 34.67 -31.07 -42.32
CA PRO F 51 34.98 -30.26 -43.50
C PRO F 51 36.29 -30.44 -44.28
N ASN F 52 37.44 -30.16 -43.69
CA ASN F 52 38.67 -30.29 -44.48
C ASN F 52 39.27 -31.69 -44.55
N VAL F 53 38.42 -32.71 -44.46
CA VAL F 53 38.88 -34.09 -44.48
C VAL F 53 38.48 -34.81 -45.77
N THR F 54 39.47 -35.38 -46.46
CA THR F 54 39.22 -36.13 -47.68
C THR F 54 39.52 -37.60 -47.44
N LEU F 55 38.55 -38.45 -47.73
CA LEU F 55 38.70 -39.89 -47.52
C LEU F 55 38.91 -40.66 -48.83
N PHE F 56 39.63 -41.78 -48.73
CA PHE F 56 39.89 -42.63 -49.87
C PHE F 56 39.54 -44.06 -49.44
N GLN F 57 38.42 -44.57 -49.95
CA GLN F 57 37.94 -45.90 -49.61
C GLN F 57 38.69 -46.99 -50.39
N GLY F 58 39.40 -47.86 -49.68
CA GLY F 58 40.13 -48.91 -50.35
C GLY F 58 41.10 -49.62 -49.41
N PRO F 59 41.56 -50.81 -49.79
CA PRO F 59 42.49 -51.57 -48.96
C PRO F 59 43.93 -51.03 -49.09
N LEU F 60 44.77 -51.36 -48.10
CA LEU F 60 46.15 -50.90 -48.15
C LEU F 60 47.03 -51.94 -48.81
N LEU F 61 46.71 -53.22 -48.59
CA LEU F 61 47.48 -54.31 -49.17
C LEU F 61 47.54 -54.30 -50.70
N ASN F 62 48.75 -54.24 -51.24
CA ASN F 62 48.98 -54.24 -52.69
C ASN F 62 48.12 -53.24 -53.43
N ASN F 63 48.03 -52.03 -52.90
CA ASN F 63 47.23 -50.98 -53.51
C ASN F 63 48.03 -49.69 -53.50
N VAL F 64 49.15 -49.71 -54.20
CA VAL F 64 50.03 -48.56 -54.31
C VAL F 64 49.37 -47.33 -54.95
N PRO F 65 48.44 -47.54 -55.90
CA PRO F 65 47.80 -46.38 -56.51
C PRO F 65 47.14 -45.50 -55.45
N LEU F 66 46.48 -46.13 -54.48
CA LEU F 66 45.82 -45.37 -53.42
C LEU F 66 46.87 -44.60 -52.63
N MET F 67 47.90 -45.30 -52.16
CA MET F 67 48.96 -44.66 -51.41
C MET F 67 49.48 -43.44 -52.15
N ASP F 68 49.73 -43.57 -53.45
CA ASP F 68 50.23 -42.45 -54.24
C ASP F 68 49.27 -41.27 -54.16
N THR F 69 47.98 -41.54 -54.30
CA THR F 69 47.01 -40.46 -54.21
C THR F 69 47.03 -39.88 -52.81
N LEU F 70 47.08 -40.75 -51.80
CA LEU F 70 47.08 -40.34 -50.41
C LEU F 70 48.09 -39.24 -50.11
N PHE F 71 49.33 -39.47 -50.51
CA PHE F 71 50.42 -38.53 -50.27
C PHE F 71 50.53 -37.31 -51.20
N GLU F 72 49.64 -37.20 -52.17
CA GLU F 72 49.68 -36.08 -53.10
C GLU F 72 49.45 -34.75 -52.37
N GLY F 73 50.46 -33.88 -52.38
CA GLY F 73 50.35 -32.59 -51.73
C GLY F 73 50.44 -32.65 -50.21
N ALA F 74 50.85 -33.81 -49.70
CA ALA F 74 50.97 -34.03 -48.27
C ALA F 74 52.34 -33.57 -47.77
N HIS F 75 52.35 -32.84 -46.66
CA HIS F 75 53.59 -32.34 -46.06
C HIS F 75 53.90 -33.15 -44.79
N LEU F 76 52.85 -33.71 -44.21
CA LEU F 76 53.00 -34.50 -43.00
C LEU F 76 52.22 -35.80 -43.09
N ALA F 77 52.62 -36.78 -42.28
CA ALA F 77 51.93 -38.05 -42.26
C ALA F 77 52.03 -38.75 -40.91
N PHE F 78 50.92 -39.36 -40.50
CA PHE F 78 50.91 -40.14 -39.28
C PHE F 78 50.41 -41.48 -39.74
N ILE F 79 51.28 -42.48 -39.64
CA ILE F 79 50.99 -43.84 -40.09
C ILE F 79 50.92 -44.88 -38.99
N ASN F 80 49.83 -45.63 -38.99
CA ASN F 80 49.63 -46.71 -38.05
C ASN F 80 48.83 -47.78 -38.77
N THR F 81 49.53 -48.83 -39.23
CA THR F 81 48.91 -49.94 -39.96
C THR F 81 48.42 -51.03 -39.02
N THR F 82 47.60 -51.93 -39.57
CA THR F 82 47.07 -53.05 -38.80
C THR F 82 47.23 -54.36 -39.54
N SER F 83 47.54 -55.42 -38.80
CA SER F 83 47.72 -56.74 -39.37
C SER F 83 46.38 -57.26 -39.89
N GLN F 84 45.29 -56.67 -39.41
CA GLN F 84 43.95 -57.07 -39.83
C GLN F 84 43.84 -56.97 -41.36
N ALA F 85 44.44 -55.91 -41.91
CA ALA F 85 44.42 -55.63 -43.33
C ALA F 85 45.27 -56.61 -44.15
N GLY F 86 46.37 -57.09 -43.58
CA GLY F 86 47.22 -58.03 -44.29
C GLY F 86 48.66 -58.04 -43.80
N ASP F 87 49.60 -58.00 -44.72
CA ASP F 87 51.02 -58.01 -44.39
C ASP F 87 51.40 -56.59 -43.95
N GLU F 88 51.67 -56.41 -42.66
CA GLU F 88 52.04 -55.08 -42.15
C GLU F 88 53.36 -54.53 -42.65
N ILE F 89 54.36 -55.39 -42.75
CA ILE F 89 55.65 -54.97 -43.23
C ILE F 89 55.55 -54.51 -44.68
N ALA F 90 54.85 -55.29 -45.49
CA ALA F 90 54.67 -54.93 -46.90
C ALA F 90 53.92 -53.60 -47.03
N ILE F 91 52.79 -53.49 -46.34
CA ILE F 91 51.98 -52.28 -46.36
C ILE F 91 52.78 -51.12 -45.79
N GLY F 92 53.46 -51.39 -44.67
CA GLY F 92 54.28 -50.37 -44.04
C GLY F 92 55.41 -49.92 -44.97
N LYS F 93 55.98 -50.86 -45.73
CA LYS F 93 57.05 -50.54 -46.64
C LYS F 93 56.56 -49.81 -47.88
N ASP F 94 55.39 -50.22 -48.37
CA ASP F 94 54.79 -49.58 -49.56
C ASP F 94 54.39 -48.15 -49.22
N LEU F 95 53.91 -47.93 -48.01
CA LEU F 95 53.54 -46.57 -47.60
C LEU F 95 54.80 -45.71 -47.56
N ALA F 96 55.85 -46.24 -46.95
CA ALA F 96 57.10 -45.51 -46.86
C ALA F 96 57.66 -45.16 -48.22
N ASP F 97 57.50 -46.05 -49.20
CA ASP F 97 57.99 -45.81 -50.55
C ASP F 97 57.20 -44.73 -51.25
N ALA F 98 55.89 -44.74 -51.04
CA ALA F 98 55.01 -43.74 -51.65
C ALA F 98 55.31 -42.38 -51.05
N ALA F 99 55.43 -42.35 -49.73
CA ALA F 99 55.73 -41.11 -49.03
C ALA F 99 56.99 -40.47 -49.60
N LYS F 100 58.02 -41.29 -49.82
CA LYS F 100 59.27 -40.76 -50.35
C LYS F 100 59.15 -40.36 -51.81
N ARG F 101 58.35 -41.12 -52.57
CA ARG F 101 58.12 -40.83 -53.99
C ARG F 101 57.35 -39.52 -54.14
N ALA F 102 56.52 -39.20 -53.17
CA ALA F 102 55.74 -37.96 -53.23
C ALA F 102 56.69 -36.78 -53.12
N GLY F 103 57.78 -37.01 -52.41
CA GLY F 103 58.80 -35.98 -52.21
C GLY F 103 58.42 -34.72 -51.45
N THR F 104 57.21 -34.65 -50.92
CA THR F 104 56.79 -33.45 -50.18
C THR F 104 56.66 -33.65 -48.68
N ILE F 105 56.86 -34.87 -48.22
CA ILE F 105 56.76 -35.14 -46.80
C ILE F 105 57.95 -34.53 -46.05
N GLN F 106 57.64 -33.73 -45.04
CA GLN F 106 58.67 -33.09 -44.23
C GLN F 106 58.81 -33.81 -42.89
N HIS F 107 57.73 -34.44 -42.43
CA HIS F 107 57.75 -35.16 -41.17
C HIS F 107 56.83 -36.37 -41.25
N TYR F 108 57.43 -37.55 -41.21
CA TYR F 108 56.68 -38.80 -41.30
C TYR F 108 56.68 -39.56 -39.98
N ILE F 109 55.57 -39.48 -39.26
CA ILE F 109 55.45 -40.16 -37.98
C ILE F 109 54.83 -41.54 -38.14
N TYR F 110 55.54 -42.57 -37.68
CA TYR F 110 55.05 -43.93 -37.77
C TYR F 110 54.86 -44.49 -36.36
N SER F 111 53.72 -45.12 -36.12
CA SER F 111 53.44 -45.69 -34.81
C SER F 111 54.07 -47.07 -34.77
N SER F 112 55.13 -47.22 -33.99
CA SER F 112 55.84 -48.50 -33.92
C SER F 112 55.68 -49.19 -32.57
N MET F 113 56.01 -50.48 -32.52
CA MET F 113 55.93 -51.28 -31.31
C MET F 113 57.21 -52.06 -31.18
N PRO F 114 57.57 -52.43 -29.95
CA PRO F 114 58.81 -53.19 -29.79
C PRO F 114 58.72 -54.64 -30.20
N ASP F 115 59.86 -55.23 -30.54
CA ASP F 115 59.92 -56.66 -30.87
C ASP F 115 60.59 -57.30 -29.66
N HIS F 116 59.83 -58.05 -28.88
CA HIS F 116 60.37 -58.69 -27.67
C HIS F 116 61.46 -59.74 -27.84
N SER F 117 61.49 -60.39 -28.99
CA SER F 117 62.49 -61.42 -29.26
C SER F 117 63.87 -60.85 -29.52
N LEU F 118 64.12 -59.65 -29.01
CA LEU F 118 65.40 -58.98 -29.18
C LEU F 118 65.91 -58.44 -27.85
N TYR F 119 65.21 -58.75 -26.76
CA TYR F 119 65.62 -58.28 -25.44
C TYR F 119 65.60 -59.38 -24.39
N GLY F 120 65.36 -60.61 -24.84
CA GLY F 120 65.32 -61.72 -23.90
C GLY F 120 64.66 -62.96 -24.47
N PRO F 121 64.83 -64.12 -23.78
CA PRO F 121 64.25 -65.41 -24.20
C PRO F 121 62.74 -65.34 -24.20
N TRP F 122 62.20 -64.35 -24.88
CA TRP F 122 60.76 -64.15 -24.96
C TRP F 122 60.31 -64.20 -26.40
N PRO F 123 59.05 -64.59 -26.61
CA PRO F 123 58.56 -64.64 -28.00
C PRO F 123 58.35 -63.23 -28.50
N ALA F 124 57.89 -63.12 -29.74
CA ALA F 124 57.63 -61.83 -30.34
C ALA F 124 56.13 -61.72 -30.47
N VAL F 125 55.57 -60.64 -29.94
CA VAL F 125 54.15 -60.43 -30.02
C VAL F 125 53.82 -60.06 -31.46
N PRO F 126 53.16 -60.98 -32.19
CA PRO F 126 52.71 -60.93 -33.58
C PRO F 126 52.22 -59.62 -34.15
N MET F 127 51.42 -58.88 -33.41
CA MET F 127 50.89 -57.62 -33.89
C MET F 127 51.79 -56.46 -33.52
N TRP F 128 52.89 -56.75 -32.82
CA TRP F 128 53.84 -55.71 -32.41
C TRP F 128 55.14 -55.67 -33.22
N ALA F 129 55.87 -56.77 -33.18
CA ALA F 129 57.17 -56.92 -33.85
C ALA F 129 57.22 -56.47 -35.30
N PRO F 130 56.28 -56.92 -36.13
CA PRO F 130 56.25 -56.54 -37.55
C PRO F 130 56.54 -55.06 -37.78
N LYS F 131 56.00 -54.23 -36.88
CA LYS F 131 56.14 -52.76 -36.95
C LYS F 131 57.57 -52.24 -36.82
N PHE F 132 58.36 -52.88 -35.97
CA PHE F 132 59.74 -52.46 -35.75
C PHE F 132 60.50 -52.53 -37.07
N THR F 133 60.23 -53.60 -37.83
CA THR F 133 60.84 -53.82 -39.14
C THR F 133 60.52 -52.65 -40.05
N VAL F 134 59.27 -52.18 -39.98
CA VAL F 134 58.85 -51.05 -40.80
C VAL F 134 59.57 -49.80 -40.35
N GLU F 135 59.74 -49.66 -39.04
CA GLU F 135 60.42 -48.52 -38.48
C GLU F 135 61.81 -48.39 -39.10
N ASN F 136 62.57 -49.47 -39.04
CA ASN F 136 63.91 -49.44 -39.59
C ASN F 136 63.91 -49.11 -41.07
N TYR F 137 62.92 -49.62 -41.80
CA TYR F 137 62.81 -49.35 -43.24
C TYR F 137 62.56 -47.86 -43.44
N VAL F 138 61.67 -47.27 -42.63
CA VAL F 138 61.40 -45.85 -42.75
C VAL F 138 62.74 -45.11 -42.64
N ARG F 139 63.53 -45.46 -41.62
CA ARG F 139 64.84 -44.85 -41.39
C ARG F 139 65.75 -45.06 -42.60
N GLN F 140 65.70 -46.27 -43.14
CA GLN F 140 66.51 -46.62 -44.29
C GLN F 140 66.29 -45.68 -45.49
N LEU F 141 65.03 -45.32 -45.73
CA LEU F 141 64.70 -44.45 -46.85
C LEU F 141 65.18 -43.00 -46.67
N GLY F 142 65.50 -42.63 -45.45
CA GLY F 142 65.96 -41.28 -45.20
C GLY F 142 64.81 -40.31 -45.00
N LEU F 143 63.62 -40.85 -44.73
CA LEU F 143 62.45 -40.03 -44.50
C LEU F 143 62.56 -39.28 -43.19
N PRO F 144 62.37 -37.96 -43.18
CA PRO F 144 62.46 -37.23 -41.90
C PRO F 144 61.34 -37.84 -41.05
N SER F 145 61.70 -38.59 -40.01
CA SER F 145 60.69 -39.26 -39.19
C SER F 145 60.84 -39.23 -37.69
N THR F 146 59.80 -39.74 -37.05
CA THR F 146 59.72 -39.83 -35.59
C THR F 146 58.88 -41.07 -35.34
N PHE F 147 59.21 -41.80 -34.29
CA PHE F 147 58.47 -43.02 -34.01
C PHE F 147 57.78 -43.06 -32.65
N VAL F 148 56.46 -43.12 -32.70
CA VAL F 148 55.65 -43.16 -31.50
C VAL F 148 55.26 -44.60 -31.14
N TYR F 149 55.38 -44.91 -29.86
CA TYR F 149 55.02 -46.22 -29.32
C TYR F 149 53.81 -46.02 -28.39
N ALA F 150 52.63 -46.46 -28.83
CA ALA F 150 51.40 -46.30 -28.04
C ALA F 150 51.38 -47.23 -26.84
N GLY F 151 50.93 -46.71 -25.70
CA GLY F 151 50.83 -47.52 -24.51
C GLY F 151 49.49 -48.23 -24.56
N ILE F 152 49.12 -48.94 -23.51
CA ILE F 152 47.83 -49.63 -23.51
C ILE F 152 46.71 -48.58 -23.42
N TYR F 153 45.76 -48.68 -24.33
CA TYR F 153 44.63 -47.75 -24.37
C TYR F 153 43.79 -47.83 -23.09
N ASN F 154 43.38 -46.68 -22.57
CA ASN F 154 42.54 -46.63 -21.38
C ASN F 154 41.15 -47.20 -21.71
N ASN F 155 40.65 -46.87 -22.90
CA ASN F 155 39.33 -47.31 -23.31
C ASN F 155 39.27 -48.73 -23.89
N ASN F 156 40.26 -49.55 -23.54
CA ASN F 156 40.27 -50.95 -23.96
C ASN F 156 39.27 -51.62 -23.03
N PHE F 157 39.20 -51.07 -21.83
CA PHE F 157 38.31 -51.58 -20.80
C PHE F 157 36.84 -51.48 -21.15
N THR F 158 36.12 -52.56 -20.82
CA THR F 158 34.69 -52.68 -21.08
C THR F 158 34.23 -53.79 -20.15
N SER F 159 32.92 -53.85 -19.89
CA SER F 159 32.40 -54.91 -19.05
C SER F 159 32.01 -56.06 -19.97
N LEU F 160 31.91 -55.76 -21.27
CA LEU F 160 31.58 -56.75 -22.28
C LEU F 160 32.66 -57.84 -22.22
N PRO F 161 32.32 -59.07 -22.67
CA PRO F 161 33.22 -60.23 -22.68
C PRO F 161 34.36 -60.21 -23.70
N TYR F 162 34.95 -59.03 -23.92
CA TYR F 162 36.07 -58.89 -24.86
C TYR F 162 37.35 -59.28 -24.12
N PRO F 163 38.27 -59.95 -24.82
CA PRO F 163 39.54 -60.40 -24.27
C PRO F 163 40.49 -59.39 -23.62
N LEU F 164 41.24 -59.92 -22.65
CA LEU F 164 42.29 -59.21 -21.92
C LEU F 164 41.95 -57.98 -21.07
N PHE F 165 41.00 -57.15 -21.52
CA PHE F 165 40.66 -55.94 -20.77
C PHE F 165 39.21 -55.85 -20.34
N GLN F 166 38.70 -56.94 -19.77
CA GLN F 166 37.33 -57.00 -19.28
C GLN F 166 37.23 -56.62 -17.80
N MET F 167 36.54 -55.52 -17.53
CA MET F 167 36.31 -55.05 -16.17
C MET F 167 34.99 -55.72 -15.85
N GLU F 168 35.08 -56.99 -15.48
CA GLU F 168 33.88 -57.78 -15.22
C GLU F 168 33.04 -57.32 -14.03
N LEU F 169 31.73 -57.26 -14.29
CA LEU F 169 30.77 -56.88 -13.27
C LEU F 169 30.32 -58.14 -12.53
N MET F 170 30.78 -58.29 -11.30
CA MET F 170 30.44 -59.46 -10.48
C MET F 170 29.03 -59.29 -9.93
N PRO F 171 28.28 -60.39 -9.85
CA PRO F 171 26.90 -60.36 -9.32
C PRO F 171 26.73 -59.47 -8.10
N ASP F 172 27.51 -59.75 -7.06
CA ASP F 172 27.45 -58.97 -5.82
C ASP F 172 27.39 -57.47 -6.06
N GLY F 173 27.94 -57.02 -7.17
CA GLY F 173 27.93 -55.61 -7.49
C GLY F 173 29.30 -55.06 -7.85
N THR F 174 30.34 -55.64 -7.26
CA THR F 174 31.70 -55.21 -7.53
C THR F 174 32.15 -55.46 -8.96
N PHE F 175 33.33 -54.93 -9.30
CA PHE F 175 33.91 -55.09 -10.62
C PHE F 175 35.21 -55.89 -10.43
N GLU F 176 35.54 -56.76 -11.39
CA GLU F 176 36.77 -57.54 -11.29
C GLU F 176 37.50 -57.63 -12.63
N TRP F 177 38.83 -57.61 -12.60
CA TRP F 177 39.64 -57.70 -13.82
C TRP F 177 40.77 -58.74 -13.71
N HIS F 178 40.76 -59.69 -14.64
CA HIS F 178 41.75 -60.77 -14.70
C HIS F 178 42.60 -60.61 -15.95
N ALA F 179 43.87 -60.97 -15.84
CA ALA F 179 44.82 -60.91 -16.94
C ALA F 179 46.18 -61.42 -16.46
N PRO F 180 47.03 -61.90 -17.38
CA PRO F 180 48.35 -62.42 -17.00
C PRO F 180 49.25 -61.35 -16.39
N PHE F 181 48.94 -60.09 -16.66
CA PHE F 181 49.74 -58.99 -16.15
C PHE F 181 50.01 -59.05 -14.65
N ASP F 182 51.29 -59.02 -14.29
CA ASP F 182 51.67 -59.06 -12.89
C ASP F 182 50.90 -58.00 -12.10
N PRO F 183 50.44 -58.36 -10.89
CA PRO F 183 49.68 -57.47 -10.02
C PRO F 183 50.26 -56.07 -9.81
N ASP F 184 51.49 -56.02 -9.32
CA ASP F 184 52.11 -54.75 -9.02
C ASP F 184 53.28 -54.30 -9.90
N ILE F 185 53.22 -54.61 -11.19
CA ILE F 185 54.26 -54.16 -12.11
C ILE F 185 53.63 -53.12 -13.03
N PRO F 186 53.99 -51.85 -12.82
CA PRO F 186 53.47 -50.73 -13.60
C PRO F 186 53.48 -50.93 -15.11
N LEU F 187 52.37 -50.58 -15.75
CA LEU F 187 52.24 -50.70 -17.19
C LEU F 187 52.05 -49.29 -17.78
N PRO F 188 52.42 -49.10 -19.05
CA PRO F 188 52.25 -47.77 -19.67
C PRO F 188 50.85 -47.64 -20.25
N TRP F 189 50.12 -46.60 -19.84
CA TRP F 189 48.78 -46.42 -20.38
C TRP F 189 48.68 -45.16 -21.22
N LEU F 190 47.64 -45.09 -22.04
CA LEU F 190 47.40 -43.98 -22.95
C LEU F 190 45.91 -43.78 -23.27
N ASP F 191 45.43 -42.56 -23.15
CA ASP F 191 44.05 -42.28 -23.48
C ASP F 191 44.02 -41.90 -24.94
N ALA F 192 43.74 -42.88 -25.80
CA ALA F 192 43.71 -42.69 -27.24
C ALA F 192 42.95 -41.47 -27.73
N GLU F 193 41.64 -41.47 -27.52
CA GLU F 193 40.80 -40.37 -27.97
C GLU F 193 41.18 -39.00 -27.47
N HIS F 194 41.48 -38.92 -26.18
CA HIS F 194 41.80 -37.66 -25.55
C HIS F 194 43.23 -37.13 -25.72
N ASP F 195 44.21 -38.01 -25.83
CA ASP F 195 45.58 -37.53 -25.91
C ASP F 195 46.45 -37.84 -27.11
N VAL F 196 46.03 -38.75 -27.98
CA VAL F 196 46.86 -39.07 -29.15
C VAL F 196 46.89 -37.88 -30.12
N GLY F 197 45.72 -37.29 -30.37
CA GLY F 197 45.66 -36.17 -31.29
C GLY F 197 46.53 -34.99 -30.89
N PRO F 198 46.32 -34.41 -29.69
CA PRO F 198 47.12 -33.28 -29.21
C PRO F 198 48.63 -33.53 -29.22
N ALA F 199 49.05 -34.72 -28.79
CA ALA F 199 50.46 -35.07 -28.74
C ALA F 199 51.09 -35.07 -30.14
N LEU F 200 50.41 -35.72 -31.07
CA LEU F 200 50.91 -35.78 -32.44
C LEU F 200 51.06 -34.38 -32.99
N LEU F 201 50.06 -33.54 -32.75
CA LEU F 201 50.08 -32.16 -33.23
C LEU F 201 51.33 -31.42 -32.75
N GLN F 202 51.64 -31.60 -31.47
CA GLN F 202 52.81 -30.96 -30.88
C GLN F 202 54.09 -31.46 -31.52
N ILE F 203 54.14 -32.74 -31.85
CA ILE F 203 55.31 -33.32 -32.47
C ILE F 203 55.51 -32.67 -33.83
N PHE F 204 54.42 -32.54 -34.57
CA PHE F 204 54.48 -31.91 -35.89
C PHE F 204 54.88 -30.44 -35.76
N LYS F 205 54.28 -29.75 -34.79
CA LYS F 205 54.59 -28.34 -34.54
C LYS F 205 56.08 -28.20 -34.20
N ASP F 206 56.61 -29.24 -33.54
CA ASP F 206 58.02 -29.26 -33.17
C ASP F 206 58.91 -29.42 -34.39
N GLY F 207 58.55 -30.35 -35.27
CA GLY F 207 59.31 -30.55 -36.49
C GLY F 207 60.40 -31.59 -36.42
N PRO F 208 60.93 -32.02 -37.58
CA PRO F 208 61.99 -33.02 -37.58
C PRO F 208 63.22 -32.37 -36.94
N GLN F 209 63.27 -31.06 -37.01
CA GLN F 209 64.37 -30.31 -36.43
C GLN F 209 64.53 -30.64 -34.95
N LYS F 210 63.58 -31.41 -34.42
CA LYS F 210 63.63 -31.76 -33.01
C LYS F 210 63.45 -33.23 -32.78
N TRP F 211 62.52 -33.81 -33.52
CA TRP F 211 62.20 -35.21 -33.34
C TRP F 211 62.65 -36.19 -34.41
N ASN F 212 63.34 -35.71 -35.44
CA ASN F 212 63.80 -36.60 -36.49
C ASN F 212 64.71 -37.71 -35.94
N GLY F 213 64.28 -38.95 -36.15
CA GLY F 213 65.05 -40.09 -35.69
C GLY F 213 64.70 -40.55 -34.27
N HIS F 214 63.89 -39.76 -33.56
CA HIS F 214 63.53 -40.11 -32.18
C HIS F 214 62.39 -41.12 -32.02
N ARG F 215 62.43 -41.80 -30.89
CA ARG F 215 61.40 -42.75 -30.51
C ARG F 215 60.75 -42.09 -29.31
N ILE F 216 59.43 -41.98 -29.32
CA ILE F 216 58.72 -41.35 -28.22
C ILE F 216 57.69 -42.29 -27.63
N ALA F 217 57.81 -42.57 -26.35
CA ALA F 217 56.84 -43.43 -25.70
C ALA F 217 55.56 -42.61 -25.50
N LEU F 218 54.53 -42.94 -26.25
CA LEU F 218 53.26 -42.23 -26.15
C LEU F 218 52.46 -42.78 -24.98
N THR F 219 52.90 -42.44 -23.78
CA THR F 219 52.20 -42.89 -22.60
C THR F 219 52.30 -41.75 -21.61
N PHE F 220 51.18 -41.43 -20.97
CA PHE F 220 51.15 -40.30 -20.04
C PHE F 220 51.13 -40.68 -18.57
N GLU F 221 50.99 -41.97 -18.27
CA GLU F 221 50.98 -42.44 -16.89
C GLU F 221 51.20 -43.94 -16.85
N THR F 222 51.96 -44.40 -15.85
CA THR F 222 52.24 -45.82 -15.70
C THR F 222 51.61 -46.33 -14.41
N LEU F 223 50.65 -47.24 -14.56
CA LEU F 223 49.92 -47.81 -13.44
C LEU F 223 50.03 -49.33 -13.43
N SER F 224 50.08 -49.90 -12.25
CA SER F 224 50.13 -51.35 -12.09
C SER F 224 48.66 -51.77 -12.17
N PRO F 225 48.39 -53.05 -12.48
CA PRO F 225 47.01 -53.51 -12.56
C PRO F 225 46.23 -53.19 -11.27
N VAL F 226 46.87 -53.36 -10.12
CA VAL F 226 46.21 -53.06 -8.85
C VAL F 226 45.85 -51.58 -8.80
N GLN F 227 46.76 -50.74 -9.28
CA GLN F 227 46.52 -49.29 -9.31
C GLN F 227 45.39 -48.93 -10.29
N VAL F 228 45.33 -49.63 -11.41
CA VAL F 228 44.30 -49.35 -12.40
C VAL F 228 42.95 -49.62 -11.77
N CYS F 229 42.86 -50.73 -11.04
CA CYS F 229 41.62 -51.09 -10.37
C CYS F 229 41.32 -50.04 -9.30
N ALA F 230 42.35 -49.66 -8.56
CA ALA F 230 42.18 -48.67 -7.51
C ALA F 230 41.57 -47.40 -8.06
N ALA F 231 42.05 -46.98 -9.24
CA ALA F 231 41.52 -45.77 -9.87
C ALA F 231 40.07 -46.02 -10.25
N PHE F 232 39.77 -47.24 -10.68
CA PHE F 232 38.41 -47.58 -11.02
C PHE F 232 37.60 -47.61 -9.71
N SER F 233 38.25 -48.01 -8.63
CA SER F 233 37.60 -48.11 -7.33
C SER F 233 37.12 -46.78 -6.74
N ARG F 234 37.94 -45.74 -6.87
CA ARG F 234 37.55 -44.44 -6.34
C ARG F 234 36.77 -43.61 -7.34
N ALA F 235 36.79 -44.00 -8.61
CA ALA F 235 36.05 -43.25 -9.62
C ALA F 235 34.59 -43.67 -9.69
N LEU F 236 34.33 -44.91 -9.30
CA LEU F 236 32.98 -45.46 -9.35
C LEU F 236 32.46 -45.82 -7.97
N ASN F 237 33.35 -45.78 -6.99
CA ASN F 237 33.00 -46.14 -5.61
C ASN F 237 32.38 -47.52 -5.64
N ARG F 238 33.23 -48.51 -5.91
CA ARG F 238 32.83 -49.91 -5.98
C ARG F 238 34.04 -50.67 -5.50
N ARG F 239 33.94 -51.99 -5.47
CA ARG F 239 35.09 -52.77 -5.05
C ARG F 239 35.68 -53.40 -6.30
N VAL F 240 36.66 -52.73 -6.89
CA VAL F 240 37.32 -53.24 -8.08
C VAL F 240 38.56 -54.00 -7.68
N THR F 241 38.61 -55.28 -8.01
CA THR F 241 39.78 -56.09 -7.70
C THR F 241 40.42 -56.73 -8.91
N TYR F 242 41.74 -56.86 -8.86
CA TYR F 242 42.50 -57.46 -9.94
C TYR F 242 42.84 -58.90 -9.64
N VAL F 243 42.61 -59.77 -10.62
CA VAL F 243 42.94 -61.18 -10.47
C VAL F 243 43.89 -61.64 -11.57
N GLN F 244 45.12 -61.98 -11.19
CA GLN F 244 46.12 -62.43 -12.14
C GLN F 244 45.89 -63.86 -12.58
N VAL F 245 45.62 -64.04 -13.87
CA VAL F 245 45.40 -65.36 -14.41
C VAL F 245 46.53 -65.69 -15.37
N PRO F 246 46.99 -66.95 -15.38
CA PRO F 246 48.09 -67.36 -16.26
C PRO F 246 47.72 -67.32 -17.74
N LYS F 247 46.44 -67.44 -18.06
CA LYS F 247 46.01 -67.40 -19.45
C LYS F 247 44.86 -66.43 -19.72
N VAL F 248 44.89 -65.81 -20.89
CA VAL F 248 43.86 -64.84 -21.23
C VAL F 248 42.51 -65.50 -21.40
N GLU F 249 41.71 -65.37 -20.34
CA GLU F 249 40.35 -65.89 -20.32
C GLU F 249 39.69 -65.39 -21.59
N ILE F 250 39.54 -66.27 -22.58
CA ILE F 250 38.90 -65.89 -23.82
C ILE F 250 37.44 -66.33 -23.72
N LYS F 251 36.63 -65.47 -23.09
CA LYS F 251 35.20 -65.73 -22.89
C LYS F 251 34.36 -65.56 -24.14
N VAL F 252 35.00 -65.56 -25.31
CA VAL F 252 34.27 -65.40 -26.56
C VAL F 252 35.14 -65.70 -27.77
N ASN F 253 34.52 -66.18 -28.85
CA ASN F 253 35.26 -66.49 -30.07
C ASN F 253 35.93 -65.24 -30.62
N ILE F 254 37.07 -65.42 -31.27
CA ILE F 254 37.83 -64.32 -31.85
C ILE F 254 38.77 -64.82 -32.95
N PRO F 255 39.17 -63.93 -33.87
CA PRO F 255 40.07 -64.29 -34.96
C PRO F 255 41.35 -64.94 -34.45
N VAL F 256 41.84 -65.93 -35.17
CA VAL F 256 43.05 -66.62 -34.78
C VAL F 256 44.18 -65.60 -34.69
N GLY F 257 44.06 -64.52 -35.45
CA GLY F 257 45.06 -63.47 -35.42
C GLY F 257 45.24 -62.91 -34.03
N TYR F 258 44.12 -62.65 -33.35
CA TYR F 258 44.16 -62.11 -32.01
C TYR F 258 44.50 -63.17 -30.97
N ARG F 259 44.03 -64.39 -31.18
CA ARG F 259 44.33 -65.43 -30.20
C ARG F 259 45.86 -65.60 -30.10
N GLU F 260 46.55 -65.68 -31.25
CA GLU F 260 48.00 -65.83 -31.26
C GLU F 260 48.62 -64.64 -30.52
N GLN F 261 48.13 -63.45 -30.84
CA GLN F 261 48.60 -62.22 -30.20
C GLN F 261 48.45 -62.35 -28.70
N LEU F 262 47.27 -62.80 -28.27
CA LEU F 262 46.96 -62.96 -26.86
C LEU F 262 47.83 -64.02 -26.21
N GLU F 263 48.08 -65.11 -26.93
CA GLU F 263 48.90 -66.18 -26.39
C GLU F 263 50.32 -65.69 -26.13
N ALA F 264 50.82 -64.84 -27.03
CA ALA F 264 52.16 -64.27 -26.89
C ALA F 264 52.20 -63.41 -25.62
N ILE F 265 51.18 -62.59 -25.46
CA ILE F 265 51.09 -61.72 -24.30
C ILE F 265 51.16 -62.56 -23.01
N GLU F 266 50.39 -63.64 -22.97
CA GLU F 266 50.37 -64.51 -21.80
C GLU F 266 51.77 -64.95 -21.43
N VAL F 267 52.53 -65.30 -22.45
CA VAL F 267 53.90 -65.75 -22.26
C VAL F 267 54.83 -64.62 -21.85
N VAL F 268 54.79 -63.52 -22.62
CA VAL F 268 55.65 -62.37 -22.38
C VAL F 268 55.44 -61.62 -21.07
N PHE F 269 54.18 -61.39 -20.68
CA PHE F 269 53.93 -60.66 -19.44
C PHE F 269 53.55 -61.59 -18.31
N GLY F 270 52.78 -62.62 -18.62
CA GLY F 270 52.35 -63.57 -17.62
C GLY F 270 53.46 -64.49 -17.12
N GLU F 271 54.25 -65.04 -18.05
CA GLU F 271 55.35 -65.95 -17.72
C GLU F 271 56.67 -65.30 -17.34
N HIS F 272 57.25 -64.57 -18.29
CA HIS F 272 58.55 -63.92 -18.11
C HIS F 272 58.48 -62.55 -17.44
N LYS F 273 57.26 -62.04 -17.27
CA LYS F 273 57.09 -60.73 -16.66
C LYS F 273 58.07 -59.77 -17.33
N ALA F 274 57.84 -59.53 -18.61
CA ALA F 274 58.67 -58.64 -19.40
C ALA F 274 58.05 -57.25 -19.50
N PRO F 275 58.90 -56.22 -19.51
CA PRO F 275 58.46 -54.82 -19.60
C PRO F 275 57.64 -54.55 -20.86
N TYR F 276 56.65 -53.67 -20.75
CA TYR F 276 55.84 -53.37 -21.92
C TYR F 276 56.76 -52.86 -23.04
N PHE F 277 57.52 -51.82 -22.76
CA PHE F 277 58.47 -51.29 -23.74
C PHE F 277 59.85 -51.71 -23.26
N PRO F 278 60.31 -52.89 -23.69
CA PRO F 278 61.62 -53.46 -23.32
C PRO F 278 62.88 -52.78 -23.90
N LEU F 279 62.74 -51.58 -24.46
CA LEU F 279 63.91 -50.89 -25.01
C LEU F 279 64.65 -50.13 -23.92
N PRO F 280 66.00 -50.20 -23.93
CA PRO F 280 66.79 -49.50 -22.91
C PRO F 280 66.28 -48.08 -22.69
N GLU F 281 66.06 -47.36 -23.77
CA GLU F 281 65.58 -45.99 -23.68
C GLU F 281 64.20 -45.91 -23.08
N PHE F 282 63.59 -47.07 -22.87
CA PHE F 282 62.24 -47.14 -22.32
C PHE F 282 62.18 -47.91 -21.00
N SER F 283 63.24 -48.67 -20.73
CA SER F 283 63.34 -49.46 -19.51
C SER F 283 64.15 -48.70 -18.46
N ARG F 316 61.79 -40.84 -16.09
CA ARG F 316 60.66 -41.74 -16.30
C ARG F 316 60.29 -41.87 -17.78
N VAL F 317 59.49 -42.87 -18.11
CA VAL F 317 59.09 -43.11 -19.48
C VAL F 317 57.98 -42.19 -19.96
N THR F 318 57.33 -41.50 -19.03
CA THR F 318 56.24 -40.61 -19.38
C THR F 318 56.65 -39.16 -19.59
N ASP F 319 57.87 -38.84 -19.19
CA ASP F 319 58.35 -37.47 -19.30
C ASP F 319 58.16 -36.79 -20.66
N GLU F 320 58.82 -37.26 -21.72
CA GLU F 320 58.67 -36.62 -23.04
C GLU F 320 57.21 -36.42 -23.43
N ALA F 321 56.40 -37.44 -23.22
CA ALA F 321 54.98 -37.38 -23.56
C ALA F 321 54.29 -36.23 -22.84
N ARG F 322 54.48 -36.17 -21.53
CA ARG F 322 53.87 -35.14 -20.71
C ARG F 322 54.33 -33.73 -21.10
N LYS F 323 55.59 -33.59 -21.51
CA LYS F 323 56.12 -32.31 -21.95
C LYS F 323 55.41 -31.93 -23.25
N LEU F 324 55.29 -32.92 -24.14
CA LEU F 324 54.63 -32.72 -25.43
C LEU F 324 53.14 -32.33 -25.33
N TRP F 325 52.48 -32.76 -24.26
CA TRP F 325 51.06 -32.49 -24.07
C TRP F 325 50.69 -32.75 -22.62
N SER F 326 50.59 -31.68 -21.84
CA SER F 326 50.30 -31.80 -20.43
C SER F 326 48.82 -31.82 -20.07
N GLY F 327 47.96 -31.88 -21.10
CA GLY F 327 46.54 -31.90 -20.84
C GLY F 327 45.99 -33.31 -20.91
N TRP F 328 46.81 -34.30 -20.58
CA TRP F 328 46.40 -35.70 -20.63
C TRP F 328 45.34 -36.10 -19.63
N ARG F 329 44.63 -37.18 -19.96
CA ARG F 329 43.59 -37.71 -19.10
C ARG F 329 44.07 -39.02 -18.47
N ASP F 330 44.17 -39.02 -17.15
CA ASP F 330 44.62 -40.23 -16.46
C ASP F 330 43.48 -41.23 -16.31
N MET F 331 43.83 -42.42 -15.84
CA MET F 331 42.86 -43.49 -15.67
C MET F 331 41.64 -43.10 -14.81
N GLU F 332 41.87 -42.43 -13.67
CA GLU F 332 40.77 -42.03 -12.81
C GLU F 332 39.75 -41.21 -13.57
N GLU F 333 40.23 -40.22 -14.32
CA GLU F 333 39.32 -39.38 -15.09
C GLU F 333 38.64 -40.26 -16.10
N TYR F 334 39.40 -41.11 -16.76
CA TYR F 334 38.79 -41.98 -17.74
C TYR F 334 37.68 -42.80 -17.07
N ALA F 335 38.07 -43.61 -16.10
CA ALA F 335 37.15 -44.47 -15.37
C ALA F 335 35.87 -43.79 -14.90
N ARG F 336 36.01 -42.60 -14.35
CA ARG F 336 34.88 -41.86 -13.81
C ARG F 336 34.08 -40.98 -14.78
N GLU F 337 34.71 -40.49 -15.86
CA GLU F 337 34.00 -39.61 -16.79
C GLU F 337 33.69 -40.20 -18.15
N VAL F 338 34.34 -41.30 -18.52
CA VAL F 338 34.10 -41.89 -19.84
C VAL F 338 33.54 -43.31 -19.78
N PHE F 339 34.21 -44.17 -19.02
CA PHE F 339 33.78 -45.55 -18.91
C PHE F 339 32.25 -45.62 -18.82
N PRO F 340 31.64 -45.03 -17.78
CA PRO F 340 30.20 -45.04 -17.60
C PRO F 340 29.43 -44.78 -18.88
N ILE F 341 29.87 -43.78 -19.63
CA ILE F 341 29.21 -43.41 -20.88
C ILE F 341 29.37 -44.49 -21.94
N GLU F 342 30.61 -44.81 -22.29
CA GLU F 342 30.88 -45.83 -23.30
C GLU F 342 30.08 -47.08 -22.97
N GLU F 343 29.99 -47.39 -21.68
CA GLU F 343 29.26 -48.57 -21.22
C GLU F 343 27.77 -48.41 -21.47
N GLU F 344 27.23 -47.23 -21.18
CA GLU F 344 25.83 -47.02 -21.40
C GLU F 344 25.58 -47.05 -22.90
N ALA F 345 26.49 -46.44 -23.66
CA ALA F 345 26.38 -46.41 -25.11
C ALA F 345 26.53 -47.81 -25.67
N ASN F 346 26.98 -48.73 -24.83
CA ASN F 346 27.16 -50.12 -25.24
C ASN F 346 25.90 -50.92 -24.98
N GLY F 347 25.17 -50.57 -23.93
CA GLY F 347 23.95 -51.27 -23.63
C GLY F 347 23.77 -51.71 -22.20
N LEU F 348 24.64 -51.25 -21.30
CA LEU F 348 24.51 -51.65 -19.90
C LEU F 348 23.59 -50.74 -19.08
N ASP F 349 23.49 -51.03 -17.78
CA ASP F 349 22.60 -50.25 -16.91
C ASP F 349 23.18 -49.93 -15.53
N TRP F 350 24.11 -50.75 -15.07
CA TRP F 350 24.70 -50.56 -13.75
C TRP F 350 24.89 -49.11 -13.33
N MET F 351 25.06 -48.21 -14.30
CA MET F 351 25.25 -46.80 -13.97
C MET F 351 23.91 -46.08 -13.77
N LEU F 352 22.98 -46.28 -14.69
CA LEU F 352 21.65 -45.66 -14.64
C LEU F 352 20.98 -45.86 -13.27
N GLN G 3 -29.18 16.99 2.98
CA GLN G 3 -30.10 18.12 3.24
C GLN G 3 -31.49 17.84 2.66
N GLN G 4 -31.54 17.37 1.41
CA GLN G 4 -32.82 17.08 0.77
C GLN G 4 -33.24 15.63 0.91
N LYS G 5 -34.53 15.39 0.73
CA LYS G 5 -35.11 14.05 0.83
C LYS G 5 -34.80 13.31 -0.46
N LYS G 6 -34.30 12.09 -0.34
CA LYS G 6 -33.94 11.32 -1.52
C LYS G 6 -34.90 10.17 -1.81
N THR G 7 -34.71 9.52 -2.96
CA THR G 7 -35.55 8.40 -3.33
C THR G 7 -34.95 7.13 -2.75
N ILE G 8 -35.77 6.40 -1.99
CA ILE G 8 -35.34 5.18 -1.33
C ILE G 8 -35.94 3.94 -1.95
N ALA G 9 -35.10 2.94 -2.17
CA ALA G 9 -35.55 1.68 -2.74
C ALA G 9 -35.65 0.65 -1.62
N VAL G 10 -36.73 -0.12 -1.59
CA VAL G 10 -36.95 -1.11 -0.56
C VAL G 10 -37.61 -2.34 -1.17
N VAL G 11 -37.50 -3.49 -0.50
CA VAL G 11 -38.15 -4.70 -0.98
C VAL G 11 -38.97 -5.25 0.18
N ASN G 12 -39.80 -6.25 -0.08
CA ASN G 12 -40.66 -6.82 0.96
C ASN G 12 -41.29 -5.70 1.77
N ALA G 13 -41.96 -4.79 1.07
CA ALA G 13 -42.60 -3.63 1.67
C ALA G 13 -43.54 -3.92 2.84
N THR G 14 -44.25 -5.04 2.78
CA THR G 14 -45.20 -5.39 3.84
C THR G 14 -44.50 -5.89 5.08
N GLY G 15 -43.24 -6.27 4.94
CA GLY G 15 -42.48 -6.76 6.09
C GLY G 15 -42.35 -5.66 7.14
N ARG G 16 -42.26 -6.06 8.40
CA ARG G 16 -42.17 -5.11 9.49
C ARG G 16 -41.08 -4.05 9.44
N GLN G 17 -39.88 -4.44 9.02
CA GLN G 17 -38.78 -3.49 8.93
C GLN G 17 -39.06 -2.42 7.87
N ALA G 18 -39.45 -2.86 6.68
CA ALA G 18 -39.72 -1.97 5.56
C ALA G 18 -40.91 -1.05 5.77
N ALA G 19 -42.03 -1.63 6.15
CA ALA G 19 -43.25 -0.83 6.36
C ALA G 19 -42.96 0.32 7.32
N SER G 20 -42.17 0.04 8.34
CA SER G 20 -41.84 1.05 9.34
C SER G 20 -41.08 2.21 8.67
N LEU G 21 -40.13 1.86 7.81
CA LEU G 21 -39.36 2.87 7.12
C LEU G 21 -40.22 3.59 6.09
N ILE G 22 -41.04 2.84 5.36
CA ILE G 22 -41.87 3.45 4.33
C ILE G 22 -42.85 4.49 4.89
N ARG G 23 -43.54 4.18 5.98
CA ARG G 23 -44.49 5.14 6.56
C ARG G 23 -43.74 6.41 6.99
N VAL G 24 -42.65 6.22 7.70
CA VAL G 24 -41.83 7.32 8.17
C VAL G 24 -41.25 8.15 7.02
N ALA G 25 -40.51 7.49 6.15
CA ALA G 25 -39.86 8.15 5.02
C ALA G 25 -40.82 8.88 4.10
N ALA G 26 -41.91 8.24 3.71
CA ALA G 26 -42.89 8.88 2.83
C ALA G 26 -43.43 10.13 3.52
N ALA G 27 -43.74 10.01 4.81
CA ALA G 27 -44.26 11.11 5.61
C ALA G 27 -43.34 12.33 5.66
N VAL G 28 -42.05 12.10 5.87
CA VAL G 28 -41.10 13.21 5.92
C VAL G 28 -40.80 13.83 4.55
N GLY G 29 -41.19 13.14 3.48
CA GLY G 29 -40.97 13.71 2.15
C GLY G 29 -40.11 12.96 1.17
N HIS G 30 -39.64 11.77 1.53
CA HIS G 30 -38.83 10.97 0.61
C HIS G 30 -39.76 10.25 -0.35
N HIS G 31 -39.23 9.88 -1.51
CA HIS G 31 -39.98 9.11 -2.51
C HIS G 31 -39.61 7.66 -2.24
N VAL G 32 -40.58 6.77 -2.28
CA VAL G 32 -40.32 5.37 -2.03
C VAL G 32 -40.63 4.49 -3.23
N ARG G 33 -39.70 3.61 -3.57
CA ARG G 33 -39.87 2.65 -4.65
C ARG G 33 -39.74 1.31 -3.96
N ALA G 34 -40.85 0.62 -3.77
CA ALA G 34 -40.83 -0.65 -3.07
C ALA G 34 -41.41 -1.84 -3.82
N GLN G 35 -40.86 -3.01 -3.54
CA GLN G 35 -41.33 -4.23 -4.15
C GLN G 35 -42.24 -4.96 -3.15
N VAL G 36 -43.34 -5.51 -3.66
CA VAL G 36 -44.28 -6.28 -2.86
C VAL G 36 -44.57 -7.56 -3.62
N HIS G 37 -44.86 -8.63 -2.90
CA HIS G 37 -45.15 -9.90 -3.53
C HIS G 37 -46.59 -9.87 -4.05
N SER G 38 -47.46 -9.19 -3.32
CA SER G 38 -48.86 -9.09 -3.72
C SER G 38 -49.46 -7.76 -3.29
N LEU G 39 -50.38 -7.25 -4.11
CA LEU G 39 -51.05 -5.99 -3.80
C LEU G 39 -52.25 -6.26 -2.89
N LYS G 40 -52.54 -7.53 -2.64
CA LYS G 40 -53.66 -7.91 -1.78
C LYS G 40 -53.21 -8.01 -0.33
N GLY G 41 -53.91 -7.30 0.55
CA GLY G 41 -53.58 -7.33 1.95
C GLY G 41 -53.72 -5.95 2.56
N LEU G 42 -53.97 -5.91 3.87
CA LEU G 42 -54.13 -4.65 4.56
C LEU G 42 -52.92 -3.74 4.32
N ILE G 43 -51.77 -4.13 4.87
CA ILE G 43 -50.55 -3.34 4.72
C ILE G 43 -50.27 -2.91 3.29
N ALA G 44 -50.41 -3.85 2.36
CA ALA G 44 -50.16 -3.56 0.95
C ALA G 44 -51.05 -2.44 0.46
N GLU G 45 -52.35 -2.56 0.73
CA GLU G 45 -53.33 -1.55 0.33
C GLU G 45 -53.00 -0.22 1.00
N GLU G 46 -52.51 -0.31 2.23
CA GLU G 46 -52.13 0.88 3.00
C GLU G 46 -50.97 1.61 2.33
N LEU G 47 -49.85 0.92 2.16
CA LEU G 47 -48.68 1.55 1.55
C LEU G 47 -48.96 2.08 0.15
N GLN G 48 -49.73 1.33 -0.62
CA GLN G 48 -50.06 1.74 -1.99
C GLN G 48 -50.77 3.08 -1.90
N ALA G 49 -51.53 3.24 -0.83
CA ALA G 49 -52.29 4.47 -0.58
C ALA G 49 -51.38 5.67 -0.34
N ILE G 50 -50.39 5.51 0.55
CA ILE G 50 -49.47 6.59 0.85
C ILE G 50 -48.99 7.26 -0.43
N PRO G 51 -49.13 8.59 -0.51
CA PRO G 51 -48.78 9.46 -1.64
C PRO G 51 -47.54 9.15 -2.47
N ASN G 52 -46.38 9.55 -1.96
CA ASN G 52 -45.12 9.38 -2.69
C ASN G 52 -44.50 7.99 -2.71
N VAL G 53 -45.35 6.96 -2.64
CA VAL G 53 -44.87 5.58 -2.65
C VAL G 53 -45.30 4.87 -3.92
N THR G 54 -44.32 4.30 -4.62
CA THR G 54 -44.54 3.56 -5.85
C THR G 54 -44.25 2.08 -5.60
N LEU G 55 -45.21 1.22 -5.92
CA LEU G 55 -45.06 -0.21 -5.70
C LEU G 55 -44.83 -0.97 -7.00
N PHE G 56 -44.14 -2.09 -6.88
CA PHE G 56 -43.86 -2.94 -8.01
C PHE G 56 -44.18 -4.36 -7.56
N GLN G 57 -45.27 -4.89 -8.09
CA GLN G 57 -45.74 -6.22 -7.72
C GLN G 57 -45.07 -7.32 -8.52
N GLY G 58 -44.31 -8.17 -7.84
CA GLY G 58 -43.61 -9.26 -8.50
C GLY G 58 -42.68 -9.96 -7.54
N PRO G 59 -42.14 -11.13 -7.93
CA PRO G 59 -41.23 -11.89 -7.08
C PRO G 59 -39.84 -11.23 -7.10
N LEU G 60 -38.95 -11.69 -6.23
CA LEU G 60 -37.59 -11.17 -6.19
C LEU G 60 -36.72 -12.24 -6.83
N LEU G 61 -37.07 -13.48 -6.52
CA LEU G 61 -36.40 -14.65 -7.03
C LEU G 61 -36.39 -14.62 -8.56
N ASN G 62 -35.19 -14.69 -9.14
CA ASN G 62 -35.02 -14.67 -10.58
C ASN G 62 -35.86 -13.60 -11.25
N ASN G 63 -35.68 -12.34 -10.88
CA ASN G 63 -36.47 -11.27 -11.51
C ASN G 63 -35.69 -9.98 -11.57
N VAL G 64 -34.55 -10.04 -12.25
CA VAL G 64 -33.67 -8.90 -12.40
C VAL G 64 -34.33 -7.68 -13.04
N PRO G 65 -35.35 -7.88 -13.90
CA PRO G 65 -35.93 -6.66 -14.46
C PRO G 65 -36.63 -5.80 -13.40
N LEU G 66 -37.27 -6.45 -12.44
CA LEU G 66 -37.94 -5.69 -11.39
C LEU G 66 -36.91 -4.95 -10.55
N MET G 67 -35.77 -5.60 -10.27
CA MET G 67 -34.73 -4.96 -9.47
C MET G 67 -34.14 -3.75 -10.20
N ASP G 68 -33.98 -3.86 -11.51
CA ASP G 68 -33.46 -2.77 -12.34
C ASP G 68 -34.40 -1.58 -12.20
N THR G 69 -35.69 -1.83 -12.41
CA THR G 69 -36.66 -0.76 -12.30
C THR G 69 -36.63 -0.17 -10.88
N LEU G 70 -36.66 -1.04 -9.89
CA LEU G 70 -36.66 -0.61 -8.50
C LEU G 70 -35.63 0.48 -8.22
N PHE G 71 -34.38 0.23 -8.60
CA PHE G 71 -33.31 1.17 -8.35
C PHE G 71 -33.17 2.38 -9.28
N GLU G 72 -34.08 2.52 -10.24
CA GLU G 72 -34.01 3.64 -11.15
C GLU G 72 -34.26 4.95 -10.41
N GLY G 73 -33.27 5.84 -10.44
CA GLY G 73 -33.39 7.12 -9.77
C GLY G 73 -33.27 7.05 -8.26
N ALA G 74 -32.88 5.87 -7.76
CA ALA G 74 -32.75 5.65 -6.34
C ALA G 74 -31.40 6.13 -5.82
N HIS G 75 -31.41 6.84 -4.70
CA HIS G 75 -30.18 7.33 -4.11
C HIS G 75 -29.90 6.53 -2.84
N LEU G 76 -30.95 6.01 -2.25
CA LEU G 76 -30.82 5.22 -1.02
C LEU G 76 -31.55 3.88 -1.14
N ALA G 77 -31.18 2.94 -0.29
CA ALA G 77 -31.84 1.63 -0.29
C ALA G 77 -31.73 0.91 1.03
N PHE G 78 -32.85 0.36 1.47
CA PHE G 78 -32.90 -0.44 2.68
C PHE G 78 -33.37 -1.80 2.19
N ILE G 79 -32.51 -2.81 2.34
CA ILE G 79 -32.85 -4.14 1.87
C ILE G 79 -32.90 -5.20 2.97
N ASN G 80 -34.00 -5.94 3.00
CA ASN G 80 -34.18 -7.02 3.95
C ASN G 80 -34.79 -8.16 3.14
N THR G 81 -34.13 -9.30 3.14
CA THR G 81 -34.59 -10.46 2.39
C THR G 81 -35.16 -11.56 3.27
N THR G 82 -35.89 -12.47 2.65
CA THR G 82 -36.49 -13.62 3.33
C THR G 82 -36.10 -14.89 2.57
N SER G 83 -36.20 -16.02 3.25
CA SER G 83 -35.87 -17.31 2.67
C SER G 83 -37.09 -18.00 2.08
N GLN G 84 -38.27 -17.45 2.40
CA GLN G 84 -39.55 -17.99 1.93
C GLN G 84 -39.73 -18.04 0.42
N ALA G 85 -39.27 -17.00 -0.28
CA ALA G 85 -39.39 -16.91 -1.73
C ALA G 85 -38.44 -17.80 -2.51
N GLY G 86 -37.51 -18.44 -1.81
CA GLY G 86 -36.53 -19.29 -2.46
C GLY G 86 -35.16 -18.83 -2.00
N ASP G 87 -34.10 -19.23 -2.69
CA ASP G 87 -32.74 -18.86 -2.31
C ASP G 87 -32.60 -17.38 -1.94
N GLU G 88 -32.19 -17.12 -0.71
CA GLU G 88 -32.03 -15.77 -0.20
C GLU G 88 -30.71 -15.12 -0.60
N ILE G 89 -29.68 -15.94 -0.77
CA ILE G 89 -28.39 -15.43 -1.14
C ILE G 89 -28.38 -14.90 -2.56
N ALA G 90 -29.06 -15.61 -3.46
CA ALA G 90 -29.14 -15.20 -4.86
C ALA G 90 -29.82 -13.84 -4.96
N ILE G 91 -31.01 -13.75 -4.38
CA ILE G 91 -31.80 -12.52 -4.39
C ILE G 91 -31.01 -11.36 -3.79
N GLY G 92 -30.23 -11.67 -2.76
CA GLY G 92 -29.41 -10.65 -2.12
C GLY G 92 -28.33 -10.18 -3.08
N LYS G 93 -27.71 -11.15 -3.74
CA LYS G 93 -26.66 -10.84 -4.67
C LYS G 93 -27.19 -10.09 -5.88
N ASP G 94 -28.32 -10.53 -6.40
CA ASP G 94 -28.93 -9.87 -7.56
C ASP G 94 -29.28 -8.44 -7.22
N LEU G 95 -29.83 -8.22 -6.03
CA LEU G 95 -30.20 -6.88 -5.60
C LEU G 95 -28.96 -5.99 -5.56
N ALA G 96 -27.89 -6.51 -4.96
CA ALA G 96 -26.67 -5.76 -4.83
C ALA G 96 -26.11 -5.41 -6.21
N ASP G 97 -26.23 -6.34 -7.16
CA ASP G 97 -25.72 -6.09 -8.52
C ASP G 97 -26.53 -4.98 -9.19
N ALA G 98 -27.84 -5.05 -9.02
CA ALA G 98 -28.73 -4.05 -9.62
C ALA G 98 -28.44 -2.68 -9.03
N ALA G 99 -28.28 -2.63 -7.71
CA ALA G 99 -27.99 -1.37 -7.04
C ALA G 99 -26.72 -0.73 -7.61
N LYS G 100 -25.69 -1.55 -7.78
CA LYS G 100 -24.43 -1.05 -8.32
C LYS G 100 -24.61 -0.62 -9.77
N ARG G 101 -25.34 -1.44 -10.53
CA ARG G 101 -25.59 -1.15 -11.95
C ARG G 101 -26.29 0.20 -12.13
N ALA G 102 -27.19 0.53 -11.20
CA ALA G 102 -27.94 1.77 -11.28
C ALA G 102 -27.00 2.96 -11.11
N GLY G 103 -25.91 2.71 -10.39
CA GLY G 103 -24.91 3.73 -10.15
C GLY G 103 -25.30 4.98 -9.40
N THR G 104 -26.54 5.05 -8.89
CA THR G 104 -26.97 6.24 -8.18
C THR G 104 -27.10 6.06 -6.67
N ILE G 105 -26.89 4.83 -6.21
CA ILE G 105 -27.00 4.53 -4.79
C ILE G 105 -25.84 5.12 -4.00
N GLN G 106 -26.17 5.97 -3.04
CA GLN G 106 -25.18 6.64 -2.20
C GLN G 106 -25.02 5.92 -0.86
N HIS G 107 -26.11 5.29 -0.40
CA HIS G 107 -26.13 4.60 0.88
C HIS G 107 -26.99 3.34 0.76
N TYR G 108 -26.35 2.18 0.84
CA TYR G 108 -27.05 0.90 0.72
C TYR G 108 -27.11 0.19 2.07
N ILE G 109 -28.26 0.22 2.73
CA ILE G 109 -28.40 -0.45 4.02
C ILE G 109 -28.98 -1.85 3.83
N TYR G 110 -28.29 -2.84 4.36
CA TYR G 110 -28.76 -4.22 4.26
C TYR G 110 -28.96 -4.78 5.67
N SER G 111 -30.11 -5.42 5.86
CA SER G 111 -30.42 -6.00 7.15
C SER G 111 -29.77 -7.37 7.21
N SER G 112 -28.71 -7.52 8.00
CA SER G 112 -28.05 -8.83 8.09
C SER G 112 -28.18 -9.52 9.46
N MET G 113 -27.71 -10.77 9.53
CA MET G 113 -27.75 -11.58 10.76
C MET G 113 -26.47 -12.38 10.98
N PRO G 114 -26.29 -12.93 12.18
CA PRO G 114 -25.08 -13.71 12.43
C PRO G 114 -25.20 -15.13 11.88
N ASP G 115 -24.05 -15.80 11.75
CA ASP G 115 -23.98 -17.18 11.27
C ASP G 115 -23.22 -17.93 12.38
N HIS G 116 -23.89 -18.06 13.51
CA HIS G 116 -23.35 -18.70 14.71
C HIS G 116 -22.30 -19.78 14.55
N SER G 117 -22.34 -20.53 13.46
CA SER G 117 -21.38 -21.62 13.27
C SER G 117 -19.96 -21.10 13.19
N LEU G 118 -19.83 -19.81 12.92
CA LEU G 118 -18.53 -19.17 12.78
C LEU G 118 -17.99 -18.58 14.07
N TYR G 119 -18.71 -18.72 15.16
CA TYR G 119 -18.26 -18.11 16.41
C TYR G 119 -18.15 -19.07 17.57
N GLY G 120 -18.53 -20.32 17.33
CA GLY G 120 -18.48 -21.33 18.38
C GLY G 120 -18.94 -22.68 17.86
N PRO G 121 -19.06 -23.67 18.75
CA PRO G 121 -19.49 -25.03 18.43
C PRO G 121 -21.00 -25.06 18.22
N TRP G 122 -21.52 -23.99 17.62
CA TRP G 122 -22.94 -23.86 17.42
C TRP G 122 -23.41 -24.11 15.99
N PRO G 123 -24.65 -24.57 15.82
CA PRO G 123 -25.17 -24.83 14.47
C PRO G 123 -25.56 -23.51 13.84
N ALA G 124 -25.62 -23.47 12.51
CA ALA G 124 -25.99 -22.26 11.80
C ALA G 124 -27.50 -22.14 11.73
N VAL G 125 -28.03 -20.98 12.12
CA VAL G 125 -29.46 -20.72 12.06
C VAL G 125 -29.78 -20.36 10.59
N PRO G 126 -30.38 -21.31 9.85
CA PRO G 126 -30.77 -21.25 8.42
C PRO G 126 -31.43 -20.00 7.83
N MET G 127 -32.12 -19.22 8.65
CA MET G 127 -32.76 -18.00 8.15
C MET G 127 -31.99 -16.81 8.69
N TRP G 128 -30.79 -17.10 9.19
CA TRP G 128 -29.94 -16.06 9.74
C TRP G 128 -28.62 -16.01 8.98
N ALA G 129 -27.80 -17.05 9.15
CA ALA G 129 -26.49 -17.16 8.51
C ALA G 129 -26.41 -16.71 7.05
N PRO G 130 -27.31 -17.20 6.20
CA PRO G 130 -27.28 -16.80 4.78
C PRO G 130 -27.12 -15.30 4.56
N LYS G 131 -27.73 -14.51 5.45
CA LYS G 131 -27.66 -13.06 5.36
C LYS G 131 -26.23 -12.57 5.35
N PHE G 132 -25.39 -13.21 6.16
CA PHE G 132 -24.00 -12.83 6.30
C PHE G 132 -23.25 -12.91 4.99
N THR G 133 -23.58 -13.91 4.18
CA THR G 133 -22.95 -14.09 2.89
C THR G 133 -23.27 -12.91 1.98
N VAL G 134 -24.52 -12.45 2.04
CA VAL G 134 -24.97 -11.33 1.23
C VAL G 134 -24.23 -10.08 1.70
N GLU G 135 -24.07 -9.94 3.02
CA GLU G 135 -23.39 -8.78 3.60
C GLU G 135 -21.97 -8.65 3.02
N ASN G 136 -21.25 -9.76 2.98
CA ASN G 136 -19.89 -9.77 2.47
C ASN G 136 -19.88 -9.42 1.00
N TYR G 137 -20.90 -9.89 0.28
CA TYR G 137 -20.98 -9.61 -1.15
C TYR G 137 -21.26 -8.13 -1.38
N VAL G 138 -22.11 -7.55 -0.55
CA VAL G 138 -22.41 -6.13 -0.68
C VAL G 138 -21.08 -5.36 -0.58
N ARG G 139 -20.31 -5.71 0.45
CA ARG G 139 -19.00 -5.11 0.71
C ARG G 139 -18.09 -5.32 -0.51
N GLN G 140 -18.11 -6.53 -1.05
CA GLN G 140 -17.27 -6.88 -2.20
C GLN G 140 -17.53 -6.03 -3.45
N LEU G 141 -18.75 -5.53 -3.61
CA LEU G 141 -19.05 -4.70 -4.78
C LEU G 141 -18.58 -3.27 -4.60
N GLY G 142 -18.27 -2.90 -3.36
CA GLY G 142 -17.82 -1.54 -3.09
C GLY G 142 -18.96 -0.58 -2.82
N LEU G 143 -20.16 -1.11 -2.70
CA LEU G 143 -21.34 -0.28 -2.44
C LEU G 143 -21.20 0.46 -1.12
N PRO G 144 -21.49 1.76 -1.11
CA PRO G 144 -21.40 2.51 0.15
C PRO G 144 -22.51 1.85 1.01
N SER G 145 -22.13 1.17 2.07
CA SER G 145 -23.14 0.49 2.87
C SER G 145 -22.96 0.45 4.37
N THR G 146 -24.05 0.04 5.03
CA THR G 146 -24.12 -0.09 6.48
C THR G 146 -25.01 -1.28 6.76
N PHE G 147 -24.64 -2.09 7.75
CA PHE G 147 -25.44 -3.27 8.04
C PHE G 147 -26.06 -3.26 9.43
N VAL G 148 -27.39 -3.39 9.47
CA VAL G 148 -28.12 -3.41 10.73
C VAL G 148 -28.50 -4.85 11.13
N TYR G 149 -28.48 -5.12 12.44
CA TYR G 149 -28.81 -6.46 12.96
C TYR G 149 -30.02 -6.32 13.84
N ALA G 150 -31.16 -6.78 13.35
CA ALA G 150 -32.37 -6.66 14.12
C ALA G 150 -32.46 -7.60 15.31
N GLY G 151 -32.91 -7.06 16.43
CA GLY G 151 -33.11 -7.86 17.61
C GLY G 151 -34.48 -8.53 17.53
N ILE G 152 -34.83 -9.33 18.53
CA ILE G 152 -36.14 -9.97 18.53
C ILE G 152 -37.25 -8.91 18.54
N TYR G 153 -38.19 -9.01 17.60
CA TYR G 153 -39.32 -8.07 17.52
C TYR G 153 -40.21 -8.13 18.77
N ASN G 154 -40.60 -6.97 19.31
CA ASN G 154 -41.47 -6.96 20.48
C ASN G 154 -42.81 -7.57 20.10
N ASN G 155 -43.34 -7.18 18.95
CA ASN G 155 -44.64 -7.66 18.55
C ASN G 155 -44.68 -9.06 17.95
N ASN G 156 -43.68 -9.87 18.27
CA ASN G 156 -43.70 -11.26 17.81
C ASN G 156 -44.72 -11.92 18.74
N PHE G 157 -44.76 -11.42 19.98
CA PHE G 157 -45.66 -11.92 21.00
C PHE G 157 -47.13 -11.84 20.61
N THR G 158 -47.85 -12.90 20.96
CA THR G 158 -49.28 -13.03 20.70
C THR G 158 -49.77 -14.17 21.57
N SER G 159 -51.07 -14.18 21.87
CA SER G 159 -51.64 -15.23 22.68
C SER G 159 -52.03 -16.37 21.74
N LEU G 160 -52.05 -16.08 20.44
CA LEU G 160 -52.36 -17.09 19.45
C LEU G 160 -51.27 -18.17 19.43
N PRO G 161 -51.64 -19.41 19.14
CA PRO G 161 -50.71 -20.55 19.11
C PRO G 161 -49.59 -20.52 18.04
N TYR G 162 -48.97 -19.37 17.88
CA TYR G 162 -47.86 -19.23 16.93
C TYR G 162 -46.58 -19.60 17.68
N PRO G 163 -45.65 -20.27 16.98
CA PRO G 163 -44.38 -20.71 17.59
C PRO G 163 -43.42 -19.71 18.21
N LEU G 164 -42.70 -20.21 19.21
CA LEU G 164 -41.67 -19.48 19.93
C LEU G 164 -41.99 -18.27 20.79
N PHE G 165 -42.90 -17.42 20.35
CA PHE G 165 -43.25 -16.23 21.11
C PHE G 165 -44.70 -16.14 21.51
N GLN G 166 -45.18 -17.23 22.11
CA GLN G 166 -46.57 -17.26 22.53
C GLN G 166 -46.68 -16.85 24.00
N MET G 167 -47.30 -15.69 24.18
CA MET G 167 -47.59 -15.18 25.51
C MET G 167 -49.05 -15.59 25.57
N GLU G 168 -49.28 -16.88 25.86
CA GLU G 168 -50.64 -17.40 25.89
C GLU G 168 -51.34 -17.23 27.22
N LEU G 169 -52.65 -17.04 27.14
CA LEU G 169 -53.49 -16.87 28.30
C LEU G 169 -53.94 -18.23 28.81
N MET G 170 -53.67 -18.48 30.08
CA MET G 170 -54.08 -19.75 30.68
C MET G 170 -55.57 -19.67 30.98
N PRO G 171 -56.21 -20.78 31.37
CA PRO G 171 -57.64 -20.65 31.65
C PRO G 171 -57.88 -19.77 32.88
N ASP G 172 -56.93 -19.79 33.81
CA ASP G 172 -57.04 -19.02 35.05
C ASP G 172 -57.05 -17.51 34.83
N GLY G 173 -56.54 -17.07 33.69
CA GLY G 173 -56.50 -15.65 33.41
C GLY G 173 -55.11 -15.04 33.49
N THR G 174 -54.11 -15.85 33.81
CA THR G 174 -52.75 -15.34 33.88
C THR G 174 -52.01 -15.70 32.59
N PHE G 175 -50.76 -15.27 32.47
CA PHE G 175 -49.99 -15.53 31.26
C PHE G 175 -48.74 -16.38 31.40
N GLU G 176 -48.51 -17.20 30.38
CA GLU G 176 -47.34 -18.08 30.35
C GLU G 176 -46.63 -18.06 29.02
N TRP G 177 -45.31 -17.84 29.08
CA TRP G 177 -44.48 -17.83 27.89
C TRP G 177 -43.53 -19.03 27.97
N HIS G 178 -43.59 -19.87 26.95
CA HIS G 178 -42.76 -21.06 26.86
C HIS G 178 -41.74 -20.93 25.74
N ALA G 179 -40.45 -20.94 26.10
CA ALA G 179 -39.37 -20.84 25.13
C ALA G 179 -38.07 -21.48 25.65
N PRO G 180 -37.15 -21.86 24.75
CA PRO G 180 -35.85 -22.48 25.06
C PRO G 180 -34.79 -21.56 25.67
N PHE G 181 -35.03 -20.25 25.63
CA PHE G 181 -34.09 -19.27 26.16
C PHE G 181 -33.84 -19.35 27.66
N ASP G 182 -32.57 -19.32 28.08
CA ASP G 182 -32.32 -19.36 29.49
C ASP G 182 -33.07 -18.16 30.03
N PRO G 183 -33.80 -18.34 31.12
CA PRO G 183 -34.59 -17.29 31.77
C PRO G 183 -33.83 -16.04 32.17
N ASP G 184 -32.56 -16.20 32.54
CA ASP G 184 -31.78 -15.05 32.98
C ASP G 184 -30.84 -14.38 32.00
N ILE G 185 -30.57 -15.03 30.88
CA ILE G 185 -29.67 -14.41 29.89
C ILE G 185 -30.41 -13.42 29.04
N PRO G 186 -30.03 -12.13 29.13
CA PRO G 186 -30.61 -11.01 28.40
C PRO G 186 -30.55 -11.21 26.89
N LEU G 187 -31.65 -10.86 26.23
CA LEU G 187 -31.80 -10.96 24.80
C LEU G 187 -31.96 -9.57 24.21
N PRO G 188 -31.60 -9.40 22.93
CA PRO G 188 -31.75 -8.09 22.29
C PRO G 188 -33.15 -7.92 21.70
N TRP G 189 -33.87 -6.89 22.11
CA TRP G 189 -35.22 -6.68 21.60
C TRP G 189 -35.32 -5.43 20.75
N LEU G 190 -36.36 -5.39 19.92
CA LEU G 190 -36.60 -4.26 19.01
C LEU G 190 -38.09 -4.09 18.72
N ASP G 191 -38.57 -2.85 18.75
CA ASP G 191 -39.96 -2.61 18.41
C ASP G 191 -39.96 -2.21 16.95
N ALA G 192 -40.20 -3.20 16.08
CA ALA G 192 -40.20 -2.98 14.63
C ALA G 192 -40.96 -1.77 14.13
N GLU G 193 -42.28 -1.78 14.32
CA GLU G 193 -43.16 -0.72 13.88
C GLU G 193 -42.87 0.68 14.42
N HIS G 194 -42.44 0.73 15.68
CA HIS G 194 -42.17 1.99 16.35
C HIS G 194 -40.75 2.56 16.17
N ASP G 195 -39.75 1.69 16.08
CA ASP G 195 -38.38 2.18 15.99
C ASP G 195 -37.51 1.88 14.76
N VAL G 196 -37.89 0.93 13.92
CA VAL G 196 -37.05 0.63 12.76
C VAL G 196 -37.01 1.80 11.78
N GLY G 197 -38.17 2.41 11.54
CA GLY G 197 -38.22 3.52 10.61
C GLY G 197 -37.35 4.68 11.05
N PRO G 198 -37.63 5.28 12.22
CA PRO G 198 -36.85 6.40 12.74
C PRO G 198 -35.33 6.15 12.76
N ALA G 199 -34.92 4.97 13.18
CA ALA G 199 -33.50 4.63 13.22
C ALA G 199 -32.86 4.65 11.84
N LEU G 200 -33.49 3.96 10.89
CA LEU G 200 -32.96 3.89 9.55
C LEU G 200 -32.85 5.30 8.93
N LEU G 201 -33.83 6.16 9.21
CA LEU G 201 -33.81 7.52 8.69
C LEU G 201 -32.57 8.25 9.19
N GLN G 202 -32.30 8.09 10.48
CA GLN G 202 -31.17 8.71 11.13
C GLN G 202 -29.86 8.24 10.51
N ILE G 203 -29.80 6.97 10.13
CA ILE G 203 -28.61 6.41 9.54
C ILE G 203 -28.40 7.11 8.22
N PHE G 204 -29.45 7.16 7.41
CA PHE G 204 -29.38 7.81 6.10
C PHE G 204 -29.03 9.29 6.21
N LYS G 205 -29.58 9.95 7.22
CA LYS G 205 -29.33 11.36 7.41
C LYS G 205 -27.87 11.55 7.76
N ASP G 206 -27.35 10.69 8.63
CA ASP G 206 -25.95 10.80 9.00
C ASP G 206 -25.10 10.58 7.75
N GLY G 207 -25.50 9.64 6.90
CA GLY G 207 -24.78 9.39 5.67
C GLY G 207 -23.72 8.30 5.65
N PRO G 208 -23.28 7.84 4.46
CA PRO G 208 -22.27 6.79 4.39
C PRO G 208 -20.92 7.23 4.97
N GLN G 209 -20.67 8.54 4.95
CA GLN G 209 -19.41 9.06 5.47
C GLN G 209 -19.21 8.75 6.95
N LYS G 210 -20.28 8.32 7.61
CA LYS G 210 -20.18 7.99 9.04
C LYS G 210 -20.49 6.53 9.32
N TRP G 211 -21.35 5.94 8.51
CA TRP G 211 -21.74 4.55 8.71
C TRP G 211 -21.24 3.57 7.67
N ASN G 212 -20.58 4.05 6.63
CA ASN G 212 -20.09 3.12 5.61
C ASN G 212 -19.26 2.02 6.27
N GLY G 213 -19.54 0.78 5.91
CA GLY G 213 -18.80 -0.35 6.44
C GLY G 213 -19.07 -0.71 7.90
N HIS G 214 -20.04 -0.05 8.52
CA HIS G 214 -20.40 -0.33 9.92
C HIS G 214 -21.49 -1.37 10.06
N ARG G 215 -21.50 -2.02 11.22
CA ARG G 215 -22.53 -2.99 11.55
C ARG G 215 -23.19 -2.32 12.74
N ILE G 216 -24.52 -2.26 12.73
CA ILE G 216 -25.24 -1.63 13.82
C ILE G 216 -26.28 -2.58 14.39
N ALA G 217 -26.18 -2.83 15.68
CA ALA G 217 -27.12 -3.70 16.34
C ALA G 217 -28.41 -2.90 16.55
N LEU G 218 -29.42 -3.20 15.74
CA LEU G 218 -30.70 -2.50 15.84
C LEU G 218 -31.52 -3.06 17.01
N THR G 219 -31.08 -2.74 18.22
CA THR G 219 -31.75 -3.19 19.42
C THR G 219 -31.69 -2.04 20.40
N PHE G 220 -32.84 -1.71 20.99
CA PHE G 220 -32.91 -0.59 21.92
C PHE G 220 -32.94 -0.98 23.41
N GLU G 221 -33.07 -2.27 23.69
CA GLU G 221 -33.08 -2.73 25.07
C GLU G 221 -32.86 -4.25 25.11
N THR G 222 -32.12 -4.70 26.11
CA THR G 222 -31.86 -6.13 26.27
C THR G 222 -32.52 -6.61 27.56
N LEU G 223 -33.47 -7.53 27.41
CA LEU G 223 -34.18 -8.09 28.55
C LEU G 223 -34.15 -9.61 28.56
N SER G 224 -34.00 -10.19 29.74
CA SER G 224 -33.98 -11.63 29.88
C SER G 224 -35.44 -12.07 29.80
N PRO G 225 -35.70 -13.34 29.45
CA PRO G 225 -37.10 -13.79 29.37
C PRO G 225 -37.87 -13.50 30.66
N VAL G 226 -37.22 -13.64 31.80
CA VAL G 226 -37.89 -13.36 33.08
C VAL G 226 -38.24 -11.88 33.17
N GLN G 227 -37.38 -11.03 32.63
CA GLN G 227 -37.62 -9.60 32.64
C GLN G 227 -38.71 -9.21 31.61
N VAL G 228 -38.78 -9.96 30.52
CA VAL G 228 -39.77 -9.72 29.48
C VAL G 228 -41.15 -9.94 30.06
N CYS G 229 -41.27 -11.01 30.84
CA CYS G 229 -42.53 -11.35 31.48
C CYS G 229 -42.84 -10.37 32.60
N ALA G 230 -41.79 -9.91 33.29
CA ALA G 230 -41.98 -8.93 34.35
C ALA G 230 -42.66 -7.68 33.76
N ALA G 231 -42.12 -7.16 32.65
CA ALA G 231 -42.69 -5.96 32.01
C ALA G 231 -44.14 -6.18 31.54
N PHE G 232 -44.50 -7.43 31.31
CA PHE G 232 -45.85 -7.73 30.85
C PHE G 232 -46.87 -7.63 31.97
N SER G 233 -46.45 -8.07 33.17
CA SER G 233 -47.31 -8.05 34.34
C SER G 233 -47.79 -6.66 34.69
N ARG G 234 -46.87 -5.69 34.65
CA ARG G 234 -47.21 -4.31 34.97
C ARG G 234 -48.02 -3.72 33.84
N ALA G 235 -47.67 -4.12 32.63
CA ALA G 235 -48.34 -3.65 31.43
C ALA G 235 -49.80 -4.13 31.40
N LEU G 236 -50.00 -5.42 31.56
CA LEU G 236 -51.34 -5.99 31.50
C LEU G 236 -52.01 -6.15 32.88
N ASN G 237 -51.24 -5.97 33.94
CA ASN G 237 -51.80 -6.12 35.29
C ASN G 237 -52.26 -7.55 35.53
N ARG G 238 -51.40 -8.50 35.19
CA ARG G 238 -51.68 -9.93 35.37
C ARG G 238 -50.36 -10.64 35.61
N ARG G 239 -50.40 -11.74 36.35
CA ARG G 239 -49.19 -12.51 36.66
C ARG G 239 -48.69 -13.27 35.43
N VAL G 240 -47.49 -12.93 34.99
CA VAL G 240 -46.87 -13.58 33.83
C VAL G 240 -45.63 -14.37 34.25
N THR G 241 -45.53 -15.62 33.80
CA THR G 241 -44.35 -16.41 34.16
C THR G 241 -43.70 -17.05 32.94
N TYR G 242 -42.38 -17.19 33.02
CA TYR G 242 -41.59 -17.78 31.95
C TYR G 242 -41.27 -19.23 32.22
N VAL G 243 -41.50 -20.09 31.22
CA VAL G 243 -41.20 -21.50 31.36
C VAL G 243 -40.22 -21.94 30.30
N GLN G 244 -39.00 -22.26 30.70
CA GLN G 244 -37.99 -22.71 29.75
C GLN G 244 -38.29 -24.15 29.34
N VAL G 245 -38.41 -24.36 28.03
CA VAL G 245 -38.64 -25.69 27.51
C VAL G 245 -37.54 -26.01 26.51
N PRO G 246 -37.01 -27.24 26.57
CA PRO G 246 -35.93 -27.65 25.67
C PRO G 246 -36.28 -27.61 24.19
N LYS G 247 -37.55 -27.74 23.86
CA LYS G 247 -37.97 -27.71 22.46
C LYS G 247 -39.08 -26.70 22.22
N VAL G 248 -39.07 -26.11 21.03
CA VAL G 248 -40.07 -25.12 20.65
C VAL G 248 -41.37 -25.84 20.39
N GLU G 249 -42.32 -25.65 21.28
CA GLU G 249 -43.60 -26.29 21.14
C GLU G 249 -44.27 -25.77 19.87
N ILE G 250 -44.43 -26.64 18.88
CA ILE G 250 -45.10 -26.28 17.64
C ILE G 250 -46.54 -26.75 17.85
N LYS G 251 -47.47 -25.83 18.06
CA LYS G 251 -48.85 -26.21 18.29
C LYS G 251 -49.73 -26.00 17.04
N VAL G 252 -49.08 -25.72 15.92
CA VAL G 252 -49.78 -25.52 14.66
C VAL G 252 -48.89 -25.96 13.51
N ASN G 253 -49.50 -26.32 12.39
CA ASN G 253 -48.72 -26.76 11.24
C ASN G 253 -47.95 -25.64 10.57
N ILE G 254 -46.70 -25.94 10.23
CA ILE G 254 -45.82 -24.97 9.61
C ILE G 254 -44.88 -25.63 8.63
N PRO G 255 -44.31 -24.85 7.69
CA PRO G 255 -43.39 -25.41 6.70
C PRO G 255 -42.13 -25.93 7.38
N VAL G 256 -41.66 -27.08 6.91
CA VAL G 256 -40.46 -27.69 7.47
C VAL G 256 -39.38 -26.63 7.61
N GLY G 257 -39.38 -25.70 6.67
CA GLY G 257 -38.41 -24.63 6.69
C GLY G 257 -38.44 -23.91 8.03
N TYR G 258 -39.62 -23.49 8.46
CA TYR G 258 -39.76 -22.81 9.73
C TYR G 258 -39.40 -23.75 10.87
N ARG G 259 -39.83 -25.01 10.71
CA ARG G 259 -39.53 -26.02 11.70
C ARG G 259 -38.01 -26.12 11.83
N GLU G 260 -37.30 -26.05 10.69
CA GLU G 260 -35.85 -26.15 10.72
C GLU G 260 -35.21 -24.94 11.39
N GLN G 261 -35.74 -23.75 11.09
CA GLN G 261 -35.24 -22.53 11.71
C GLN G 261 -35.43 -22.71 13.23
N LEU G 262 -36.65 -23.07 13.63
CA LEU G 262 -36.96 -23.26 15.05
C LEU G 262 -36.11 -24.33 15.72
N GLU G 263 -35.81 -25.40 14.99
CA GLU G 263 -34.99 -26.48 15.53
C GLU G 263 -33.58 -25.96 15.81
N ALA G 264 -33.07 -25.14 14.91
CA ALA G 264 -31.74 -24.59 15.10
C ALA G 264 -31.72 -23.73 16.35
N ILE G 265 -32.75 -22.91 16.49
CA ILE G 265 -32.85 -22.03 17.64
C ILE G 265 -32.85 -22.83 18.94
N GLU G 266 -33.54 -23.98 18.96
CA GLU G 266 -33.58 -24.84 20.15
C GLU G 266 -32.16 -25.22 20.53
N VAL G 267 -31.40 -25.63 19.51
CA VAL G 267 -30.04 -26.05 19.73
C VAL G 267 -29.13 -24.89 20.13
N VAL G 268 -29.18 -23.80 19.38
CA VAL G 268 -28.29 -22.67 19.66
C VAL G 268 -28.53 -21.93 20.97
N PHE G 269 -29.79 -21.68 21.32
CA PHE G 269 -30.04 -20.95 22.56
C PHE G 269 -30.49 -21.84 23.69
N GLY G 270 -31.21 -22.91 23.35
CA GLY G 270 -31.69 -23.82 24.37
C GLY G 270 -30.59 -24.73 24.87
N GLU G 271 -29.90 -25.35 23.93
CA GLU G 271 -28.84 -26.27 24.26
C GLU G 271 -27.52 -25.59 24.55
N HIS G 272 -27.09 -24.73 23.63
CA HIS G 272 -25.80 -24.09 23.78
C HIS G 272 -25.74 -22.74 24.51
N LYS G 273 -26.88 -22.06 24.59
CA LYS G 273 -26.91 -20.76 25.26
C LYS G 273 -25.87 -19.79 24.72
N ALA G 274 -25.89 -19.58 23.41
CA ALA G 274 -24.94 -18.68 22.74
C ALA G 274 -25.55 -17.30 22.59
N PRO G 275 -24.71 -16.26 22.56
CA PRO G 275 -25.28 -14.92 22.42
C PRO G 275 -26.16 -14.87 21.16
N TYR G 276 -27.12 -13.95 21.15
CA TYR G 276 -28.01 -13.77 20.02
C TYR G 276 -27.16 -13.17 18.90
N PHE G 277 -26.26 -12.26 19.28
CA PHE G 277 -25.35 -11.61 18.36
C PHE G 277 -23.95 -11.97 18.88
N PRO G 278 -23.38 -13.10 18.40
CA PRO G 278 -22.06 -13.60 18.78
C PRO G 278 -20.86 -12.89 18.12
N LEU G 279 -21.01 -11.62 17.80
CA LEU G 279 -19.92 -10.86 17.18
C LEU G 279 -19.23 -10.01 18.24
N PRO G 280 -17.89 -9.97 18.20
CA PRO G 280 -17.06 -9.20 19.14
C PRO G 280 -17.50 -7.77 19.43
N GLU G 281 -17.99 -7.05 18.42
CA GLU G 281 -18.44 -5.68 18.66
C GLU G 281 -19.82 -5.63 19.32
N PHE G 282 -20.50 -6.77 19.37
CA PHE G 282 -21.83 -6.87 19.97
C PHE G 282 -21.78 -7.75 21.21
N SER G 283 -20.61 -7.84 21.84
CA SER G 283 -20.44 -8.66 23.04
C SER G 283 -19.52 -8.01 24.07
N ARG G 316 -22.57 -1.25 26.07
CA ARG G 316 -23.79 -2.00 25.81
C ARG G 316 -24.21 -1.95 24.34
N VAL G 317 -24.61 -3.10 23.83
CA VAL G 317 -25.01 -3.25 22.44
C VAL G 317 -26.12 -2.28 22.00
N THR G 318 -26.78 -1.64 22.97
CA THR G 318 -27.87 -0.71 22.64
C THR G 318 -27.44 0.77 22.54
N ASP G 319 -26.22 1.09 22.95
CA ASP G 319 -25.75 2.47 22.90
C ASP G 319 -25.87 3.14 21.54
N GLU G 320 -25.35 2.48 20.52
CA GLU G 320 -25.40 3.00 19.16
C GLU G 320 -26.84 3.26 18.70
N ALA G 321 -27.67 2.24 18.80
CA ALA G 321 -29.07 2.37 18.38
C ALA G 321 -29.78 3.49 19.14
N ARG G 322 -29.58 3.52 20.46
CA ARG G 322 -30.20 4.54 21.31
C ARG G 322 -29.71 5.94 20.92
N LYS G 323 -28.43 6.06 20.58
CA LYS G 323 -27.88 7.36 20.17
C LYS G 323 -28.47 7.76 18.81
N LEU G 324 -28.75 6.76 17.98
CA LEU G 324 -29.34 6.98 16.67
C LEU G 324 -30.81 7.38 16.75
N TRP G 325 -31.50 6.89 17.79
CA TRP G 325 -32.92 7.18 17.99
C TRP G 325 -33.27 6.92 19.46
N SER G 326 -33.50 7.99 20.20
CA SER G 326 -33.80 7.88 21.62
C SER G 326 -35.26 7.82 21.98
N GLY G 327 -36.13 7.84 20.97
CA GLY G 327 -37.56 7.77 21.22
C GLY G 327 -38.12 6.36 21.12
N TRP G 328 -37.28 5.36 21.39
CA TRP G 328 -37.68 3.95 21.33
C TRP G 328 -38.78 3.51 22.29
N ARG G 329 -39.42 2.40 21.95
CA ARG G 329 -40.50 1.85 22.76
C ARG G 329 -40.07 0.54 23.43
N ASP G 330 -40.00 0.54 24.76
CA ASP G 330 -39.60 -0.66 25.49
C ASP G 330 -40.72 -1.69 25.57
N MET G 331 -40.42 -2.84 26.15
CA MET G 331 -41.41 -3.92 26.25
C MET G 331 -42.66 -3.55 27.04
N GLU G 332 -42.49 -2.93 28.20
CA GLU G 332 -43.67 -2.57 28.98
C GLU G 332 -44.65 -1.74 28.17
N GLU G 333 -44.15 -0.72 27.48
CA GLU G 333 -45.01 0.16 26.68
C GLU G 333 -45.66 -0.58 25.52
N TYR G 334 -44.94 -1.54 24.94
CA TYR G 334 -45.52 -2.30 23.85
C TYR G 334 -46.63 -3.16 24.42
N ALA G 335 -46.31 -3.89 25.48
CA ALA G 335 -47.26 -4.76 26.13
C ALA G 335 -48.53 -4.01 26.40
N ARG G 336 -48.40 -2.94 27.19
CA ARG G 336 -49.52 -2.09 27.59
C ARG G 336 -50.23 -1.33 26.47
N GLU G 337 -49.47 -0.63 25.63
CA GLU G 337 -50.06 0.17 24.56
C GLU G 337 -50.37 -0.50 23.23
N VAL G 338 -49.72 -1.63 22.93
CA VAL G 338 -49.96 -2.26 21.63
C VAL G 338 -50.46 -3.68 21.63
N PHE G 339 -49.93 -4.50 22.54
CA PHE G 339 -50.33 -5.89 22.61
C PHE G 339 -51.86 -6.09 22.64
N PRO G 340 -52.56 -5.47 23.60
CA PRO G 340 -54.01 -5.63 23.71
C PRO G 340 -54.74 -5.19 22.46
N ILE G 341 -54.10 -4.34 21.67
CA ILE G 341 -54.72 -3.86 20.44
C ILE G 341 -54.53 -4.88 19.34
N GLU G 342 -53.31 -5.37 19.15
CA GLU G 342 -53.07 -6.35 18.10
C GLU G 342 -53.94 -7.56 18.40
N GLU G 343 -53.86 -8.04 19.64
CA GLU G 343 -54.64 -9.19 20.07
C GLU G 343 -56.07 -9.07 19.60
N GLU G 344 -56.76 -8.03 20.08
CA GLU G 344 -58.15 -7.79 19.72
C GLU G 344 -58.39 -7.93 18.22
N ALA G 345 -57.57 -7.27 17.41
CA ALA G 345 -57.72 -7.35 15.97
C ALA G 345 -57.61 -8.81 15.53
N ASN G 346 -56.79 -9.56 16.25
CA ASN G 346 -56.60 -10.98 15.94
C ASN G 346 -57.82 -11.80 16.38
N GLY G 347 -58.72 -11.18 17.12
CA GLY G 347 -59.93 -11.88 17.54
C GLY G 347 -60.12 -12.27 18.99
N LEU G 348 -59.24 -11.82 19.89
CA LEU G 348 -59.39 -12.17 21.29
C LEU G 348 -60.15 -11.12 22.08
N ASP G 349 -60.82 -11.55 23.15
CA ASP G 349 -61.60 -10.64 23.97
C ASP G 349 -61.18 -10.62 25.44
N TRP G 350 -60.11 -11.33 25.77
CA TRP G 350 -59.67 -11.38 27.15
C TRP G 350 -59.38 -9.99 27.70
N MET G 351 -59.20 -9.02 26.81
CA MET G 351 -58.91 -7.67 27.25
C MET G 351 -60.13 -6.73 27.25
N LEU G 352 -61.32 -7.29 26.99
CA LEU G 352 -62.56 -6.53 26.97
C LEU G 352 -63.34 -6.73 28.27
N GLN H 3 -44.31 29.06 -18.92
CA GLN H 3 -44.53 28.07 -20.03
C GLN H 3 -44.70 26.64 -19.51
N GLN H 4 -43.78 26.22 -18.63
CA GLN H 4 -43.84 24.89 -18.03
C GLN H 4 -44.44 24.96 -16.64
N LYS H 5 -45.25 23.96 -16.28
CA LYS H 5 -45.87 23.92 -14.96
C LYS H 5 -44.76 23.71 -13.92
N LYS H 6 -44.71 24.56 -12.90
CA LYS H 6 -43.67 24.46 -11.89
C LYS H 6 -44.16 23.86 -10.58
N THR H 7 -43.25 23.67 -9.64
CA THR H 7 -43.66 23.11 -8.36
C THR H 7 -43.84 24.27 -7.40
N ILE H 8 -45.03 24.30 -6.79
CA ILE H 8 -45.42 25.35 -5.89
C ILE H 8 -45.48 24.90 -4.44
N ALA H 9 -44.93 25.74 -3.56
CA ALA H 9 -44.91 25.44 -2.13
C ALA H 9 -45.93 26.35 -1.46
N VAL H 10 -46.74 25.77 -0.59
CA VAL H 10 -47.78 26.52 0.12
C VAL H 10 -47.89 26.02 1.55
N VAL H 11 -48.42 26.85 2.43
CA VAL H 11 -48.62 26.48 3.84
C VAL H 11 -50.08 26.69 4.16
N ASN H 12 -50.54 26.14 5.29
CA ASN H 12 -51.94 26.27 5.68
C ASN H 12 -52.83 25.86 4.51
N ALA H 13 -52.57 24.67 3.98
CA ALA H 13 -53.30 24.18 2.82
C ALA H 13 -54.81 24.19 2.93
N THR H 14 -55.34 23.95 4.12
CA THR H 14 -56.79 23.93 4.30
C THR H 14 -57.41 25.32 4.35
N GLY H 15 -56.56 26.34 4.51
CA GLY H 15 -57.06 27.71 4.55
C GLY H 15 -57.61 28.09 3.19
N ARG H 16 -58.66 28.92 3.17
CA ARG H 16 -59.31 29.31 1.91
C ARG H 16 -58.45 29.84 0.76
N GLN H 17 -57.43 30.62 1.05
CA GLN H 17 -56.58 31.14 -0.01
C GLN H 17 -55.75 30.02 -0.67
N ALA H 18 -55.17 29.15 0.15
CA ALA H 18 -54.35 28.06 -0.35
C ALA H 18 -55.18 27.01 -1.07
N ALA H 19 -56.19 26.49 -0.40
CA ALA H 19 -57.05 25.47 -0.98
C ALA H 19 -57.47 25.87 -2.39
N SER H 20 -57.80 27.15 -2.57
CA SER H 20 -58.21 27.63 -3.87
C SER H 20 -57.09 27.45 -4.89
N LEU H 21 -55.89 27.87 -4.50
CA LEU H 21 -54.75 27.73 -5.38
C LEU H 21 -54.46 26.27 -5.64
N ILE H 22 -54.38 25.48 -4.59
CA ILE H 22 -54.04 24.07 -4.75
C ILE H 22 -54.96 23.30 -5.69
N ARG H 23 -56.28 23.49 -5.58
CA ARG H 23 -57.19 22.78 -6.48
C ARG H 23 -56.91 23.18 -7.91
N VAL H 24 -56.84 24.48 -8.14
CA VAL H 24 -56.61 24.99 -9.47
C VAL H 24 -55.23 24.63 -10.02
N ALA H 25 -54.17 24.86 -9.24
CA ALA H 25 -52.82 24.56 -9.69
C ALA H 25 -52.60 23.08 -9.95
N ALA H 26 -53.06 22.22 -9.05
CA ALA H 26 -52.90 20.78 -9.24
C ALA H 26 -53.60 20.39 -10.54
N ALA H 27 -54.82 20.89 -10.72
CA ALA H 27 -55.61 20.61 -11.91
C ALA H 27 -54.90 20.93 -13.21
N VAL H 28 -54.32 22.13 -13.33
CA VAL H 28 -53.65 22.48 -14.58
C VAL H 28 -52.34 21.77 -14.80
N GLY H 29 -51.81 21.10 -13.77
CA GLY H 29 -50.57 20.38 -13.96
C GLY H 29 -49.37 20.69 -13.10
N HIS H 30 -49.52 21.65 -12.18
CA HIS H 30 -48.42 22.02 -11.28
C HIS H 30 -48.32 21.00 -10.16
N HIS H 31 -47.12 20.82 -9.61
CA HIS H 31 -46.92 19.91 -8.49
C HIS H 31 -47.00 20.78 -7.24
N VAL H 32 -47.73 20.34 -6.23
CA VAL H 32 -47.88 21.15 -5.03
C VAL H 32 -47.32 20.50 -3.78
N ARG H 33 -46.51 21.26 -3.05
CA ARG H 33 -45.93 20.81 -1.78
C ARG H 33 -46.60 21.71 -0.77
N ALA H 34 -47.42 21.15 0.09
CA ALA H 34 -48.15 21.95 1.06
C ALA H 34 -48.00 21.45 2.49
N GLN H 35 -48.12 22.39 3.43
CA GLN H 35 -48.04 22.10 4.85
C GLN H 35 -49.44 22.19 5.44
N VAL H 36 -49.84 21.19 6.22
CA VAL H 36 -51.15 21.17 6.91
C VAL H 36 -50.87 20.90 8.38
N HIS H 37 -51.75 21.40 9.22
CA HIS H 37 -51.60 21.21 10.67
C HIS H 37 -52.08 19.83 11.06
N SER H 38 -53.07 19.32 10.33
CA SER H 38 -53.63 18.00 10.60
C SER H 38 -54.25 17.36 9.35
N LEU H 39 -54.00 16.07 9.17
CA LEU H 39 -54.53 15.33 8.04
C LEU H 39 -56.01 15.01 8.24
N LYS H 40 -56.53 15.33 9.42
CA LYS H 40 -57.92 15.08 9.75
C LYS H 40 -58.80 16.26 9.34
N GLY H 41 -59.85 15.97 8.57
CA GLY H 41 -60.74 17.02 8.13
C GLY H 41 -61.13 16.84 6.68
N LEU H 42 -62.30 17.34 6.30
CA LEU H 42 -62.76 17.21 4.93
C LEU H 42 -61.73 17.74 3.94
N ILE H 43 -61.49 19.04 3.98
CA ILE H 43 -60.54 19.69 3.08
C ILE H 43 -59.20 18.96 3.03
N ALA H 44 -58.67 18.63 4.21
CA ALA H 44 -57.40 17.92 4.29
C ALA H 44 -57.47 16.66 3.44
N GLU H 45 -58.40 15.78 3.79
CA GLU H 45 -58.56 14.53 3.05
C GLU H 45 -58.70 14.79 1.56
N GLU H 46 -59.47 15.82 1.22
CA GLU H 46 -59.68 16.19 -0.18
C GLU H 46 -58.34 16.54 -0.85
N LEU H 47 -57.68 17.58 -0.34
CA LEU H 47 -56.41 18.00 -0.91
C LEU H 47 -55.40 16.85 -0.96
N GLN H 48 -55.44 15.96 0.02
CA GLN H 48 -54.51 14.83 0.00
C GLN H 48 -54.85 13.94 -1.19
N ALA H 49 -56.14 13.65 -1.37
CA ALA H 49 -56.59 12.83 -2.47
C ALA H 49 -56.10 13.31 -3.83
N ILE H 50 -56.13 14.63 -4.07
CA ILE H 50 -55.69 15.18 -5.35
C ILE H 50 -54.29 14.68 -5.72
N PRO H 51 -54.15 14.11 -6.94
CA PRO H 51 -52.94 13.55 -7.54
C PRO H 51 -51.57 14.14 -7.29
N ASN H 52 -51.21 15.22 -7.97
CA ASN H 52 -49.88 15.78 -7.78
C ASN H 52 -49.70 16.71 -6.59
N VAL H 53 -50.35 16.38 -5.48
CA VAL H 53 -50.25 17.17 -4.27
C VAL H 53 -49.57 16.38 -3.15
N THR H 54 -48.50 16.94 -2.60
CA THR H 54 -47.81 16.29 -1.50
C THR H 54 -48.00 17.10 -0.23
N LEU H 55 -48.42 16.43 0.84
CA LEU H 55 -48.66 17.09 2.11
C LEU H 55 -47.59 16.79 3.14
N PHE H 56 -47.40 17.72 4.05
CA PHE H 56 -46.44 17.59 5.13
C PHE H 56 -47.16 18.01 6.39
N GLN H 57 -47.51 17.04 7.23
CA GLN H 57 -48.23 17.32 8.45
C GLN H 57 -47.29 17.72 9.57
N GLY H 58 -47.49 18.93 10.09
CA GLY H 58 -46.66 19.41 11.17
C GLY H 58 -46.93 20.88 11.41
N PRO H 59 -46.45 21.44 12.53
CA PRO H 59 -46.66 22.85 12.85
C PRO H 59 -45.69 23.70 12.03
N LEU H 60 -45.88 25.01 12.06
CA LEU H 60 -45.01 25.95 11.34
C LEU H 60 -44.08 26.64 12.35
N LEU H 61 -44.62 26.88 13.55
CA LEU H 61 -43.86 27.53 14.62
C LEU H 61 -42.64 26.71 15.02
N ASN H 62 -41.50 27.36 15.15
CA ASN H 62 -40.25 26.70 15.53
C ASN H 62 -40.11 25.33 14.88
N ASN H 63 -40.22 25.29 13.55
CA ASN H 63 -40.11 24.03 12.82
C ASN H 63 -39.39 24.16 11.48
N VAL H 64 -38.21 24.76 11.50
CA VAL H 64 -37.44 24.93 10.29
C VAL H 64 -37.29 23.65 9.48
N PRO H 65 -37.38 22.48 10.13
CA PRO H 65 -37.24 21.29 9.30
C PRO H 65 -38.33 21.13 8.24
N LEU H 66 -39.58 21.32 8.61
CA LEU H 66 -40.68 21.18 7.66
C LEU H 66 -40.51 22.18 6.53
N MET H 67 -40.09 23.39 6.89
CA MET H 67 -39.91 24.42 5.89
C MET H 67 -38.86 24.06 4.83
N ASP H 68 -37.73 23.52 5.28
CA ASP H 68 -36.69 23.13 4.34
C ASP H 68 -37.23 22.09 3.38
N THR H 69 -37.92 21.08 3.91
CA THR H 69 -38.49 20.04 3.06
C THR H 69 -39.47 20.66 2.09
N LEU H 70 -40.33 21.51 2.63
CA LEU H 70 -41.36 22.17 1.84
C LEU H 70 -40.83 22.77 0.54
N PHE H 71 -39.78 23.59 0.64
CA PHE H 71 -39.21 24.27 -0.53
C PHE H 71 -38.26 23.45 -1.42
N GLU H 72 -38.05 22.18 -1.10
CA GLU H 72 -37.15 21.37 -1.90
C GLU H 72 -37.72 21.18 -3.32
N GLY H 73 -36.99 21.69 -4.30
CA GLY H 73 -37.42 21.57 -5.68
C GLY H 73 -38.58 22.46 -6.03
N ALA H 74 -38.82 23.47 -5.20
CA ALA H 74 -39.91 24.40 -5.41
C ALA H 74 -39.43 25.60 -6.21
N HIS H 75 -40.21 25.98 -7.22
CA HIS H 75 -39.87 27.12 -8.07
C HIS H 75 -40.77 28.30 -7.76
N LEU H 76 -41.92 28.00 -7.15
CA LEU H 76 -42.90 29.02 -6.79
C LEU H 76 -43.40 28.80 -5.39
N ALA H 77 -43.99 29.84 -4.80
CA ALA H 77 -44.51 29.74 -3.45
C ALA H 77 -45.61 30.76 -3.18
N PHE H 78 -46.66 30.32 -2.52
CA PHE H 78 -47.74 31.22 -2.13
C PHE H 78 -47.82 31.00 -0.63
N ILE H 79 -47.53 32.06 0.13
CA ILE H 79 -47.51 31.97 1.58
C ILE H 79 -48.53 32.84 2.28
N ASN H 80 -49.35 32.21 3.11
CA ASN H 80 -50.33 32.93 3.91
C ASN H 80 -50.30 32.39 5.33
N THR H 81 -49.60 33.10 6.22
CA THR H 81 -49.47 32.73 7.63
C THR H 81 -50.73 33.02 8.45
N THR H 82 -50.67 32.74 9.74
CA THR H 82 -51.81 32.97 10.63
C THR H 82 -51.43 33.31 12.06
N SER H 83 -52.34 34.01 12.74
CA SER H 83 -52.16 34.42 14.12
C SER H 83 -52.36 33.20 15.03
N GLN H 84 -53.13 32.24 14.55
CA GLN H 84 -53.40 31.02 15.30
C GLN H 84 -52.12 30.27 15.55
N ALA H 85 -51.42 29.93 14.46
CA ALA H 85 -50.16 29.20 14.53
C ALA H 85 -49.29 29.70 15.68
N GLY H 86 -49.27 31.01 15.89
CA GLY H 86 -48.48 31.58 16.96
C GLY H 86 -47.77 32.81 16.42
N ASP H 87 -46.58 33.10 16.94
CA ASP H 87 -45.83 34.27 16.48
C ASP H 87 -45.78 34.30 14.94
N GLU H 88 -46.72 35.04 14.35
CA GLU H 88 -46.83 35.16 12.91
C GLU H 88 -45.63 35.86 12.26
N ILE H 89 -44.99 36.76 12.99
CA ILE H 89 -43.82 37.42 12.41
C ILE H 89 -42.62 36.45 12.41
N ALA H 90 -42.52 35.63 13.46
CA ALA H 90 -41.44 34.64 13.54
C ALA H 90 -41.63 33.58 12.48
N ILE H 91 -42.87 33.12 12.33
CA ILE H 91 -43.20 32.13 11.32
C ILE H 91 -42.90 32.72 9.95
N GLY H 92 -43.42 33.91 9.69
CA GLY H 92 -43.20 34.54 8.41
C GLY H 92 -41.74 34.62 8.00
N LYS H 93 -40.87 34.94 8.95
CA LYS H 93 -39.45 35.08 8.68
C LYS H 93 -38.72 33.78 8.42
N ASP H 94 -39.07 32.74 9.17
CA ASP H 94 -38.46 31.42 8.99
C ASP H 94 -38.75 30.91 7.58
N LEU H 95 -40.00 31.06 7.14
CA LEU H 95 -40.37 30.61 5.81
C LEU H 95 -39.53 31.33 4.77
N ALA H 96 -39.43 32.66 4.91
CA ALA H 96 -38.67 33.45 3.98
C ALA H 96 -37.21 33.00 3.93
N ASP H 97 -36.63 32.66 5.09
CA ASP H 97 -35.24 32.20 5.15
C ASP H 97 -35.10 30.88 4.41
N ALA H 98 -36.03 29.97 4.65
CA ALA H 98 -36.04 28.65 4.03
C ALA H 98 -36.10 28.81 2.53
N ALA H 99 -37.07 29.60 2.08
CA ALA H 99 -37.26 29.85 0.66
C ALA H 99 -35.95 30.29 0.01
N LYS H 100 -35.27 31.23 0.64
CA LYS H 100 -34.01 31.73 0.09
C LYS H 100 -32.92 30.68 0.11
N ARG H 101 -32.86 29.93 1.20
CA ARG H 101 -31.86 28.90 1.37
C ARG H 101 -32.04 27.78 0.34
N ALA H 102 -33.28 27.57 -0.12
CA ALA H 102 -33.53 26.53 -1.11
C ALA H 102 -32.94 26.98 -2.45
N GLY H 103 -32.86 28.31 -2.63
CA GLY H 103 -32.30 28.89 -3.83
C GLY H 103 -32.98 28.64 -5.17
N THR H 104 -34.12 27.95 -5.17
CA THR H 104 -34.81 27.66 -6.42
C THR H 104 -36.11 28.44 -6.63
N ILE H 105 -36.46 29.26 -5.67
CA ILE H 105 -37.67 30.07 -5.73
C ILE H 105 -37.52 31.22 -6.72
N GLN H 106 -38.35 31.21 -7.77
CA GLN H 106 -38.32 32.26 -8.78
C GLN H 106 -39.36 33.34 -8.51
N HIS H 107 -40.44 32.97 -7.84
CA HIS H 107 -41.50 33.92 -7.52
C HIS H 107 -42.13 33.54 -6.19
N TYR H 108 -41.97 34.41 -5.21
CA TYR H 108 -42.47 34.21 -3.85
C TYR H 108 -43.62 35.16 -3.55
N ILE H 109 -44.84 34.64 -3.54
CA ILE H 109 -45.99 35.49 -3.24
C ILE H 109 -46.44 35.33 -1.80
N TYR H 110 -46.46 36.44 -1.07
CA TYR H 110 -46.87 36.44 0.33
C TYR H 110 -48.18 37.23 0.49
N SER H 111 -49.13 36.67 1.23
CA SER H 111 -50.38 37.40 1.43
C SER H 111 -50.18 38.32 2.61
N SER H 112 -50.20 39.62 2.32
CA SER H 112 -49.97 40.65 3.33
C SER H 112 -51.24 41.44 3.69
N MET H 113 -51.12 42.32 4.66
CA MET H 113 -52.20 43.15 5.15
C MET H 113 -51.64 44.42 5.76
N PRO H 114 -52.48 45.44 5.93
CA PRO H 114 -52.07 46.72 6.51
C PRO H 114 -51.82 46.77 8.01
N ASP H 115 -51.01 47.75 8.43
CA ASP H 115 -50.74 47.98 9.84
C ASP H 115 -51.32 49.38 10.03
N HIS H 116 -52.65 49.45 10.05
CA HIS H 116 -53.38 50.70 10.17
C HIS H 116 -52.76 51.78 11.05
N SER H 117 -52.02 51.39 12.08
CA SER H 117 -51.39 52.35 12.99
C SER H 117 -50.29 53.21 12.31
N LEU H 118 -49.99 52.91 11.06
CA LEU H 118 -48.96 53.61 10.31
C LEU H 118 -49.52 54.65 9.37
N TYR H 119 -50.85 54.69 9.24
CA TYR H 119 -51.49 55.63 8.31
C TYR H 119 -52.49 56.60 8.95
N GLY H 120 -52.63 56.55 10.27
CA GLY H 120 -53.54 57.43 10.98
C GLY H 120 -53.52 57.16 12.47
N PRO H 121 -54.24 57.96 13.29
CA PRO H 121 -54.28 57.80 14.74
C PRO H 121 -55.08 56.55 15.09
N TRP H 122 -54.76 55.47 14.40
CA TRP H 122 -55.46 54.22 14.57
C TRP H 122 -54.59 53.13 15.15
N PRO H 123 -55.21 52.06 15.66
CA PRO H 123 -54.44 50.97 16.21
C PRO H 123 -54.13 49.89 15.16
N ALA H 124 -53.05 49.16 15.38
CA ALA H 124 -52.72 48.09 14.47
C ALA H 124 -53.84 47.09 14.65
N VAL H 125 -54.12 46.29 13.63
CA VAL H 125 -55.14 45.25 13.77
C VAL H 125 -54.29 43.97 13.82
N PRO H 126 -54.07 43.42 15.03
CA PRO H 126 -53.29 42.21 15.36
C PRO H 126 -53.16 41.03 14.42
N MET H 127 -54.22 40.67 13.71
CA MET H 127 -54.12 39.54 12.80
C MET H 127 -53.73 40.05 11.42
N TRP H 128 -53.63 41.36 11.31
CA TRP H 128 -53.26 42.00 10.06
C TRP H 128 -51.80 42.56 10.05
N ALA H 129 -51.56 43.65 10.77
CA ALA H 129 -50.26 44.32 10.84
C ALA H 129 -49.00 43.45 10.93
N PRO H 130 -49.04 42.37 11.73
CA PRO H 130 -47.81 41.56 11.79
C PRO H 130 -47.37 41.15 10.38
N LYS H 131 -48.36 40.99 9.50
CA LYS H 131 -48.10 40.61 8.12
C LYS H 131 -47.18 41.60 7.41
N PHE H 132 -47.32 42.88 7.71
CA PHE H 132 -46.51 43.90 7.07
C PHE H 132 -45.03 43.70 7.36
N THR H 133 -44.75 43.38 8.62
CA THR H 133 -43.37 43.18 9.02
C THR H 133 -42.75 42.04 8.22
N VAL H 134 -43.54 41.00 7.95
CA VAL H 134 -43.06 39.85 7.19
C VAL H 134 -42.84 40.24 5.74
N GLU H 135 -43.70 41.12 5.23
CA GLU H 135 -43.56 41.58 3.85
C GLU H 135 -42.22 42.30 3.66
N ASN H 136 -41.92 43.23 4.58
CA ASN H 136 -40.66 43.97 4.52
C ASN H 136 -39.49 43.00 4.58
N TYR H 137 -39.62 42.01 5.46
CA TYR H 137 -38.57 41.03 5.61
C TYR H 137 -38.33 40.24 4.33
N VAL H 138 -39.42 39.91 3.64
CA VAL H 138 -39.34 39.17 2.38
C VAL H 138 -38.52 40.00 1.42
N ARG H 139 -38.88 41.29 1.32
CA ARG H 139 -38.18 42.25 0.45
C ARG H 139 -36.71 42.35 0.83
N GLN H 140 -36.46 42.39 2.13
CA GLN H 140 -35.11 42.49 2.69
C GLN H 140 -34.17 41.35 2.28
N LEU H 141 -34.72 40.16 2.02
CA LEU H 141 -33.90 39.03 1.63
C LEU H 141 -33.56 39.06 0.16
N GLY H 142 -34.32 39.84 -0.61
CA GLY H 142 -34.07 39.93 -2.04
C GLY H 142 -34.85 38.90 -2.83
N LEU H 143 -35.81 38.24 -2.17
CA LEU H 143 -36.63 37.23 -2.82
C LEU H 143 -37.52 37.81 -3.92
N PRO H 144 -37.48 37.24 -5.13
CA PRO H 144 -38.34 37.77 -6.19
C PRO H 144 -39.76 37.58 -5.65
N SER H 145 -40.42 38.68 -5.29
CA SER H 145 -41.75 38.56 -4.71
C SER H 145 -42.83 39.54 -5.12
N THR H 146 -44.05 39.20 -4.75
CA THR H 146 -45.23 40.01 -5.01
C THR H 146 -46.11 39.87 -3.79
N PHE H 147 -46.81 40.93 -3.42
CA PHE H 147 -47.64 40.88 -2.23
C PHE H 147 -49.12 41.12 -2.44
N VAL H 148 -49.92 40.08 -2.22
CA VAL H 148 -51.36 40.18 -2.37
C VAL H 148 -52.04 40.56 -1.04
N TYR H 149 -53.00 41.48 -1.14
CA TYR H 149 -53.77 41.98 0.01
C TYR H 149 -55.25 41.62 -0.21
N ALA H 150 -55.72 40.54 0.40
CA ALA H 150 -57.09 40.12 0.19
C ALA H 150 -58.13 41.00 0.86
N GLY H 151 -59.28 41.14 0.21
CA GLY H 151 -60.38 41.90 0.76
C GLY H 151 -61.29 40.90 1.44
N ILE H 152 -62.24 41.35 2.26
CA ILE H 152 -63.13 40.44 2.97
C ILE H 152 -63.75 39.31 2.15
N TYR H 153 -63.63 38.09 2.65
CA TYR H 153 -64.18 36.91 1.98
C TYR H 153 -65.70 36.98 1.88
N ASN H 154 -66.22 36.62 0.71
CA ASN H 154 -67.68 36.63 0.52
C ASN H 154 -68.32 35.50 1.32
N ASN H 155 -67.60 34.39 1.49
CA ASN H 155 -68.17 33.27 2.24
C ASN H 155 -67.92 33.32 3.74
N ASN H 156 -67.66 34.52 4.25
CA ASN H 156 -67.48 34.69 5.69
C ASN H 156 -68.90 34.65 6.24
N PHE H 157 -69.83 35.10 5.39
CA PHE H 157 -71.23 35.15 5.75
C PHE H 157 -71.83 33.79 6.04
N THR H 158 -72.66 33.76 7.07
CA THR H 158 -73.35 32.54 7.49
C THR H 158 -74.47 33.00 8.42
N SER H 159 -75.51 32.18 8.56
CA SER H 159 -76.62 32.53 9.45
C SER H 159 -76.22 32.11 10.85
N LEU H 160 -75.26 31.20 10.94
CA LEU H 160 -74.79 30.73 12.23
C LEU H 160 -74.23 31.89 13.04
N PRO H 161 -74.35 31.81 14.37
CA PRO H 161 -73.90 32.83 15.34
C PRO H 161 -72.38 33.07 15.38
N TYR H 162 -71.76 33.19 14.22
CA TYR H 162 -70.32 33.44 14.17
C TYR H 162 -70.09 34.94 14.03
N PRO H 163 -69.12 35.49 14.78
CA PRO H 163 -68.75 36.91 14.82
C PRO H 163 -68.56 37.71 13.54
N LEU H 164 -69.00 38.97 13.61
CA LEU H 164 -68.88 39.96 12.55
C LEU H 164 -69.58 39.81 11.21
N PHE H 165 -69.72 38.58 10.73
CA PHE H 165 -70.36 38.36 9.43
C PHE H 165 -71.59 37.46 9.43
N GLN H 166 -72.43 37.57 10.47
CA GLN H 166 -73.63 36.76 10.53
C GLN H 166 -74.77 37.39 9.74
N MET H 167 -75.38 36.58 8.90
CA MET H 167 -76.52 36.99 8.11
C MET H 167 -77.65 36.31 8.88
N GLU H 168 -78.04 36.92 10.00
CA GLU H 168 -79.06 36.35 10.86
C GLU H 168 -80.42 36.26 10.23
N LEU H 169 -81.01 35.09 10.39
CA LEU H 169 -82.33 34.81 9.88
C LEU H 169 -83.33 35.17 10.97
N MET H 170 -83.94 36.35 10.85
CA MET H 170 -84.92 36.81 11.82
C MET H 170 -86.05 35.80 11.93
N PRO H 171 -86.71 35.74 13.10
CA PRO H 171 -87.81 34.77 13.25
C PRO H 171 -88.89 34.95 12.18
N ASP H 172 -88.87 36.07 11.49
CA ASP H 172 -89.86 36.34 10.46
C ASP H 172 -89.35 36.13 9.02
N GLY H 173 -88.52 35.10 8.84
CA GLY H 173 -88.01 34.77 7.52
C GLY H 173 -87.21 35.84 6.79
N THR H 174 -86.76 36.88 7.50
CA THR H 174 -85.95 37.94 6.88
C THR H 174 -84.51 37.78 7.32
N PHE H 175 -83.64 38.65 6.82
CA PHE H 175 -82.22 38.60 7.14
C PHE H 175 -81.68 39.93 7.62
N GLU H 176 -80.81 39.88 8.63
CA GLU H 176 -80.18 41.08 9.17
C GLU H 176 -78.71 40.86 9.43
N TRP H 177 -77.90 41.89 9.18
CA TRP H 177 -76.46 41.83 9.40
C TRP H 177 -75.95 43.08 10.11
N HIS H 178 -75.51 42.89 11.36
CA HIS H 178 -75.00 43.98 12.20
C HIS H 178 -73.46 43.96 12.31
N ALA H 179 -72.82 45.11 12.15
CA ALA H 179 -71.37 45.19 12.25
C ALA H 179 -70.95 46.63 12.48
N PRO H 180 -69.72 46.84 12.98
CA PRO H 180 -69.23 48.21 13.24
C PRO H 180 -69.08 49.04 11.98
N PHE H 181 -69.04 48.34 10.84
CA PHE H 181 -68.88 48.95 9.52
C PHE H 181 -69.91 50.00 9.13
N ASP H 182 -69.43 51.16 8.70
CA ASP H 182 -70.34 52.20 8.27
C ASP H 182 -71.13 51.57 7.13
N PRO H 183 -72.45 51.80 7.10
CA PRO H 183 -73.30 51.23 6.04
C PRO H 183 -73.14 51.82 4.64
N ASP H 184 -72.53 52.99 4.52
CA ASP H 184 -72.36 53.62 3.20
C ASP H 184 -70.98 53.53 2.57
N ILE H 185 -69.96 53.32 3.38
CA ILE H 185 -68.59 53.22 2.87
C ILE H 185 -68.30 51.85 2.24
N PRO H 186 -67.96 51.86 0.96
CA PRO H 186 -67.65 50.61 0.26
C PRO H 186 -66.43 49.87 0.78
N LEU H 187 -66.58 48.57 0.97
CA LEU H 187 -65.50 47.72 1.46
C LEU H 187 -65.03 46.80 0.34
N PRO H 188 -63.77 46.35 0.42
CA PRO H 188 -63.21 45.45 -0.60
C PRO H 188 -63.57 43.99 -0.33
N TRP H 189 -64.25 43.36 -1.29
CA TRP H 189 -64.64 41.96 -1.10
C TRP H 189 -63.87 41.00 -2.01
N LEU H 190 -63.89 39.72 -1.66
CA LEU H 190 -63.17 38.70 -2.40
C LEU H 190 -63.83 37.32 -2.24
N ASP H 191 -64.02 36.63 -3.36
CA ASP H 191 -64.58 35.28 -3.31
C ASP H 191 -63.41 34.30 -3.26
N ALA H 192 -62.99 33.96 -2.04
CA ALA H 192 -61.88 33.07 -1.81
C ALA H 192 -61.81 31.84 -2.71
N GLU H 193 -62.75 30.93 -2.53
CA GLU H 193 -62.77 29.70 -3.30
C GLU H 193 -62.75 29.90 -4.81
N HIS H 194 -63.63 30.77 -5.29
CA HIS H 194 -63.79 31.02 -6.72
C HIS H 194 -62.72 31.84 -7.43
N ASP H 195 -62.13 32.80 -6.74
CA ASP H 195 -61.17 33.65 -7.41
C ASP H 195 -59.73 33.76 -6.93
N VAL H 196 -59.42 33.25 -5.75
CA VAL H 196 -58.04 33.38 -5.28
C VAL H 196 -57.10 32.49 -6.08
N GLY H 197 -57.55 31.28 -6.41
CA GLY H 197 -56.74 30.36 -7.18
C GLY H 197 -56.38 30.92 -8.55
N PRO H 198 -57.38 31.17 -9.40
CA PRO H 198 -57.11 31.71 -10.74
C PRO H 198 -56.21 32.96 -10.73
N ALA H 199 -56.50 33.91 -9.85
CA ALA H 199 -55.70 35.14 -9.78
C ALA H 199 -54.23 34.86 -9.52
N LEU H 200 -53.95 34.03 -8.51
CA LEU H 200 -52.59 33.67 -8.16
C LEU H 200 -51.89 33.03 -9.36
N LEU H 201 -52.59 32.11 -10.04
CA LEU H 201 -52.03 31.45 -11.20
C LEU H 201 -51.57 32.47 -12.22
N GLN H 202 -52.42 33.46 -12.49
CA GLN H 202 -52.11 34.48 -13.46
C GLN H 202 -50.87 35.26 -13.06
N ILE H 203 -50.75 35.54 -11.76
CA ILE H 203 -49.61 36.28 -11.25
C ILE H 203 -48.33 35.48 -11.49
N PHE H 204 -48.40 34.18 -11.25
CA PHE H 204 -47.25 33.32 -11.46
C PHE H 204 -46.93 33.20 -12.95
N LYS H 205 -47.98 33.14 -13.77
CA LYS H 205 -47.79 33.01 -15.19
C LYS H 205 -47.17 34.28 -15.78
N ASP H 206 -47.51 35.43 -15.24
CA ASP H 206 -46.95 36.68 -15.73
C ASP H 206 -45.49 36.84 -15.30
N GLY H 207 -45.11 36.14 -14.24
CA GLY H 207 -43.74 36.20 -13.78
C GLY H 207 -43.34 37.40 -12.94
N PRO H 208 -42.18 37.30 -12.25
CA PRO H 208 -41.64 38.35 -11.38
C PRO H 208 -41.14 39.55 -12.18
N GLN H 209 -40.98 39.35 -13.49
CA GLN H 209 -40.52 40.42 -14.36
C GLN H 209 -41.62 41.46 -14.55
N LYS H 210 -42.79 41.17 -14.01
CA LYS H 210 -43.92 42.08 -14.11
C LYS H 210 -44.47 42.43 -12.74
N TRP H 211 -44.41 41.48 -11.81
CA TRP H 211 -44.95 41.70 -10.48
C TRP H 211 -43.98 41.76 -9.32
N ASN H 212 -42.68 41.56 -9.57
CA ASN H 212 -41.74 41.62 -8.47
C ASN H 212 -41.79 42.98 -7.78
N GLY H 213 -41.90 42.95 -6.46
CA GLY H 213 -41.95 44.18 -5.68
C GLY H 213 -43.30 44.90 -5.69
N HIS H 214 -44.31 44.30 -6.31
CA HIS H 214 -45.64 44.89 -6.38
C HIS H 214 -46.57 44.44 -5.26
N ARG H 215 -47.55 45.28 -4.97
CA ARG H 215 -48.58 44.95 -3.99
C ARG H 215 -49.83 44.92 -4.84
N ILE H 216 -50.61 43.85 -4.70
CA ILE H 216 -51.82 43.72 -5.48
C ILE H 216 -53.00 43.55 -4.55
N ALA H 217 -54.00 44.41 -4.70
CA ALA H 217 -55.20 44.33 -3.90
C ALA H 217 -56.00 43.18 -4.50
N LEU H 218 -56.11 42.08 -3.76
CA LEU H 218 -56.88 40.92 -4.22
C LEU H 218 -58.35 41.12 -3.88
N THR H 219 -58.97 42.03 -4.61
CA THR H 219 -60.39 42.32 -4.41
C THR H 219 -60.98 42.58 -5.78
N PHE H 220 -62.10 41.93 -6.08
CA PHE H 220 -62.73 42.07 -7.37
C PHE H 220 -63.96 42.98 -7.41
N GLU H 221 -64.39 43.47 -6.26
CA GLU H 221 -65.54 44.34 -6.21
C GLU H 221 -65.61 45.02 -4.83
N THR H 222 -66.04 46.28 -4.83
CA THR H 222 -66.15 47.07 -3.61
C THR H 222 -67.61 47.42 -3.31
N LEU H 223 -68.16 46.84 -2.26
CA LEU H 223 -69.55 47.09 -1.91
C LEU H 223 -69.68 47.63 -0.49
N SER H 224 -70.64 48.51 -0.28
CA SER H 224 -70.88 49.05 1.04
C SER H 224 -71.78 48.01 1.71
N PRO H 225 -71.84 48.03 3.05
CA PRO H 225 -72.68 47.07 3.76
C PRO H 225 -74.09 47.07 3.16
N VAL H 226 -74.67 48.26 2.98
CA VAL H 226 -76.01 48.38 2.41
C VAL H 226 -76.12 47.69 1.05
N GLN H 227 -75.06 47.80 0.26
CA GLN H 227 -75.03 47.16 -1.05
C GLN H 227 -74.86 45.64 -0.94
N VAL H 228 -74.13 45.19 0.08
CA VAL H 228 -73.96 43.77 0.23
C VAL H 228 -75.31 43.15 0.53
N CYS H 229 -76.05 43.82 1.40
CA CYS H 229 -77.37 43.35 1.78
C CYS H 229 -78.31 43.39 0.58
N ALA H 230 -78.19 44.46 -0.21
CA ALA H 230 -79.01 44.60 -1.41
C ALA H 230 -78.77 43.42 -2.34
N ALA H 231 -77.50 43.11 -2.59
CA ALA H 231 -77.16 42.00 -3.47
C ALA H 231 -77.74 40.73 -2.89
N PHE H 232 -77.50 40.51 -1.61
CA PHE H 232 -77.99 39.32 -0.90
C PHE H 232 -79.51 39.20 -1.06
N SER H 233 -80.19 40.34 -1.04
CA SER H 233 -81.62 40.39 -1.18
C SER H 233 -82.04 39.81 -2.54
N ARG H 234 -81.76 40.57 -3.60
CA ARG H 234 -82.09 40.16 -4.97
C ARG H 234 -81.71 38.72 -5.28
N ALA H 235 -80.82 38.14 -4.47
CA ALA H 235 -80.37 36.77 -4.70
C ALA H 235 -81.18 35.73 -3.96
N LEU H 236 -81.75 36.11 -2.82
CA LEU H 236 -82.50 35.16 -2.01
C LEU H 236 -84.01 35.34 -2.01
N ASN H 237 -84.51 36.27 -2.82
CA ASN H 237 -85.94 36.51 -2.88
C ASN H 237 -86.45 36.71 -1.46
N ARG H 238 -85.61 37.34 -0.63
CA ARG H 238 -85.95 37.62 0.77
C ARG H 238 -85.48 39.02 1.12
N ARG H 239 -85.99 39.56 2.23
CA ARG H 239 -85.59 40.90 2.66
C ARG H 239 -84.32 40.88 3.49
N VAL H 240 -83.40 41.80 3.20
CA VAL H 240 -82.14 41.91 3.92
C VAL H 240 -81.84 43.35 4.32
N THR H 241 -81.55 43.58 5.60
CA THR H 241 -81.25 44.90 6.09
C THR H 241 -79.93 44.92 6.90
N TYR H 242 -79.22 46.03 6.82
CA TYR H 242 -77.96 46.18 7.55
C TYR H 242 -78.16 47.07 8.77
N VAL H 243 -77.61 46.64 9.90
CA VAL H 243 -77.72 47.41 11.12
C VAL H 243 -76.32 47.66 11.68
N GLN H 244 -75.93 48.92 11.69
CA GLN H 244 -74.62 49.34 12.20
C GLN H 244 -74.62 49.28 13.72
N VAL H 245 -73.72 48.50 14.30
CA VAL H 245 -73.61 48.39 15.75
C VAL H 245 -72.20 48.74 16.22
N PRO H 246 -72.06 49.68 17.15
CA PRO H 246 -70.75 50.10 17.67
C PRO H 246 -69.81 48.98 18.12
N LYS H 247 -70.37 47.85 18.54
CA LYS H 247 -69.57 46.72 19.01
C LYS H 247 -69.90 45.43 18.27
N VAL H 248 -68.90 44.58 18.08
CA VAL H 248 -69.10 43.31 17.39
C VAL H 248 -69.73 42.26 18.31
N GLU H 249 -70.96 41.90 18.03
CA GLU H 249 -71.66 40.88 18.81
C GLU H 249 -70.88 39.56 18.80
N ILE H 250 -70.58 39.01 19.97
CA ILE H 250 -69.86 37.74 20.07
C ILE H 250 -70.77 36.66 20.67
N LYS H 251 -71.71 36.19 19.86
CA LYS H 251 -72.71 35.19 20.27
C LYS H 251 -72.19 33.78 20.51
N VAL H 252 -70.89 33.59 20.44
CA VAL H 252 -70.34 32.26 20.63
C VAL H 252 -68.99 32.38 21.33
N ASN H 253 -68.46 31.26 21.82
CA ASN H 253 -67.17 31.25 22.51
C ASN H 253 -66.05 31.21 21.49
N ILE H 254 -65.04 32.06 21.70
CA ILE H 254 -63.91 32.15 20.78
C ILE H 254 -62.57 32.31 21.50
N PRO H 255 -61.46 32.17 20.75
CA PRO H 255 -60.09 32.31 21.28
C PRO H 255 -59.85 33.76 21.62
N VAL H 256 -59.08 34.02 22.68
CA VAL H 256 -58.83 35.39 23.10
C VAL H 256 -58.17 36.18 21.98
N GLY H 257 -57.36 35.50 21.18
CA GLY H 257 -56.70 36.18 20.07
C GLY H 257 -57.67 36.75 19.05
N TYR H 258 -58.79 36.04 18.86
CA TYR H 258 -59.81 36.44 17.91
C TYR H 258 -60.70 37.60 18.42
N ARG H 259 -60.93 37.68 19.72
CA ARG H 259 -61.72 38.78 20.27
C ARG H 259 -60.97 40.08 20.02
N GLU H 260 -59.73 40.11 20.52
CA GLU H 260 -58.84 41.27 20.39
C GLU H 260 -58.85 41.80 18.96
N GLN H 261 -58.82 40.87 18.01
CA GLN H 261 -58.87 41.25 16.60
C GLN H 261 -60.18 42.01 16.38
N LEU H 262 -61.28 41.41 16.81
CA LEU H 262 -62.58 42.02 16.63
C LEU H 262 -62.67 43.40 17.30
N GLU H 263 -62.10 43.52 18.50
CA GLU H 263 -62.13 44.77 19.23
C GLU H 263 -61.39 45.86 18.44
N ALA H 264 -60.30 45.47 17.79
CA ALA H 264 -59.55 46.44 16.99
C ALA H 264 -60.39 46.88 15.80
N ILE H 265 -61.11 45.93 15.21
CA ILE H 265 -61.93 46.24 14.08
C ILE H 265 -62.98 47.26 14.48
N GLU H 266 -63.66 47.04 15.62
CA GLU H 266 -64.70 47.98 16.04
C GLU H 266 -64.17 49.40 16.20
N VAL H 267 -62.93 49.51 16.66
CA VAL H 267 -62.32 50.81 16.83
C VAL H 267 -61.93 51.41 15.48
N VAL H 268 -61.26 50.60 14.65
CA VAL H 268 -60.78 51.01 13.32
C VAL H 268 -61.86 51.39 12.31
N PHE H 269 -62.87 50.54 12.16
CA PHE H 269 -63.91 50.82 11.20
C PHE H 269 -65.18 51.39 11.80
N GLY H 270 -65.46 50.98 13.04
CA GLY H 270 -66.67 51.47 13.69
C GLY H 270 -66.51 52.86 14.22
N GLU H 271 -65.50 53.05 15.07
CA GLU H 271 -65.24 54.34 15.70
C GLU H 271 -64.50 55.32 14.79
N HIS H 272 -63.43 54.87 14.15
CA HIS H 272 -62.62 55.73 13.30
C HIS H 272 -63.00 55.74 11.84
N LYS H 273 -63.81 54.77 11.43
CA LYS H 273 -64.19 54.65 10.02
C LYS H 273 -62.92 54.84 9.20
N ALA H 274 -61.99 53.91 9.34
CA ALA H 274 -60.72 53.95 8.62
C ALA H 274 -60.83 53.08 7.38
N PRO H 275 -60.07 53.41 6.31
CA PRO H 275 -60.13 52.61 5.09
C PRO H 275 -59.65 51.18 5.33
N TYR H 276 -60.23 50.23 4.61
CA TYR H 276 -59.80 48.86 4.77
C TYR H 276 -58.33 48.78 4.38
N PHE H 277 -58.02 49.43 3.26
CA PHE H 277 -56.65 49.51 2.74
C PHE H 277 -56.19 50.96 2.80
N PRO H 278 -55.52 51.34 3.90
CA PRO H 278 -55.00 52.70 4.10
C PRO H 278 -53.85 53.08 3.18
N LEU H 279 -53.29 52.10 2.47
CA LEU H 279 -52.16 52.37 1.59
C LEU H 279 -52.46 53.27 0.39
N PRO H 280 -51.57 54.25 0.16
CA PRO H 280 -51.70 55.21 -0.93
C PRO H 280 -52.11 54.61 -2.28
N GLU H 281 -51.41 53.57 -2.72
CA GLU H 281 -51.71 52.95 -4.01
C GLU H 281 -53.02 52.19 -4.05
N PHE H 282 -53.62 52.01 -2.89
CA PHE H 282 -54.88 51.30 -2.78
C PHE H 282 -55.97 52.28 -2.36
N SER H 283 -55.57 53.53 -2.14
CA SER H 283 -56.49 54.59 -1.73
C SER H 283 -56.31 55.83 -2.61
N ARG H 316 -59.98 52.57 -9.81
CA ARG H 316 -60.40 51.85 -8.61
C ARG H 316 -59.34 50.83 -8.21
N VAL H 317 -59.45 50.29 -7.01
CA VAL H 317 -58.50 49.32 -6.48
C VAL H 317 -58.74 47.90 -6.99
N THR H 318 -59.81 47.71 -7.75
CA THR H 318 -60.17 46.40 -8.29
C THR H 318 -59.61 46.20 -9.68
N ASP H 319 -59.08 47.27 -10.26
CA ASP H 319 -58.54 47.20 -11.62
C ASP H 319 -57.45 46.16 -11.89
N GLU H 320 -56.38 46.14 -11.10
CA GLU H 320 -55.31 45.16 -11.33
C GLU H 320 -55.76 43.70 -11.25
N ALA H 321 -56.61 43.39 -10.27
CA ALA H 321 -57.13 42.04 -10.07
C ALA H 321 -58.00 41.59 -11.26
N ARG H 322 -59.04 42.35 -11.56
CA ARG H 322 -59.92 42.04 -12.67
C ARG H 322 -59.12 41.81 -13.95
N LYS H 323 -58.06 42.59 -14.11
CA LYS H 323 -57.19 42.46 -15.27
C LYS H 323 -56.56 41.07 -15.19
N LEU H 324 -56.12 40.70 -13.98
CA LEU H 324 -55.51 39.41 -13.73
C LEU H 324 -56.48 38.25 -13.98
N TRP H 325 -57.70 38.43 -13.51
CA TRP H 325 -58.71 37.40 -13.64
C TRP H 325 -60.08 38.06 -13.81
N SER H 326 -60.73 37.82 -14.95
CA SER H 326 -62.03 38.44 -15.22
C SER H 326 -63.26 37.52 -15.04
N GLY H 327 -63.03 36.28 -14.64
CA GLY H 327 -64.13 35.36 -14.45
C GLY H 327 -64.50 35.31 -12.98
N TRP H 328 -64.32 36.44 -12.30
CA TRP H 328 -64.60 36.53 -10.88
C TRP H 328 -66.08 36.43 -10.50
N ARG H 329 -66.34 36.07 -9.25
CA ARG H 329 -67.70 35.90 -8.74
C ARG H 329 -68.08 37.03 -7.78
N ASP H 330 -69.06 37.84 -8.17
CA ASP H 330 -69.48 38.96 -7.32
C ASP H 330 -70.45 38.50 -6.23
N MET H 331 -70.76 39.41 -5.32
CA MET H 331 -71.64 39.08 -4.21
C MET H 331 -72.99 38.48 -4.60
N GLU H 332 -73.74 39.15 -5.48
CA GLU H 332 -75.06 38.65 -5.89
C GLU H 332 -75.01 37.19 -6.34
N GLU H 333 -73.95 36.81 -7.04
CA GLU H 333 -73.81 35.44 -7.53
C GLU H 333 -73.48 34.50 -6.39
N TYR H 334 -72.64 34.96 -5.48
CA TYR H 334 -72.27 34.12 -4.34
C TYR H 334 -73.48 33.87 -3.45
N ALA H 335 -74.25 34.92 -3.21
CA ALA H 335 -75.44 34.85 -2.36
C ALA H 335 -76.49 33.90 -2.91
N ARG H 336 -76.75 33.97 -4.22
CA ARG H 336 -77.74 33.12 -4.86
C ARG H 336 -77.25 31.71 -5.20
N GLU H 337 -75.99 31.57 -5.61
CA GLU H 337 -75.49 30.26 -6.00
C GLU H 337 -74.66 29.50 -4.98
N VAL H 338 -74.13 30.18 -3.97
CA VAL H 338 -73.30 29.48 -2.99
C VAL H 338 -73.83 29.52 -1.57
N PHE H 339 -74.18 30.71 -1.11
CA PHE H 339 -74.67 30.85 0.24
C PHE H 339 -75.72 29.77 0.56
N PRO H 340 -76.80 29.66 -0.24
CA PRO H 340 -77.82 28.64 0.03
C PRO H 340 -77.23 27.25 0.21
N ILE H 341 -76.18 26.95 -0.54
CA ILE H 341 -75.55 25.63 -0.45
C ILE H 341 -74.79 25.42 0.84
N GLU H 342 -73.77 26.24 1.06
CA GLU H 342 -72.94 26.14 2.26
C GLU H 342 -73.79 25.97 3.50
N GLU H 343 -74.97 26.61 3.49
CA GLU H 343 -75.90 26.55 4.61
C GLU H 343 -76.35 25.11 4.87
N GLU H 344 -76.78 24.41 3.82
CA GLU H 344 -77.23 23.03 3.98
C GLU H 344 -76.21 22.26 4.82
N ALA H 345 -74.96 22.27 4.37
CA ALA H 345 -73.87 21.60 5.06
C ALA H 345 -73.86 21.98 6.54
N ASN H 346 -74.30 23.19 6.86
CA ASN H 346 -74.34 23.64 8.25
C ASN H 346 -75.77 23.47 8.79
N GLY H 347 -76.42 22.42 8.26
CA GLY H 347 -77.76 22.06 8.63
C GLY H 347 -78.84 23.11 8.80
N LEU H 348 -79.05 23.93 7.77
CA LEU H 348 -80.08 24.97 7.83
C LEU H 348 -81.12 24.63 6.78
N ASP H 349 -82.39 24.57 7.19
CA ASP H 349 -83.45 24.23 6.26
C ASP H 349 -84.16 25.45 5.68
N TRP H 350 -83.73 26.62 6.14
CA TRP H 350 -84.35 27.86 5.71
C TRP H 350 -84.59 28.00 4.21
N MET H 351 -83.83 27.29 3.38
CA MET H 351 -84.03 27.37 1.93
C MET H 351 -85.00 26.30 1.48
N LEU H 352 -84.84 25.09 2.00
CA LEU H 352 -85.70 23.97 1.67
C LEU H 352 -87.16 24.36 1.88
N THR I 2 15.61 24.09 17.85
CA THR I 2 15.42 23.01 18.83
C THR I 2 15.47 21.67 18.13
N THR I 3 15.68 20.61 18.92
CA THR I 3 15.79 19.28 18.35
C THR I 3 15.20 18.24 19.29
N CYS I 4 14.88 17.06 18.74
CA CYS I 4 14.29 15.98 19.51
C CYS I 4 15.38 15.09 20.12
N THR I 5 15.29 14.87 21.42
CA THR I 5 16.27 14.06 22.13
C THR I 5 16.23 12.62 21.61
N ASN I 6 15.07 12.18 21.16
CA ASN I 6 14.92 10.83 20.66
C ASN I 6 15.27 10.67 19.20
N CYS I 7 14.45 11.23 18.32
CA CYS I 7 14.68 11.09 16.88
C CYS I 7 15.53 12.17 16.20
N PHE I 8 15.89 13.20 16.95
CA PHE I 8 16.73 14.29 16.45
C PHE I 8 16.10 15.12 15.33
N THR I 9 14.82 14.90 15.04
CA THR I 9 14.18 15.67 14.01
C THR I 9 14.21 17.12 14.49
N GLN I 10 14.08 18.05 13.55
CA GLN I 10 14.04 19.47 13.87
C GLN I 10 12.80 20.04 13.21
N THR I 11 12.02 19.14 12.62
CA THR I 11 10.78 19.49 11.95
C THR I 11 9.64 18.67 12.55
N THR I 12 8.68 19.35 13.18
CA THR I 12 7.54 18.70 13.80
C THR I 12 6.44 19.73 14.06
N PRO I 13 5.17 19.34 13.90
CA PRO I 13 4.02 20.23 14.13
C PRO I 13 3.98 20.81 15.54
N LEU I 14 4.34 19.99 16.52
CA LEU I 14 4.32 20.42 17.91
C LEU I 14 5.45 19.79 18.71
N TRP I 15 6.09 20.60 19.55
CA TRP I 15 7.17 20.09 20.39
C TRP I 15 6.56 19.68 21.72
N ARG I 16 7.17 18.68 22.34
CA ARG I 16 6.71 18.20 23.63
C ARG I 16 7.94 18.06 24.51
N ARG I 17 7.71 17.80 25.80
CA ARG I 17 8.82 17.68 26.71
C ARG I 17 8.72 16.37 27.49
N ASN I 18 9.89 15.83 27.82
CA ASN I 18 10.00 14.60 28.59
C ASN I 18 9.63 14.97 30.02
N PRO I 19 9.11 14.00 30.81
CA PRO I 19 8.74 14.29 32.20
C PRO I 19 9.79 15.07 33.01
N GLU I 20 10.93 15.35 32.38
CA GLU I 20 12.02 16.10 33.00
C GLU I 20 12.03 17.53 32.47
N GLY I 21 11.86 17.66 31.16
CA GLY I 21 11.84 18.97 30.53
C GLY I 21 12.50 19.02 29.17
N GLN I 22 13.16 17.93 28.78
CA GLN I 22 13.85 17.87 27.48
C GLN I 22 12.90 17.73 26.30
N PRO I 23 13.17 18.46 25.21
CA PRO I 23 12.42 18.51 23.95
C PRO I 23 12.28 17.21 23.15
N LEU I 24 11.04 16.86 22.83
CA LEU I 24 10.75 15.67 22.03
C LEU I 24 9.80 16.16 20.93
N CYS I 25 9.78 15.47 19.80
CA CYS I 25 8.88 15.89 18.73
C CYS I 25 7.49 15.35 19.03
N ASN I 26 6.48 15.94 18.42
CA ASN I 26 5.11 15.53 18.61
C ASN I 26 4.95 14.00 18.61
N ALA I 27 5.51 13.33 17.61
CA ALA I 27 5.38 11.88 17.51
C ALA I 27 6.03 11.14 18.68
N CYS I 28 7.32 11.37 18.89
CA CYS I 28 8.04 10.71 19.97
C CYS I 28 7.34 10.96 21.31
N GLY I 29 7.00 12.21 21.57
CA GLY I 29 6.33 12.55 22.81
C GLY I 29 4.97 11.90 22.95
N LEU I 30 4.23 11.89 21.84
CA LEU I 30 2.90 11.29 21.82
C LEU I 30 2.99 9.76 21.98
N PHE I 31 3.94 9.15 21.28
CA PHE I 31 4.12 7.70 21.35
C PHE I 31 4.35 7.24 22.79
N LEU I 32 5.36 7.80 23.43
CA LEU I 32 5.66 7.44 24.81
C LEU I 32 4.39 7.59 25.68
N LYS I 33 3.76 8.76 25.58
CA LYS I 33 2.57 9.03 26.37
C LYS I 33 1.49 7.97 26.25
N LEU I 34 1.36 7.35 25.09
CA LEU I 34 0.34 6.35 24.89
C LEU I 34 0.76 4.95 25.27
N HIS I 35 1.99 4.59 24.91
CA HIS I 35 2.44 3.23 25.17
C HIS I 35 3.42 3.04 26.31
N GLY I 36 3.98 4.13 26.83
CA GLY I 36 4.90 4.04 27.96
C GLY I 36 6.38 3.90 27.70
N VAL I 37 6.79 3.63 26.47
CA VAL I 37 8.21 3.50 26.17
C VAL I 37 8.59 4.48 25.09
N VAL I 38 9.89 4.72 24.93
CA VAL I 38 10.33 5.67 23.91
C VAL I 38 10.17 5.09 22.54
N ARG I 39 9.78 5.93 21.59
CA ARG I 39 9.58 5.47 20.23
C ARG I 39 10.88 4.90 19.66
N PRO I 40 10.86 3.61 19.30
CA PRO I 40 11.98 2.86 18.72
C PRO I 40 12.24 3.29 17.28
N LEU I 41 13.50 3.27 16.87
CA LEU I 41 13.84 3.69 15.52
C LEU I 41 14.67 2.64 14.75
N SER I 42 14.76 2.80 13.44
CA SER I 42 15.51 1.88 12.56
C SER I 42 17.00 1.73 12.88
N LEU I 43 17.69 0.92 12.09
CA LEU I 43 19.12 0.68 12.24
C LEU I 43 19.46 -0.05 13.54
N THR J 2 23.86 23.85 17.42
CA THR J 2 24.74 24.93 16.99
C THR J 2 24.00 26.26 17.01
N THR J 3 24.49 27.17 17.85
CA THR J 3 23.88 28.50 18.01
C THR J 3 24.97 29.51 18.36
N CYS J 4 25.10 30.55 17.54
CA CYS J 4 26.10 31.59 17.79
C CYS J 4 25.83 32.31 19.11
N THR J 5 26.80 32.29 20.00
CA THR J 5 26.65 32.92 21.31
C THR J 5 26.33 34.40 21.22
N ASN J 6 26.89 35.07 20.21
CA ASN J 6 26.67 36.49 20.02
C ASN J 6 25.34 36.90 19.39
N CYS J 7 25.21 36.71 18.08
CA CYS J 7 23.99 37.10 17.36
C CYS J 7 22.84 36.11 17.46
N PHE J 8 23.10 34.95 18.05
CA PHE J 8 22.08 33.92 18.23
C PHE J 8 21.48 33.33 16.95
N THR J 9 22.28 33.19 15.90
CA THR J 9 21.79 32.61 14.65
C THR J 9 22.06 31.11 14.62
N GLN J 10 21.26 30.38 13.84
CA GLN J 10 21.45 28.94 13.72
C GLN J 10 21.65 28.58 12.25
N THR J 11 21.81 29.62 11.43
CA THR J 11 22.03 29.49 9.98
C THR J 11 23.31 30.25 9.65
N THR J 12 24.31 29.53 9.15
CA THR J 12 25.58 30.15 8.80
C THR J 12 26.41 29.19 7.96
N PRO J 13 27.16 29.70 6.96
CA PRO J 13 27.99 28.85 6.09
C PRO J 13 29.16 28.15 6.77
N LEU J 14 29.60 28.65 7.92
CA LEU J 14 30.73 28.06 8.63
C LEU J 14 30.74 28.41 10.12
N TRP J 15 30.81 27.40 10.98
CA TRP J 15 30.83 27.63 12.41
C TRP J 15 32.23 27.92 12.92
N ARG J 16 32.39 29.10 13.52
CA ARG J 16 33.66 29.50 14.10
C ARG J 16 33.54 29.45 15.62
N ARG J 17 34.68 29.47 16.29
CA ARG J 17 34.71 29.43 17.74
C ARG J 17 35.61 30.55 18.25
N ASN J 18 35.21 31.17 19.35
CA ASN J 18 36.01 32.23 19.95
C ASN J 18 37.24 31.57 20.57
N PRO J 19 38.23 32.38 21.01
CA PRO J 19 39.45 31.83 21.61
C PRO J 19 39.22 30.79 22.71
N GLU J 20 37.95 30.55 23.05
CA GLU J 20 37.60 29.58 24.08
C GLU J 20 37.02 28.31 23.48
N GLY J 21 36.30 28.44 22.37
CA GLY J 21 35.72 27.29 21.72
C GLY J 21 34.21 27.33 21.62
N GLN J 22 33.58 28.36 22.20
CA GLN J 22 32.13 28.49 22.14
C GLN J 22 31.70 28.72 20.71
N PRO J 23 30.46 28.31 20.37
CA PRO J 23 29.91 28.47 19.02
C PRO J 23 29.67 29.91 18.56
N LEU J 24 30.19 30.23 17.38
CA LEU J 24 30.04 31.56 16.79
C LEU J 24 29.82 31.36 15.30
N CYS J 25 28.95 32.17 14.69
CA CYS J 25 28.73 32.02 13.26
C CYS J 25 29.97 32.55 12.55
N ASN J 26 30.03 32.35 11.24
CA ASN J 26 31.16 32.81 10.44
C ASN J 26 31.30 34.33 10.47
N ALA J 27 30.18 35.04 10.55
CA ALA J 27 30.20 36.50 10.59
C ALA J 27 30.87 37.00 11.87
N CYS J 28 30.22 36.79 13.01
CA CYS J 28 30.77 37.23 14.28
C CYS J 28 32.21 36.70 14.41
N GLY J 29 32.39 35.41 14.18
CA GLY J 29 33.71 34.82 14.26
C GLY J 29 34.75 35.60 13.49
N LEU J 30 34.42 35.92 12.24
CA LEU J 30 35.29 36.67 11.33
C LEU J 30 35.50 38.12 11.82
N PHE J 31 34.40 38.78 12.13
CA PHE J 31 34.46 40.17 12.60
C PHE J 31 35.46 40.30 13.73
N LEU J 32 35.21 39.61 14.83
CA LEU J 32 36.11 39.70 15.96
C LEU J 32 37.58 39.49 15.57
N LYS J 33 37.83 38.45 14.77
CA LYS J 33 39.18 38.12 14.34
C LYS J 33 39.87 39.25 13.59
N LEU J 34 39.10 39.96 12.76
CA LEU J 34 39.60 41.05 11.94
C LEU J 34 39.74 42.38 12.68
N HIS J 35 38.75 42.71 13.52
CA HIS J 35 38.77 44.00 14.20
C HIS J 35 38.96 44.01 15.71
N GLY J 36 39.06 42.84 16.34
CA GLY J 36 39.26 42.83 17.77
C GLY J 36 38.05 42.78 18.68
N VAL J 37 36.93 43.38 18.27
CA VAL J 37 35.75 43.35 19.12
C VAL J 37 34.62 42.48 18.62
N VAL J 38 33.70 42.13 19.52
CA VAL J 38 32.57 41.31 19.14
C VAL J 38 31.72 42.14 18.20
N ARG J 39 31.14 41.49 17.22
CA ARG J 39 30.33 42.18 16.24
C ARG J 39 29.03 42.73 16.82
N PRO J 40 28.90 44.06 16.87
CA PRO J 40 27.72 44.78 17.39
C PRO J 40 26.40 44.52 16.66
N LEU J 41 25.29 44.63 17.39
CA LEU J 41 23.97 44.38 16.84
C LEU J 41 23.02 45.54 17.12
N SER J 42 22.01 45.69 16.26
CA SER J 42 21.03 46.77 16.41
C SER J 42 20.05 46.49 17.55
N LEU J 43 19.38 47.56 18.01
CA LEU J 43 18.40 47.54 19.11
C LEU J 43 19.05 47.98 20.43
N THR K 2 24.69 -28.92 -10.20
CA THR K 2 23.71 -28.22 -9.36
C THR K 2 24.21 -28.04 -7.93
N THR K 3 23.78 -26.95 -7.30
CA THR K 3 24.17 -26.65 -5.92
C THR K 3 22.97 -26.26 -5.07
N CYS K 4 22.84 -26.88 -3.90
CA CYS K 4 21.73 -26.59 -3.01
C CYS K 4 21.82 -25.17 -2.46
N THR K 5 20.77 -24.39 -2.69
CA THR K 5 20.70 -23.00 -2.24
C THR K 5 20.96 -22.83 -0.74
N ASN K 6 20.54 -23.82 0.05
CA ASN K 6 20.68 -23.75 1.51
C ASN K 6 22.02 -24.19 2.09
N CYS K 7 22.37 -25.47 1.96
CA CYS K 7 23.62 -25.99 2.52
C CYS K 7 24.79 -25.99 1.56
N PHE K 8 24.51 -25.70 0.31
CA PHE K 8 25.53 -25.64 -0.74
C PHE K 8 26.17 -26.99 -1.03
N THR K 9 25.43 -28.08 -0.86
CA THR K 9 25.98 -29.39 -1.15
C THR K 9 25.83 -29.66 -2.65
N GLN K 10 26.67 -30.55 -3.16
CA GLN K 10 26.65 -30.93 -4.57
C GLN K 10 26.43 -32.43 -4.66
N THR K 11 26.32 -33.06 -3.48
CA THR K 11 26.12 -34.50 -3.38
C THR K 11 24.80 -34.79 -2.67
N THR K 12 23.83 -35.27 -3.43
CA THR K 12 22.54 -35.60 -2.85
C THR K 12 21.82 -36.67 -3.68
N PRO K 13 21.09 -37.57 -3.00
CA PRO K 13 20.36 -38.66 -3.65
C PRO K 13 19.30 -38.17 -4.64
N LEU K 14 18.67 -37.04 -4.31
CA LEU K 14 17.63 -36.48 -5.14
C LEU K 14 17.59 -34.96 -5.00
N TRP K 15 17.43 -34.28 -6.13
CA TRP K 15 17.36 -32.82 -6.13
C TRP K 15 15.91 -32.38 -6.00
N ARG K 16 15.68 -31.35 -5.21
CA ARG K 16 14.34 -30.84 -5.00
C ARG K 16 14.20 -29.39 -5.44
N ARG K 17 13.26 -29.15 -6.34
CA ARG K 17 12.98 -27.83 -6.90
C ARG K 17 12.55 -26.86 -5.80
N ASN K 18 12.06 -25.68 -6.21
CA ASN K 18 11.62 -24.65 -5.27
C ASN K 18 10.55 -23.80 -5.93
N PRO K 19 9.60 -23.25 -5.13
CA PRO K 19 8.54 -22.41 -5.70
C PRO K 19 9.09 -21.27 -6.56
N GLU K 20 10.41 -21.13 -6.60
CA GLU K 20 11.06 -20.10 -7.40
C GLU K 20 12.10 -20.77 -8.30
N GLY K 21 11.83 -22.04 -8.64
CA GLY K 21 12.74 -22.78 -9.49
C GLY K 21 14.14 -22.82 -8.91
N GLN K 22 14.22 -23.01 -7.60
CA GLN K 22 15.52 -23.07 -6.94
C GLN K 22 15.89 -24.49 -6.52
N PRO K 23 17.20 -24.78 -6.53
CA PRO K 23 17.70 -26.11 -6.16
C PRO K 23 17.86 -26.30 -4.64
N LEU K 24 17.38 -27.44 -4.17
CA LEU K 24 17.49 -27.81 -2.77
C LEU K 24 17.80 -29.29 -2.73
N CYS K 25 18.75 -29.67 -1.90
CA CYS K 25 19.09 -31.08 -1.81
C CYS K 25 17.89 -31.77 -1.17
N ASN K 26 17.85 -33.09 -1.31
CA ASN K 26 16.79 -33.90 -0.75
C ASN K 26 16.51 -33.47 0.70
N ALA K 27 17.57 -33.40 1.51
CA ALA K 27 17.44 -33.03 2.93
C ALA K 27 16.77 -31.68 3.16
N CYS K 28 17.41 -30.60 2.72
CA CYS K 28 16.86 -29.26 2.88
C CYS K 28 15.41 -29.18 2.37
N GLY K 29 15.18 -29.64 1.14
CA GLY K 29 13.83 -29.60 0.59
C GLY K 29 12.85 -30.41 1.44
N LEU K 30 13.25 -31.64 1.78
CA LEU K 30 12.39 -32.50 2.60
C LEU K 30 12.07 -31.85 3.95
N PHE K 31 13.11 -31.35 4.60
CA PHE K 31 12.94 -30.70 5.90
C PHE K 31 11.83 -29.67 5.83
N LEU K 32 12.01 -28.68 4.95
CA LEU K 32 11.05 -27.60 4.76
C LEU K 32 9.61 -28.09 4.49
N LYS K 33 9.50 -29.14 3.69
CA LYS K 33 8.21 -29.71 3.33
C LYS K 33 7.47 -30.33 4.51
N LEU K 34 8.21 -30.88 5.46
CA LEU K 34 7.61 -31.51 6.63
C LEU K 34 7.50 -30.58 7.83
N HIS K 35 8.42 -29.63 7.95
CA HIS K 35 8.41 -28.77 9.12
C HIS K 35 8.02 -27.30 8.94
N GLY K 36 8.17 -26.78 7.73
CA GLY K 36 7.78 -25.41 7.50
C GLY K 36 8.88 -24.37 7.38
N VAL K 37 10.08 -24.69 7.85
CA VAL K 37 11.17 -23.72 7.77
C VAL K 37 12.39 -24.24 7.03
N VAL K 38 13.33 -23.33 6.71
CA VAL K 38 14.54 -23.76 6.02
C VAL K 38 15.38 -24.56 7.01
N ARG K 39 16.01 -25.64 6.54
CA ARG K 39 16.82 -26.46 7.41
C ARG K 39 18.01 -25.64 7.92
N PRO K 40 18.16 -25.53 9.25
CA PRO K 40 19.25 -24.79 9.88
C PRO K 40 20.62 -25.47 9.75
N LEU K 41 21.67 -24.68 9.86
CA LEU K 41 23.02 -25.22 9.73
C LEU K 41 24.01 -24.65 10.74
N SER K 42 25.26 -25.09 10.64
CA SER K 42 26.38 -24.66 11.49
C SER K 42 26.46 -25.50 12.74
N THR L 2 43.30 -21.84 46.86
CA THR L 2 44.12 -21.32 45.78
C THR L 2 43.42 -20.12 45.11
N THR L 3 42.74 -20.40 44.01
CA THR L 3 42.00 -19.40 43.26
C THR L 3 40.71 -20.02 42.73
N CYS L 4 39.59 -19.36 42.97
CA CYS L 4 38.31 -19.86 42.51
C CYS L 4 38.27 -20.06 40.99
N THR L 5 37.67 -21.17 40.56
CA THR L 5 37.58 -21.52 39.14
C THR L 5 36.58 -20.63 38.43
N ASN L 6 35.68 -20.02 39.20
CA ASN L 6 34.64 -19.18 38.63
C ASN L 6 35.00 -17.70 38.64
N CYS L 7 34.87 -17.06 39.80
CA CYS L 7 35.16 -15.63 39.94
C CYS L 7 36.64 -15.32 39.98
N PHE L 8 37.46 -16.37 40.14
CA PHE L 8 38.92 -16.25 40.18
C PHE L 8 39.46 -15.61 41.46
N THR L 9 38.64 -15.52 42.49
CA THR L 9 39.07 -14.93 43.75
C THR L 9 40.06 -15.82 44.48
N GLN L 10 40.98 -15.20 45.19
CA GLN L 10 41.97 -15.95 45.96
C GLN L 10 41.70 -15.64 47.42
N THR L 11 40.68 -14.81 47.63
CA THR L 11 40.28 -14.39 48.98
C THR L 11 38.86 -14.88 49.31
N THR L 12 38.76 -15.89 50.18
CA THR L 12 37.46 -16.40 50.58
C THR L 12 37.57 -17.06 51.96
N PRO L 13 36.47 -17.06 52.73
CA PRO L 13 36.44 -17.65 54.09
C PRO L 13 36.33 -19.18 54.10
N LEU L 14 36.09 -19.76 52.94
CA LEU L 14 35.94 -21.21 52.82
C LEU L 14 36.06 -21.63 51.36
N TRP L 15 36.94 -22.58 51.10
CA TRP L 15 37.13 -23.05 49.73
C TRP L 15 36.25 -24.27 49.44
N ARG L 16 35.13 -24.02 48.75
CA ARG L 16 34.20 -25.08 48.38
C ARG L 16 34.69 -25.79 47.14
N ARG L 17 34.91 -27.10 47.26
CA ARG L 17 35.39 -27.92 46.16
C ARG L 17 34.20 -28.52 45.41
N ASN L 18 33.98 -28.07 44.17
CA ASN L 18 32.88 -28.54 43.34
C ASN L 18 32.81 -30.06 43.27
N PRO L 19 31.65 -30.61 42.88
CA PRO L 19 31.41 -32.06 42.76
C PRO L 19 32.51 -32.88 42.06
N GLU L 20 33.42 -32.22 41.36
CA GLU L 20 34.49 -32.91 40.65
C GLU L 20 35.82 -32.89 41.39
N GLY L 21 36.63 -31.87 41.14
CA GLY L 21 37.92 -31.75 41.79
C GLY L 21 38.55 -30.39 41.50
N GLN L 22 37.70 -29.38 41.37
CA GLN L 22 38.15 -28.01 41.10
C GLN L 22 37.87 -27.10 42.30
N PRO L 23 38.64 -26.00 42.40
CA PRO L 23 38.47 -25.05 43.49
C PRO L 23 37.46 -23.93 43.27
N LEU L 24 36.54 -23.78 44.21
CA LEU L 24 35.55 -22.70 44.16
C LEU L 24 35.51 -22.07 45.53
N CYS L 25 35.47 -20.73 45.57
CA CYS L 25 35.41 -20.02 46.84
C CYS L 25 34.09 -20.37 47.53
N ASN L 26 33.86 -19.79 48.71
CA ASN L 26 32.64 -20.06 49.45
C ASN L 26 31.39 -19.60 48.72
N ALA L 27 31.40 -18.36 48.22
CA ALA L 27 30.21 -17.86 47.52
C ALA L 27 29.82 -18.72 46.29
N CYS L 28 30.73 -18.86 45.34
CA CYS L 28 30.47 -19.63 44.13
C CYS L 28 29.95 -21.05 44.39
N GLY L 29 30.73 -21.84 45.13
CA GLY L 29 30.29 -23.19 45.42
C GLY L 29 28.92 -23.21 46.06
N LEU L 30 28.70 -22.28 46.99
CA LEU L 30 27.44 -22.17 47.69
C LEU L 30 26.29 -21.83 46.74
N PHE L 31 26.53 -20.87 45.85
CA PHE L 31 25.53 -20.47 44.87
C PHE L 31 25.07 -21.68 44.09
N LEU L 32 25.99 -22.29 43.34
CA LEU L 32 25.67 -23.47 42.54
C LEU L 32 24.93 -24.53 43.36
N LYS L 33 25.47 -24.90 44.50
CA LYS L 33 24.86 -25.92 45.35
C LYS L 33 23.42 -25.63 45.75
N LEU L 34 23.05 -24.35 45.78
CA LEU L 34 21.69 -23.97 46.16
C LEU L 34 20.75 -23.69 44.99
N HIS L 35 21.26 -23.05 43.94
CA HIS L 35 20.42 -22.70 42.79
C HIS L 35 20.59 -23.55 41.54
N GLY L 36 21.66 -24.32 41.46
CA GLY L 36 21.85 -25.20 40.32
C GLY L 36 22.81 -24.78 39.23
N VAL L 37 23.04 -23.49 39.09
CA VAL L 37 23.93 -23.00 38.04
C VAL L 37 25.09 -22.22 38.61
N VAL L 38 26.16 -22.13 37.86
CA VAL L 38 27.32 -21.39 38.35
C VAL L 38 26.90 -19.94 38.57
N ARG L 39 27.55 -19.28 39.53
CA ARG L 39 27.25 -17.89 39.86
C ARG L 39 27.58 -16.96 38.69
N PRO L 40 26.61 -16.14 38.28
CA PRO L 40 26.80 -15.19 37.18
C PRO L 40 27.67 -14.01 37.56
N LEU L 41 28.44 -13.50 36.61
CA LEU L 41 29.31 -12.37 36.84
C LEU L 41 28.99 -11.19 35.92
N SER L 42 29.34 -9.98 36.34
CA SER L 42 29.07 -8.76 35.57
C SER L 42 29.93 -8.63 34.31
N LEU L 43 30.06 -7.40 33.80
CA LEU L 43 30.84 -7.13 32.61
C LEU L 43 30.50 -8.13 31.50
N PRO M 1 -1.15 -13.33 -51.64
CA PRO M 1 -0.87 -12.24 -52.58
C PRO M 1 -0.89 -12.70 -54.03
N THR M 2 -1.99 -12.41 -54.71
CA THR M 2 -2.16 -12.78 -56.11
C THR M 2 -2.86 -11.64 -56.84
N THR M 3 -3.78 -12.00 -57.73
CA THR M 3 -4.53 -11.02 -58.49
C THR M 3 -5.85 -11.61 -58.95
N CYS M 4 -6.88 -10.78 -59.00
CA CYS M 4 -8.20 -11.21 -59.43
C CYS M 4 -8.19 -11.29 -60.97
N THR M 5 -8.60 -12.44 -61.51
CA THR M 5 -8.64 -12.59 -62.96
C THR M 5 -9.75 -11.77 -63.59
N ASN M 6 -10.72 -11.36 -62.78
CA ASN M 6 -11.85 -10.58 -63.24
C ASN M 6 -11.63 -9.08 -63.18
N CYS M 7 -11.35 -8.54 -62.00
CA CYS M 7 -11.15 -7.10 -61.89
C CYS M 7 -9.68 -6.71 -61.75
N PHE M 8 -8.83 -7.71 -61.51
CA PHE M 8 -7.38 -7.49 -61.39
C PHE M 8 -6.95 -6.74 -60.15
N THR M 9 -7.79 -6.78 -59.11
CA THR M 9 -7.46 -6.10 -57.87
C THR M 9 -6.40 -6.97 -57.18
N GLN M 10 -5.66 -6.36 -56.26
CA GLN M 10 -4.63 -7.07 -55.51
C GLN M 10 -4.91 -6.89 -54.02
N THR M 11 -5.87 -6.02 -53.71
CA THR M 11 -6.26 -5.76 -52.33
C THR M 11 -7.68 -6.27 -52.06
N THR M 12 -7.80 -7.37 -51.31
CA THR M 12 -9.11 -7.95 -50.99
C THR M 12 -9.10 -8.66 -49.61
N PRO M 13 -10.15 -8.46 -48.82
CA PRO M 13 -10.25 -9.09 -47.49
C PRO M 13 -10.21 -10.62 -47.48
N LEU M 14 -10.61 -11.22 -48.59
CA LEU M 14 -10.63 -12.68 -48.75
C LEU M 14 -10.46 -13.03 -50.22
N TRP M 15 -9.63 -14.03 -50.52
CA TRP M 15 -9.43 -14.43 -51.90
C TRP M 15 -10.33 -15.59 -52.29
N ARG M 16 -10.66 -15.64 -53.57
CA ARG M 16 -11.53 -16.68 -54.11
C ARG M 16 -10.76 -17.54 -55.12
N ARG M 17 -11.43 -18.57 -55.61
CA ARG M 17 -10.84 -19.49 -56.57
C ARG M 17 -11.95 -20.11 -57.40
N ASN M 18 -11.66 -20.37 -58.67
CA ASN M 18 -12.62 -20.96 -59.58
C ASN M 18 -12.34 -22.46 -59.65
N PRO M 19 -13.27 -23.25 -60.25
CA PRO M 19 -13.05 -24.70 -60.35
C PRO M 19 -11.82 -25.02 -61.19
N GLU M 20 -11.40 -24.05 -62.00
CA GLU M 20 -10.24 -24.19 -62.87
C GLU M 20 -9.00 -23.63 -62.17
N GLY M 21 -9.25 -22.84 -61.12
CA GLY M 21 -8.15 -22.24 -60.38
C GLY M 21 -8.16 -20.73 -60.52
N GLN M 22 -9.05 -20.21 -61.34
CA GLN M 22 -9.16 -18.77 -61.56
C GLN M 22 -9.34 -18.04 -60.25
N PRO M 23 -8.29 -17.35 -59.76
CA PRO M 23 -8.40 -16.61 -58.49
C PRO M 23 -9.30 -15.37 -58.65
N LEU M 24 -10.15 -15.15 -57.66
CA LEU M 24 -11.05 -14.00 -57.67
C LEU M 24 -11.01 -13.30 -56.33
N CYS M 25 -11.23 -12.00 -56.32
CA CYS M 25 -11.23 -11.27 -55.06
C CYS M 25 -12.52 -11.64 -54.37
N ASN M 26 -12.69 -11.17 -53.14
CA ASN M 26 -13.88 -11.48 -52.38
C ASN M 26 -15.14 -11.04 -53.13
N ALA M 27 -15.11 -9.81 -53.65
CA ALA M 27 -16.25 -9.23 -54.37
C ALA M 27 -16.67 -9.91 -55.67
N CYS M 28 -15.72 -10.36 -56.48
CA CYS M 28 -16.05 -11.01 -57.75
C CYS M 28 -16.53 -12.46 -57.54
N GLY M 29 -15.83 -13.19 -56.68
CA GLY M 29 -16.22 -14.55 -56.40
C GLY M 29 -17.54 -14.67 -55.68
N LEU M 30 -17.85 -13.70 -54.81
CA LEU M 30 -19.11 -13.68 -54.07
C LEU M 30 -20.28 -13.29 -54.96
N PHE M 31 -20.07 -12.29 -55.82
CA PHE M 31 -21.10 -11.82 -56.73
C PHE M 31 -21.53 -12.93 -57.67
N LEU M 32 -20.56 -13.70 -58.15
CA LEU M 32 -20.82 -14.82 -59.06
C LEU M 32 -21.57 -15.89 -58.30
N LYS M 33 -21.16 -16.13 -57.07
CA LYS M 33 -21.79 -17.14 -56.20
C LYS M 33 -23.27 -16.78 -56.02
N LEU M 34 -23.53 -15.51 -55.74
CA LEU M 34 -24.89 -15.06 -55.51
C LEU M 34 -25.78 -14.85 -56.73
N HIS M 35 -25.23 -14.31 -57.82
CA HIS M 35 -26.02 -14.03 -59.02
C HIS M 35 -25.83 -14.91 -60.25
N GLY M 36 -24.75 -15.68 -60.30
CA GLY M 36 -24.56 -16.56 -61.45
C GLY M 36 -23.68 -16.10 -62.59
N VAL M 37 -23.27 -14.83 -62.60
CA VAL M 37 -22.43 -14.28 -63.66
C VAL M 37 -21.27 -13.50 -63.07
N VAL M 38 -20.26 -13.26 -63.89
CA VAL M 38 -19.08 -12.53 -63.44
C VAL M 38 -19.46 -11.09 -63.18
N ARG M 39 -18.87 -10.50 -62.15
CA ARG M 39 -19.15 -9.12 -61.80
C ARG M 39 -18.75 -8.20 -62.94
N PRO M 40 -19.72 -7.51 -63.52
CA PRO M 40 -19.47 -6.58 -64.63
C PRO M 40 -18.73 -5.35 -64.12
N LEU M 41 -17.72 -4.91 -64.87
CA LEU M 41 -16.95 -3.74 -64.49
C LEU M 41 -17.22 -2.54 -65.38
N SER M 42 -17.21 -1.33 -64.81
CA SER M 42 -17.46 -0.11 -65.56
C SER M 42 -16.46 0.16 -66.71
N LEU M 43 -16.74 1.20 -67.50
CA LEU M 43 -15.88 1.55 -68.62
C LEU M 43 -16.01 0.50 -69.72
N THR N 2 32.12 -27.66 -10.03
CA THR N 2 32.74 -26.98 -11.18
C THR N 2 32.81 -27.92 -12.38
N THR N 3 32.22 -27.49 -13.49
CA THR N 3 32.18 -28.31 -14.70
C THR N 3 32.76 -27.62 -15.93
N CYS N 4 33.45 -28.39 -16.77
CA CYS N 4 34.04 -27.86 -17.99
C CYS N 4 32.93 -27.68 -19.00
N THR N 5 32.81 -26.46 -19.53
CA THR N 5 31.76 -26.15 -20.50
C THR N 5 31.93 -26.90 -21.81
N ASN N 6 33.17 -27.21 -22.18
CA ASN N 6 33.40 -27.90 -23.44
C ASN N 6 33.17 -29.41 -23.39
N CYS N 7 33.88 -30.12 -22.51
CA CYS N 7 33.72 -31.57 -22.42
C CYS N 7 32.91 -32.02 -21.21
N PHE N 8 32.49 -31.06 -20.39
CA PHE N 8 31.67 -31.32 -19.20
C PHE N 8 32.34 -32.20 -18.14
N THR N 9 33.64 -32.39 -18.25
CA THR N 9 34.35 -33.21 -17.29
C THR N 9 34.29 -32.51 -15.93
N GLN N 10 34.30 -33.29 -14.86
CA GLN N 10 34.26 -32.72 -13.50
C GLN N 10 35.54 -33.08 -12.80
N THR N 11 36.36 -33.87 -13.49
CA THR N 11 37.64 -34.35 -12.96
C THR N 11 38.82 -33.82 -13.79
N THR N 12 39.58 -32.87 -13.23
CA THR N 12 40.75 -32.32 -13.91
C THR N 12 41.80 -31.84 -12.91
N PRO N 13 43.10 -32.04 -13.21
CA PRO N 13 44.18 -31.64 -12.32
C PRO N 13 44.23 -30.13 -12.07
N LEU N 14 43.74 -29.37 -13.05
CA LEU N 14 43.73 -27.92 -12.96
C LEU N 14 42.51 -27.37 -13.69
N TRP N 15 41.96 -26.28 -13.18
CA TRP N 15 40.81 -25.67 -13.82
C TRP N 15 41.23 -24.39 -14.51
N ARG N 16 40.54 -24.05 -15.60
CA ARG N 16 40.89 -22.86 -16.35
C ARG N 16 39.63 -22.06 -16.68
N ARG N 17 39.82 -20.78 -16.96
CA ARG N 17 38.71 -19.88 -17.28
C ARG N 17 38.81 -19.35 -18.70
N ASN N 18 37.69 -18.81 -19.19
CA ASN N 18 37.61 -18.22 -20.52
C ASN N 18 37.94 -16.74 -20.39
N PRO N 19 38.05 -16.03 -21.52
CA PRO N 19 38.35 -14.60 -21.43
C PRO N 19 37.13 -13.93 -20.80
N GLU N 20 36.05 -14.69 -20.72
CA GLU N 20 34.79 -14.25 -20.12
C GLU N 20 34.73 -14.84 -18.73
N GLY N 21 35.74 -15.65 -18.39
CA GLY N 21 35.79 -16.28 -17.08
C GLY N 21 34.90 -17.49 -16.93
N GLN N 22 34.86 -18.34 -17.94
CA GLN N 22 34.04 -19.55 -17.89
C GLN N 22 34.93 -20.79 -17.67
N PRO N 23 34.52 -21.70 -16.77
CA PRO N 23 35.32 -22.90 -16.48
C PRO N 23 35.67 -23.76 -17.70
N LEU N 24 36.82 -24.41 -17.61
CA LEU N 24 37.31 -25.29 -18.67
C LEU N 24 38.42 -26.13 -18.05
N CYS N 25 38.26 -27.44 -18.08
CA CYS N 25 39.26 -28.35 -17.53
C CYS N 25 40.64 -28.03 -18.15
N ASN N 26 41.68 -28.53 -17.51
CA ASN N 26 43.05 -28.34 -17.94
C ASN N 26 43.29 -28.61 -19.42
N ALA N 27 42.76 -29.71 -19.92
CA ALA N 27 42.96 -30.05 -21.33
C ALA N 27 42.27 -29.04 -22.26
N CYS N 28 40.97 -28.80 -22.06
CA CYS N 28 40.24 -27.86 -22.89
C CYS N 28 40.78 -26.43 -22.99
N GLY N 29 41.23 -25.89 -21.85
CA GLY N 29 41.77 -24.54 -21.84
C GLY N 29 43.17 -24.49 -22.43
N LEU N 30 43.91 -25.57 -22.20
CA LEU N 30 45.26 -25.69 -22.69
C LEU N 30 45.26 -25.84 -24.21
N PHE N 31 44.41 -26.72 -24.71
CA PHE N 31 44.30 -26.96 -26.13
C PHE N 31 44.01 -25.64 -26.82
N LEU N 32 42.92 -24.97 -26.44
CA LEU N 32 42.54 -23.69 -27.04
C LEU N 32 43.66 -22.63 -26.93
N LYS N 33 44.34 -22.60 -25.80
CA LYS N 33 45.43 -21.66 -25.57
C LYS N 33 46.62 -21.89 -26.50
N LEU N 34 46.78 -23.14 -26.96
CA LEU N 34 47.89 -23.48 -27.84
C LEU N 34 47.56 -23.47 -29.33
N HIS N 35 46.37 -23.94 -29.70
CA HIS N 35 45.99 -23.99 -31.10
C HIS N 35 45.01 -22.92 -31.54
N GLY N 36 44.28 -22.34 -30.60
CA GLY N 36 43.35 -21.28 -30.96
C GLY N 36 41.89 -21.60 -31.15
N VAL N 37 41.52 -22.87 -31.07
CA VAL N 37 40.12 -23.24 -31.24
C VAL N 37 39.78 -24.17 -30.11
N VAL N 38 38.49 -24.41 -29.92
CA VAL N 38 38.05 -25.26 -28.84
C VAL N 38 38.41 -26.69 -29.15
N ARG N 39 38.67 -27.46 -28.11
CA ARG N 39 39.03 -28.86 -28.28
C ARG N 39 37.84 -29.64 -28.80
N PRO N 40 37.99 -30.23 -30.00
CA PRO N 40 36.94 -31.03 -30.65
C PRO N 40 36.73 -32.35 -29.91
N LEU N 41 35.51 -32.88 -29.97
CA LEU N 41 35.19 -34.11 -29.26
C LEU N 41 34.35 -35.09 -30.10
N SER N 42 34.55 -36.38 -29.83
CA SER N 42 33.87 -37.48 -30.52
C SER N 42 32.35 -37.46 -30.44
N LEU N 43 31.70 -38.35 -31.20
CA LEU N 43 30.25 -38.48 -31.25
C LEU N 43 29.60 -37.31 -31.98
N THR O 2 -52.59 11.32 31.56
CA THR O 2 -51.82 11.98 30.50
C THR O 2 -51.77 11.11 29.25
N THR O 3 -52.20 11.66 28.12
CA THR O 3 -52.23 10.93 26.86
C THR O 3 -51.74 11.77 25.67
N CYS O 4 -50.76 11.23 24.94
CA CYS O 4 -50.18 11.91 23.77
C CYS O 4 -51.17 12.15 22.65
N THR O 5 -51.32 13.42 22.28
CA THR O 5 -52.23 13.85 21.21
C THR O 5 -52.12 13.04 19.92
N ASN O 6 -50.90 12.69 19.54
CA ASN O 6 -50.63 11.97 18.32
C ASN O 6 -50.87 10.46 18.34
N CYS O 7 -50.01 9.71 19.04
CA CYS O 7 -50.14 8.26 19.06
C CYS O 7 -51.02 7.78 20.18
N PHE O 8 -51.46 8.71 21.02
CA PHE O 8 -52.34 8.42 22.15
C PHE O 8 -51.76 7.52 23.25
N THR O 9 -50.44 7.35 23.28
CA THR O 9 -49.85 6.49 24.31
C THR O 9 -50.05 7.15 25.69
N GLN O 10 -49.87 6.36 26.74
CA GLN O 10 -50.01 6.86 28.10
C GLN O 10 -48.74 6.51 28.86
N THR O 11 -47.86 5.76 28.18
CA THR O 11 -46.62 5.31 28.77
C THR O 11 -45.43 5.84 27.97
N THR O 12 -44.71 6.81 28.53
CA THR O 12 -43.57 7.38 27.84
C THR O 12 -42.49 7.79 28.85
N PRO O 13 -41.22 7.66 28.47
CA PRO O 13 -40.11 8.01 29.38
C PRO O 13 -40.16 9.49 29.71
N LEU O 14 -40.66 10.28 28.76
CA LEU O 14 -40.73 11.73 28.91
C LEU O 14 -41.91 12.33 28.13
N TRP O 15 -42.55 13.33 28.72
CA TRP O 15 -43.67 13.98 28.06
C TRP O 15 -43.20 15.29 27.42
N ARG O 16 -43.47 15.45 26.14
CA ARG O 16 -43.10 16.64 25.40
C ARG O 16 -44.34 17.47 25.11
N ARG O 17 -44.15 18.69 24.63
CA ARG O 17 -45.25 19.59 24.30
C ARG O 17 -45.00 20.28 22.97
N ASN O 18 -45.94 20.12 22.03
CA ASN O 18 -45.82 20.73 20.71
C ASN O 18 -45.80 22.26 20.76
N PRO O 19 -45.40 22.91 19.65
CA PRO O 19 -45.34 24.37 19.59
C PRO O 19 -46.60 25.06 20.11
N GLU O 20 -47.65 24.28 20.37
CA GLU O 20 -48.90 24.82 20.87
C GLU O 20 -49.01 24.63 22.39
N GLY O 21 -48.70 23.42 22.85
CA GLY O 21 -48.76 23.14 24.27
C GLY O 21 -49.41 21.80 24.57
N GLN O 22 -49.84 21.10 23.53
CA GLN O 22 -50.46 19.79 23.70
C GLN O 22 -49.39 18.75 24.04
N PRO O 23 -49.77 17.69 24.76
CA PRO O 23 -48.84 16.63 25.16
C PRO O 23 -48.53 15.62 24.06
N LEU O 24 -47.25 15.36 23.88
CA LEU O 24 -46.76 14.39 22.89
C LEU O 24 -45.73 13.55 23.62
N CYS O 25 -45.83 12.23 23.50
CA CYS O 25 -44.87 11.35 24.16
C CYS O 25 -43.49 11.67 23.59
N ASN O 26 -42.47 11.26 24.32
CA ASN O 26 -41.09 11.46 23.93
C ASN O 26 -40.88 11.15 22.45
N ALA O 27 -41.37 10.00 21.99
CA ALA O 27 -41.22 9.60 20.60
C ALA O 27 -41.82 10.57 19.59
N CYS O 28 -43.13 10.82 19.69
CA CYS O 28 -43.78 11.74 18.76
C CYS O 28 -43.14 13.13 18.74
N GLY O 29 -42.93 13.70 19.92
CA GLY O 29 -42.33 15.02 20.01
C GLY O 29 -40.90 15.07 19.53
N LEU O 30 -40.17 13.98 19.71
CA LEU O 30 -38.78 13.91 19.28
C LEU O 30 -38.72 13.81 17.76
N PHE O 31 -39.57 12.95 17.21
CA PHE O 31 -39.63 12.71 15.79
C PHE O 31 -39.90 14.00 15.01
N LEU O 32 -40.92 14.74 15.46
CA LEU O 32 -41.30 16.00 14.84
C LEU O 32 -40.18 17.03 14.88
N LYS O 33 -39.55 17.14 16.03
CA LYS O 33 -38.46 18.08 16.25
C LYS O 33 -37.26 17.76 15.37
N LEU O 34 -37.10 16.49 15.02
CA LEU O 34 -35.99 16.03 14.20
C LEU O 34 -36.26 16.02 12.70
N HIS O 35 -37.49 15.74 12.30
CA HIS O 35 -37.79 15.63 10.88
C HIS O 35 -38.76 16.67 10.37
N GLY O 36 -39.50 17.29 11.29
CA GLY O 36 -40.42 18.33 10.87
C GLY O 36 -41.87 17.96 10.67
N VAL O 37 -42.22 16.68 10.80
CA VAL O 37 -43.61 16.29 10.64
C VAL O 37 -44.01 15.38 11.77
N VAL O 38 -45.31 15.20 11.93
CA VAL O 38 -45.84 14.35 12.97
C VAL O 38 -45.52 12.90 12.65
N ARG O 39 -45.13 12.16 13.68
CA ARG O 39 -44.79 10.76 13.54
C ARG O 39 -45.97 9.98 12.98
N PRO O 40 -45.80 9.37 11.79
CA PRO O 40 -46.89 8.59 11.18
C PRO O 40 -47.12 7.31 11.98
N LEU O 41 -48.29 6.72 11.82
CA LEU O 41 -48.60 5.48 12.54
C LEU O 41 -49.34 4.52 11.62
N SER O 42 -49.16 3.23 11.85
CA SER O 42 -49.82 2.23 11.03
C SER O 42 -51.35 2.32 11.12
N THR P 2 -78.51 29.95 -19.27
CA THR P 2 -79.21 28.85 -18.65
C THR P 2 -78.45 28.28 -17.45
N THR P 3 -77.67 27.23 -17.69
CA THR P 3 -76.88 26.61 -16.64
C THR P 3 -75.53 26.18 -17.16
N CYS P 4 -74.51 26.33 -16.33
CA CYS P 4 -73.14 25.95 -16.67
C CYS P 4 -72.95 24.46 -16.51
N THR P 5 -72.42 23.82 -17.55
CA THR P 5 -72.20 22.39 -17.54
C THR P 5 -71.18 21.99 -16.47
N ASN P 6 -70.22 22.88 -16.23
CA ASN P 6 -69.18 22.60 -15.26
C ASN P 6 -69.60 22.90 -13.82
N CYS P 7 -69.97 24.15 -13.53
CA CYS P 7 -70.34 24.48 -12.16
C CYS P 7 -71.84 24.63 -11.90
N PHE P 8 -72.62 24.67 -12.97
CA PHE P 8 -74.08 24.78 -12.88
C PHE P 8 -74.62 26.11 -12.38
N THR P 9 -73.79 27.15 -12.39
CA THR P 9 -74.25 28.46 -11.94
C THR P 9 -75.24 28.95 -12.98
N GLN P 10 -76.26 29.65 -12.53
CA GLN P 10 -77.26 30.20 -13.43
C GLN P 10 -77.07 31.69 -13.50
N THR P 11 -76.13 32.18 -12.71
CA THR P 11 -75.80 33.60 -12.63
C THR P 11 -74.36 33.88 -13.09
N THR P 12 -74.23 34.49 -14.26
CA THR P 12 -72.91 34.83 -14.80
C THR P 12 -73.01 36.07 -15.71
N PRO P 13 -71.97 36.91 -15.73
CA PRO P 13 -71.98 38.11 -16.57
C PRO P 13 -71.98 37.79 -18.07
N LEU P 14 -71.39 36.66 -18.43
CA LEU P 14 -71.30 36.26 -19.83
C LEU P 14 -71.33 34.75 -20.00
N TRP P 15 -72.11 34.25 -20.95
CA TRP P 15 -72.13 32.81 -21.17
C TRP P 15 -71.14 32.48 -22.29
N ARG P 16 -70.64 31.25 -22.30
CA ARG P 16 -69.68 30.81 -23.30
C ARG P 16 -70.02 29.40 -23.78
N ARG P 17 -69.16 28.83 -24.61
CA ARG P 17 -69.37 27.49 -25.12
C ARG P 17 -68.09 26.70 -25.42
N ASN P 18 -68.11 25.42 -25.08
CA ASN P 18 -66.97 24.52 -25.30
C ASN P 18 -66.64 24.49 -26.79
N PRO P 19 -65.47 23.94 -27.15
CA PRO P 19 -65.11 23.87 -28.58
C PRO P 19 -66.25 23.19 -29.33
N GLU P 20 -66.88 22.23 -28.64
CA GLU P 20 -68.00 21.49 -29.20
C GLU P 20 -69.19 22.45 -29.33
N GLY P 21 -69.46 23.18 -28.26
CA GLY P 21 -70.56 24.14 -28.27
C GLY P 21 -71.47 24.05 -27.07
N GLN P 22 -70.94 23.55 -25.96
CA GLN P 22 -71.73 23.42 -24.73
C GLN P 22 -71.65 24.70 -23.89
N PRO P 23 -72.74 25.04 -23.19
CA PRO P 23 -72.74 26.24 -22.36
C PRO P 23 -71.82 26.20 -21.13
N LEU P 24 -71.16 27.33 -20.88
CA LEU P 24 -70.25 27.47 -19.75
C LEU P 24 -70.32 28.91 -19.24
N CYS P 25 -70.18 29.08 -17.94
CA CYS P 25 -70.22 30.41 -17.36
C CYS P 25 -68.95 31.13 -17.81
N ASN P 26 -68.89 32.44 -17.58
CA ASN P 26 -67.72 33.22 -17.97
C ASN P 26 -66.47 32.60 -17.37
N ALA P 27 -66.47 32.43 -16.05
CA ALA P 27 -65.32 31.86 -15.36
C ALA P 27 -64.89 30.53 -15.94
N CYS P 28 -65.78 29.54 -15.89
CA CYS P 28 -65.48 28.21 -16.40
C CYS P 28 -64.93 28.18 -17.82
N GLY P 29 -65.59 28.88 -18.73
CA GLY P 29 -65.13 28.91 -20.11
C GLY P 29 -63.81 29.65 -20.25
N LEU P 30 -63.66 30.71 -19.47
CA LEU P 30 -62.44 31.51 -19.50
C LEU P 30 -61.26 30.67 -19.00
N PHE P 31 -61.44 30.06 -17.83
CA PHE P 31 -60.40 29.25 -17.23
C PHE P 31 -59.87 28.20 -18.19
N LEU P 32 -60.79 27.41 -18.73
CA LEU P 32 -60.45 26.37 -19.69
C LEU P 32 -59.65 26.95 -20.85
N LYS P 33 -60.05 28.13 -21.33
CA LYS P 33 -59.38 28.79 -22.45
C LYS P 33 -57.93 29.21 -22.14
N LEU P 34 -57.70 29.67 -20.92
CA LEU P 34 -56.38 30.13 -20.52
C LEU P 34 -55.47 29.04 -19.98
N HIS P 35 -56.04 27.99 -19.41
CA HIS P 35 -55.24 26.94 -18.81
C HIS P 35 -55.27 25.55 -19.41
N GLY P 36 -56.21 25.30 -20.30
CA GLY P 36 -56.28 23.99 -20.95
C GLY P 36 -57.15 22.91 -20.32
N VAL P 37 -57.58 23.08 -19.08
CA VAL P 37 -58.41 22.08 -18.43
C VAL P 37 -59.62 22.68 -17.73
N VAL P 38 -60.57 21.83 -17.36
CA VAL P 38 -61.79 22.30 -16.72
C VAL P 38 -61.57 22.92 -15.35
N ARG P 39 -62.32 23.97 -15.07
CA ARG P 39 -62.23 24.68 -13.80
C ARG P 39 -62.60 23.70 -12.68
N PRO P 40 -61.62 23.33 -11.84
CA PRO P 40 -61.84 22.41 -10.72
C PRO P 40 -62.64 23.01 -9.57
N LEU P 41 -63.55 22.23 -8.99
CA LEU P 41 -64.38 22.75 -7.89
C LEU P 41 -64.11 22.05 -6.57
N SER P 42 -64.46 22.73 -5.47
CA SER P 42 -64.27 22.19 -4.12
C SER P 42 -65.25 21.06 -3.84
N LEU P 43 -65.52 20.81 -2.56
CA LEU P 43 -66.43 19.73 -2.16
C LEU P 43 -65.73 18.38 -2.26
#